data_9OM4
#
_entry.id   9OM4
#
_cell.length_a   1.00
_cell.length_b   1.00
_cell.length_c   1.00
_cell.angle_alpha   90.00
_cell.angle_beta   90.00
_cell.angle_gamma   90.00
#
_symmetry.space_group_name_H-M   'P 1'
#
loop_
_entity.id
_entity.type
_entity.pdbx_description
1 polymer 'HNH endonuclease'
2 polymer 'Prokaryotic argonaute MID-PIWI family protein'
3 polymer "RNA (5'-R(P*AP*UP*UP*UP*GP*GP*UP*UP*GP*CP*GP*GP*UP*GP*CP*UP*CP*U)-3')"
4 polymer "DNA (5'-D(*AP*GP*AP*GP*CP*AP*CP*CP*GP*CP*AP*AP*CP*CP*AP*AP*AP*T)-3')"
5 non-polymer 'MANGANESE (II) ION'
#
loop_
_entity_poly.entity_id
_entity_poly.type
_entity_poly.pdbx_seq_one_letter_code
_entity_poly.pdbx_strand_id
1 'polypeptide(L)'
;MAIEPRTKQILWGRAGATCSFPGCGRNLVRDATPEDREVLVGEIAHIVGQSKGGPRAEMSVPGGNVDGYDNLILLCHEHH
ELVDQQPNTYPVEKLRQYKTDHEEWVRARLSREQEFEGLTRPEAMVTETVYSNVLPITQLPHYVYSGPCTVPEAEVKTLI
KWPSDKRILTPYIIRGGRLYAFNDLKDYESPFATIVDPYSAQRHTLNEWLDKPDEMRWYVELLNRTVNKITGHLRLKLDK
EHHRYFFEPDEPGKDKSVTYQSVGGVRSERKVAWNPHFKHNDMPKRYWEHLAVGLRFHRLGDMAWGFAIRPERRFTKDGF
ESLEGKATGKKSTKKKSRMYNFDVLKEVQFWRDFLSQGNPRITCLFGKQALVIDNSLMSAAITWPEISGDQANRMSASYE
DDLFSLADLQEVSEFDEFDSDTDDLETEDEVQGED
;
A,E,I,M
2 'polypeptide(L)'
;MKTNTATVRCELFEEPSLEFASSRLHLCPKRGITIFGPRSLDMGKRHPDIVRVGFIGTGETIDSATRWLESCADGVEGDV
ANYRFPGFRADRGFFSDLSFDAETVERLTLRELEALARPRTKRERFEQAVALLDDKLRLLSQKDRPPDYVVLALPTELVK
AQGRVDYYDKQDGEVHRDLRRAIKASAMKYRLPTQILLQRTTEATPGSKDVDHLSKCAWNFFTGLYYKTGGVPWIPAGLS
NGTCYVGISFHQLLGSKNSGYFTGLAQAFDEQGNGLVLRGQDFVWDVGKHGNSAHMPAPIAEELVSRVLKRYRDELKQSP
RRVVIHKTTEFWPEERAGLQSALSGVDQFDLVAVRPTEDIRLFRDARYPILRGSHISLGDMHLLYTTGYISALQAFPHGH
VPLPLKLTDHLGDSSISTVLRELMVLTKMNWNSANFGGLLPITLRFSKLVGEIMKEIPNSVDPLPQFKYYM
;
B,F,J,N
3 'polyribonucleotide' AUUUGGUUGCGGUGCUCU C,G,K,O
4 'polydeoxyribonucleotide' (DA)(DG)(DA)(DG)(DC)(DA)(DC)(DC)(DG)(DC)(DA)(DA)(DC)(DC)(DA)(DA)(DA)(DT) D,H,L,P
#
loop_
_chem_comp.id
_chem_comp.type
_chem_comp.name
_chem_comp.formula
A RNA linking ADENOSINE-5'-MONOPHOSPHATE 'C10 H14 N5 O7 P'
C RNA linking CYTIDINE-5'-MONOPHOSPHATE 'C9 H14 N3 O8 P'
DA DNA linking 2'-DEOXYADENOSINE-5'-MONOPHOSPHATE 'C10 H14 N5 O6 P'
DC DNA linking 2'-DEOXYCYTIDINE-5'-MONOPHOSPHATE 'C9 H14 N3 O7 P'
DG DNA linking 2'-DEOXYGUANOSINE-5'-MONOPHOSPHATE 'C10 H14 N5 O7 P'
DT DNA linking THYMIDINE-5'-MONOPHOSPHATE 'C10 H15 N2 O8 P'
G RNA linking GUANOSINE-5'-MONOPHOSPHATE 'C10 H14 N5 O8 P'
MN non-polymer 'MANGANESE (II) ION' 'Mn 2'
U RNA linking URIDINE-5'-MONOPHOSPHATE 'C9 H13 N2 O9 P'
#
# COMPACT_ATOMS: atom_id res chain seq x y z
N PRO A 122 13.97 -30.97 18.25
CA PRO A 122 13.14 -30.11 19.10
C PRO A 122 12.50 -30.86 20.26
N GLU A 123 12.97 -32.07 20.55
CA GLU A 123 12.41 -32.86 21.64
C GLU A 123 12.88 -32.37 23.01
N ALA A 124 14.09 -31.82 23.09
CA ALA A 124 14.63 -31.33 24.35
C ALA A 124 15.68 -30.28 24.06
N MET A 125 15.85 -29.34 24.99
CA MET A 125 16.83 -28.28 24.88
C MET A 125 18.06 -28.64 25.69
N VAL A 126 19.22 -28.64 25.05
CA VAL A 126 20.50 -28.94 25.68
C VAL A 126 21.36 -27.69 25.58
N THR A 127 22.01 -27.34 26.69
CA THR A 127 22.93 -26.21 26.76
C THR A 127 24.33 -26.68 26.38
N GLU A 128 24.92 -26.06 25.37
CA GLU A 128 26.29 -26.33 24.99
C GLU A 128 27.13 -25.07 25.12
N THR A 129 28.45 -25.28 25.16
CA THR A 129 29.42 -24.20 25.17
C THR A 129 30.15 -24.20 23.84
N VAL A 130 30.11 -23.06 23.15
CA VAL A 130 30.76 -22.91 21.86
C VAL A 130 32.06 -22.15 22.06
N TYR A 131 33.01 -22.38 21.17
CA TYR A 131 34.33 -21.79 21.28
C TYR A 131 34.68 -21.05 20.00
N SER A 132 34.85 -19.74 20.09
CA SER A 132 35.34 -18.96 18.97
C SER A 132 36.85 -19.12 18.83
N ASN A 133 37.40 -18.53 17.77
CA ASN A 133 38.82 -18.62 17.49
C ASN A 133 39.55 -17.32 17.80
N VAL A 134 38.96 -16.43 18.59
CA VAL A 134 39.59 -15.18 18.95
C VAL A 134 40.07 -15.23 20.40
N LEU A 135 41.12 -14.47 20.67
CA LEU A 135 41.71 -14.35 21.99
C LEU A 135 41.50 -12.92 22.47
N PRO A 136 41.00 -12.70 23.68
CA PRO A 136 40.84 -11.33 24.18
C PRO A 136 42.18 -10.69 24.49
N ILE A 137 42.22 -9.38 24.36
CA ILE A 137 43.39 -8.58 24.70
C ILE A 137 43.06 -7.89 26.01
N THR A 138 43.65 -8.38 27.11
CA THR A 138 43.32 -7.88 28.43
C THR A 138 44.12 -6.64 28.82
N GLN A 139 45.15 -6.28 28.04
CA GLN A 139 45.94 -5.10 28.34
C GLN A 139 46.59 -4.63 27.05
N LEU A 140 46.55 -3.31 26.83
CA LEU A 140 47.04 -2.70 25.59
C LEU A 140 48.09 -1.65 25.91
N PRO A 141 49.02 -1.39 24.99
CA PRO A 141 49.88 -0.21 25.10
C PRO A 141 49.06 1.07 24.99
N HIS A 142 49.22 1.94 25.97
CA HIS A 142 48.40 3.15 26.07
C HIS A 142 49.20 4.44 25.90
N TYR A 143 50.46 4.36 25.47
CA TYR A 143 51.25 5.54 25.16
C TYR A 143 52.05 5.28 23.90
N VAL A 144 51.77 6.04 22.86
CA VAL A 144 52.52 5.98 21.60
C VAL A 144 53.44 7.19 21.59
N TYR A 145 54.72 6.96 21.85
CA TYR A 145 55.70 8.04 21.94
C TYR A 145 56.17 8.39 20.54
N SER A 146 55.81 9.59 20.08
CA SER A 146 56.17 10.02 18.73
C SER A 146 57.65 10.39 18.66
N GLY A 147 58.21 10.27 17.46
CA GLY A 147 59.62 10.52 17.24
C GLY A 147 60.00 11.59 16.24
N PRO A 148 59.43 12.83 16.30
CA PRO A 148 59.46 13.72 15.11
C PRO A 148 60.81 14.29 14.69
N CYS A 149 61.82 13.43 14.56
CA CYS A 149 63.05 13.70 13.84
C CYS A 149 63.67 12.34 13.54
N THR A 150 63.73 11.97 12.26
CA THR A 150 64.04 10.59 11.93
C THR A 150 64.79 10.51 10.61
N VAL A 151 65.93 9.82 10.63
CA VAL A 151 66.63 9.44 9.40
C VAL A 151 65.83 8.34 8.71
N PRO A 152 65.63 8.39 7.38
CA PRO A 152 64.69 7.49 6.70
C PRO A 152 65.05 6.00 6.77
N GLU A 153 64.16 5.20 6.16
CA GLU A 153 64.00 3.79 6.50
C GLU A 153 65.23 2.95 6.16
N ALA A 154 65.94 3.30 5.07
CA ALA A 154 67.11 2.52 4.71
C ALA A 154 68.39 3.06 5.36
N GLU A 155 68.29 3.35 6.65
CA GLU A 155 69.47 3.60 7.48
C GLU A 155 69.33 3.00 8.87
N VAL A 156 68.12 2.64 9.31
CA VAL A 156 67.86 2.41 10.72
C VAL A 156 68.40 1.04 11.12
N LYS A 157 69.66 1.04 11.55
CA LYS A 157 70.30 -0.13 12.14
C LYS A 157 71.05 0.19 13.41
N THR A 158 71.36 1.46 13.67
CA THR A 158 72.07 1.88 14.87
C THR A 158 71.09 2.24 16.00
N LEU A 159 70.13 1.34 16.24
CA LEU A 159 69.33 1.43 17.44
C LEU A 159 70.14 0.97 18.64
N ILE A 160 71.08 0.04 18.42
CA ILE A 160 72.08 -0.50 19.35
C ILE A 160 71.30 -1.02 20.55
N LYS A 161 71.65 -0.57 21.76
CA LYS A 161 70.85 -0.51 22.99
C LYS A 161 69.91 -1.68 23.25
N TRP A 162 70.36 -2.89 22.96
CA TRP A 162 69.54 -4.07 23.20
C TRP A 162 69.51 -4.31 24.70
N PRO A 163 68.33 -4.33 25.34
CA PRO A 163 68.27 -4.23 26.80
C PRO A 163 68.80 -5.47 27.50
N SER A 164 69.16 -5.28 28.78
CA SER A 164 69.52 -6.41 29.62
C SER A 164 68.33 -7.34 29.81
N ASP A 165 67.13 -6.78 29.89
CA ASP A 165 65.90 -7.56 29.79
C ASP A 165 65.60 -7.76 28.32
N LYS A 166 65.84 -8.97 27.81
CA LYS A 166 65.53 -9.30 26.42
C LYS A 166 64.03 -9.43 26.16
N ARG A 167 63.21 -9.42 27.21
CA ARG A 167 61.76 -9.41 27.11
C ARG A 167 61.20 -8.12 26.53
N ILE A 168 62.01 -7.06 26.42
CA ILE A 168 61.57 -5.80 25.84
C ILE A 168 61.68 -5.90 24.33
N LEU A 169 60.57 -5.61 23.64
CA LEU A 169 60.53 -5.61 22.18
C LEU A 169 60.45 -4.17 21.66
N THR A 170 61.00 -3.95 20.47
CA THR A 170 61.15 -2.61 19.89
C THR A 170 60.49 -2.53 18.52
N PRO A 171 59.19 -2.31 18.46
CA PRO A 171 58.57 -1.96 17.17
C PRO A 171 58.78 -0.50 16.83
N TYR A 172 58.73 -0.20 15.54
CA TYR A 172 58.92 1.16 15.07
C TYR A 172 58.32 1.30 13.67
N ILE A 173 57.80 2.50 13.38
CA ILE A 173 57.47 2.90 12.02
C ILE A 173 57.93 4.34 11.80
N ILE A 174 58.09 4.69 10.53
CA ILE A 174 58.50 6.03 10.12
C ILE A 174 57.41 6.55 9.19
N ARG A 175 56.54 7.41 9.71
CA ARG A 175 55.43 7.97 8.95
C ARG A 175 55.43 9.48 9.13
N GLY A 176 55.60 10.20 8.02
CA GLY A 176 55.58 11.65 8.04
C GLY A 176 56.74 12.29 8.76
N GLY A 177 57.93 11.69 8.69
CA GLY A 177 59.07 12.20 9.43
C GLY A 177 58.96 12.05 10.93
N ARG A 178 58.43 10.93 11.40
CA ARG A 178 58.35 10.60 12.82
C ARG A 178 58.91 9.20 13.04
N LEU A 179 58.93 8.78 14.32
CA LEU A 179 59.45 7.49 14.72
C LEU A 179 58.48 6.88 15.74
N TYR A 180 57.21 6.79 15.36
CA TYR A 180 56.12 6.26 16.19
C TYR A 180 56.46 4.88 16.74
N ALA A 181 56.57 4.78 18.06
CA ALA A 181 57.01 3.56 18.71
C ALA A 181 56.43 3.51 20.12
N PHE A 182 56.74 2.42 20.83
CA PHE A 182 56.26 2.20 22.18
C PHE A 182 57.39 2.22 23.21
N ASN A 183 58.63 2.49 22.79
CA ASN A 183 59.81 2.19 23.59
C ASN A 183 60.20 3.30 24.54
N ASP A 184 59.29 4.24 24.83
CA ASP A 184 59.50 5.38 25.73
C ASP A 184 60.70 6.22 25.26
N LEU A 185 60.50 6.83 24.09
CA LEU A 185 61.53 7.64 23.44
C LEU A 185 61.60 9.06 24.01
N LYS A 186 60.81 9.37 25.03
CA LYS A 186 60.75 10.73 25.55
C LYS A 186 61.95 11.07 26.42
N ASP A 187 62.42 10.13 27.23
CA ASP A 187 63.53 10.39 28.14
C ASP A 187 64.86 10.15 27.42
N TYR A 188 65.96 10.22 28.17
CA TYR A 188 67.29 10.09 27.57
C TYR A 188 67.64 8.63 27.28
N GLU A 189 67.68 7.80 28.32
CA GLU A 189 68.04 6.40 28.15
C GLU A 189 66.84 5.66 27.59
N SER A 190 66.79 5.56 26.26
CA SER A 190 65.73 4.82 25.58
C SER A 190 66.30 3.55 24.96
N PRO A 191 65.54 2.45 24.99
CA PRO A 191 65.98 1.25 24.27
C PRO A 191 66.05 1.41 22.78
N PHE A 192 65.29 2.35 22.20
CA PHE A 192 65.25 2.57 20.77
C PHE A 192 65.76 3.96 20.41
N ALA A 193 66.77 3.99 19.53
CA ALA A 193 67.20 5.17 18.77
C ALA A 193 67.64 6.32 19.68
N THR A 194 68.75 6.08 20.38
CA THR A 194 69.39 7.15 21.13
C THR A 194 70.05 8.18 20.21
N ILE A 195 70.34 7.81 18.97
CA ILE A 195 70.95 8.72 18.00
C ILE A 195 69.92 9.34 17.09
N VAL A 196 68.96 8.54 16.61
CA VAL A 196 67.99 9.02 15.62
C VAL A 196 67.01 10.01 16.25
N ASP A 197 66.48 9.66 17.43
CA ASP A 197 65.54 10.52 18.15
C ASP A 197 66.08 10.74 19.55
N PRO A 198 66.86 11.83 19.77
CA PRO A 198 67.50 12.05 21.07
C PRO A 198 66.54 12.24 22.24
N TYR A 199 65.69 13.27 22.20
CA TYR A 199 64.70 13.46 23.25
C TYR A 199 63.38 14.02 22.77
N SER A 200 63.19 14.23 21.46
CA SER A 200 62.00 14.92 20.97
C SER A 200 60.83 13.93 20.90
N ALA A 201 59.81 14.17 21.72
CA ALA A 201 58.64 13.31 21.76
C ALA A 201 57.44 14.11 22.25
N GLN A 202 56.25 13.54 22.02
CA GLN A 202 55.00 14.20 22.36
C GLN A 202 54.06 13.35 23.21
N ARG A 203 54.25 12.03 23.26
CA ARG A 203 53.50 11.08 24.09
C ARG A 203 52.00 11.12 23.75
N HIS A 204 51.71 10.72 22.52
CA HIS A 204 50.32 10.61 22.08
C HIS A 204 49.66 9.40 22.73
N THR A 205 48.42 9.57 23.17
CA THR A 205 47.70 8.54 23.89
C THR A 205 46.74 7.80 22.96
N LEU A 206 46.33 6.61 23.40
CA LEU A 206 45.31 5.86 22.67
C LEU A 206 43.93 6.52 22.79
N ASN A 207 43.68 7.20 23.92
CA ASN A 207 42.35 7.72 24.20
C ASN A 207 42.01 8.90 23.28
N GLU A 208 43.00 9.73 22.94
CA GLU A 208 42.77 10.80 21.98
C GLU A 208 42.81 10.31 20.54
N TRP A 209 43.37 9.13 20.29
CA TRP A 209 43.47 8.58 18.94
C TRP A 209 42.31 7.67 18.57
N LEU A 210 41.43 7.35 19.51
CA LEU A 210 40.41 6.33 19.27
C LEU A 210 39.31 6.83 18.34
N ASP A 211 39.08 8.14 18.29
CA ASP A 211 38.07 8.72 17.42
C ASP A 211 38.60 9.06 16.03
N LYS A 212 39.90 8.88 15.79
CA LYS A 212 40.50 9.17 14.50
C LYS A 212 40.73 7.88 13.74
N PRO A 213 40.07 7.67 12.59
CA PRO A 213 40.28 6.43 11.83
C PRO A 213 41.68 6.27 11.28
N ASP A 214 42.38 7.38 10.99
CA ASP A 214 43.72 7.26 10.42
C ASP A 214 44.74 6.84 11.47
N GLU A 215 44.59 7.30 12.71
CA GLU A 215 45.54 6.99 13.76
C GLU A 215 45.21 5.72 14.54
N MET A 216 44.05 5.11 14.30
CA MET A 216 43.82 3.74 14.75
C MET A 216 44.27 2.73 13.72
N ARG A 217 44.89 3.18 12.63
CA ARG A 217 45.51 2.30 11.67
C ARG A 217 47.00 2.16 11.93
N TRP A 218 47.64 3.27 12.32
CA TRP A 218 49.04 3.25 12.73
C TRP A 218 49.24 2.38 13.97
N TYR A 219 48.28 2.43 14.89
CA TYR A 219 48.36 1.64 16.11
C TYR A 219 48.26 0.14 15.84
N VAL A 220 47.28 -0.28 15.02
CA VAL A 220 47.15 -1.69 14.72
C VAL A 220 48.26 -2.18 13.79
N GLU A 221 48.89 -1.27 13.04
CA GLU A 221 50.05 -1.69 12.25
C GLU A 221 51.29 -1.83 13.12
N LEU A 222 51.42 -1.00 14.16
CA LEU A 222 52.45 -1.23 15.18
C LEU A 222 52.21 -2.54 15.93
N LEU A 223 50.95 -2.87 16.20
CA LEU A 223 50.64 -4.15 16.83
C LEU A 223 50.93 -5.33 15.91
N ASN A 224 50.72 -5.16 14.60
CA ASN A 224 51.05 -6.21 13.65
C ASN A 224 52.56 -6.43 13.59
N ARG A 225 53.35 -5.35 13.61
CA ARG A 225 54.81 -5.52 13.72
C ARG A 225 55.21 -6.08 15.09
N THR A 226 54.42 -5.80 16.14
CA THR A 226 54.69 -6.35 17.46
C THR A 226 54.52 -7.87 17.47
N VAL A 227 53.43 -8.38 16.89
CA VAL A 227 53.26 -9.84 16.87
C VAL A 227 54.19 -10.48 15.86
N ASN A 228 54.61 -9.74 14.83
CA ASN A 228 55.66 -10.24 13.94
C ASN A 228 56.99 -10.39 14.67
N LYS A 229 57.29 -9.46 15.57
CA LYS A 229 58.52 -9.56 16.35
C LYS A 229 58.38 -10.60 17.48
N ILE A 230 57.17 -10.82 17.98
CA ILE A 230 56.92 -11.91 18.93
C ILE A 230 57.18 -13.26 18.28
N THR A 231 56.68 -13.45 17.05
CA THR A 231 56.95 -14.69 16.33
C THR A 231 58.29 -14.64 15.60
N GLY A 232 59.35 -14.28 16.31
CA GLY A 232 60.70 -14.33 15.78
C GLY A 232 61.55 -15.30 16.57
N HIS A 233 61.27 -15.44 17.87
CA HIS A 233 61.90 -16.50 18.65
C HIS A 233 61.29 -17.85 18.33
N LEU A 234 60.02 -17.86 17.90
CA LEU A 234 59.33 -19.09 17.52
C LEU A 234 59.76 -19.59 16.14
N ARG A 235 60.46 -18.74 15.36
CA ARG A 235 60.93 -19.04 14.01
C ARG A 235 59.78 -19.41 13.07
N LEU A 236 58.72 -18.61 13.09
CA LEU A 236 57.69 -18.66 12.06
C LEU A 236 57.99 -17.59 11.02
N LYS A 237 58.27 -18.02 9.80
CA LYS A 237 58.61 -17.11 8.72
C LYS A 237 57.34 -16.50 8.14
N LEU A 238 57.41 -15.21 7.82
CA LEU A 238 56.26 -14.50 7.28
C LEU A 238 56.33 -14.48 5.76
N ASP A 239 55.19 -14.77 5.12
CA ASP A 239 55.12 -14.73 3.67
C ASP A 239 55.07 -13.29 3.14
N LYS A 240 54.66 -12.33 3.98
CA LYS A 240 54.62 -10.89 3.72
C LYS A 240 53.69 -10.49 2.58
N GLU A 241 52.88 -11.41 2.08
CA GLU A 241 51.98 -11.13 0.96
C GLU A 241 50.53 -11.53 1.26
N HIS A 242 50.33 -12.61 1.99
CA HIS A 242 49.00 -13.07 2.38
C HIS A 242 48.77 -12.97 3.88
N HIS A 243 49.72 -12.36 4.61
CA HIS A 243 49.75 -12.28 6.08
C HIS A 243 49.66 -13.69 6.69
N ARG A 244 50.69 -14.48 6.39
CA ARG A 244 50.69 -15.92 6.65
C ARG A 244 51.99 -16.28 7.35
N TYR A 245 51.91 -16.72 8.60
CA TYR A 245 53.08 -17.16 9.35
C TYR A 245 53.16 -18.68 9.25
N PHE A 246 54.10 -19.18 8.45
CA PHE A 246 54.23 -20.60 8.16
C PHE A 246 55.51 -21.15 8.75
N PHE A 247 55.46 -22.40 9.18
CA PHE A 247 56.66 -23.10 9.61
C PHE A 247 57.56 -23.42 8.42
N GLU A 248 58.84 -23.58 8.71
CA GLU A 248 59.78 -24.18 7.77
C GLU A 248 60.73 -25.05 8.57
N PRO A 249 61.28 -26.11 7.96
CA PRO A 249 62.24 -26.95 8.68
C PRO A 249 63.56 -26.23 8.90
N ASP A 250 64.24 -26.63 9.99
CA ASP A 250 65.55 -26.06 10.28
C ASP A 250 66.61 -26.56 9.32
N GLU A 251 66.63 -27.86 9.07
CA GLU A 251 67.59 -28.47 8.16
C GLU A 251 66.88 -28.99 6.91
N PRO A 252 67.46 -28.75 5.73
CA PRO A 252 66.77 -29.14 4.49
C PRO A 252 66.73 -30.66 4.30
N GLY A 253 65.59 -31.13 3.80
CA GLY A 253 65.38 -32.55 3.59
C GLY A 253 64.88 -33.30 4.81
N LYS A 254 64.76 -32.65 5.96
CA LYS A 254 64.32 -33.29 7.18
C LYS A 254 63.02 -32.65 7.67
N ASP A 255 62.26 -33.44 8.41
CA ASP A 255 60.96 -33.00 8.91
C ASP A 255 61.11 -32.22 10.21
N LYS A 256 60.22 -31.27 10.42
CA LYS A 256 60.14 -30.50 11.65
C LYS A 256 58.86 -30.86 12.39
N SER A 257 59.01 -31.30 13.63
CA SER A 257 57.87 -31.63 14.49
C SER A 257 58.11 -30.93 15.83
N VAL A 258 57.18 -30.09 16.23
CA VAL A 258 57.38 -29.22 17.39
C VAL A 258 56.65 -29.80 18.59
N THR A 259 57.28 -29.66 19.76
CA THR A 259 56.74 -30.10 21.03
C THR A 259 56.22 -28.88 21.80
N TYR A 260 54.97 -28.95 22.23
CA TYR A 260 54.31 -27.81 22.85
C TYR A 260 53.67 -28.23 24.16
N GLN A 261 53.46 -27.24 25.04
CA GLN A 261 52.83 -27.42 26.33
C GLN A 261 51.46 -26.76 26.31
N SER A 262 50.44 -27.52 26.69
CA SER A 262 49.07 -27.02 26.69
C SER A 262 48.81 -26.14 27.92
N VAL A 263 47.60 -25.58 27.98
CA VAL A 263 47.19 -24.76 29.11
C VAL A 263 47.04 -25.63 30.36
N GLY A 264 46.46 -26.81 30.21
CA GLY A 264 46.26 -27.72 31.32
C GLY A 264 47.48 -28.47 31.80
N GLY A 265 48.63 -28.28 31.16
CA GLY A 265 49.87 -28.88 31.59
C GLY A 265 50.30 -30.10 30.79
N VAL A 266 49.42 -30.68 29.99
CA VAL A 266 49.77 -31.83 29.18
C VAL A 266 50.66 -31.40 28.02
N ARG A 267 51.73 -32.16 27.77
CA ARG A 267 52.69 -31.85 26.73
C ARG A 267 52.46 -32.77 25.54
N SER A 268 52.41 -32.19 24.34
CA SER A 268 52.17 -32.95 23.12
C SER A 268 53.14 -32.50 22.05
N GLU A 269 53.02 -33.09 20.86
CA GLU A 269 53.94 -32.80 19.77
C GLU A 269 53.23 -33.02 18.44
N ARG A 270 53.32 -32.03 17.56
CA ARG A 270 52.68 -32.09 16.24
C ARG A 270 53.72 -31.88 15.15
N LYS A 271 53.60 -32.65 14.07
CA LYS A 271 54.37 -32.36 12.87
C LYS A 271 53.85 -31.07 12.23
N VAL A 272 54.77 -30.19 11.83
CA VAL A 272 54.39 -28.91 11.24
C VAL A 272 55.02 -28.66 9.88
N ALA A 273 56.04 -29.41 9.47
CA ALA A 273 56.68 -29.22 8.17
C ALA A 273 56.89 -30.56 7.50
N TRP A 274 55.85 -31.40 7.46
CA TRP A 274 56.05 -32.79 7.10
C TRP A 274 55.98 -32.97 5.59
N ASN A 275 56.77 -33.91 5.10
CA ASN A 275 56.66 -34.39 3.72
C ASN A 275 55.97 -35.74 3.75
N PRO A 276 54.72 -35.84 3.30
CA PRO A 276 53.95 -37.09 3.47
C PRO A 276 54.48 -38.21 2.59
N HIS A 277 54.85 -39.32 3.22
CA HIS A 277 55.10 -40.54 2.48
C HIS A 277 53.77 -41.07 1.93
N PHE A 278 53.84 -41.67 0.74
CA PHE A 278 52.62 -42.14 0.09
C PHE A 278 52.10 -43.36 0.83
N LYS A 279 50.78 -43.52 0.83
CA LYS A 279 50.13 -44.49 1.72
C LYS A 279 50.41 -45.93 1.32
N HIS A 280 50.68 -46.18 0.04
CA HIS A 280 50.91 -47.54 -0.42
C HIS A 280 52.39 -47.93 -0.39
N ASN A 281 53.05 -47.64 0.73
CA ASN A 281 54.43 -48.03 1.04
C ASN A 281 55.42 -47.64 -0.05
N ASP A 282 55.45 -46.34 -0.34
CA ASP A 282 56.14 -45.86 -1.54
C ASP A 282 56.97 -44.63 -1.19
N MET A 283 57.44 -43.96 -2.24
CA MET A 283 58.21 -42.73 -2.15
C MET A 283 57.31 -41.61 -1.62
N PRO A 284 57.89 -40.55 -1.04
CA PRO A 284 57.06 -39.44 -0.56
C PRO A 284 56.37 -38.68 -1.68
N LYS A 285 55.28 -38.01 -1.30
CA LYS A 285 54.32 -37.42 -2.23
C LYS A 285 54.79 -36.12 -2.87
N ARG A 286 56.05 -35.73 -2.65
CA ARG A 286 56.77 -34.59 -3.26
C ARG A 286 56.01 -33.26 -3.19
N TYR A 287 55.28 -33.06 -2.10
CA TYR A 287 54.88 -31.71 -1.68
C TYR A 287 54.92 -31.67 -0.16
N TRP A 288 55.57 -30.65 0.38
CA TRP A 288 55.70 -30.50 1.82
C TRP A 288 54.54 -29.65 2.34
N GLU A 289 53.87 -30.13 3.38
CA GLU A 289 52.66 -29.48 3.91
C GLU A 289 53.03 -28.69 5.15
N HIS A 290 53.51 -27.45 4.95
CA HIS A 290 53.80 -26.58 6.07
C HIS A 290 52.50 -26.06 6.68
N LEU A 291 52.49 -25.92 8.00
CA LEU A 291 51.28 -25.58 8.74
C LEU A 291 51.37 -24.13 9.18
N ALA A 292 50.36 -23.33 8.82
CA ALA A 292 50.46 -21.88 8.91
C ALA A 292 49.27 -21.30 9.66
N VAL A 293 49.40 -20.00 9.99
CA VAL A 293 48.42 -19.32 10.82
C VAL A 293 48.12 -17.95 10.21
N GLY A 294 46.90 -17.47 10.45
CA GLY A 294 46.35 -16.26 9.86
C GLY A 294 45.99 -15.15 10.83
N LEU A 295 46.90 -14.83 11.74
CA LEU A 295 46.65 -13.91 12.86
C LEU A 295 46.21 -12.52 12.39
N ARG A 296 45.18 -11.96 13.05
CA ARG A 296 44.76 -10.60 12.71
C ARG A 296 44.17 -9.95 13.97
N PHE A 297 44.19 -8.61 14.02
CA PHE A 297 43.66 -7.84 15.14
C PHE A 297 42.27 -7.30 14.81
N HIS A 298 41.40 -7.31 15.81
CA HIS A 298 40.03 -6.85 15.66
C HIS A 298 39.63 -5.91 16.79
N ARG A 299 38.76 -4.96 16.49
CA ARG A 299 38.09 -4.15 17.48
C ARG A 299 36.71 -4.74 17.74
N LEU A 300 36.46 -5.16 18.97
CA LEU A 300 35.20 -5.79 19.35
C LEU A 300 34.32 -4.88 20.20
N GLY A 301 34.65 -3.60 20.27
CA GLY A 301 33.86 -2.70 21.09
C GLY A 301 34.43 -1.31 21.05
N ASP A 302 34.02 -0.49 22.02
CA ASP A 302 34.65 0.81 22.20
C ASP A 302 36.10 0.66 22.64
N MET A 303 36.37 -0.32 23.50
CA MET A 303 37.74 -0.61 23.91
C MET A 303 38.01 -2.10 23.97
N ALA A 304 37.08 -2.95 23.52
CA ALA A 304 37.27 -4.39 23.51
C ALA A 304 38.02 -4.79 22.24
N TRP A 305 38.98 -5.69 22.38
CA TRP A 305 39.80 -6.11 21.26
C TRP A 305 39.81 -7.62 21.14
N GLY A 306 40.27 -8.09 19.98
CA GLY A 306 40.33 -9.52 19.73
C GLY A 306 41.51 -9.85 18.86
N PHE A 307 42.02 -11.07 19.01
CA PHE A 307 43.19 -11.56 18.29
C PHE A 307 42.76 -12.85 17.61
N ALA A 308 42.53 -12.80 16.30
CA ALA A 308 41.92 -13.90 15.58
C ALA A 308 42.98 -14.81 14.99
N ILE A 309 42.77 -16.12 15.18
CA ILE A 309 43.67 -17.17 14.70
C ILE A 309 42.95 -17.92 13.59
N ARG A 310 43.57 -18.00 12.43
CA ARG A 310 43.04 -18.75 11.29
C ARG A 310 44.06 -19.81 10.88
N PRO A 311 43.77 -21.09 11.11
CA PRO A 311 44.68 -22.14 10.63
C PRO A 311 44.66 -22.24 9.11
N GLU A 312 45.82 -22.60 8.55
CA GLU A 312 45.99 -22.63 7.10
C GLU A 312 47.10 -23.62 6.77
N ARG A 313 47.25 -23.89 5.48
CA ARG A 313 48.33 -24.72 4.98
C ARG A 313 49.09 -23.97 3.88
N ARG A 314 50.40 -24.19 3.83
CA ARG A 314 51.23 -23.69 2.75
C ARG A 314 52.02 -24.85 2.18
N PHE A 315 51.95 -25.03 0.87
CA PHE A 315 52.47 -26.23 0.23
C PHE A 315 53.70 -25.87 -0.60
N THR A 316 54.80 -26.57 -0.35
CA THR A 316 56.05 -26.31 -1.07
C THR A 316 56.48 -27.54 -1.84
N LYS A 317 57.40 -27.35 -2.79
CA LYS A 317 57.89 -28.43 -3.64
C LYS A 317 58.66 -29.48 -2.85
N ASP A 318 59.82 -29.11 -2.32
CA ASP A 318 60.65 -29.97 -1.48
C ASP A 318 61.07 -29.23 -0.22
N GLY A 319 60.30 -28.22 0.16
CA GLY A 319 60.70 -27.31 1.22
C GLY A 319 61.39 -26.09 0.65
N PHE A 320 61.16 -24.93 1.26
CA PHE A 320 61.80 -23.64 0.97
C PHE A 320 61.54 -23.13 -0.44
N GLU A 321 60.53 -23.65 -1.14
CA GLU A 321 60.22 -23.18 -2.49
C GLU A 321 58.74 -23.45 -2.76
N SER A 322 57.96 -22.39 -2.86
CA SER A 322 56.50 -22.49 -2.88
C SER A 322 56.00 -23.11 -4.19
N LEU A 323 54.79 -23.66 -4.12
CA LEU A 323 54.10 -24.18 -5.29
C LEU A 323 53.45 -23.04 -6.06
N GLU A 324 52.88 -23.36 -7.22
CA GLU A 324 52.30 -22.35 -8.09
C GLU A 324 50.90 -21.96 -7.58
N GLY A 325 50.26 -21.05 -8.31
CA GLY A 325 48.96 -20.55 -7.89
C GLY A 325 47.81 -21.50 -8.11
N LYS A 326 47.95 -22.45 -9.03
CA LYS A 326 46.85 -23.36 -9.34
C LYS A 326 46.94 -24.66 -8.56
N ALA A 327 48.15 -25.20 -8.39
CA ALA A 327 48.31 -26.47 -7.67
C ALA A 327 48.06 -26.29 -6.17
N THR A 328 48.37 -25.11 -5.64
CA THR A 328 48.08 -24.83 -4.24
C THR A 328 46.58 -24.78 -3.99
N GLY A 329 45.82 -24.27 -4.96
CA GLY A 329 44.37 -24.23 -4.83
C GLY A 329 43.73 -25.60 -4.82
N LYS A 330 44.29 -26.54 -5.58
CA LYS A 330 43.81 -27.92 -5.50
C LYS A 330 44.24 -28.59 -4.20
N LYS A 331 45.51 -28.42 -3.81
CA LYS A 331 46.04 -29.15 -2.67
C LYS A 331 45.55 -28.61 -1.33
N SER A 332 45.07 -27.36 -1.29
CA SER A 332 44.46 -26.85 -0.07
C SER A 332 42.98 -27.19 0.00
N THR A 333 42.31 -27.32 -1.14
CA THR A 333 40.91 -27.74 -1.14
C THR A 333 40.76 -29.23 -0.87
N LYS A 334 41.71 -30.05 -1.34
CA LYS A 334 41.67 -31.47 -1.04
C LYS A 334 41.92 -31.76 0.43
N LYS A 335 42.65 -30.89 1.11
CA LYS A 335 42.94 -31.09 2.53
C LYS A 335 41.90 -30.43 3.41
N LYS A 336 41.54 -29.18 3.12
CA LYS A 336 40.55 -28.46 3.91
C LYS A 336 39.13 -28.60 3.33
N SER A 337 38.70 -29.84 3.11
CA SER A 337 37.30 -30.13 2.82
C SER A 337 36.82 -31.21 3.77
N ARG A 338 37.74 -32.10 4.17
CA ARG A 338 37.46 -33.12 5.16
C ARG A 338 37.97 -32.73 6.54
N MET A 339 38.26 -31.44 6.74
CA MET A 339 38.68 -30.91 8.03
C MET A 339 37.48 -30.24 8.67
N TYR A 340 36.65 -31.06 9.32
CA TYR A 340 35.36 -30.61 9.84
C TYR A 340 35.54 -29.93 11.20
N ASN A 341 34.44 -29.69 11.90
CA ASN A 341 34.48 -28.92 13.15
C ASN A 341 34.89 -29.77 14.33
N PHE A 342 35.98 -30.53 14.19
CA PHE A 342 36.75 -30.98 15.33
C PHE A 342 38.24 -30.95 15.08
N ASP A 343 38.68 -31.01 13.82
CA ASP A 343 40.08 -30.92 13.44
C ASP A 343 40.47 -29.51 13.00
N VAL A 344 39.61 -28.52 13.23
CA VAL A 344 39.98 -27.11 13.06
C VAL A 344 40.10 -26.50 14.45
N LEU A 345 39.27 -26.99 15.38
CA LEU A 345 39.37 -26.56 16.76
C LEU A 345 40.67 -27.03 17.42
N LYS A 346 41.13 -28.23 17.05
CA LYS A 346 42.41 -28.70 17.58
C LYS A 346 43.57 -27.88 17.03
N GLU A 347 43.47 -27.40 15.78
CA GLU A 347 44.52 -26.54 15.25
C GLU A 347 44.51 -25.16 15.89
N VAL A 348 43.33 -24.64 16.22
CA VAL A 348 43.24 -23.36 16.92
C VAL A 348 43.81 -23.49 18.33
N GLN A 349 43.50 -24.60 19.01
CA GLN A 349 44.06 -24.86 20.34
C GLN A 349 45.57 -25.07 20.27
N PHE A 350 46.05 -25.76 19.24
CA PHE A 350 47.49 -25.93 19.05
C PHE A 350 48.18 -24.60 18.77
N TRP A 351 47.50 -23.69 18.06
CA TRP A 351 48.13 -22.41 17.76
C TRP A 351 48.16 -21.51 18.99
N ARG A 352 47.13 -21.55 19.83
CA ARG A 352 47.21 -20.77 21.06
C ARG A 352 48.23 -21.38 22.03
N ASP A 353 48.44 -22.70 21.98
CA ASP A 353 49.49 -23.30 22.81
C ASP A 353 50.88 -23.04 22.27
N PHE A 354 51.03 -22.92 20.94
CA PHE A 354 52.33 -22.59 20.39
C PHE A 354 52.68 -21.12 20.64
N LEU A 355 51.70 -20.23 20.51
CA LEU A 355 51.95 -18.82 20.85
C LEU A 355 52.07 -18.62 22.35
N SER A 356 51.56 -19.55 23.15
CA SER A 356 51.70 -19.45 24.60
C SER A 356 53.10 -19.84 25.06
N GLN A 357 53.53 -21.06 24.71
CA GLN A 357 54.74 -21.71 25.25
C GLN A 357 54.71 -21.76 26.78
N GLY A 358 53.55 -22.12 27.32
CA GLY A 358 53.34 -22.08 28.75
C GLY A 358 53.07 -20.66 29.21
N ASN A 359 52.88 -20.52 30.54
CA ASN A 359 52.57 -19.26 31.23
C ASN A 359 51.35 -18.60 30.60
N PRO A 360 50.12 -19.08 30.89
CA PRO A 360 48.97 -18.83 29.99
C PRO A 360 48.50 -17.39 29.88
N ARG A 361 49.40 -16.54 29.37
CA ARG A 361 49.13 -15.17 28.94
C ARG A 361 50.15 -14.88 27.85
N ILE A 362 49.70 -14.60 26.63
CA ILE A 362 50.63 -14.22 25.56
C ILE A 362 51.03 -12.78 25.85
N THR A 363 52.21 -12.60 26.45
CA THR A 363 52.63 -11.31 26.96
C THR A 363 53.69 -10.69 26.05
N CYS A 364 53.83 -9.37 26.17
CA CYS A 364 54.83 -8.61 25.43
C CYS A 364 55.13 -7.35 26.21
N LEU A 365 56.40 -7.09 26.49
CA LEU A 365 56.82 -5.95 27.27
C LEU A 365 57.55 -4.94 26.41
N PHE A 366 57.38 -3.66 26.73
CA PHE A 366 58.06 -2.58 26.03
C PHE A 366 58.83 -1.66 26.96
N GLY A 367 58.63 -1.75 28.27
CA GLY A 367 59.16 -0.77 29.20
C GLY A 367 58.04 0.15 29.67
N LYS A 368 57.51 -0.14 30.85
CA LYS A 368 56.34 0.49 31.49
C LYS A 368 55.06 0.35 30.68
N GLN A 369 55.03 -0.53 29.67
CA GLN A 369 53.85 -0.81 28.88
C GLN A 369 53.82 -2.31 28.59
N ALA A 370 52.61 -2.84 28.43
CA ALA A 370 52.45 -4.28 28.23
C ALA A 370 51.31 -4.56 27.27
N LEU A 371 51.53 -5.51 26.37
CA LEU A 371 50.49 -6.06 25.51
C LEU A 371 50.33 -7.53 25.93
N VAL A 372 49.31 -7.81 26.71
CA VAL A 372 49.07 -9.13 27.27
C VAL A 372 47.81 -9.69 26.64
N ILE A 373 47.93 -10.83 25.98
CA ILE A 373 46.81 -11.51 25.34
C ILE A 373 46.42 -12.70 26.19
N ASP A 374 45.23 -12.63 26.79
CA ASP A 374 44.76 -13.72 27.64
C ASP A 374 44.30 -14.89 26.77
N ASN A 375 45.02 -16.00 26.82
CA ASN A 375 44.85 -17.06 25.82
C ASN A 375 43.73 -18.04 26.18
N SER A 376 42.52 -17.53 26.36
CA SER A 376 41.34 -18.34 26.50
C SER A 376 40.36 -17.96 25.40
N LEU A 377 39.94 -18.94 24.60
CA LEU A 377 39.01 -18.69 23.51
C LEU A 377 37.66 -18.24 24.06
N MET A 378 37.08 -17.22 23.42
CA MET A 378 35.86 -16.58 23.92
C MET A 378 34.69 -17.54 23.85
N SER A 379 34.31 -18.08 25.00
CA SER A 379 33.25 -19.08 25.08
C SER A 379 31.91 -18.42 25.39
N ALA A 380 30.84 -19.19 25.21
CA ALA A 380 29.49 -18.75 25.48
C ALA A 380 28.68 -19.96 25.90
N ALA A 381 27.36 -19.83 25.90
CA ALA A 381 26.47 -20.94 26.22
C ALA A 381 25.17 -20.75 25.45
N ILE A 382 24.86 -21.71 24.58
CA ILE A 382 23.67 -21.63 23.72
C ILE A 382 22.82 -22.86 23.99
N THR A 383 21.50 -22.64 24.09
CA THR A 383 20.54 -23.72 24.27
C THR A 383 19.95 -24.07 22.91
N TRP A 384 20.15 -25.30 22.46
CA TRP A 384 19.55 -25.76 21.22
C TRP A 384 19.03 -27.18 21.35
N PRO A 385 18.10 -27.59 20.47
CA PRO A 385 17.77 -29.02 20.35
C PRO A 385 18.99 -29.87 19.97
N GLU A 386 19.11 -31.01 20.64
CA GLU A 386 20.34 -31.79 20.66
C GLU A 386 20.60 -32.49 19.33
N ILE A 387 21.85 -32.91 19.17
CA ILE A 387 22.32 -33.65 17.99
C ILE A 387 22.57 -35.09 18.41
N SER A 388 21.91 -36.02 17.73
CA SER A 388 22.11 -37.43 18.03
C SER A 388 23.48 -37.89 17.56
N GLY A 389 24.17 -38.65 18.41
CA GLY A 389 25.42 -39.27 18.05
C GLY A 389 26.66 -38.47 18.38
N ASP A 390 26.53 -37.20 18.77
CA ASP A 390 27.72 -36.42 19.11
C ASP A 390 28.00 -36.47 20.61
N GLN A 391 27.10 -35.91 21.41
CA GLN A 391 27.14 -35.90 22.88
C GLN A 391 28.49 -35.37 23.39
N ALA A 392 28.68 -34.07 23.16
CA ALA A 392 29.96 -33.41 23.41
C ALA A 392 30.34 -33.47 24.89
N ASN A 393 31.57 -33.91 25.16
CA ASN A 393 32.03 -34.22 26.50
C ASN A 393 32.67 -33.03 27.19
N ARG A 394 32.31 -31.81 26.78
CA ARG A 394 32.74 -30.54 27.39
C ARG A 394 34.25 -30.35 27.41
N MET B 1 46.82 -0.45 30.77
CA MET B 1 45.44 -0.17 30.42
C MET B 1 44.61 -1.45 30.34
N LYS B 2 43.84 -1.71 31.40
CA LYS B 2 42.96 -2.88 31.44
C LYS B 2 41.79 -2.64 30.49
N THR B 3 41.86 -3.24 29.30
CA THR B 3 40.77 -3.12 28.34
C THR B 3 39.57 -3.92 28.81
N ASN B 4 38.38 -3.36 28.59
CA ASN B 4 37.14 -4.06 28.94
C ASN B 4 36.94 -5.23 27.99
N THR B 5 36.76 -6.42 28.54
CA THR B 5 36.59 -7.61 27.72
C THR B 5 35.21 -7.61 27.06
N ALA B 6 35.16 -8.12 25.83
CA ALA B 6 33.91 -8.19 25.10
C ALA B 6 33.01 -9.27 25.66
N THR B 7 31.71 -9.00 25.68
CA THR B 7 30.71 -9.95 26.15
C THR B 7 30.17 -10.72 24.96
N VAL B 8 30.27 -12.04 24.99
CA VAL B 8 29.79 -12.88 23.91
C VAL B 8 28.40 -13.37 24.32
N ARG B 9 27.38 -12.73 23.74
CA ARG B 9 25.99 -13.08 24.00
C ARG B 9 25.40 -13.74 22.77
N CYS B 10 24.55 -14.74 22.99
CA CYS B 10 24.14 -15.62 21.90
C CYS B 10 22.67 -15.96 22.01
N GLU B 11 22.05 -16.21 20.85
CA GLU B 11 20.70 -16.72 20.76
C GLU B 11 20.57 -17.46 19.43
N LEU B 12 19.57 -18.32 19.36
CA LEU B 12 19.34 -19.13 18.16
C LEU B 12 17.95 -18.81 17.60
N PHE B 13 17.85 -18.82 16.28
CA PHE B 13 16.64 -18.42 15.58
C PHE B 13 15.88 -19.66 15.10
N GLU B 14 14.57 -19.64 15.29
CA GLU B 14 13.74 -20.78 14.90
C GLU B 14 13.65 -20.88 13.38
N GLU B 15 13.69 -22.12 12.88
CA GLU B 15 13.77 -22.33 11.45
C GLU B 15 12.42 -22.06 10.78
N PRO B 16 12.38 -21.27 9.71
CA PRO B 16 11.10 -20.93 9.09
C PRO B 16 10.53 -22.09 8.28
N SER B 17 9.22 -22.00 8.04
CA SER B 17 8.49 -22.99 7.25
C SER B 17 8.10 -22.39 5.91
N LEU B 18 8.00 -23.26 4.91
CA LEU B 18 7.64 -22.87 3.55
C LEU B 18 6.28 -23.43 3.18
N GLU B 19 5.46 -22.62 2.51
CA GLU B 19 4.11 -23.03 2.16
C GLU B 19 4.16 -23.86 0.89
N PHE B 20 3.88 -25.15 1.02
CA PHE B 20 3.77 -26.09 -0.09
C PHE B 20 2.32 -26.17 -0.54
N ALA B 21 1.96 -27.22 -1.27
CA ALA B 21 0.61 -27.39 -1.81
C ALA B 21 -0.44 -27.43 -0.69
N SER B 22 -1.60 -26.84 -1.00
CA SER B 22 -2.73 -26.65 -0.08
C SER B 22 -2.34 -25.85 1.16
N SER B 23 -1.36 -24.95 1.00
CA SER B 23 -0.82 -24.09 2.06
C SER B 23 -0.34 -24.89 3.27
N ARG B 24 0.26 -26.03 3.02
CA ARG B 24 0.78 -26.90 4.07
C ARG B 24 2.24 -26.57 4.33
N LEU B 25 2.55 -26.28 5.60
CA LEU B 25 3.89 -25.86 5.98
C LEU B 25 4.81 -27.08 6.15
N HIS B 26 6.02 -26.95 5.62
CA HIS B 26 7.07 -27.92 5.89
C HIS B 26 8.41 -27.22 5.82
N LEU B 27 9.40 -27.81 6.49
CA LEU B 27 10.70 -27.16 6.62
C LEU B 27 11.57 -27.38 5.39
N CYS B 28 11.87 -28.63 5.08
CA CYS B 28 12.79 -28.94 4.00
C CYS B 28 12.11 -28.78 2.64
N PRO B 29 12.79 -28.17 1.66
CA PRO B 29 12.22 -28.10 0.31
C PRO B 29 12.14 -29.44 -0.39
N LYS B 30 13.02 -30.39 -0.06
CA LYS B 30 12.97 -31.70 -0.69
C LYS B 30 11.76 -32.51 -0.22
N ARG B 31 11.48 -32.50 1.07
CA ARG B 31 10.45 -33.35 1.65
C ARG B 31 9.05 -32.77 1.51
N GLY B 32 8.93 -31.47 1.26
CA GLY B 32 7.63 -30.85 1.12
C GLY B 32 7.00 -30.97 -0.25
N ILE B 33 7.72 -31.53 -1.22
CA ILE B 33 7.21 -31.70 -2.57
C ILE B 33 6.82 -33.16 -2.73
N THR B 34 7.52 -34.04 -2.01
CA THR B 34 7.19 -35.46 -2.03
C THR B 34 5.86 -35.73 -1.35
N ILE B 35 5.63 -35.15 -0.18
CA ILE B 35 4.38 -35.37 0.55
C ILE B 35 3.24 -34.57 -0.06
N PHE B 36 3.39 -33.23 -0.06
CA PHE B 36 2.30 -32.35 -0.47
C PHE B 36 2.35 -32.04 -1.97
N GLY B 37 3.50 -31.57 -2.45
CA GLY B 37 3.63 -31.16 -3.82
C GLY B 37 4.13 -29.74 -3.93
N PRO B 38 4.34 -29.26 -5.16
CA PRO B 38 4.70 -27.85 -5.35
C PRO B 38 3.56 -26.94 -4.98
N ARG B 39 3.91 -25.67 -4.68
CA ARG B 39 2.94 -24.72 -4.15
C ARG B 39 1.85 -24.39 -5.18
N SER B 40 2.21 -24.24 -6.44
CA SER B 40 1.27 -23.85 -7.47
C SER B 40 0.42 -25.00 -7.99
N LEU B 41 0.37 -26.14 -7.29
CA LEU B 41 -0.34 -27.31 -7.78
C LEU B 41 -1.85 -27.10 -7.74
N ASP B 42 -2.35 -26.40 -6.74
CA ASP B 42 -3.77 -26.07 -6.66
C ASP B 42 -4.05 -24.58 -6.74
N MET B 43 -3.02 -23.76 -6.99
CA MET B 43 -3.20 -22.32 -7.00
C MET B 43 -3.96 -21.85 -8.24
N GLY B 44 -3.95 -22.64 -9.30
CA GLY B 44 -4.79 -22.35 -10.45
C GLY B 44 -4.27 -23.08 -11.69
N LYS B 45 -4.39 -22.39 -12.83
CA LYS B 45 -3.86 -22.88 -14.09
C LYS B 45 -2.42 -22.43 -14.33
N ARG B 46 -1.79 -21.83 -13.32
CA ARG B 46 -0.38 -21.47 -13.42
C ARG B 46 0.53 -22.69 -13.38
N HIS B 47 0.04 -23.82 -12.87
CA HIS B 47 0.80 -25.06 -12.84
C HIS B 47 1.04 -25.57 -14.26
N PRO B 48 2.29 -25.79 -14.67
CA PRO B 48 2.55 -26.29 -16.03
C PRO B 48 2.14 -27.75 -16.19
N ASP B 49 1.02 -27.99 -16.87
CA ASP B 49 0.56 -29.36 -17.06
C ASP B 49 1.39 -30.09 -18.10
N ILE B 50 1.76 -29.40 -19.18
CA ILE B 50 2.57 -29.96 -20.25
C ILE B 50 3.72 -29.01 -20.51
N VAL B 51 4.95 -29.53 -20.46
CA VAL B 51 6.16 -28.74 -20.69
C VAL B 51 6.77 -29.20 -21.99
N ARG B 52 6.95 -28.28 -22.93
CA ARG B 52 7.53 -28.58 -24.23
C ARG B 52 9.01 -28.20 -24.21
N VAL B 53 9.88 -29.15 -24.51
CA VAL B 53 11.32 -29.02 -24.31
C VAL B 53 12.02 -29.08 -25.66
N GLY B 54 12.86 -28.10 -25.94
CA GLY B 54 13.70 -28.09 -27.13
C GLY B 54 15.16 -28.30 -26.77
N PHE B 55 15.96 -28.58 -27.81
CA PHE B 55 17.37 -28.85 -27.64
C PHE B 55 18.18 -28.11 -28.70
N ILE B 56 19.35 -27.62 -28.31
CA ILE B 56 20.30 -27.03 -29.25
C ILE B 56 21.61 -27.82 -29.13
N GLY B 57 21.50 -29.12 -28.85
CA GLY B 57 22.67 -29.95 -28.77
C GLY B 57 23.10 -30.47 -30.13
N THR B 58 24.16 -31.26 -30.12
CA THR B 58 24.59 -31.99 -31.31
C THR B 58 23.85 -33.34 -31.34
N GLY B 59 24.27 -34.24 -32.22
CA GLY B 59 23.57 -35.50 -32.36
C GLY B 59 23.67 -36.41 -31.15
N GLU B 60 24.86 -36.52 -30.57
CA GLU B 60 25.05 -37.43 -29.44
C GLU B 60 24.50 -36.86 -28.14
N THR B 61 24.71 -35.56 -27.91
CA THR B 61 24.33 -34.95 -26.64
C THR B 61 22.81 -34.86 -26.47
N ILE B 62 22.08 -34.69 -27.57
CA ILE B 62 20.62 -34.65 -27.52
C ILE B 62 20.07 -36.01 -27.11
N ASP B 63 20.62 -37.09 -27.66
CA ASP B 63 20.19 -38.44 -27.29
C ASP B 63 20.58 -38.77 -25.85
N SER B 64 21.77 -38.36 -25.42
CA SER B 64 22.20 -38.59 -24.04
C SER B 64 21.33 -37.83 -23.04
N ALA B 65 21.02 -36.56 -23.34
CA ALA B 65 20.17 -35.77 -22.47
C ALA B 65 18.73 -36.28 -22.48
N THR B 66 18.25 -36.79 -23.62
CA THR B 66 16.89 -37.32 -23.69
C THR B 66 16.75 -38.61 -22.89
N ARG B 67 17.73 -39.52 -23.00
CA ARG B 67 17.67 -40.71 -22.17
C ARG B 67 17.93 -40.42 -20.70
N TRP B 68 18.69 -39.36 -20.39
CA TRP B 68 18.84 -38.93 -19.01
C TRP B 68 17.53 -38.38 -18.45
N LEU B 69 16.81 -37.60 -19.26
CA LEU B 69 15.54 -37.04 -18.81
C LEU B 69 14.41 -38.07 -18.82
N GLU B 70 14.59 -39.20 -19.50
CA GLU B 70 13.62 -40.27 -19.36
C GLU B 70 13.96 -41.28 -18.27
N SER B 71 15.24 -41.45 -17.94
CA SER B 71 15.63 -42.30 -16.81
C SER B 71 15.80 -41.50 -15.52
N CYS B 72 15.48 -40.21 -15.56
CA CYS B 72 15.63 -39.33 -14.40
C CYS B 72 14.32 -38.73 -13.93
N ALA B 73 13.30 -38.64 -14.78
CA ALA B 73 12.02 -38.06 -14.43
C ALA B 73 11.00 -39.09 -13.98
N ASP B 74 11.38 -40.37 -13.89
CA ASP B 74 10.47 -41.42 -13.47
C ASP B 74 10.84 -41.97 -12.09
N GLY B 75 11.51 -41.18 -11.27
CA GLY B 75 11.88 -41.62 -9.94
C GLY B 75 13.31 -42.14 -9.86
N VAL B 76 14.10 -41.53 -8.97
CA VAL B 76 15.48 -41.93 -8.74
C VAL B 76 15.61 -42.30 -7.27
N GLU B 77 16.07 -43.53 -7.00
CA GLU B 77 16.26 -43.98 -5.64
C GLU B 77 17.45 -43.27 -5.00
N GLY B 78 17.36 -43.09 -3.67
CA GLY B 78 18.42 -42.45 -2.93
C GLY B 78 18.75 -43.24 -1.68
N ASP B 79 19.96 -42.98 -1.16
CA ASP B 79 20.44 -43.62 0.04
C ASP B 79 19.97 -42.86 1.28
N VAL B 80 20.55 -43.14 2.43
CA VAL B 80 20.13 -42.48 3.67
C VAL B 80 20.54 -41.00 3.68
N ALA B 81 21.63 -40.64 2.98
CA ALA B 81 22.10 -39.27 2.97
C ALA B 81 21.54 -38.43 1.83
N ASN B 82 20.79 -39.04 0.92
CA ASN B 82 20.19 -38.32 -0.21
C ASN B 82 18.73 -38.73 -0.31
N TYR B 83 17.82 -37.78 -0.10
CA TYR B 83 16.40 -38.07 -0.19
C TYR B 83 16.02 -38.28 -1.65
N ARG B 84 15.14 -39.24 -1.90
CA ARG B 84 14.90 -39.71 -3.26
C ARG B 84 14.12 -38.70 -4.08
N PHE B 85 14.24 -38.81 -5.39
CA PHE B 85 13.44 -38.04 -6.32
C PHE B 85 12.17 -38.78 -6.66
N PRO B 86 10.99 -38.18 -6.45
CA PRO B 86 9.75 -38.90 -6.77
C PRO B 86 9.52 -39.09 -8.25
N GLY B 87 9.71 -38.04 -9.04
CA GLY B 87 9.49 -38.13 -10.48
C GLY B 87 8.91 -36.87 -11.07
N PHE B 88 8.98 -36.76 -12.40
CA PHE B 88 8.43 -35.64 -13.15
C PHE B 88 7.48 -36.15 -14.23
N ARG B 89 6.55 -37.00 -13.84
CA ARG B 89 5.46 -37.43 -14.71
C ARG B 89 4.15 -36.84 -14.19
N ALA B 90 3.05 -37.23 -14.83
CA ALA B 90 1.75 -36.69 -14.48
C ALA B 90 1.13 -37.34 -13.25
N ASP B 91 1.76 -38.38 -12.70
CA ASP B 91 1.26 -39.05 -11.52
C ASP B 91 2.26 -39.16 -10.38
N ARG B 92 3.46 -38.62 -10.53
CA ARG B 92 4.49 -38.69 -9.50
C ARG B 92 5.17 -37.34 -9.33
N GLY B 93 5.41 -36.96 -8.08
CA GLY B 93 6.26 -35.82 -7.77
C GLY B 93 5.66 -34.46 -8.04
N PHE B 94 6.19 -33.78 -9.05
CA PHE B 94 5.76 -32.43 -9.39
C PHE B 94 4.45 -32.39 -10.16
N PHE B 95 3.96 -33.56 -10.60
CA PHE B 95 2.70 -33.72 -11.33
C PHE B 95 2.68 -32.88 -12.62
N SER B 96 3.80 -32.88 -13.33
CA SER B 96 3.94 -32.22 -14.61
C SER B 96 4.57 -33.21 -15.58
N ASP B 97 4.28 -33.04 -16.87
CA ASP B 97 4.70 -33.99 -17.88
C ASP B 97 5.69 -33.34 -18.84
N LEU B 98 6.80 -34.03 -19.09
CA LEU B 98 7.76 -33.60 -20.10
C LEU B 98 7.36 -34.16 -21.45
N SER B 99 7.51 -33.33 -22.49
CA SER B 99 7.14 -33.73 -23.85
C SER B 99 8.21 -33.24 -24.81
N PHE B 100 8.84 -34.18 -25.52
CA PHE B 100 9.93 -33.88 -26.43
C PHE B 100 9.38 -33.85 -27.86
N ASP B 101 9.01 -32.66 -28.31
CA ASP B 101 8.64 -32.48 -29.71
C ASP B 101 9.89 -32.56 -30.59
N ALA B 102 9.74 -33.21 -31.75
CA ALA B 102 10.84 -33.34 -32.69
C ALA B 102 10.92 -32.17 -33.67
N GLU B 103 9.94 -31.27 -33.66
CA GLU B 103 9.96 -30.09 -34.52
C GLU B 103 10.74 -28.93 -33.91
N THR B 104 10.85 -28.88 -32.59
CA THR B 104 11.53 -27.79 -31.90
C THR B 104 12.95 -28.16 -31.49
N VAL B 105 13.64 -28.95 -32.30
CA VAL B 105 14.99 -29.41 -32.00
C VAL B 105 15.93 -28.82 -33.04
N GLU B 106 16.74 -27.85 -32.63
CA GLU B 106 17.86 -27.41 -33.44
C GLU B 106 19.04 -28.36 -33.24
N ARG B 107 20.05 -28.21 -34.08
CA ARG B 107 21.17 -29.14 -34.04
C ARG B 107 22.43 -28.46 -34.53
N LEU B 108 23.48 -28.51 -33.71
CA LEU B 108 24.78 -27.95 -34.07
C LEU B 108 25.48 -28.93 -35.02
N THR B 109 25.41 -28.63 -36.31
CA THR B 109 26.01 -29.50 -37.31
C THR B 109 27.53 -29.35 -37.30
N LEU B 110 28.20 -30.37 -37.86
CA LEU B 110 29.66 -30.40 -37.86
C LEU B 110 30.29 -29.44 -38.86
N ARG B 111 29.51 -28.90 -39.81
CA ARG B 111 30.05 -27.88 -40.70
C ARG B 111 30.17 -26.53 -40.02
N GLU B 112 29.47 -26.32 -38.90
CA GLU B 112 29.47 -25.05 -38.19
C GLU B 112 30.39 -25.05 -36.98
N LEU B 113 30.58 -26.21 -36.35
CA LEU B 113 31.49 -26.29 -35.21
C LEU B 113 32.94 -26.15 -35.63
N GLU B 114 33.25 -26.50 -36.87
CA GLU B 114 34.58 -26.27 -37.43
C GLU B 114 34.68 -24.96 -38.19
N ALA B 115 33.58 -24.23 -38.33
CA ALA B 115 33.65 -22.88 -38.90
C ALA B 115 34.21 -21.89 -37.90
N LEU B 116 34.14 -22.21 -36.61
CA LEU B 116 34.77 -21.41 -35.56
C LEU B 116 36.19 -21.89 -35.24
N ALA B 117 36.97 -22.11 -36.29
CA ALA B 117 38.40 -22.35 -36.17
C ALA B 117 39.11 -21.50 -37.20
N ARG B 118 38.37 -21.11 -38.24
CA ARG B 118 38.89 -20.20 -39.26
C ARG B 118 39.32 -18.82 -38.76
N PRO B 119 38.61 -18.11 -37.85
CA PRO B 119 39.16 -16.83 -37.37
C PRO B 119 40.46 -16.99 -36.60
N ARG B 120 41.25 -15.92 -36.63
CA ARG B 120 42.65 -16.01 -36.23
C ARG B 120 42.80 -15.95 -34.71
N THR B 121 42.34 -14.86 -34.10
CA THR B 121 42.54 -14.65 -32.68
C THR B 121 41.48 -15.39 -31.86
N LYS B 122 41.50 -15.17 -30.55
CA LYS B 122 40.50 -15.74 -29.65
C LYS B 122 39.26 -14.87 -29.49
N ARG B 123 39.29 -13.64 -30.01
CA ARG B 123 38.11 -12.78 -29.91
C ARG B 123 37.04 -13.19 -30.91
N GLU B 124 37.39 -13.23 -32.19
CA GLU B 124 36.41 -13.55 -33.24
C GLU B 124 35.93 -14.99 -33.16
N ARG B 125 36.76 -15.89 -32.63
CA ARG B 125 36.35 -17.29 -32.48
C ARG B 125 35.23 -17.43 -31.45
N PHE B 126 35.41 -16.81 -30.28
CA PHE B 126 34.37 -16.76 -29.27
C PHE B 126 33.14 -15.99 -29.75
N GLU B 127 33.36 -14.92 -30.54
CA GLU B 127 32.24 -14.15 -31.07
C GLU B 127 31.40 -14.95 -32.05
N GLN B 128 32.05 -15.77 -32.89
CA GLN B 128 31.29 -16.64 -33.78
C GLN B 128 30.60 -17.77 -33.02
N ALA B 129 31.20 -18.24 -31.92
CA ALA B 129 30.54 -19.23 -31.07
C ALA B 129 29.24 -18.69 -30.48
N VAL B 130 29.30 -17.48 -29.90
CA VAL B 130 28.10 -16.81 -29.41
C VAL B 130 27.16 -16.46 -30.57
N ALA B 131 27.70 -16.25 -31.77
CA ALA B 131 26.86 -15.94 -32.93
C ALA B 131 25.97 -17.12 -33.33
N LEU B 132 26.53 -18.32 -33.45
CA LEU B 132 25.62 -19.40 -33.84
C LEU B 132 24.76 -19.86 -32.67
N LEU B 133 25.25 -19.72 -31.43
CA LEU B 133 24.39 -20.06 -30.30
C LEU B 133 23.25 -19.05 -30.13
N ASP B 134 23.43 -17.82 -30.61
CA ASP B 134 22.33 -16.86 -30.67
C ASP B 134 21.41 -17.14 -31.84
N ASP B 135 21.97 -17.55 -32.98
CA ASP B 135 21.18 -17.81 -34.17
C ASP B 135 20.26 -19.01 -33.98
N LYS B 136 20.72 -20.05 -33.28
CA LYS B 136 19.84 -21.19 -33.08
C LYS B 136 18.93 -21.05 -31.86
N LEU B 137 19.09 -20.00 -31.07
CA LEU B 137 18.01 -19.56 -30.18
C LEU B 137 16.98 -18.75 -30.95
N ARG B 138 17.43 -17.98 -31.93
CA ARG B 138 16.52 -17.24 -32.79
C ARG B 138 15.63 -18.16 -33.59
N LEU B 139 16.20 -19.23 -34.16
CA LEU B 139 15.42 -20.18 -34.95
C LEU B 139 14.39 -20.95 -34.13
N LEU B 140 14.59 -21.06 -32.81
CA LEU B 140 13.55 -21.62 -31.95
C LEU B 140 12.52 -20.57 -31.55
N SER B 141 12.95 -19.31 -31.40
CA SER B 141 12.02 -18.27 -30.96
C SER B 141 11.07 -17.83 -32.06
N GLN B 142 11.39 -18.07 -33.33
CA GLN B 142 10.56 -17.62 -34.45
C GLN B 142 9.65 -18.69 -35.00
N LYS B 143 9.53 -19.83 -34.33
CA LYS B 143 8.54 -20.83 -34.72
C LYS B 143 7.15 -20.37 -34.27
N ASP B 144 6.12 -20.98 -34.88
CA ASP B 144 4.75 -20.57 -34.56
C ASP B 144 4.32 -21.07 -33.19
N ARG B 145 4.94 -22.14 -32.70
CA ARG B 145 4.73 -22.62 -31.33
C ARG B 145 6.11 -22.81 -30.72
N PRO B 146 6.68 -21.76 -30.13
CA PRO B 146 8.01 -21.89 -29.52
C PRO B 146 7.96 -22.79 -28.31
N PRO B 147 9.06 -23.48 -27.99
CA PRO B 147 9.07 -24.37 -26.82
C PRO B 147 9.01 -23.60 -25.51
N ASP B 148 8.46 -24.26 -24.50
CA ASP B 148 8.39 -23.69 -23.16
C ASP B 148 9.75 -23.67 -22.47
N TYR B 149 10.72 -24.45 -22.96
CA TYR B 149 11.97 -24.67 -22.25
C TYR B 149 12.99 -25.16 -23.26
N VAL B 150 14.22 -24.68 -23.16
CA VAL B 150 15.27 -25.02 -24.10
C VAL B 150 16.46 -25.54 -23.30
N VAL B 151 16.88 -26.77 -23.59
CA VAL B 151 18.01 -27.41 -22.93
C VAL B 151 19.17 -27.46 -23.92
N LEU B 152 20.17 -26.60 -23.71
CA LEU B 152 21.37 -26.58 -24.55
C LEU B 152 22.32 -27.66 -24.05
N ALA B 153 22.27 -28.84 -24.67
CA ALA B 153 23.21 -29.90 -24.36
C ALA B 153 24.48 -29.67 -25.17
N LEU B 154 25.33 -28.78 -24.66
CA LEU B 154 26.50 -28.35 -25.38
C LEU B 154 27.56 -29.46 -25.42
N PRO B 155 28.23 -29.65 -26.56
CA PRO B 155 29.31 -30.64 -26.63
C PRO B 155 30.51 -30.23 -25.81
N THR B 156 31.32 -31.23 -25.45
CA THR B 156 32.48 -31.01 -24.58
C THR B 156 33.56 -30.19 -25.28
N GLU B 157 33.78 -30.44 -26.58
CA GLU B 157 34.86 -29.77 -27.30
C GLU B 157 34.56 -28.29 -27.53
N LEU B 158 33.29 -27.91 -27.59
CA LEU B 158 32.95 -26.49 -27.71
C LEU B 158 33.16 -25.76 -26.39
N VAL B 159 32.74 -26.39 -25.28
CA VAL B 159 32.83 -25.74 -23.97
C VAL B 159 34.27 -25.67 -23.51
N LYS B 160 35.09 -26.68 -23.85
CA LYS B 160 36.48 -26.70 -23.42
C LYS B 160 37.30 -25.61 -24.09
N ALA B 161 36.96 -25.26 -25.33
CA ALA B 161 37.72 -24.27 -26.08
C ALA B 161 37.13 -22.86 -26.02
N GLN B 162 35.81 -22.71 -25.98
CA GLN B 162 35.17 -21.40 -26.04
C GLN B 162 34.26 -21.13 -24.83
N GLY B 163 34.47 -21.84 -23.72
CA GLY B 163 33.65 -21.60 -22.56
C GLY B 163 34.14 -20.44 -21.71
N ARG B 164 35.45 -20.20 -21.75
CA ARG B 164 36.07 -19.16 -20.92
C ARG B 164 37.24 -18.59 -21.73
N VAL B 165 37.04 -17.44 -22.35
CA VAL B 165 38.04 -16.87 -23.26
C VAL B 165 38.53 -15.56 -22.67
N ASP B 166 39.83 -15.47 -22.42
CA ASP B 166 40.47 -14.25 -21.96
C ASP B 166 41.48 -13.77 -22.99
N TYR B 167 41.48 -12.46 -23.24
CA TYR B 167 42.30 -11.89 -24.29
C TYR B 167 42.68 -10.46 -23.92
N TYR B 168 43.33 -9.78 -24.85
CA TYR B 168 43.71 -8.37 -24.71
C TYR B 168 43.06 -7.60 -25.85
N ASP B 169 42.46 -6.46 -25.52
CA ASP B 169 41.64 -5.70 -26.48
C ASP B 169 42.03 -4.23 -26.46
N LYS B 170 43.34 -3.97 -26.53
CA LYS B 170 43.95 -2.65 -26.76
C LYS B 170 43.58 -1.63 -25.69
N GLN B 171 42.43 -1.00 -25.85
CA GLN B 171 41.97 0.07 -24.97
C GLN B 171 41.24 -0.44 -23.73
N ASP B 172 40.85 -1.72 -23.71
CA ASP B 172 40.14 -2.27 -22.55
C ASP B 172 41.04 -3.08 -21.64
N GLY B 173 42.15 -3.61 -22.15
CA GLY B 173 43.04 -4.41 -21.34
C GLY B 173 42.70 -5.87 -21.37
N GLU B 174 42.93 -6.57 -20.26
CA GLU B 174 42.64 -7.99 -20.16
C GLU B 174 41.14 -8.19 -19.99
N VAL B 175 40.50 -8.78 -20.99
CA VAL B 175 39.05 -9.00 -20.98
C VAL B 175 38.79 -10.49 -20.86
N HIS B 176 37.96 -10.86 -19.89
CA HIS B 176 37.55 -12.24 -19.66
C HIS B 176 36.07 -12.37 -19.99
N ARG B 177 35.74 -13.22 -20.95
CA ARG B 177 34.36 -13.45 -21.37
C ARG B 177 34.00 -14.91 -21.17
N ASP B 178 32.74 -15.13 -20.81
CA ASP B 178 32.23 -16.46 -20.50
C ASP B 178 31.11 -16.79 -21.48
N LEU B 179 31.04 -18.07 -21.86
CA LEU B 179 30.00 -18.49 -22.80
C LEU B 179 28.63 -18.51 -22.15
N ARG B 180 28.56 -18.93 -20.88
CA ARG B 180 27.28 -19.04 -20.19
C ARG B 180 26.63 -17.69 -19.99
N ARG B 181 27.40 -16.67 -19.63
CA ARG B 181 26.86 -15.32 -19.50
C ARG B 181 26.58 -14.66 -20.84
N ALA B 182 27.09 -15.22 -21.94
CA ALA B 182 26.84 -14.68 -23.26
C ALA B 182 25.72 -15.41 -24.00
N ILE B 183 25.18 -16.49 -23.45
CA ILE B 183 24.04 -17.17 -24.05
C ILE B 183 22.81 -17.15 -23.15
N LYS B 184 22.95 -16.79 -21.87
CA LYS B 184 21.78 -16.44 -21.08
C LYS B 184 21.35 -14.99 -21.32
N ALA B 185 22.19 -14.21 -21.99
CA ALA B 185 21.82 -12.85 -22.40
C ALA B 185 21.30 -12.81 -23.82
N SER B 186 21.71 -13.75 -24.68
CA SER B 186 21.14 -13.87 -26.01
C SER B 186 19.82 -14.62 -26.02
N ALA B 187 19.57 -15.46 -25.01
CA ALA B 187 18.27 -16.11 -24.84
C ALA B 187 17.25 -15.21 -24.16
N MET B 188 17.68 -14.05 -23.67
CA MET B 188 16.79 -13.14 -22.97
C MET B 188 16.12 -12.15 -23.91
N LYS B 189 16.80 -11.77 -25.00
CA LYS B 189 16.19 -10.94 -26.02
C LYS B 189 15.23 -11.72 -26.91
N TYR B 190 15.24 -13.05 -26.85
CA TYR B 190 14.31 -13.89 -27.58
C TYR B 190 13.26 -14.53 -26.69
N ARG B 191 13.31 -14.27 -25.38
CA ARG B 191 12.36 -14.76 -24.37
C ARG B 191 12.26 -16.28 -24.38
N LEU B 192 13.39 -16.93 -24.14
CA LEU B 192 13.48 -18.39 -24.06
C LEU B 192 14.28 -18.76 -22.82
N PRO B 193 13.65 -19.25 -21.76
CA PRO B 193 14.41 -19.72 -20.59
C PRO B 193 15.16 -21.00 -20.92
N THR B 194 16.48 -20.98 -20.72
CA THR B 194 17.35 -22.05 -21.19
C THR B 194 18.05 -22.72 -20.01
N GLN B 195 18.72 -23.83 -20.33
CA GLN B 195 19.40 -24.65 -19.35
C GLN B 195 20.57 -25.35 -20.02
N ILE B 196 21.79 -24.99 -19.62
CA ILE B 196 22.98 -25.62 -20.20
C ILE B 196 23.23 -26.94 -19.48
N LEU B 197 23.37 -28.02 -20.24
CA LEU B 197 23.49 -29.37 -19.69
C LEU B 197 24.67 -30.07 -20.35
N LEU B 198 25.83 -30.02 -19.70
CA LEU B 198 27.06 -30.57 -20.28
C LEU B 198 27.05 -32.10 -20.21
N GLN B 199 28.07 -32.70 -20.82
CA GLN B 199 28.19 -34.16 -20.84
C GLN B 199 28.66 -34.75 -19.52
N ARG B 200 29.15 -33.93 -18.57
CA ARG B 200 29.60 -34.49 -17.31
C ARG B 200 28.44 -34.92 -16.41
N THR B 201 27.23 -34.44 -16.69
CA THR B 201 26.04 -34.76 -15.91
C THR B 201 25.21 -35.84 -16.57
N THR B 202 24.95 -35.72 -17.88
CA THR B 202 24.08 -36.68 -18.57
C THR B 202 24.76 -38.03 -18.76
N GLU B 203 26.09 -38.06 -18.87
CA GLU B 203 26.83 -39.29 -19.07
C GLU B 203 27.49 -39.79 -17.79
N ALA B 204 27.10 -39.25 -16.64
CA ALA B 204 27.76 -39.61 -15.39
C ALA B 204 27.33 -41.00 -14.93
N THR B 205 28.31 -41.85 -14.70
CA THR B 205 28.14 -43.21 -14.19
C THR B 205 27.88 -43.19 -12.69
N PRO B 206 27.11 -44.15 -12.18
CA PRO B 206 26.93 -44.25 -10.72
C PRO B 206 28.23 -44.63 -10.03
N GLY B 207 28.37 -44.14 -8.79
CA GLY B 207 29.59 -44.33 -8.04
C GLY B 207 30.79 -43.60 -8.62
N SER B 208 30.58 -42.41 -9.18
CA SER B 208 31.65 -41.60 -9.74
C SER B 208 31.65 -40.23 -9.10
N LYS B 209 32.83 -39.65 -8.98
CA LYS B 209 33.01 -38.39 -8.28
C LYS B 209 32.76 -37.22 -9.23
N ASP B 210 32.94 -35.99 -8.71
CA ASP B 210 32.82 -34.69 -9.36
C ASP B 210 31.40 -34.32 -9.78
N VAL B 211 30.44 -35.22 -9.58
CA VAL B 211 29.02 -34.95 -9.70
C VAL B 211 28.33 -35.49 -8.46
N ASP B 212 27.09 -35.05 -8.25
CA ASP B 212 26.31 -35.53 -7.12
C ASP B 212 25.86 -36.97 -7.34
N HIS B 213 25.20 -37.51 -6.32
CA HIS B 213 24.37 -38.68 -6.55
C HIS B 213 23.17 -38.26 -7.39
N LEU B 214 22.61 -39.20 -8.15
CA LEU B 214 21.60 -38.89 -9.16
C LEU B 214 20.31 -38.35 -8.56
N SER B 215 20.07 -38.57 -7.26
CA SER B 215 18.94 -37.94 -6.58
C SER B 215 19.07 -36.43 -6.54
N LYS B 216 20.26 -35.93 -6.17
CA LYS B 216 20.45 -34.47 -6.12
C LYS B 216 20.56 -33.88 -7.51
N CYS B 217 21.13 -34.63 -8.47
CA CYS B 217 21.15 -34.18 -9.85
C CYS B 217 19.74 -34.13 -10.44
N ALA B 218 18.83 -34.97 -9.93
CA ALA B 218 17.43 -34.88 -10.32
C ALA B 218 16.77 -33.67 -9.68
N TRP B 219 17.01 -33.47 -8.37
CA TRP B 219 16.31 -32.44 -7.61
C TRP B 219 16.68 -31.04 -8.08
N ASN B 220 17.98 -30.75 -8.17
CA ASN B 220 18.43 -29.42 -8.52
C ASN B 220 18.15 -29.07 -9.98
N PHE B 221 18.01 -30.09 -10.84
CA PHE B 221 17.64 -29.83 -12.22
C PHE B 221 16.13 -29.57 -12.34
N PHE B 222 15.31 -30.45 -11.74
CA PHE B 222 13.89 -30.38 -12.00
C PHE B 222 13.18 -29.32 -11.17
N THR B 223 13.75 -28.86 -10.04
CA THR B 223 13.17 -27.70 -9.38
C THR B 223 13.35 -26.43 -10.23
N GLY B 224 14.54 -26.29 -10.84
CA GLY B 224 14.75 -25.18 -11.77
C GLY B 224 13.93 -25.31 -13.02
N LEU B 225 13.72 -26.54 -13.51
CA LEU B 225 12.86 -26.74 -14.68
C LEU B 225 11.41 -26.44 -14.35
N TYR B 226 10.98 -26.72 -13.12
CA TYR B 226 9.60 -26.43 -12.75
C TYR B 226 9.39 -24.93 -12.55
N TYR B 227 10.40 -24.22 -12.04
CA TYR B 227 10.23 -22.78 -11.90
C TYR B 227 10.37 -22.04 -13.23
N LYS B 228 11.27 -22.48 -14.11
CA LYS B 228 11.54 -21.75 -15.34
C LYS B 228 10.41 -21.87 -16.36
N THR B 229 9.55 -22.87 -16.24
CA THR B 229 8.42 -23.04 -17.14
C THR B 229 7.13 -22.47 -16.57
N GLY B 230 7.24 -21.54 -15.63
CA GLY B 230 6.08 -21.00 -14.95
C GLY B 230 5.68 -21.83 -13.75
N GLY B 231 5.02 -21.19 -12.79
CA GLY B 231 4.66 -21.83 -11.55
C GLY B 231 5.74 -21.69 -10.50
N VAL B 232 5.33 -21.88 -9.25
CA VAL B 232 6.23 -21.67 -8.12
C VAL B 232 6.33 -22.94 -7.29
N PRO B 233 7.55 -23.41 -6.97
CA PRO B 233 7.69 -24.60 -6.14
C PRO B 233 7.27 -24.39 -4.68
N TRP B 234 7.78 -23.35 -4.03
CA TRP B 234 7.45 -23.07 -2.65
C TRP B 234 7.56 -21.58 -2.38
N ILE B 235 6.75 -21.11 -1.43
CA ILE B 235 6.80 -19.72 -0.96
C ILE B 235 6.97 -19.76 0.56
N PRO B 236 7.57 -18.77 1.20
CA PRO B 236 7.75 -18.82 2.66
C PRO B 236 6.45 -18.43 3.37
N ALA B 237 6.45 -18.62 4.69
CA ALA B 237 5.31 -18.31 5.53
C ALA B 237 5.53 -17.07 6.38
N GLY B 238 6.66 -17.00 7.09
CA GLY B 238 6.90 -15.90 8.00
C GLY B 238 7.55 -14.68 7.36
N LEU B 239 6.78 -13.95 6.55
CA LEU B 239 7.26 -12.72 5.94
C LEU B 239 6.14 -11.69 5.96
N SER B 240 6.52 -10.44 5.74
CA SER B 240 5.62 -9.32 5.93
C SER B 240 4.71 -9.14 4.72
N ASN B 241 3.96 -8.04 4.72
CA ASN B 241 2.85 -7.79 3.79
C ASN B 241 2.97 -6.40 3.18
N GLY B 242 4.12 -6.10 2.58
CA GLY B 242 4.39 -4.74 2.15
C GLY B 242 5.86 -4.37 2.16
N THR B 243 6.71 -5.28 2.63
CA THR B 243 8.14 -5.12 2.47
C THR B 243 8.54 -5.18 1.00
N CYS B 244 9.65 -4.50 0.69
CA CYS B 244 10.13 -4.30 -0.68
C CYS B 244 11.63 -4.57 -0.71
N TYR B 245 12.02 -5.79 -0.30
CA TYR B 245 13.42 -6.22 -0.20
C TYR B 245 14.23 -5.94 -1.48
N VAL B 246 15.23 -5.08 -1.33
CA VAL B 246 16.12 -4.67 -2.42
C VAL B 246 17.49 -5.29 -2.13
N GLY B 247 18.17 -5.76 -3.16
CA GLY B 247 19.40 -6.51 -2.95
C GLY B 247 20.68 -5.98 -3.56
N ILE B 248 20.98 -4.69 -3.43
CA ILE B 248 22.00 -3.98 -4.22
C ILE B 248 23.39 -4.59 -4.12
N SER B 249 23.98 -4.97 -5.26
CA SER B 249 25.33 -5.51 -5.27
C SER B 249 26.16 -4.85 -6.35
N PHE B 250 27.45 -4.64 -6.06
CA PHE B 250 28.34 -3.90 -6.94
C PHE B 250 29.17 -4.85 -7.80
N HIS B 251 29.52 -4.38 -8.99
CA HIS B 251 30.17 -5.21 -9.99
C HIS B 251 31.12 -4.36 -10.81
N GLN B 252 32.28 -4.93 -11.15
CA GLN B 252 33.27 -4.22 -11.94
C GLN B 252 32.83 -4.08 -13.39
N LEU B 253 33.37 -3.06 -14.06
CA LEU B 253 33.16 -2.91 -15.48
C LEU B 253 33.96 -3.96 -16.25
N LEU B 254 33.53 -4.22 -17.48
CA LEU B 254 34.16 -5.24 -18.32
C LEU B 254 35.48 -4.70 -18.85
N GLY B 255 36.59 -5.24 -18.35
CA GLY B 255 37.90 -4.82 -18.79
C GLY B 255 38.87 -4.57 -17.65
N SER B 256 40.17 -4.65 -17.92
CA SER B 256 41.19 -4.38 -16.93
C SER B 256 41.73 -2.96 -16.98
N LYS B 257 41.20 -2.12 -17.87
CA LYS B 257 41.56 -0.71 -17.93
C LYS B 257 40.43 0.23 -17.56
N ASN B 258 39.18 -0.23 -17.64
CA ASN B 258 38.03 0.57 -17.20
C ASN B 258 37.89 0.40 -15.70
N SER B 259 38.13 1.48 -14.96
CA SER B 259 37.99 1.49 -13.51
C SER B 259 36.61 2.02 -13.15
N GLY B 260 35.82 1.20 -12.47
CA GLY B 260 34.47 1.59 -12.11
C GLY B 260 33.67 0.45 -11.52
N TYR B 261 32.59 0.79 -10.82
CA TYR B 261 31.75 -0.21 -10.17
C TYR B 261 30.29 0.19 -10.38
N PHE B 262 29.57 -0.59 -11.17
CA PHE B 262 28.14 -0.33 -11.34
C PHE B 262 27.35 -1.25 -10.42
N THR B 263 26.03 -1.08 -10.42
CA THR B 263 25.17 -1.73 -9.44
C THR B 263 24.31 -2.80 -10.08
N GLY B 264 23.68 -3.59 -9.22
CA GLY B 264 22.70 -4.58 -9.60
C GLY B 264 21.58 -4.64 -8.58
N LEU B 265 20.35 -4.56 -9.07
CA LEU B 265 19.15 -4.48 -8.26
C LEU B 265 18.46 -5.84 -8.19
N ALA B 266 17.67 -6.03 -7.13
CA ALA B 266 16.85 -7.23 -7.01
C ALA B 266 15.68 -6.90 -6.09
N GLN B 267 14.51 -6.62 -6.67
CA GLN B 267 13.31 -6.50 -5.87
C GLN B 267 12.77 -7.89 -5.54
N ALA B 268 12.38 -8.09 -4.29
CA ALA B 268 11.82 -9.35 -3.83
C ALA B 268 10.61 -9.02 -2.98
N PHE B 269 9.42 -9.06 -3.57
CA PHE B 269 8.26 -8.56 -2.84
C PHE B 269 7.11 -9.55 -2.95
N ASP B 270 5.96 -9.17 -2.38
CA ASP B 270 4.83 -10.08 -2.22
C ASP B 270 3.66 -9.55 -3.04
N GLU B 271 3.09 -10.40 -3.88
CA GLU B 271 1.96 -10.04 -4.74
C GLU B 271 0.79 -10.94 -4.36
N GLN B 272 -0.16 -10.37 -3.60
CA GLN B 272 -1.40 -11.00 -3.17
C GLN B 272 -1.18 -12.32 -2.44
N GLY B 273 -1.78 -13.39 -2.93
CA GLY B 273 -1.58 -14.73 -2.40
C GLY B 273 -0.63 -15.59 -3.21
N ASN B 274 0.08 -15.01 -4.18
CA ASN B 274 1.04 -15.76 -4.98
C ASN B 274 2.36 -15.98 -4.27
N GLY B 275 2.60 -15.29 -3.17
CA GLY B 275 3.86 -15.41 -2.45
C GLY B 275 4.92 -14.47 -2.99
N LEU B 276 6.19 -14.84 -2.81
CA LEU B 276 7.29 -14.00 -3.23
C LEU B 276 7.44 -14.00 -4.75
N VAL B 277 7.60 -12.81 -5.32
CA VAL B 277 7.98 -12.63 -6.70
C VAL B 277 9.31 -11.87 -6.73
N LEU B 278 10.17 -12.28 -7.65
CA LEU B 278 11.54 -11.78 -7.78
C LEU B 278 11.64 -11.00 -9.08
N ARG B 279 11.73 -9.68 -8.97
CA ARG B 279 11.95 -8.81 -10.11
C ARG B 279 13.35 -8.22 -10.02
N GLY B 280 13.81 -7.65 -11.13
CA GLY B 280 15.06 -6.91 -11.05
C GLY B 280 15.62 -6.42 -12.36
N GLN B 281 16.04 -5.15 -12.36
CA GLN B 281 16.89 -4.54 -13.39
C GLN B 281 16.24 -4.59 -14.77
N ASP B 282 15.16 -3.81 -14.90
CA ASP B 282 14.50 -3.63 -16.19
C ASP B 282 15.34 -2.79 -17.16
N PHE B 283 16.36 -2.11 -16.67
CA PHE B 283 17.15 -1.13 -17.41
C PHE B 283 18.62 -1.51 -17.41
N VAL B 284 19.41 -0.73 -18.16
CA VAL B 284 20.87 -0.82 -18.16
C VAL B 284 21.41 0.54 -17.77
N TRP B 285 22.37 0.56 -16.84
CA TRP B 285 22.99 1.81 -16.41
C TRP B 285 23.74 2.47 -17.57
N ASP B 286 23.64 3.79 -17.63
CA ASP B 286 24.34 4.56 -18.66
C ASP B 286 25.84 4.51 -18.42
N VAL B 287 26.60 4.55 -19.52
CA VAL B 287 28.05 4.39 -19.45
C VAL B 287 28.76 5.57 -18.80
N GLY B 288 28.09 6.71 -18.64
CA GLY B 288 28.68 7.84 -17.95
C GLY B 288 28.43 7.91 -16.47
N LYS B 289 27.78 6.89 -15.88
CA LYS B 289 27.45 6.95 -14.46
C LYS B 289 28.58 6.37 -13.60
N HIS B 290 28.87 5.08 -13.77
CA HIS B 290 29.98 4.35 -13.14
C HIS B 290 30.06 4.49 -11.63
N GLY B 291 30.98 5.31 -11.16
CA GLY B 291 31.36 5.33 -9.75
C GLY B 291 32.79 4.82 -9.61
N ASN B 292 33.71 5.70 -9.22
CA ASN B 292 35.13 5.34 -9.15
C ASN B 292 35.38 4.35 -8.02
N SER B 293 34.72 4.53 -6.88
CA SER B 293 34.93 3.65 -5.75
C SER B 293 34.04 2.41 -5.88
N ALA B 294 34.14 1.52 -4.89
CA ALA B 294 33.31 0.33 -4.89
C ALA B 294 31.85 0.65 -4.59
N HIS B 295 31.59 1.70 -3.82
CA HIS B 295 30.24 2.10 -3.48
C HIS B 295 29.63 2.96 -4.58
N MET B 296 28.49 3.58 -4.27
CA MET B 296 27.72 4.34 -5.24
C MET B 296 27.49 5.77 -4.77
N PRO B 297 27.42 6.73 -5.70
CA PRO B 297 27.18 8.13 -5.30
C PRO B 297 25.72 8.45 -5.09
N ALA B 298 25.43 9.73 -4.83
CA ALA B 298 24.09 10.19 -4.45
C ALA B 298 23.08 10.34 -5.59
N PRO B 299 23.40 10.85 -6.80
CA PRO B 299 22.39 10.79 -7.87
C PRO B 299 22.03 9.38 -8.31
N ILE B 300 22.98 8.44 -8.27
CA ILE B 300 22.67 7.04 -8.51
C ILE B 300 21.77 6.50 -7.41
N ALA B 301 22.02 6.92 -6.16
CA ALA B 301 21.18 6.51 -5.04
C ALA B 301 19.77 7.06 -5.15
N GLU B 302 19.61 8.26 -5.72
CA GLU B 302 18.28 8.81 -5.89
C GLU B 302 17.55 8.22 -7.10
N GLU B 303 18.28 7.84 -8.16
CA GLU B 303 17.65 7.24 -9.32
C GLU B 303 17.26 5.78 -9.06
N LEU B 304 18.14 5.04 -8.37
CA LEU B 304 17.98 3.60 -8.16
C LEU B 304 16.73 3.29 -7.33
N VAL B 305 16.60 3.93 -6.17
CA VAL B 305 15.45 3.62 -5.32
C VAL B 305 14.17 4.24 -5.89
N SER B 306 14.28 5.27 -6.72
CA SER B 306 13.12 5.76 -7.47
C SER B 306 12.62 4.70 -8.44
N ARG B 307 13.54 4.03 -9.13
CA ARG B 307 13.11 2.94 -10.02
C ARG B 307 12.63 1.73 -9.24
N VAL B 308 13.13 1.54 -8.02
CA VAL B 308 12.59 0.50 -7.13
C VAL B 308 11.13 0.78 -6.78
N LEU B 309 10.82 2.00 -6.35
CA LEU B 309 9.44 2.34 -6.04
C LEU B 309 8.57 2.40 -7.30
N LYS B 310 9.17 2.67 -8.47
CA LYS B 310 8.42 2.60 -9.72
C LYS B 310 8.05 1.16 -10.05
N ARG B 311 8.95 0.21 -9.78
CA ARG B 311 8.61 -1.19 -9.96
C ARG B 311 7.59 -1.69 -8.94
N TYR B 312 7.61 -1.14 -7.72
CA TYR B 312 6.63 -1.57 -6.74
C TYR B 312 5.24 -0.98 -7.02
N ARG B 313 5.17 0.29 -7.44
CA ARG B 313 3.88 0.86 -7.82
C ARG B 313 3.58 0.62 -9.31
N ASP B 314 3.78 -0.60 -9.76
CA ASP B 314 3.33 -1.04 -11.07
C ASP B 314 2.83 -2.47 -11.08
N GLU B 315 2.94 -3.19 -9.97
CA GLU B 315 2.56 -4.59 -9.93
C GLU B 315 1.72 -4.85 -8.67
N LEU B 316 1.90 -4.00 -7.66
CA LEU B 316 1.09 -4.02 -6.45
C LEU B 316 0.20 -2.80 -6.31
N LYS B 317 0.45 -1.76 -7.10
CA LYS B 317 -0.36 -0.54 -7.21
C LYS B 317 -0.44 0.24 -5.89
N GLN B 318 0.53 0.04 -4.99
CA GLN B 318 0.57 0.73 -3.71
C GLN B 318 1.99 1.21 -3.47
N SER B 319 2.13 2.21 -2.62
CA SER B 319 3.45 2.53 -2.10
C SER B 319 3.87 1.46 -1.09
N PRO B 320 5.14 1.07 -1.07
CA PRO B 320 5.55 0.00 -0.16
C PRO B 320 5.57 0.47 1.29
N ARG B 321 5.24 -0.45 2.19
CA ARG B 321 5.26 -0.13 3.62
C ARG B 321 6.69 -0.06 4.14
N ARG B 322 7.54 -0.99 3.72
CA ARG B 322 8.93 -1.06 4.15
C ARG B 322 9.84 -1.31 2.96
N VAL B 323 11.02 -0.72 2.98
CA VAL B 323 12.04 -0.96 1.96
C VAL B 323 13.31 -1.37 2.70
N VAL B 324 13.75 -2.62 2.48
CA VAL B 324 14.90 -3.18 3.16
C VAL B 324 16.01 -3.37 2.14
N ILE B 325 17.02 -2.52 2.19
CA ILE B 325 18.07 -2.55 1.18
C ILE B 325 19.26 -3.33 1.70
N HIS B 326 19.30 -4.62 1.38
CA HIS B 326 20.50 -5.42 1.60
C HIS B 326 21.58 -4.99 0.63
N LYS B 327 22.83 -5.03 1.09
CA LYS B 327 23.94 -4.62 0.25
C LYS B 327 25.20 -5.32 0.72
N THR B 328 26.10 -5.61 -0.22
CA THR B 328 27.34 -6.30 0.12
C THR B 328 28.31 -5.38 0.85
N THR B 329 28.45 -4.15 0.41
CA THR B 329 29.44 -3.23 0.98
C THR B 329 28.82 -2.39 2.09
N GLU B 330 29.67 -1.71 2.84
CA GLU B 330 29.23 -0.83 3.91
C GLU B 330 28.58 0.43 3.34
N PHE B 331 27.88 1.16 4.22
CA PHE B 331 27.18 2.38 3.83
C PHE B 331 28.04 3.59 4.16
N TRP B 332 28.58 4.23 3.12
CA TRP B 332 29.27 5.49 3.26
C TRP B 332 28.27 6.62 3.51
N PRO B 333 28.72 7.74 4.11
CA PRO B 333 27.79 8.86 4.32
C PRO B 333 27.36 9.56 3.04
N GLU B 334 28.05 9.36 1.93
CA GLU B 334 27.60 9.95 0.66
C GLU B 334 26.35 9.24 0.15
N GLU B 335 26.32 7.92 0.25
CA GLU B 335 25.19 7.11 -0.20
C GLU B 335 24.16 6.89 0.89
N ARG B 336 24.47 7.21 2.13
CA ARG B 336 23.46 7.14 3.19
C ARG B 336 22.48 8.30 3.09
N ALA B 337 22.92 9.44 2.57
CA ALA B 337 22.05 10.56 2.24
C ALA B 337 21.76 10.48 0.75
N GLY B 338 20.57 9.98 0.41
CA GLY B 338 20.21 9.69 -0.96
C GLY B 338 19.44 8.38 -1.02
N LEU B 339 19.75 7.47 -0.10
CA LEU B 339 18.88 6.36 0.23
C LEU B 339 17.95 6.68 1.39
N GLN B 340 17.99 7.91 1.87
CA GLN B 340 17.14 8.39 2.95
C GLN B 340 16.33 9.61 2.55
N SER B 341 16.90 10.51 1.74
CA SER B 341 16.13 11.63 1.21
C SER B 341 15.18 11.19 0.11
N ALA B 342 15.53 10.15 -0.63
CA ALA B 342 14.68 9.64 -1.69
C ALA B 342 13.80 8.48 -1.23
N LEU B 343 13.84 8.13 0.05
CA LEU B 343 12.90 7.20 0.65
C LEU B 343 11.93 7.91 1.60
N SER B 344 11.63 9.17 1.30
CA SER B 344 10.69 9.93 2.13
C SER B 344 9.24 9.57 1.85
N GLY B 345 8.96 8.89 0.74
CA GLY B 345 7.62 8.40 0.46
C GLY B 345 7.29 7.07 1.06
N VAL B 346 8.24 6.46 1.76
CA VAL B 346 8.07 5.14 2.39
C VAL B 346 8.18 5.34 3.90
N ASP B 347 7.30 4.68 4.64
CA ASP B 347 7.22 4.83 6.10
C ASP B 347 8.51 4.41 6.78
N GLN B 348 8.86 3.13 6.69
CA GLN B 348 10.04 2.60 7.34
C GLN B 348 11.03 2.09 6.31
N PHE B 349 12.31 2.23 6.60
CA PHE B 349 13.37 1.68 5.75
C PHE B 349 14.41 1.01 6.63
N ASP B 350 15.25 0.19 5.99
CA ASP B 350 16.25 -0.58 6.73
C ASP B 350 17.47 -0.76 5.83
N LEU B 351 18.45 0.12 5.97
CA LEU B 351 19.70 0.04 5.23
C LEU B 351 20.59 -0.98 5.91
N VAL B 352 20.75 -2.15 5.29
CA VAL B 352 21.41 -3.30 5.90
C VAL B 352 22.60 -3.68 5.01
N ALA B 353 23.74 -3.96 5.64
CA ALA B 353 24.96 -4.29 4.91
C ALA B 353 25.59 -5.52 5.56
N VAL B 354 25.51 -6.66 4.87
CA VAL B 354 26.09 -7.91 5.34
C VAL B 354 27.15 -8.37 4.35
N ARG B 355 28.10 -9.16 4.85
CA ARG B 355 29.18 -9.73 4.06
C ARG B 355 29.76 -10.89 4.87
N PRO B 356 30.07 -12.02 4.25
CA PRO B 356 30.75 -13.11 4.98
C PRO B 356 32.14 -12.68 5.43
N THR B 357 32.52 -13.17 6.61
CA THR B 357 33.75 -12.73 7.24
C THR B 357 34.91 -13.64 6.84
N GLU B 358 36.10 -13.30 7.33
CA GLU B 358 37.33 -13.90 6.84
C GLU B 358 37.98 -14.83 7.86
N ASP B 359 38.26 -14.35 9.07
CA ASP B 359 38.98 -15.13 10.07
C ASP B 359 38.14 -15.57 11.26
N ILE B 360 37.20 -14.74 11.71
CA ILE B 360 36.43 -15.07 12.91
C ILE B 360 35.41 -16.15 12.56
N ARG B 361 35.44 -17.25 13.31
CA ARG B 361 34.58 -18.39 13.01
C ARG B 361 34.40 -19.21 14.27
N LEU B 362 33.17 -19.30 14.78
CA LEU B 362 32.95 -20.06 16.00
C LEU B 362 32.96 -21.56 15.72
N PHE B 363 33.49 -22.31 16.68
CA PHE B 363 33.67 -23.74 16.56
C PHE B 363 32.92 -24.42 17.70
N ARG B 364 32.95 -25.74 17.71
CA ARG B 364 32.31 -26.50 18.78
C ARG B 364 33.14 -27.73 19.08
N ASP B 365 33.10 -28.17 20.34
CA ASP B 365 33.89 -29.31 20.81
C ASP B 365 33.36 -30.67 20.33
N ALA B 366 32.20 -30.72 19.70
CA ALA B 366 31.66 -31.96 19.16
C ALA B 366 32.29 -32.24 17.79
N ARG B 367 31.75 -33.21 17.05
CA ARG B 367 32.27 -33.52 15.73
C ARG B 367 31.53 -32.81 14.60
N TYR B 368 30.40 -32.17 14.89
CA TYR B 368 29.56 -31.55 13.89
C TYR B 368 29.54 -30.04 14.10
N PRO B 369 29.34 -29.25 13.04
CA PRO B 369 29.46 -27.79 13.19
C PRO B 369 28.33 -27.17 13.97
N ILE B 370 28.61 -25.95 14.43
CA ILE B 370 27.62 -25.09 15.09
C ILE B 370 26.47 -24.78 14.13
N LEU B 371 25.27 -24.70 14.69
CA LEU B 371 24.03 -24.87 13.93
C LEU B 371 23.75 -23.70 13.00
N ARG B 372 22.73 -23.90 12.15
CA ARG B 372 22.23 -22.86 11.28
C ARG B 372 21.18 -22.04 12.00
N GLY B 373 21.42 -20.74 12.12
CA GLY B 373 20.49 -19.83 12.77
C GLY B 373 21.03 -19.17 14.02
N SER B 374 22.29 -19.40 14.37
CA SER B 374 22.87 -18.77 15.55
C SER B 374 23.13 -17.29 15.29
N HIS B 375 23.20 -16.54 16.39
CA HIS B 375 23.24 -15.07 16.33
C HIS B 375 24.33 -14.57 17.29
N ILE B 376 25.56 -15.02 17.08
CA ILE B 376 26.62 -14.73 18.06
C ILE B 376 27.04 -13.27 17.96
N SER B 377 27.00 -12.57 19.09
CA SER B 377 27.38 -11.17 19.16
C SER B 377 28.66 -11.04 19.97
N LEU B 378 29.74 -10.65 19.32
CA LEU B 378 31.02 -10.42 19.99
C LEU B 378 31.17 -8.95 20.36
N GLY B 379 30.26 -8.47 21.19
CA GLY B 379 30.24 -7.06 21.52
C GLY B 379 29.41 -6.27 20.53
N ASP B 380 30.06 -5.64 19.56
CA ASP B 380 29.36 -4.96 18.48
C ASP B 380 29.25 -5.78 17.21
N MET B 381 30.12 -6.76 17.01
CA MET B 381 30.06 -7.60 15.82
C MET B 381 28.91 -8.59 15.95
N HIS B 382 28.12 -8.70 14.89
CA HIS B 382 26.99 -9.63 14.84
C HIS B 382 27.25 -10.67 13.77
N LEU B 383 27.13 -11.94 14.14
CA LEU B 383 27.47 -13.07 13.27
C LEU B 383 26.25 -13.97 13.17
N LEU B 384 25.72 -14.11 11.95
CA LEU B 384 24.57 -14.95 11.69
C LEU B 384 24.98 -16.17 10.89
N TYR B 385 24.51 -17.33 11.33
CA TYR B 385 24.76 -18.61 10.66
C TYR B 385 23.58 -18.97 9.77
N THR B 386 23.67 -18.59 8.51
CA THR B 386 22.75 -19.08 7.50
C THR B 386 23.17 -20.43 6.94
N THR B 387 24.40 -20.86 7.23
CA THR B 387 24.88 -22.20 6.90
C THR B 387 25.42 -22.88 8.15
N GLY B 388 25.18 -24.17 8.25
CA GLY B 388 25.66 -24.93 9.38
C GLY B 388 24.92 -26.26 9.46
N TYR B 389 25.06 -26.91 10.61
CA TYR B 389 24.27 -28.09 10.90
C TYR B 389 22.82 -27.69 11.04
N ILE B 390 21.93 -28.51 10.50
CA ILE B 390 20.50 -28.22 10.49
C ILE B 390 19.79 -29.26 11.33
N SER B 391 18.99 -28.79 12.30
CA SER B 391 18.35 -29.68 13.25
C SER B 391 17.15 -30.42 12.66
N ALA B 392 16.62 -29.95 11.53
CA ALA B 392 15.49 -30.64 10.92
C ALA B 392 15.93 -31.93 10.24
N LEU B 393 17.06 -31.91 9.55
CA LEU B 393 17.53 -33.08 8.82
C LEU B 393 18.59 -33.87 9.59
N GLN B 394 19.15 -33.29 10.64
CA GLN B 394 20.25 -33.86 11.45
C GLN B 394 21.44 -34.28 10.60
N ALA B 395 21.86 -33.38 9.72
CA ALA B 395 23.03 -33.60 8.90
C ALA B 395 23.65 -32.26 8.55
N PHE B 396 24.93 -32.31 8.16
CA PHE B 396 25.65 -31.15 7.63
C PHE B 396 25.97 -31.45 6.17
N PRO B 397 25.12 -31.05 5.22
CA PRO B 397 25.29 -31.42 3.81
C PRO B 397 26.26 -30.51 3.04
N HIS B 398 27.40 -30.21 3.65
CA HIS B 398 28.44 -29.40 3.04
C HIS B 398 29.78 -29.96 3.49
N GLY B 399 30.85 -29.20 3.25
CA GLY B 399 32.16 -29.58 3.70
C GLY B 399 32.80 -28.47 4.50
N HIS B 400 33.84 -28.83 5.24
CA HIS B 400 34.65 -27.95 6.10
C HIS B 400 33.75 -27.32 7.16
N VAL B 401 34.01 -26.07 7.52
CA VAL B 401 33.27 -25.36 8.55
C VAL B 401 32.56 -24.18 7.87
N PRO B 402 31.31 -23.89 8.22
CA PRO B 402 30.62 -22.75 7.60
C PRO B 402 31.20 -21.40 8.02
N LEU B 403 31.17 -20.45 7.07
CA LEU B 403 31.55 -19.07 7.36
C LEU B 403 30.40 -18.34 8.04
N PRO B 404 30.71 -17.48 9.02
CA PRO B 404 29.69 -16.58 9.54
C PRO B 404 29.30 -15.54 8.51
N LEU B 405 28.08 -15.05 8.64
CA LEU B 405 27.63 -13.88 7.87
C LEU B 405 27.70 -12.70 8.84
N LYS B 406 28.73 -11.88 8.65
CA LYS B 406 28.91 -10.70 9.49
C LYS B 406 27.97 -9.59 9.06
N LEU B 407 27.27 -9.00 10.01
CA LEU B 407 26.48 -7.80 9.75
C LEU B 407 27.43 -6.61 9.86
N THR B 408 27.87 -6.08 8.72
CA THR B 408 28.84 -5.00 8.73
C THR B 408 28.21 -3.65 9.08
N ASP B 409 26.97 -3.41 8.69
CA ASP B 409 26.36 -2.11 8.95
C ASP B 409 24.83 -2.24 9.01
N HIS B 410 24.21 -1.39 9.82
CA HIS B 410 22.76 -1.37 9.92
C HIS B 410 22.30 0.03 10.32
N LEU B 411 21.27 0.53 9.64
CA LEU B 411 20.61 1.77 10.03
C LEU B 411 19.16 1.71 9.58
N GLY B 412 18.23 1.83 10.52
CA GLY B 412 16.83 1.84 10.14
C GLY B 412 15.92 1.74 11.34
N ASP B 413 14.64 1.56 11.04
CA ASP B 413 13.59 1.51 12.04
C ASP B 413 13.41 0.14 12.67
N SER B 414 13.99 -0.90 12.08
CA SER B 414 13.90 -2.25 12.63
C SER B 414 15.07 -2.51 13.55
N SER B 415 14.96 -3.60 14.30
CA SER B 415 16.03 -4.01 15.21
C SER B 415 17.10 -4.76 14.42
N ILE B 416 18.04 -5.38 15.14
CA ILE B 416 19.01 -6.25 14.49
C ILE B 416 18.47 -7.67 14.39
N SER B 417 17.79 -8.13 15.45
CA SER B 417 17.22 -9.46 15.47
C SER B 417 16.07 -9.61 14.48
N THR B 418 15.29 -8.53 14.27
CA THR B 418 14.17 -8.61 13.34
C THR B 418 14.65 -8.73 11.90
N VAL B 419 15.64 -7.92 11.51
CA VAL B 419 16.12 -8.00 10.13
C VAL B 419 16.98 -9.24 9.93
N LEU B 420 17.63 -9.75 10.97
CA LEU B 420 18.32 -11.02 10.81
C LEU B 420 17.38 -12.22 10.94
N ARG B 421 16.15 -12.01 11.39
CA ARG B 421 15.11 -13.02 11.23
C ARG B 421 14.56 -13.02 9.80
N GLU B 422 14.41 -11.84 9.20
CA GLU B 422 13.94 -11.78 7.81
C GLU B 422 15.01 -12.26 6.83
N LEU B 423 16.29 -12.05 7.16
CA LEU B 423 17.37 -12.48 6.28
C LEU B 423 17.45 -14.00 6.19
N MET B 424 17.15 -14.70 7.29
CA MET B 424 17.29 -16.16 7.29
C MET B 424 16.15 -16.83 6.52
N VAL B 425 14.98 -16.20 6.46
CA VAL B 425 13.91 -16.74 5.62
C VAL B 425 14.06 -16.27 4.18
N LEU B 426 14.71 -15.12 3.93
CA LEU B 426 15.07 -14.78 2.55
C LEU B 426 16.22 -15.63 2.02
N THR B 427 16.97 -16.28 2.92
CA THR B 427 18.04 -17.19 2.50
C THR B 427 17.46 -18.41 1.78
N LYS B 428 16.34 -18.95 2.26
CA LYS B 428 15.81 -20.23 1.81
C LYS B 428 15.10 -20.16 0.46
N MET B 429 15.10 -19.02 -0.22
CA MET B 429 14.34 -18.85 -1.46
C MET B 429 15.20 -18.92 -2.70
N ASN B 430 16.21 -19.79 -2.72
CA ASN B 430 16.98 -20.05 -3.93
C ASN B 430 16.27 -21.15 -4.70
N TRP B 431 15.49 -20.77 -5.72
CA TRP B 431 14.79 -21.75 -6.53
C TRP B 431 15.69 -22.43 -7.56
N ASN B 432 16.95 -22.01 -7.67
CA ASN B 432 17.91 -22.69 -8.54
C ASN B 432 18.17 -24.12 -8.08
N SER B 433 18.15 -24.36 -6.78
CA SER B 433 18.48 -25.67 -6.23
C SER B 433 17.47 -26.05 -5.16
N ALA B 434 17.32 -27.36 -4.98
CA ALA B 434 16.51 -27.88 -3.88
C ALA B 434 17.34 -28.16 -2.64
N ASN B 435 18.15 -27.17 -2.24
CA ASN B 435 18.93 -27.26 -1.02
C ASN B 435 18.15 -26.66 0.13
N PHE B 436 18.60 -26.96 1.35
CA PHE B 436 17.89 -26.48 2.53
C PHE B 436 18.15 -25.01 2.79
N GLY B 437 19.39 -24.55 2.57
CA GLY B 437 19.71 -23.14 2.77
C GLY B 437 21.07 -22.82 2.20
N GLY B 438 21.31 -21.52 2.03
CA GLY B 438 22.56 -21.03 1.51
C GLY B 438 23.21 -20.00 2.40
N LEU B 439 24.15 -19.22 1.88
CA LEU B 439 24.81 -18.20 2.69
C LEU B 439 24.14 -16.85 2.56
N LEU B 440 24.10 -16.31 1.35
CA LEU B 440 23.53 -14.99 1.13
C LEU B 440 22.01 -15.09 0.93
N PRO B 441 21.28 -14.03 1.23
CA PRO B 441 19.86 -13.99 0.88
C PRO B 441 19.68 -13.91 -0.63
N ILE B 442 18.47 -14.26 -1.08
CA ILE B 442 18.16 -14.29 -2.50
C ILE B 442 18.16 -12.89 -3.11
N THR B 443 17.99 -11.85 -2.29
CA THR B 443 18.13 -10.48 -2.78
C THR B 443 19.57 -10.18 -3.19
N LEU B 444 20.53 -10.67 -2.41
CA LEU B 444 21.94 -10.49 -2.74
C LEU B 444 22.51 -11.60 -3.61
N ARG B 445 21.72 -12.62 -3.94
CA ARG B 445 22.17 -13.67 -4.84
C ARG B 445 21.61 -13.50 -6.25
N PHE B 446 20.39 -12.99 -6.37
CA PHE B 446 19.86 -12.63 -7.68
C PHE B 446 20.60 -11.42 -8.25
N SER B 447 21.03 -10.50 -7.40
CA SER B 447 21.70 -9.30 -7.90
C SER B 447 23.22 -9.44 -7.99
N LYS B 448 23.78 -10.59 -7.61
CA LYS B 448 25.07 -10.98 -8.12
C LYS B 448 24.96 -11.76 -9.42
N LEU B 449 23.74 -12.12 -9.81
CA LEU B 449 23.47 -12.82 -11.05
C LEU B 449 23.03 -11.90 -12.18
N VAL B 450 22.42 -10.76 -11.84
CA VAL B 450 21.95 -9.88 -12.90
C VAL B 450 23.07 -8.94 -13.36
N GLY B 451 23.99 -8.55 -12.48
CA GLY B 451 25.05 -7.66 -12.86
C GLY B 451 26.17 -8.36 -13.59
N GLU B 452 26.30 -9.67 -13.37
CA GLU B 452 27.26 -10.45 -14.14
C GLU B 452 26.79 -10.68 -15.57
N ILE B 453 25.48 -10.61 -15.81
CA ILE B 453 24.95 -10.75 -17.16
C ILE B 453 24.76 -9.39 -17.83
N MET B 454 24.63 -8.31 -17.05
CA MET B 454 24.68 -6.95 -17.60
C MET B 454 26.04 -6.61 -18.21
N LYS B 455 27.09 -7.35 -17.86
CA LYS B 455 28.39 -7.17 -18.49
C LYS B 455 28.45 -7.78 -19.88
N GLU B 456 27.41 -8.51 -20.30
CA GLU B 456 27.36 -9.17 -21.60
C GLU B 456 26.07 -8.84 -22.33
N ILE B 457 25.59 -7.60 -22.21
CA ILE B 457 24.38 -7.15 -22.88
C ILE B 457 24.76 -6.01 -23.81
N PRO B 458 24.40 -6.06 -25.11
CA PRO B 458 24.79 -5.02 -26.07
C PRO B 458 23.90 -3.78 -26.02
N ASN B 459 23.84 -3.14 -24.84
CA ASN B 459 23.32 -1.79 -24.62
C ASN B 459 21.84 -1.62 -24.96
N SER B 460 21.50 -1.68 -26.25
CA SER B 460 20.14 -1.39 -26.69
C SER B 460 19.14 -2.48 -26.31
N VAL B 461 19.62 -3.68 -25.98
CA VAL B 461 18.73 -4.74 -25.52
C VAL B 461 18.28 -4.43 -24.10
N ASP B 462 16.98 -4.27 -23.91
CA ASP B 462 16.44 -4.04 -22.58
C ASP B 462 16.34 -5.37 -21.84
N PRO B 463 16.94 -5.50 -20.67
CA PRO B 463 16.89 -6.78 -19.94
C PRO B 463 15.51 -7.01 -19.35
N LEU B 464 15.25 -8.29 -19.05
CA LEU B 464 13.92 -8.65 -18.58
C LEU B 464 13.92 -8.92 -17.09
N PRO B 465 12.92 -8.43 -16.36
CA PRO B 465 12.83 -8.70 -14.91
C PRO B 465 12.11 -10.00 -14.56
N GLN B 466 12.82 -11.11 -14.71
CA GLN B 466 12.39 -12.39 -14.16
C GLN B 466 13.58 -13.10 -13.56
N PHE B 467 13.30 -14.01 -12.63
CA PHE B 467 14.33 -14.90 -12.10
C PHE B 467 14.59 -16.07 -13.03
N LYS B 468 13.77 -16.25 -14.07
CA LYS B 468 13.93 -17.34 -15.02
C LYS B 468 15.16 -17.14 -15.89
N TYR B 469 15.35 -15.92 -16.38
CA TYR B 469 16.36 -15.66 -17.40
C TYR B 469 17.76 -15.51 -16.84
N TYR B 470 17.90 -15.35 -15.52
CA TYR B 470 19.18 -15.14 -14.89
C TYR B 470 19.65 -16.33 -14.07
N MET B 471 18.81 -17.37 -13.95
CA MET B 471 19.08 -18.49 -13.07
C MET B 471 20.26 -19.33 -13.56
N PRO E 122 -22.60 -31.47 -54.93
CA PRO E 122 -22.59 -31.43 -56.39
C PRO E 122 -23.60 -32.38 -57.01
N GLU E 123 -24.01 -32.08 -58.24
CA GLU E 123 -25.04 -32.84 -58.95
C GLU E 123 -24.58 -33.02 -60.39
N ALA E 124 -25.50 -33.40 -61.26
CA ALA E 124 -25.21 -33.57 -62.68
C ALA E 124 -24.87 -32.24 -63.34
N MET E 125 -23.97 -32.31 -64.33
CA MET E 125 -23.48 -31.11 -64.98
C MET E 125 -24.55 -30.49 -65.88
N VAL E 126 -24.63 -29.16 -65.87
CA VAL E 126 -25.55 -28.41 -66.72
C VAL E 126 -24.75 -27.36 -67.46
N THR E 127 -24.80 -27.40 -68.80
CA THR E 127 -24.07 -26.46 -69.64
C THR E 127 -24.88 -25.19 -69.78
N GLU E 128 -24.42 -24.10 -69.15
CA GLU E 128 -25.12 -22.83 -69.27
C GLU E 128 -24.22 -21.81 -69.96
N THR E 129 -24.83 -20.69 -70.33
CA THR E 129 -24.14 -19.61 -71.03
C THR E 129 -24.04 -18.40 -70.10
N VAL E 130 -22.87 -17.79 -70.07
CA VAL E 130 -22.63 -16.59 -69.27
C VAL E 130 -22.48 -15.42 -70.22
N TYR E 131 -22.84 -14.24 -69.73
CA TYR E 131 -22.77 -13.01 -70.51
C TYR E 131 -21.89 -12.01 -69.79
N SER E 132 -20.86 -11.53 -70.47
CA SER E 132 -19.97 -10.53 -69.92
C SER E 132 -20.57 -9.15 -70.13
N ASN E 133 -19.82 -8.11 -69.78
CA ASN E 133 -20.24 -6.73 -69.99
C ASN E 133 -19.35 -6.01 -71.00
N VAL E 134 -18.61 -6.76 -71.81
CA VAL E 134 -17.70 -6.20 -72.80
C VAL E 134 -18.32 -6.35 -74.17
N LEU E 135 -18.54 -5.23 -74.85
CA LEU E 135 -18.99 -5.25 -76.23
C LEU E 135 -17.80 -5.40 -77.18
N PRO E 136 -17.90 -6.23 -78.20
CA PRO E 136 -16.80 -6.36 -79.16
C PRO E 136 -16.85 -5.30 -80.25
N ILE E 137 -15.68 -4.84 -80.63
CA ILE E 137 -15.52 -3.83 -81.67
C ILE E 137 -15.13 -4.54 -82.95
N THR E 138 -15.88 -4.28 -84.03
CA THR E 138 -15.70 -5.00 -85.27
C THR E 138 -14.75 -4.28 -86.22
N GLN E 139 -14.92 -2.97 -86.40
CA GLN E 139 -14.13 -2.20 -87.34
C GLN E 139 -13.61 -0.94 -86.65
N LEU E 140 -12.30 -0.86 -86.46
CA LEU E 140 -11.66 0.34 -85.94
C LEU E 140 -11.31 1.29 -87.07
N PRO E 141 -11.08 2.57 -86.77
CA PRO E 141 -10.40 3.44 -87.73
C PRO E 141 -8.99 2.94 -88.00
N HIS E 142 -8.60 2.97 -89.28
CA HIS E 142 -7.32 2.42 -89.70
C HIS E 142 -6.30 3.47 -90.11
N TYR E 143 -6.74 4.69 -90.41
CA TYR E 143 -5.85 5.79 -90.78
C TYR E 143 -6.04 6.94 -89.81
N VAL E 144 -4.93 7.54 -89.39
CA VAL E 144 -4.95 8.76 -88.58
C VAL E 144 -4.22 9.85 -89.37
N TYR E 145 -4.87 10.99 -89.51
CA TYR E 145 -4.33 12.10 -90.28
C TYR E 145 -3.91 13.21 -89.33
N SER E 146 -2.81 13.89 -89.66
CA SER E 146 -2.23 14.91 -88.80
C SER E 146 -1.73 16.05 -89.68
N GLY E 147 -0.94 16.94 -89.10
CA GLY E 147 -0.34 18.03 -89.83
C GLY E 147 0.65 18.80 -88.98
N PRO E 148 1.83 19.10 -89.54
CA PRO E 148 2.87 19.77 -88.74
C PRO E 148 2.68 21.28 -88.60
N CYS E 149 1.45 21.69 -88.27
CA CYS E 149 1.12 23.07 -87.95
C CYS E 149 -0.19 23.05 -87.19
N THR E 150 -0.25 23.73 -86.06
CA THR E 150 -1.43 23.66 -85.20
C THR E 150 -1.50 24.89 -84.31
N VAL E 151 -2.67 25.05 -83.70
CA VAL E 151 -2.95 26.10 -82.72
C VAL E 151 -3.63 25.35 -81.57
N PRO E 152 -3.37 25.70 -80.28
CA PRO E 152 -4.00 24.98 -79.17
C PRO E 152 -5.51 25.12 -79.07
N GLU E 153 -6.10 24.46 -78.07
CA GLU E 153 -7.56 24.36 -77.91
C GLU E 153 -8.22 25.67 -77.53
N ALA E 154 -7.45 26.71 -77.16
CA ALA E 154 -8.05 28.00 -76.83
C ALA E 154 -8.64 28.70 -78.05
N GLU E 155 -8.23 28.31 -79.26
CA GLU E 155 -8.78 28.87 -80.49
C GLU E 155 -9.43 27.84 -81.39
N VAL E 156 -8.91 26.62 -81.45
CA VAL E 156 -9.40 25.64 -82.44
C VAL E 156 -10.61 24.97 -81.81
N LYS E 157 -11.74 25.65 -81.94
CA LYS E 157 -13.06 25.07 -81.76
C LYS E 157 -14.05 25.61 -82.77
N THR E 158 -13.58 26.47 -83.69
CA THR E 158 -14.40 27.11 -84.71
C THR E 158 -14.02 26.61 -86.09
N LEU E 159 -13.83 25.30 -86.23
CA LEU E 159 -13.56 24.71 -87.54
C LEU E 159 -14.79 24.78 -88.44
N ILE E 160 -15.98 24.62 -87.85
CA ILE E 160 -17.30 24.78 -88.47
C ILE E 160 -17.43 23.82 -89.65
N LYS E 161 -17.82 24.34 -90.82
CA LYS E 161 -17.91 23.72 -92.14
C LYS E 161 -19.01 22.66 -92.30
N TRP E 162 -19.61 22.19 -91.16
CA TRP E 162 -20.87 21.44 -90.98
C TRP E 162 -21.27 20.53 -92.14
N PRO E 163 -20.58 19.41 -92.37
CA PRO E 163 -20.76 18.64 -93.62
C PRO E 163 -22.17 18.09 -93.79
N SER E 164 -22.57 17.96 -95.06
CA SER E 164 -23.97 17.71 -95.42
C SER E 164 -24.45 16.34 -94.95
N ASP E 165 -23.54 15.38 -94.82
CA ASP E 165 -23.90 14.11 -94.18
C ASP E 165 -24.06 14.35 -92.69
N LYS E 166 -25.26 14.11 -92.17
CA LYS E 166 -25.54 14.35 -90.76
C LYS E 166 -25.28 13.10 -89.91
N ARG E 167 -24.11 12.50 -90.13
CA ARG E 167 -23.62 11.41 -89.32
C ARG E 167 -22.13 11.51 -89.03
N ILE E 168 -21.42 12.44 -89.65
CA ILE E 168 -19.97 12.54 -89.52
C ILE E 168 -19.64 13.19 -88.18
N LEU E 169 -18.84 12.50 -87.37
CA LEU E 169 -18.33 13.04 -86.12
C LEU E 169 -16.85 13.36 -86.29
N THR E 170 -16.42 14.46 -85.66
CA THR E 170 -15.09 15.03 -85.89
C THR E 170 -14.30 15.14 -84.58
N PRO E 171 -13.61 14.08 -84.15
CA PRO E 171 -12.72 14.20 -83.00
C PRO E 171 -11.38 14.81 -83.41
N TYR E 172 -10.70 15.38 -82.41
CA TYR E 172 -9.39 15.96 -82.64
C TYR E 172 -8.64 16.03 -81.32
N ILE E 173 -7.33 15.79 -81.38
CA ILE E 173 -6.42 16.04 -80.26
C ILE E 173 -5.25 16.85 -80.77
N ILE E 174 -4.72 17.71 -79.90
CA ILE E 174 -3.65 18.65 -80.24
C ILE E 174 -2.52 18.42 -79.25
N ARG E 175 -1.49 17.69 -79.67
CA ARG E 175 -0.30 17.46 -78.85
C ARG E 175 0.94 17.54 -79.71
N GLY E 176 1.90 18.35 -79.29
CA GLY E 176 3.23 18.37 -79.88
C GLY E 176 3.34 18.85 -81.30
N GLY E 177 2.67 19.94 -81.65
CA GLY E 177 2.77 20.46 -82.99
C GLY E 177 1.96 19.72 -84.02
N ARG E 178 1.06 18.83 -83.60
CA ARG E 178 0.24 18.05 -84.52
C ARG E 178 -1.21 18.12 -84.08
N LEU E 179 -2.10 17.77 -85.00
CA LEU E 179 -3.54 17.91 -84.82
C LEU E 179 -4.21 16.63 -85.32
N TYR E 180 -3.83 15.51 -84.70
CA TYR E 180 -4.32 14.18 -85.08
C TYR E 180 -5.84 14.09 -85.03
N ALA E 181 -6.42 13.49 -86.08
CA ALA E 181 -7.86 13.36 -86.22
C ALA E 181 -8.15 12.19 -87.15
N PHE E 182 -9.30 11.56 -86.95
CA PHE E 182 -9.71 10.47 -87.83
C PHE E 182 -10.23 10.98 -89.17
N ASN E 183 -10.79 12.19 -89.20
CA ASN E 183 -11.20 12.80 -90.46
C ASN E 183 -9.95 13.18 -91.27
N ASP E 184 -10.14 13.31 -92.58
CA ASP E 184 -9.02 13.58 -93.47
C ASP E 184 -8.50 15.00 -93.31
N LEU E 185 -7.18 15.17 -93.41
CA LEU E 185 -6.52 16.46 -93.27
C LEU E 185 -5.63 16.81 -94.45
N LYS E 186 -5.76 16.11 -95.58
CA LYS E 186 -4.90 16.37 -96.73
C LYS E 186 -5.67 16.64 -98.01
N ASP E 187 -6.98 16.87 -97.94
CA ASP E 187 -7.80 17.14 -99.11
C ASP E 187 -8.44 18.52 -98.96
N TYR E 188 -8.51 19.25 -100.08
CA TYR E 188 -9.14 20.57 -100.08
C TYR E 188 -10.65 20.47 -99.83
N GLU E 189 -11.32 19.53 -100.50
CA GLU E 189 -12.76 19.36 -100.33
C GLU E 189 -12.98 18.49 -99.10
N SER E 190 -12.88 19.12 -97.93
CA SER E 190 -12.98 18.43 -96.66
C SER E 190 -13.49 19.42 -95.62
N PRO E 191 -14.37 18.99 -94.71
CA PRO E 191 -14.92 19.91 -93.71
C PRO E 191 -14.10 20.06 -92.45
N PHE E 192 -12.85 19.63 -92.43
CA PHE E 192 -12.02 19.65 -91.24
C PHE E 192 -10.74 20.42 -91.50
N ALA E 193 -10.57 21.54 -90.77
CA ALA E 193 -9.32 22.30 -90.68
C ALA E 193 -8.84 22.82 -92.04
N THR E 194 -9.75 23.39 -92.82
CA THR E 194 -9.34 24.14 -94.00
C THR E 194 -8.64 25.44 -93.63
N ILE E 195 -8.95 25.99 -92.45
CA ILE E 195 -8.31 27.22 -91.99
C ILE E 195 -6.92 27.00 -91.41
N VAL E 196 -6.52 25.74 -91.19
CA VAL E 196 -5.22 25.42 -90.61
C VAL E 196 -4.42 24.49 -91.51
N ASP E 197 -5.00 23.37 -91.91
CA ASP E 197 -4.26 22.26 -92.50
C ASP E 197 -4.56 22.13 -93.99
N PRO E 198 -3.60 22.38 -94.88
CA PRO E 198 -3.83 22.17 -96.31
C PRO E 198 -3.22 20.86 -96.81
N TYR E 199 -2.13 20.96 -97.57
CA TYR E 199 -1.42 19.80 -98.10
C TYR E 199 -0.21 19.41 -97.24
N SER E 200 -0.08 19.99 -96.05
CA SER E 200 0.99 19.62 -95.12
C SER E 200 0.39 18.64 -94.13
N ALA E 201 0.42 17.36 -94.50
CA ALA E 201 -0.27 16.33 -93.74
C ALA E 201 0.40 14.98 -93.95
N GLN E 202 0.12 14.04 -93.05
CA GLN E 202 0.65 12.69 -93.11
C GLN E 202 -0.46 11.69 -92.83
N ARG E 203 -0.26 10.46 -93.31
CA ARG E 203 -1.17 9.34 -93.06
C ARG E 203 -0.45 8.31 -92.20
N HIS E 204 -0.83 8.21 -90.93
CA HIS E 204 -0.27 7.23 -90.01
C HIS E 204 -1.20 6.04 -89.94
N THR E 205 -0.68 4.87 -90.26
CA THR E 205 -1.47 3.65 -90.21
C THR E 205 -1.47 3.07 -88.80
N LEU E 206 -2.55 2.34 -88.48
CA LEU E 206 -2.62 1.65 -87.20
C LEU E 206 -1.67 0.46 -87.13
N ASN E 207 -1.24 -0.05 -88.28
CA ASN E 207 -0.31 -1.18 -88.32
C ASN E 207 1.05 -0.80 -87.76
N GLU E 208 1.57 0.38 -88.15
CA GLU E 208 2.86 0.83 -87.65
C GLU E 208 2.76 1.52 -86.30
N TRP E 209 1.57 1.89 -85.86
CA TRP E 209 1.41 2.54 -84.56
C TRP E 209 1.20 1.55 -83.42
N LEU E 210 0.86 0.30 -83.73
CA LEU E 210 0.37 -0.63 -82.72
C LEU E 210 1.48 -1.07 -81.77
N ASP E 211 2.69 -1.24 -82.28
CA ASP E 211 3.81 -1.73 -81.47
C ASP E 211 4.51 -0.65 -80.67
N LYS E 212 4.08 0.61 -80.80
CA LYS E 212 4.69 1.70 -80.05
C LYS E 212 3.75 2.09 -78.91
N PRO E 213 4.21 2.01 -77.64
CA PRO E 213 3.34 2.38 -76.51
C PRO E 213 2.83 3.81 -76.51
N ASP E 214 3.61 4.77 -77.03
CA ASP E 214 3.25 6.17 -76.89
C ASP E 214 2.08 6.56 -77.79
N GLU E 215 2.08 6.09 -79.04
CA GLU E 215 0.99 6.44 -79.93
C GLU E 215 -0.28 5.63 -79.66
N MET E 216 -0.19 4.51 -78.94
CA MET E 216 -1.43 3.83 -78.55
C MET E 216 -1.88 4.26 -77.16
N ARG E 217 -1.86 5.57 -76.94
CA ARG E 217 -2.68 6.24 -75.94
C ARG E 217 -3.14 7.59 -76.44
N TRP E 218 -2.74 7.96 -77.66
CA TRP E 218 -3.38 9.03 -78.39
C TRP E 218 -4.56 8.50 -79.19
N TYR E 219 -4.44 7.27 -79.67
CA TYR E 219 -5.53 6.62 -80.39
C TYR E 219 -6.69 6.29 -79.44
N VAL E 220 -6.36 5.81 -78.24
CA VAL E 220 -7.37 5.56 -77.22
C VAL E 220 -8.00 6.87 -76.76
N GLU E 221 -7.22 7.95 -76.73
CA GLU E 221 -7.77 9.27 -76.44
C GLU E 221 -8.76 9.72 -77.51
N LEU E 222 -8.44 9.45 -78.78
CA LEU E 222 -9.39 9.75 -79.86
C LEU E 222 -10.63 8.87 -79.77
N LEU E 223 -10.50 7.64 -79.27
CA LEU E 223 -11.68 6.79 -79.11
C LEU E 223 -12.55 7.25 -77.94
N ASN E 224 -11.92 7.67 -76.84
CA ASN E 224 -12.65 8.21 -75.71
C ASN E 224 -13.23 9.59 -76.01
N ARG E 225 -12.73 10.27 -77.05
CA ARG E 225 -13.36 11.50 -77.50
C ARG E 225 -14.47 11.26 -78.52
N THR E 226 -14.36 10.22 -79.36
CA THR E 226 -15.47 9.95 -80.26
C THR E 226 -16.64 9.30 -79.53
N VAL E 227 -16.40 8.64 -78.40
CA VAL E 227 -17.55 8.19 -77.61
C VAL E 227 -18.20 9.38 -76.89
N ASN E 228 -17.42 10.43 -76.61
CA ASN E 228 -17.99 11.66 -76.07
C ASN E 228 -18.82 12.38 -77.12
N LYS E 229 -18.38 12.38 -78.37
CA LYS E 229 -19.20 12.93 -79.45
C LYS E 229 -20.43 12.05 -79.74
N ILE E 230 -20.33 10.74 -79.51
CA ILE E 230 -21.50 9.87 -79.67
C ILE E 230 -22.54 10.17 -78.60
N THR E 231 -22.12 10.27 -77.35
CA THR E 231 -23.05 10.52 -76.26
C THR E 231 -23.38 12.00 -76.06
N GLY E 232 -22.73 12.90 -76.81
CA GLY E 232 -22.99 14.32 -76.65
C GLY E 232 -24.37 14.72 -77.16
N HIS E 233 -24.77 14.20 -78.32
CA HIS E 233 -26.09 14.47 -78.86
C HIS E 233 -27.11 13.42 -78.45
N LEU E 234 -26.74 12.51 -77.55
CA LEU E 234 -27.67 11.55 -76.96
C LEU E 234 -28.09 11.99 -75.56
N ARG E 235 -27.75 13.21 -75.17
CA ARG E 235 -28.07 13.84 -73.88
C ARG E 235 -27.51 13.02 -72.72
N LEU E 236 -26.18 12.98 -72.69
CA LEU E 236 -25.41 12.35 -71.61
C LEU E 236 -24.30 13.31 -71.20
N LYS E 237 -24.24 13.63 -69.91
CA LYS E 237 -23.31 14.62 -69.39
C LYS E 237 -22.10 13.93 -68.79
N LEU E 238 -20.91 14.48 -69.05
CA LEU E 238 -19.65 13.88 -68.64
C LEU E 238 -19.14 14.54 -67.36
N ASP E 239 -19.03 13.74 -66.30
CA ASP E 239 -18.21 14.08 -65.14
C ASP E 239 -16.78 13.68 -65.47
N LYS E 240 -15.93 14.70 -65.68
CA LYS E 240 -14.59 14.49 -66.22
C LYS E 240 -13.63 13.93 -65.18
N GLU E 241 -13.80 14.27 -63.91
CA GLU E 241 -12.89 13.83 -62.87
C GLU E 241 -13.18 12.43 -62.38
N HIS E 242 -14.21 11.76 -62.93
CA HIS E 242 -14.47 10.37 -62.63
C HIS E 242 -14.59 9.52 -63.88
N HIS E 243 -14.48 10.13 -65.08
CA HIS E 243 -14.73 9.50 -66.38
C HIS E 243 -16.10 8.85 -66.41
N ARG E 244 -17.13 9.64 -66.10
CA ARG E 244 -18.47 9.11 -65.85
C ARG E 244 -19.49 9.81 -66.73
N TYR E 245 -20.21 9.05 -67.55
CA TYR E 245 -21.30 9.57 -68.34
C TYR E 245 -22.61 9.31 -67.60
N PHE E 246 -23.40 10.36 -67.39
CA PHE E 246 -24.60 10.24 -66.58
C PHE E 246 -25.75 11.03 -67.17
N PHE E 247 -26.96 10.57 -66.90
CA PHE E 247 -28.18 11.29 -67.26
C PHE E 247 -28.37 12.51 -66.36
N GLU E 248 -29.01 13.52 -66.92
CA GLU E 248 -29.34 14.73 -66.18
C GLU E 248 -30.79 15.13 -66.47
N PRO E 249 -31.49 15.72 -65.49
CA PRO E 249 -32.89 16.08 -65.71
C PRO E 249 -33.02 17.25 -66.66
N ASP E 250 -34.02 17.17 -67.54
CA ASP E 250 -34.25 18.24 -68.50
C ASP E 250 -35.06 19.36 -67.87
N GLU E 251 -36.19 19.03 -67.23
CA GLU E 251 -36.97 19.99 -66.48
C GLU E 251 -36.72 19.80 -65.00
N PRO E 252 -36.32 20.84 -64.27
CA PRO E 252 -36.11 20.70 -62.82
C PRO E 252 -37.41 20.38 -62.09
N GLY E 253 -37.29 19.49 -61.10
CA GLY E 253 -38.45 19.01 -60.37
C GLY E 253 -39.04 17.75 -60.97
N LYS E 254 -39.25 17.75 -62.28
CA LYS E 254 -39.79 16.60 -62.97
C LYS E 254 -38.72 15.53 -63.17
N ASP E 255 -39.16 14.29 -63.31
CA ASP E 255 -38.25 13.16 -63.47
C ASP E 255 -37.88 13.00 -64.94
N LYS E 256 -37.21 11.88 -65.26
CA LYS E 256 -36.88 11.54 -66.64
C LYS E 256 -37.29 10.10 -66.88
N SER E 257 -37.97 9.87 -68.01
CA SER E 257 -38.63 8.61 -68.32
C SER E 257 -38.33 8.17 -69.73
N VAL E 258 -37.03 8.13 -70.08
CA VAL E 258 -36.61 7.86 -71.45
C VAL E 258 -36.98 6.43 -71.86
N THR E 259 -37.41 6.29 -73.12
CA THR E 259 -37.88 5.02 -73.67
C THR E 259 -36.79 4.45 -74.58
N TYR E 260 -36.39 3.21 -74.32
CA TYR E 260 -35.33 2.57 -75.08
C TYR E 260 -35.91 1.47 -75.96
N GLN E 261 -35.42 1.41 -77.20
CA GLN E 261 -35.78 0.36 -78.14
C GLN E 261 -34.84 -0.82 -77.95
N SER E 262 -35.33 -1.87 -77.29
CA SER E 262 -34.51 -3.03 -77.02
C SER E 262 -34.35 -3.89 -78.28
N VAL E 263 -33.49 -4.91 -78.17
CA VAL E 263 -33.23 -5.79 -79.32
C VAL E 263 -34.40 -6.72 -79.60
N GLY E 264 -35.31 -6.91 -78.65
CA GLY E 264 -36.51 -7.68 -78.86
C GLY E 264 -37.67 -6.92 -79.45
N GLY E 265 -37.46 -5.65 -79.81
CA GLY E 265 -38.54 -4.86 -80.38
C GLY E 265 -39.56 -4.38 -79.38
N VAL E 266 -39.22 -4.36 -78.10
CA VAL E 266 -40.15 -4.01 -77.03
C VAL E 266 -39.98 -2.54 -76.69
N ARG E 267 -41.08 -1.78 -76.83
CA ARG E 267 -41.10 -0.37 -76.41
C ARG E 267 -41.21 -0.33 -74.90
N SER E 268 -40.08 -0.21 -74.22
CA SER E 268 -40.03 -0.16 -72.77
C SER E 268 -39.33 1.11 -72.31
N GLU E 269 -39.57 1.47 -71.06
CA GLU E 269 -38.97 2.66 -70.47
C GLU E 269 -38.71 2.41 -68.99
N ARG E 270 -37.86 3.25 -68.41
CA ARG E 270 -37.58 3.23 -67.00
C ARG E 270 -37.36 4.66 -66.53
N LYS E 271 -37.58 4.88 -65.23
CA LYS E 271 -37.12 6.12 -64.62
C LYS E 271 -35.61 6.10 -64.55
N VAL E 272 -34.97 7.21 -64.90
CA VAL E 272 -33.52 7.25 -64.98
C VAL E 272 -32.91 8.40 -64.19
N ALA E 273 -33.66 9.46 -63.88
CA ALA E 273 -33.16 10.61 -63.13
C ALA E 273 -34.19 11.03 -62.09
N TRP E 274 -34.73 10.05 -61.37
CA TRP E 274 -35.95 10.24 -60.59
C TRP E 274 -35.64 10.63 -59.15
N ASN E 275 -36.69 10.90 -58.39
CA ASN E 275 -36.60 11.16 -56.96
C ASN E 275 -37.46 10.13 -56.26
N PRO E 276 -36.87 9.17 -55.55
CA PRO E 276 -37.67 8.11 -54.91
C PRO E 276 -38.44 8.64 -53.71
N HIS E 277 -39.60 8.03 -53.48
CA HIS E 277 -40.48 8.40 -52.38
C HIS E 277 -40.36 7.37 -51.26
N PHE E 278 -41.01 7.68 -50.14
CA PHE E 278 -41.11 6.72 -49.05
C PHE E 278 -42.21 5.69 -49.36
N LYS E 279 -42.48 4.82 -48.38
CA LYS E 279 -43.61 3.91 -48.50
C LYS E 279 -44.95 4.61 -48.27
N HIS E 280 -44.91 5.84 -47.76
CA HIS E 280 -46.12 6.63 -47.50
C HIS E 280 -46.03 8.02 -48.15
N ASN E 281 -45.23 8.15 -49.21
CA ASN E 281 -44.95 9.39 -49.96
C ASN E 281 -44.44 10.47 -49.01
N ASP E 282 -45.26 11.50 -48.78
CA ASP E 282 -45.08 12.52 -47.73
C ASP E 282 -43.75 13.28 -47.89
N MET E 283 -43.69 14.08 -48.98
CA MET E 283 -42.60 15.01 -49.29
C MET E 283 -41.27 14.29 -49.45
N PRO E 284 -41.02 13.64 -50.59
CA PRO E 284 -39.83 12.79 -50.75
C PRO E 284 -38.51 13.55 -50.64
N LYS E 285 -37.44 12.78 -50.63
CA LYS E 285 -36.15 13.20 -50.08
C LYS E 285 -35.39 14.10 -51.06
N ARG E 286 -34.18 14.48 -50.65
CA ARG E 286 -33.17 15.06 -51.53
C ARG E 286 -32.25 13.99 -52.09
N TYR E 287 -32.74 12.75 -52.17
CA TYR E 287 -31.97 11.56 -52.53
C TYR E 287 -32.11 11.29 -54.04
N TRP E 288 -31.72 12.29 -54.82
CA TRP E 288 -31.89 12.24 -56.28
C TRP E 288 -30.84 11.32 -56.90
N GLU E 289 -31.31 10.20 -57.45
CA GLU E 289 -30.44 9.22 -58.09
C GLU E 289 -30.38 9.46 -59.59
N HIS E 290 -29.18 9.35 -60.15
CA HIS E 290 -28.97 9.48 -61.58
C HIS E 290 -28.21 8.25 -62.05
N LEU E 291 -28.69 7.64 -63.13
CA LEU E 291 -27.97 6.50 -63.69
C LEU E 291 -26.68 6.97 -64.34
N ALA E 292 -25.63 6.16 -64.24
CA ALA E 292 -24.33 6.57 -64.72
C ALA E 292 -23.57 5.35 -65.21
N VAL E 293 -22.65 5.58 -66.15
CA VAL E 293 -21.97 4.50 -66.83
C VAL E 293 -20.47 4.77 -66.83
N GLY E 294 -19.70 3.69 -66.87
CA GLY E 294 -18.25 3.74 -66.74
C GLY E 294 -17.52 3.24 -67.98
N LEU E 295 -17.95 3.70 -69.15
CA LEU E 295 -17.48 3.20 -70.45
C LEU E 295 -15.98 3.38 -70.62
N ARG E 296 -15.29 2.30 -71.02
CA ARG E 296 -13.87 2.44 -71.31
C ARG E 296 -13.44 1.43 -72.36
N PHE E 297 -12.55 1.85 -73.25
CA PHE E 297 -11.99 0.96 -74.27
C PHE E 297 -10.88 0.09 -73.67
N HIS E 298 -10.89 -1.19 -74.06
CA HIS E 298 -9.90 -2.16 -73.60
C HIS E 298 -9.30 -2.88 -74.79
N ARG E 299 -8.05 -3.31 -74.64
CA ARG E 299 -7.37 -4.12 -75.66
C ARG E 299 -7.42 -5.58 -75.22
N LEU E 300 -8.20 -6.38 -75.94
CA LEU E 300 -8.36 -7.81 -75.61
C LEU E 300 -7.47 -8.65 -76.53
N GLY E 301 -6.17 -8.44 -76.39
CA GLY E 301 -5.22 -9.19 -77.21
C GLY E 301 -4.31 -8.32 -78.04
N ASP E 302 -4.19 -8.64 -79.33
CA ASP E 302 -3.32 -7.90 -80.24
C ASP E 302 -4.10 -7.06 -81.25
N MET E 303 -5.03 -7.67 -81.97
CA MET E 303 -5.91 -6.96 -82.91
C MET E 303 -7.36 -7.31 -82.58
N ALA E 304 -7.69 -7.19 -81.30
CA ALA E 304 -9.04 -7.44 -80.82
C ALA E 304 -9.30 -6.50 -79.66
N TRP E 305 -10.38 -5.73 -79.74
CA TRP E 305 -10.68 -4.69 -78.75
C TRP E 305 -11.99 -5.00 -78.06
N GLY E 306 -12.31 -4.18 -77.06
CA GLY E 306 -13.53 -4.34 -76.30
C GLY E 306 -13.95 -3.00 -75.73
N PHE E 307 -15.23 -2.94 -75.35
CA PHE E 307 -15.87 -1.71 -74.90
C PHE E 307 -16.60 -2.06 -73.61
N ALA E 308 -16.08 -1.59 -72.48
CA ALA E 308 -16.55 -2.01 -71.17
C ALA E 308 -17.60 -1.05 -70.64
N ILE E 309 -18.76 -1.62 -70.29
CA ILE E 309 -19.88 -0.90 -69.70
C ILE E 309 -19.92 -1.22 -68.21
N ARG E 310 -19.87 -0.20 -67.37
CA ARG E 310 -19.94 -0.39 -65.93
C ARG E 310 -21.07 0.43 -65.34
N PRO E 311 -22.12 -0.20 -64.82
CA PRO E 311 -23.19 0.55 -64.15
C PRO E 311 -22.72 1.19 -62.85
N GLU E 312 -23.23 2.39 -62.58
CA GLU E 312 -23.02 3.08 -61.31
C GLU E 312 -24.08 4.17 -61.16
N ARG E 313 -24.04 4.86 -60.03
CA ARG E 313 -25.02 5.89 -59.70
C ARG E 313 -24.31 7.20 -59.40
N ARG E 314 -25.04 8.30 -59.58
CA ARG E 314 -24.57 9.62 -59.15
C ARG E 314 -25.69 10.28 -58.36
N PHE E 315 -25.36 10.79 -57.19
CA PHE E 315 -26.35 11.32 -56.26
C PHE E 315 -26.25 12.84 -56.22
N THR E 316 -27.39 13.51 -56.37
CA THR E 316 -27.39 14.98 -56.36
C THR E 316 -28.30 15.49 -55.24
N LYS E 317 -28.18 16.80 -54.98
CA LYS E 317 -28.98 17.46 -53.95
C LYS E 317 -30.43 17.56 -54.38
N ASP E 318 -30.68 18.35 -55.42
CA ASP E 318 -32.01 18.56 -55.99
C ASP E 318 -31.95 18.48 -57.50
N GLY E 319 -30.99 17.74 -58.02
CA GLY E 319 -30.60 17.81 -59.42
C GLY E 319 -29.34 18.64 -59.59
N PHE E 320 -28.71 18.47 -60.76
CA PHE E 320 -27.60 19.28 -61.26
C PHE E 320 -26.34 19.17 -60.39
N GLU E 321 -26.36 19.73 -59.19
CA GLU E 321 -25.20 19.74 -58.30
C GLU E 321 -25.21 18.49 -57.43
N SER E 322 -24.12 17.74 -57.45
CA SER E 322 -24.01 16.46 -56.78
C SER E 322 -23.80 16.63 -55.28
N LEU E 323 -24.01 15.53 -54.55
CA LEU E 323 -23.53 15.45 -53.17
C LEU E 323 -22.02 15.48 -53.15
N GLU E 324 -21.46 16.06 -52.10
CA GLU E 324 -20.05 16.43 -52.13
C GLU E 324 -19.14 15.24 -51.83
N GLY E 325 -19.22 14.69 -50.62
CA GLY E 325 -18.23 13.74 -50.19
C GLY E 325 -18.73 12.37 -49.80
N LYS E 326 -18.70 12.10 -48.49
CA LYS E 326 -18.97 10.80 -47.91
C LYS E 326 -20.43 10.36 -48.06
N ALA E 327 -21.34 11.30 -48.34
CA ALA E 327 -22.74 10.94 -48.53
C ALA E 327 -22.92 10.11 -49.79
N THR E 328 -22.18 10.43 -50.85
CA THR E 328 -22.27 9.68 -52.11
C THR E 328 -21.81 8.23 -51.92
N GLY E 329 -20.72 8.04 -51.18
CA GLY E 329 -20.27 6.69 -50.90
C GLY E 329 -21.12 5.95 -49.89
N LYS E 330 -21.76 6.68 -48.97
CA LYS E 330 -22.64 6.05 -47.99
C LYS E 330 -23.97 5.65 -48.62
N LYS E 331 -24.38 6.33 -49.70
CA LYS E 331 -25.65 6.08 -50.35
C LYS E 331 -25.52 5.20 -51.60
N SER E 332 -24.32 5.09 -52.18
CA SER E 332 -24.09 4.09 -53.20
C SER E 332 -24.05 2.68 -52.62
N THR E 333 -23.55 2.53 -51.40
CA THR E 333 -23.37 1.21 -50.80
C THR E 333 -24.71 0.60 -50.43
N LYS E 334 -25.66 1.41 -49.97
CA LYS E 334 -27.00 0.90 -49.67
C LYS E 334 -27.73 0.47 -50.94
N LYS E 335 -27.48 1.14 -52.06
CA LYS E 335 -28.09 0.73 -53.32
C LYS E 335 -27.35 -0.47 -53.92
N LYS E 336 -26.02 -0.40 -53.96
CA LYS E 336 -25.22 -1.48 -54.55
C LYS E 336 -24.80 -2.51 -53.52
N SER E 337 -25.76 -2.97 -52.73
CA SER E 337 -25.64 -4.18 -51.93
C SER E 337 -26.85 -5.07 -52.04
N ARG E 338 -28.00 -4.53 -52.42
CA ARG E 338 -29.17 -5.30 -52.85
C ARG E 338 -29.35 -5.14 -54.35
N MET E 339 -28.23 -5.15 -55.05
CA MET E 339 -28.09 -4.93 -56.48
C MET E 339 -27.37 -6.13 -57.07
N TYR E 340 -27.96 -7.31 -56.94
CA TYR E 340 -27.32 -8.59 -57.23
C TYR E 340 -27.18 -8.79 -58.74
N ASN E 341 -26.87 -10.04 -59.13
CA ASN E 341 -26.45 -10.38 -60.49
C ASN E 341 -27.48 -9.97 -61.54
N PHE E 342 -28.75 -10.29 -61.30
CA PHE E 342 -29.75 -10.13 -62.35
C PHE E 342 -30.09 -8.65 -62.56
N ASP E 343 -30.09 -7.86 -61.48
CA ASP E 343 -30.35 -6.43 -61.60
C ASP E 343 -29.25 -5.71 -62.35
N VAL E 344 -27.99 -6.06 -62.07
CA VAL E 344 -26.86 -5.46 -62.77
C VAL E 344 -26.84 -5.90 -64.23
N LEU E 345 -27.26 -7.14 -64.50
CA LEU E 345 -27.33 -7.61 -65.88
C LEU E 345 -28.41 -6.88 -66.67
N LYS E 346 -29.58 -6.63 -66.07
CA LYS E 346 -30.58 -5.79 -66.74
C LYS E 346 -30.12 -4.35 -66.89
N GLU E 347 -29.30 -3.83 -65.98
CA GLU E 347 -28.79 -2.47 -66.15
C GLU E 347 -27.78 -2.39 -67.30
N VAL E 348 -26.93 -3.41 -67.43
CA VAL E 348 -26.00 -3.50 -68.56
C VAL E 348 -26.76 -3.62 -69.88
N GLN E 349 -27.82 -4.43 -69.89
CA GLN E 349 -28.68 -4.53 -71.08
C GLN E 349 -29.39 -3.20 -71.38
N PHE E 350 -29.75 -2.45 -70.34
CA PHE E 350 -30.34 -1.13 -70.53
C PHE E 350 -29.37 -0.18 -71.22
N TRP E 351 -28.11 -0.15 -70.75
CA TRP E 351 -27.14 0.74 -71.39
C TRP E 351 -26.80 0.29 -72.80
N ARG E 352 -26.78 -1.02 -73.04
CA ARG E 352 -26.56 -1.55 -74.39
C ARG E 352 -27.69 -1.14 -75.34
N ASP E 353 -28.95 -1.29 -74.90
CA ASP E 353 -30.08 -0.92 -75.75
C ASP E 353 -30.22 0.59 -75.89
N PHE E 354 -29.79 1.36 -74.90
CA PHE E 354 -29.87 2.81 -75.01
C PHE E 354 -28.84 3.34 -76.00
N LEU E 355 -27.59 2.87 -75.89
CA LEU E 355 -26.57 3.34 -76.83
C LEU E 355 -26.71 2.69 -78.20
N SER E 356 -27.47 1.59 -78.31
CA SER E 356 -27.72 0.99 -79.61
C SER E 356 -28.71 1.81 -80.44
N GLN E 357 -29.71 2.41 -79.76
CA GLN E 357 -30.80 3.20 -80.39
C GLN E 357 -31.55 2.40 -81.45
N GLY E 358 -31.86 1.16 -81.12
CA GLY E 358 -32.64 0.32 -82.04
C GLY E 358 -31.88 -0.35 -83.16
N ASN E 359 -30.98 0.39 -83.82
CA ASN E 359 -30.12 -0.21 -84.83
C ASN E 359 -29.14 -1.16 -84.17
N PRO E 360 -28.99 -2.40 -84.67
CA PRO E 360 -28.09 -3.38 -84.05
C PRO E 360 -26.62 -3.23 -84.46
N ARG E 361 -26.16 -1.97 -84.54
CA ARG E 361 -24.76 -1.66 -84.86
C ARG E 361 -24.49 -0.25 -84.35
N ILE E 362 -23.73 -0.14 -83.25
CA ILE E 362 -23.41 1.17 -82.71
C ILE E 362 -22.32 1.79 -83.58
N THR E 363 -22.68 2.74 -84.43
CA THR E 363 -21.78 3.21 -85.47
C THR E 363 -21.32 4.63 -85.20
N CYS E 364 -20.23 5.00 -85.89
CA CYS E 364 -19.65 6.33 -85.79
C CYS E 364 -18.84 6.57 -87.06
N LEU E 365 -19.31 7.49 -87.90
CA LEU E 365 -18.71 7.71 -89.20
C LEU E 365 -17.71 8.85 -89.15
N PHE E 366 -16.65 8.72 -89.95
CA PHE E 366 -15.60 9.73 -90.04
C PHE E 366 -15.37 10.25 -91.44
N GLY E 367 -15.83 9.55 -92.48
CA GLY E 367 -15.72 10.00 -93.84
C GLY E 367 -15.10 8.95 -94.75
N LYS E 368 -14.07 8.27 -94.25
CA LYS E 368 -13.50 7.11 -94.92
C LYS E 368 -13.40 5.96 -93.93
N GLN E 369 -13.19 6.29 -92.67
CA GLN E 369 -13.23 5.33 -91.57
C GLN E 369 -14.63 5.23 -91.00
N ALA E 370 -14.90 4.12 -90.33
CA ALA E 370 -16.23 3.88 -89.77
C ALA E 370 -16.08 2.95 -88.57
N LEU E 371 -16.15 3.52 -87.37
CA LEU E 371 -16.14 2.71 -86.16
C LEU E 371 -17.50 2.05 -86.00
N VAL E 372 -17.51 0.74 -85.76
CA VAL E 372 -18.73 0.03 -85.40
C VAL E 372 -18.45 -0.80 -84.16
N ILE E 373 -19.47 -0.90 -83.30
CA ILE E 373 -19.45 -1.76 -82.11
C ILE E 373 -20.72 -2.59 -82.14
N ASP E 374 -20.56 -3.90 -82.24
CA ASP E 374 -21.71 -4.80 -82.23
C ASP E 374 -22.24 -4.91 -80.81
N ASN E 375 -23.54 -4.68 -80.64
CA ASN E 375 -24.14 -4.67 -79.30
C ASN E 375 -24.70 -6.06 -78.95
N SER E 376 -23.77 -7.00 -78.89
CA SER E 376 -24.04 -8.34 -78.35
C SER E 376 -22.96 -8.63 -77.32
N LEU E 377 -23.38 -8.97 -76.11
CA LEU E 377 -22.44 -9.29 -75.04
C LEU E 377 -21.71 -10.59 -75.37
N MET E 378 -20.46 -10.68 -74.93
CA MET E 378 -19.60 -11.83 -75.26
C MET E 378 -20.08 -13.06 -74.50
N SER E 379 -20.79 -13.94 -75.20
CA SER E 379 -21.33 -15.15 -74.61
C SER E 379 -20.26 -16.23 -74.53
N ALA E 380 -20.60 -17.31 -73.83
CA ALA E 380 -19.70 -18.44 -73.62
C ALA E 380 -20.54 -19.67 -73.30
N ALA E 381 -19.90 -20.74 -72.84
CA ALA E 381 -20.60 -21.96 -72.47
C ALA E 381 -19.75 -22.73 -71.47
N ILE E 382 -20.24 -22.85 -70.24
CA ILE E 382 -19.49 -23.46 -69.14
C ILE E 382 -20.35 -24.58 -68.55
N THR E 383 -19.70 -25.70 -68.19
CA THR E 383 -20.36 -26.83 -67.54
C THR E 383 -19.98 -26.83 -66.06
N TRP E 384 -20.94 -26.47 -65.21
CA TRP E 384 -20.88 -26.55 -63.76
C TRP E 384 -22.02 -27.42 -63.21
N PRO E 385 -21.87 -27.94 -61.97
CA PRO E 385 -22.98 -28.66 -61.32
C PRO E 385 -24.20 -27.77 -61.13
N GLU E 386 -25.37 -28.41 -61.23
CA GLU E 386 -26.64 -27.72 -61.27
C GLU E 386 -26.97 -27.06 -59.93
N ILE E 387 -27.51 -25.84 -60.01
CA ILE E 387 -27.94 -25.06 -58.85
C ILE E 387 -29.44 -25.22 -58.70
N SER E 388 -29.86 -25.76 -57.56
CA SER E 388 -31.30 -25.90 -57.30
C SER E 388 -31.93 -24.54 -57.04
N GLY E 389 -33.03 -24.26 -57.75
CA GLY E 389 -33.80 -23.06 -57.52
C GLY E 389 -33.60 -21.93 -58.51
N ASP E 390 -32.66 -22.05 -59.44
CA ASP E 390 -32.44 -20.97 -60.40
C ASP E 390 -32.77 -21.35 -61.83
N GLN E 391 -32.07 -22.35 -62.41
CA GLN E 391 -32.14 -22.80 -63.80
C GLN E 391 -31.82 -21.75 -64.85
N ALA E 392 -31.31 -22.18 -66.00
CA ALA E 392 -30.95 -21.27 -67.08
C ALA E 392 -32.23 -20.80 -67.76
N ASN E 393 -32.72 -19.61 -67.38
CA ASN E 393 -33.89 -19.06 -68.03
C ASN E 393 -33.58 -18.58 -69.44
N ARG E 394 -32.47 -17.86 -69.61
CA ARG E 394 -31.98 -17.29 -70.87
C ARG E 394 -33.02 -16.42 -71.58
N MET F 1 -9.76 -1.14 -90.41
CA MET F 1 -9.43 -2.55 -90.35
C MET F 1 -10.52 -3.36 -89.67
N LYS F 2 -10.82 -4.54 -90.23
CA LYS F 2 -11.68 -5.50 -89.54
C LYS F 2 -10.89 -6.15 -88.41
N THR F 3 -11.49 -6.18 -87.22
CA THR F 3 -10.86 -6.78 -86.05
C THR F 3 -11.63 -8.04 -85.68
N ASN F 4 -10.92 -9.16 -85.59
CA ASN F 4 -11.55 -10.41 -85.21
C ASN F 4 -11.94 -10.40 -83.73
N THR F 5 -13.08 -11.02 -83.44
CA THR F 5 -13.57 -11.07 -82.07
C THR F 5 -12.75 -12.05 -81.25
N ALA F 6 -12.57 -11.71 -79.97
CA ALA F 6 -11.77 -12.56 -79.08
C ALA F 6 -12.55 -13.82 -78.73
N THR F 7 -11.87 -14.96 -78.79
CA THR F 7 -12.47 -16.25 -78.47
C THR F 7 -12.53 -16.38 -76.95
N VAL F 8 -13.73 -16.37 -76.40
CA VAL F 8 -13.91 -16.46 -74.95
C VAL F 8 -13.89 -17.93 -74.58
N ARG F 9 -12.81 -18.37 -73.94
CA ARG F 9 -12.64 -19.76 -73.54
C ARG F 9 -12.68 -19.85 -72.03
N CYS F 10 -13.54 -20.72 -71.50
CA CYS F 10 -13.76 -20.77 -70.07
C CYS F 10 -13.61 -22.20 -69.55
N GLU F 11 -13.22 -22.28 -68.29
CA GLU F 11 -13.00 -23.57 -67.62
C GLU F 11 -13.27 -23.38 -66.13
N LEU F 12 -13.96 -24.33 -65.52
CA LEU F 12 -14.25 -24.26 -64.09
C LEU F 12 -13.31 -25.21 -63.36
N PHE F 13 -12.51 -24.65 -62.45
CA PHE F 13 -11.53 -25.43 -61.73
C PHE F 13 -12.20 -26.23 -60.62
N GLU F 14 -11.59 -27.37 -60.29
CA GLU F 14 -12.11 -28.20 -59.21
C GLU F 14 -11.88 -27.52 -57.86
N GLU F 15 -12.82 -27.73 -56.95
CA GLU F 15 -12.76 -27.08 -55.65
C GLU F 15 -11.67 -27.73 -54.78
N PRO F 16 -10.73 -26.95 -54.25
CA PRO F 16 -9.73 -27.51 -53.34
C PRO F 16 -10.34 -27.94 -52.02
N SER F 17 -9.71 -28.94 -51.41
CA SER F 17 -10.19 -29.52 -50.17
C SER F 17 -9.11 -29.45 -49.11
N LEU F 18 -9.54 -29.27 -47.86
CA LEU F 18 -8.64 -29.05 -46.73
C LEU F 18 -8.49 -30.33 -45.92
N GLU F 19 -7.40 -30.39 -45.15
CA GLU F 19 -7.10 -31.54 -44.31
C GLU F 19 -7.35 -31.15 -42.85
N PHE F 20 -8.40 -31.71 -42.25
CA PHE F 20 -8.69 -31.58 -40.84
C PHE F 20 -8.11 -32.79 -40.11
N ALA F 21 -8.56 -32.98 -38.85
CA ALA F 21 -7.95 -33.91 -37.89
C ALA F 21 -7.97 -35.36 -38.39
N SER F 22 -6.93 -36.10 -37.98
CA SER F 22 -6.58 -37.43 -38.51
C SER F 22 -6.41 -37.41 -40.04
N SER F 23 -5.91 -36.29 -40.55
CA SER F 23 -5.62 -36.05 -41.97
C SER F 23 -6.84 -36.32 -42.85
N ARG F 24 -8.00 -35.83 -42.41
CA ARG F 24 -9.26 -36.18 -43.04
C ARG F 24 -9.76 -35.02 -43.88
N LEU F 25 -10.10 -35.29 -45.13
CA LEU F 25 -10.39 -34.22 -46.09
C LEU F 25 -11.82 -33.72 -45.96
N HIS F 26 -11.99 -32.40 -46.05
CA HIS F 26 -13.30 -31.76 -46.10
C HIS F 26 -13.16 -30.40 -46.77
N LEU F 27 -14.22 -29.99 -47.47
CA LEU F 27 -14.20 -28.74 -48.23
C LEU F 27 -14.38 -27.52 -47.34
N CYS F 28 -15.51 -27.44 -46.64
CA CYS F 28 -15.86 -26.24 -45.90
C CYS F 28 -15.09 -26.16 -44.58
N PRO F 29 -14.46 -25.02 -44.26
CA PRO F 29 -13.77 -24.90 -42.97
C PRO F 29 -14.70 -24.87 -41.77
N LYS F 30 -15.98 -24.52 -41.94
CA LYS F 30 -16.90 -24.52 -40.83
C LYS F 30 -17.35 -25.92 -40.45
N ARG F 31 -17.48 -26.81 -41.43
CA ARG F 31 -17.97 -28.15 -41.17
C ARG F 31 -16.89 -29.13 -40.81
N GLY F 32 -15.67 -28.94 -41.33
CA GLY F 32 -14.56 -29.81 -40.98
C GLY F 32 -14.12 -29.70 -39.54
N ILE F 33 -14.23 -28.51 -38.96
CA ILE F 33 -13.94 -28.32 -37.53
C ILE F 33 -15.02 -28.98 -36.68
N THR F 34 -16.28 -28.87 -37.10
CA THR F 34 -17.38 -29.45 -36.34
C THR F 34 -17.37 -30.98 -36.39
N ILE F 35 -17.16 -31.55 -37.58
CA ILE F 35 -17.25 -33.00 -37.74
C ILE F 35 -15.94 -33.67 -37.34
N PHE F 36 -14.85 -33.31 -38.01
CA PHE F 36 -13.57 -33.97 -37.81
C PHE F 36 -12.75 -33.34 -36.69
N GLY F 37 -12.71 -32.02 -36.62
CA GLY F 37 -11.92 -31.32 -35.64
C GLY F 37 -10.82 -30.50 -36.27
N PRO F 38 -10.19 -29.63 -35.49
CA PRO F 38 -9.05 -28.85 -36.00
C PRO F 38 -7.86 -29.75 -36.29
N ARG F 39 -6.99 -29.26 -37.18
CA ARG F 39 -5.89 -30.08 -37.71
C ARG F 39 -4.87 -30.46 -36.64
N SER F 40 -4.64 -29.59 -35.66
CA SER F 40 -3.66 -29.86 -34.63
C SER F 40 -4.17 -30.77 -33.51
N LEU F 41 -5.32 -31.42 -33.69
CA LEU F 41 -5.85 -32.32 -32.67
C LEU F 41 -5.01 -33.58 -32.55
N ASP F 42 -4.68 -34.21 -33.68
CA ASP F 42 -3.91 -35.45 -33.65
C ASP F 42 -2.42 -35.24 -33.45
N MET F 43 -1.95 -33.99 -33.49
CA MET F 43 -0.52 -33.72 -33.32
C MET F 43 -0.06 -33.90 -31.89
N GLY F 44 -0.98 -33.97 -30.93
CA GLY F 44 -0.66 -34.33 -29.57
C GLY F 44 -0.28 -33.18 -28.67
N LYS F 45 0.87 -32.55 -28.95
CA LYS F 45 1.43 -31.56 -28.04
C LYS F 45 1.38 -30.14 -28.57
N ARG F 46 1.15 -29.94 -29.87
CA ARG F 46 0.97 -28.58 -30.36
C ARG F 46 -0.43 -28.05 -30.07
N HIS F 47 -1.37 -28.94 -29.77
CA HIS F 47 -2.74 -28.55 -29.44
C HIS F 47 -2.77 -27.79 -28.12
N PRO F 48 -3.30 -26.56 -28.09
CA PRO F 48 -3.41 -25.84 -26.81
C PRO F 48 -4.52 -26.43 -25.94
N ASP F 49 -4.13 -27.14 -24.89
CA ASP F 49 -5.11 -27.75 -24.01
C ASP F 49 -5.80 -26.69 -23.15
N ILE F 50 -5.03 -25.80 -22.56
CA ILE F 50 -5.54 -24.70 -21.74
C ILE F 50 -5.01 -23.39 -22.31
N VAL F 51 -5.91 -22.45 -22.58
CA VAL F 51 -5.56 -21.12 -23.06
C VAL F 51 -5.73 -20.15 -21.91
N ARG F 52 -4.66 -19.44 -21.57
CA ARG F 52 -4.69 -18.41 -20.53
C ARG F 52 -4.87 -17.06 -21.20
N VAL F 53 -5.90 -16.32 -20.81
CA VAL F 53 -6.35 -15.14 -21.53
C VAL F 53 -6.18 -13.92 -20.63
N GLY F 54 -5.51 -12.89 -21.14
CA GLY F 54 -5.36 -11.64 -20.45
C GLY F 54 -6.26 -10.56 -21.01
N PHE F 55 -6.55 -9.56 -20.17
CA PHE F 55 -7.45 -8.48 -20.54
C PHE F 55 -6.80 -7.15 -20.20
N ILE F 56 -6.86 -6.20 -21.14
CA ILE F 56 -6.39 -4.83 -20.89
C ILE F 56 -7.56 -3.89 -21.15
N GLY F 57 -8.75 -4.33 -20.80
CA GLY F 57 -9.89 -3.44 -20.87
C GLY F 57 -10.13 -2.68 -19.57
N THR F 58 -11.07 -1.74 -19.64
CA THR F 58 -11.62 -1.20 -18.41
C THR F 58 -12.66 -2.18 -17.86
N GLY F 59 -13.15 -1.91 -16.65
CA GLY F 59 -13.93 -2.90 -15.91
C GLY F 59 -15.25 -3.26 -16.58
N GLU F 60 -15.94 -2.26 -17.14
CA GLU F 60 -17.18 -2.52 -17.87
C GLU F 60 -16.91 -3.34 -19.13
N THR F 61 -15.86 -2.97 -19.88
CA THR F 61 -15.54 -3.70 -21.10
C THR F 61 -14.96 -5.08 -20.80
N ILE F 62 -14.23 -5.23 -19.69
CA ILE F 62 -13.75 -6.55 -19.28
C ILE F 62 -14.92 -7.45 -18.90
N ASP F 63 -15.90 -6.91 -18.18
CA ASP F 63 -17.09 -7.68 -17.83
C ASP F 63 -17.89 -8.08 -19.06
N SER F 64 -18.07 -7.15 -20.00
CA SER F 64 -18.80 -7.45 -21.24
C SER F 64 -18.07 -8.47 -22.10
N ALA F 65 -16.73 -8.36 -22.20
CA ALA F 65 -15.95 -9.30 -23.00
C ALA F 65 -15.94 -10.68 -22.37
N THR F 66 -15.83 -10.76 -21.04
CA THR F 66 -15.86 -12.04 -20.36
C THR F 66 -17.23 -12.71 -20.49
N ARG F 67 -18.30 -11.91 -20.41
CA ARG F 67 -19.65 -12.44 -20.59
C ARG F 67 -19.86 -12.94 -22.02
N TRP F 68 -19.34 -12.20 -23.01
CA TRP F 68 -19.49 -12.62 -24.41
C TRP F 68 -18.65 -13.86 -24.71
N LEU F 69 -17.46 -13.96 -24.13
CA LEU F 69 -16.63 -15.15 -24.31
C LEU F 69 -17.26 -16.38 -23.66
N GLU F 70 -17.83 -16.22 -22.46
CA GLU F 70 -18.48 -17.36 -21.83
C GLU F 70 -19.82 -17.70 -22.47
N SER F 71 -20.44 -16.75 -23.18
CA SER F 71 -21.63 -17.06 -23.95
C SER F 71 -21.27 -17.81 -25.23
N CYS F 72 -20.21 -17.40 -25.93
CA CYS F 72 -19.86 -18.02 -27.19
C CYS F 72 -19.19 -19.38 -27.03
N ALA F 73 -18.45 -19.59 -25.93
CA ALA F 73 -17.70 -20.83 -25.76
C ALA F 73 -18.59 -22.01 -25.44
N ASP F 74 -19.83 -21.77 -24.99
CA ASP F 74 -20.75 -22.87 -24.73
C ASP F 74 -21.27 -23.48 -26.03
N GLY F 75 -21.41 -22.67 -27.07
CA GLY F 75 -21.98 -23.11 -28.35
C GLY F 75 -23.14 -22.19 -28.69
N VAL F 76 -23.14 -21.71 -29.93
CA VAL F 76 -24.13 -20.74 -30.39
C VAL F 76 -24.94 -21.40 -31.51
N GLU F 77 -26.25 -21.48 -31.31
CA GLU F 77 -27.14 -21.99 -32.34
C GLU F 77 -27.28 -20.97 -33.46
N GLY F 78 -27.61 -21.47 -34.65
CA GLY F 78 -27.75 -20.62 -35.82
C GLY F 78 -29.08 -20.84 -36.51
N ASP F 79 -29.41 -19.91 -37.40
CA ASP F 79 -30.58 -20.02 -38.26
C ASP F 79 -30.26 -20.85 -39.50
N VAL F 80 -31.12 -20.77 -40.52
CA VAL F 80 -31.03 -21.66 -41.68
C VAL F 80 -29.73 -21.43 -42.45
N ALA F 81 -29.43 -20.20 -42.80
CA ALA F 81 -28.23 -19.90 -43.58
C ALA F 81 -27.03 -19.51 -42.71
N ASN F 82 -26.77 -20.31 -41.67
CA ASN F 82 -25.62 -20.13 -40.80
C ASN F 82 -25.35 -21.44 -40.07
N TYR F 83 -24.12 -21.92 -40.13
CA TYR F 83 -23.74 -23.12 -39.40
C TYR F 83 -23.52 -22.78 -37.93
N ARG F 84 -23.92 -23.69 -37.05
CA ARG F 84 -23.85 -23.45 -35.62
C ARG F 84 -22.41 -23.50 -35.12
N PHE F 85 -22.12 -22.69 -34.12
CA PHE F 85 -20.83 -22.76 -33.45
C PHE F 85 -20.85 -23.89 -32.43
N PRO F 86 -19.92 -24.84 -32.50
CA PRO F 86 -19.92 -25.95 -31.54
C PRO F 86 -19.57 -25.52 -30.14
N GLY F 87 -18.47 -24.78 -29.99
CA GLY F 87 -18.05 -24.31 -28.69
C GLY F 87 -16.54 -24.32 -28.51
N PHE F 88 -16.08 -23.83 -27.37
CA PHE F 88 -14.66 -23.75 -27.06
C PHE F 88 -14.42 -24.27 -25.64
N ARG F 89 -14.96 -25.43 -25.33
CA ARG F 89 -14.71 -26.11 -24.08
C ARG F 89 -13.95 -27.41 -24.35
N ALA F 90 -13.74 -28.19 -23.30
CA ALA F 90 -12.95 -29.42 -23.41
C ALA F 90 -13.71 -30.55 -24.08
N ASP F 91 -15.00 -30.39 -24.35
CA ASP F 91 -15.81 -31.45 -24.93
C ASP F 91 -16.36 -31.12 -26.32
N ARG F 92 -16.36 -29.85 -26.73
CA ARG F 92 -17.08 -29.43 -27.92
C ARG F 92 -16.16 -28.64 -28.84
N GLY F 93 -16.16 -29.01 -30.12
CA GLY F 93 -15.57 -28.17 -31.15
C GLY F 93 -14.07 -28.18 -31.25
N PHE F 94 -13.44 -27.09 -30.81
CA PHE F 94 -11.99 -26.95 -30.92
C PHE F 94 -11.23 -27.73 -29.86
N PHE F 95 -11.94 -28.26 -28.84
CA PHE F 95 -11.36 -29.08 -27.76
C PHE F 95 -10.25 -28.35 -27.01
N SER F 96 -10.45 -27.06 -26.78
CA SER F 96 -9.54 -26.23 -26.00
C SER F 96 -10.35 -25.51 -24.93
N ASP F 97 -9.66 -24.92 -23.96
CA ASP F 97 -10.36 -24.31 -22.84
C ASP F 97 -9.80 -22.92 -22.58
N LEU F 98 -10.69 -22.01 -22.19
CA LEU F 98 -10.32 -20.64 -21.82
C LEU F 98 -10.26 -20.55 -20.31
N SER F 99 -9.08 -20.22 -19.77
CA SER F 99 -8.88 -20.08 -18.33
C SER F 99 -8.67 -18.60 -18.02
N PHE F 100 -9.65 -17.98 -17.39
CA PHE F 100 -9.60 -16.56 -17.06
C PHE F 100 -8.91 -16.41 -15.71
N ASP F 101 -7.58 -16.29 -15.74
CA ASP F 101 -6.81 -16.10 -14.53
C ASP F 101 -6.96 -14.65 -14.05
N ALA F 102 -7.19 -14.49 -12.75
CA ALA F 102 -7.46 -13.17 -12.20
C ALA F 102 -6.21 -12.33 -11.99
N GLU F 103 -5.02 -12.93 -12.04
CA GLU F 103 -3.80 -12.16 -11.85
C GLU F 103 -3.27 -11.56 -13.15
N THR F 104 -3.61 -12.15 -14.30
CA THR F 104 -3.15 -11.64 -15.59
C THR F 104 -4.20 -10.71 -16.21
N VAL F 105 -4.64 -9.72 -15.42
CA VAL F 105 -5.63 -8.75 -15.87
C VAL F 105 -5.07 -7.37 -15.56
N GLU F 106 -4.83 -6.59 -16.60
CA GLU F 106 -4.54 -5.17 -16.45
C GLU F 106 -5.80 -4.37 -16.69
N ARG F 107 -5.73 -3.07 -16.43
CA ARG F 107 -6.92 -2.23 -16.46
C ARG F 107 -6.54 -0.81 -16.78
N LEU F 108 -7.13 -0.26 -17.84
CA LEU F 108 -6.98 1.15 -18.17
C LEU F 108 -7.78 1.96 -17.16
N THR F 109 -7.10 2.44 -16.12
CA THR F 109 -7.75 3.20 -15.07
C THR F 109 -8.24 4.54 -15.60
N LEU F 110 -9.28 5.07 -14.97
CA LEU F 110 -9.90 6.30 -15.48
C LEU F 110 -9.07 7.52 -15.10
N ARG F 111 -8.11 7.37 -14.20
CA ARG F 111 -7.08 8.39 -14.01
C ARG F 111 -6.26 8.57 -15.28
N GLU F 112 -5.89 7.47 -15.93
CA GLU F 112 -5.07 7.54 -17.14
C GLU F 112 -5.89 7.94 -18.36
N LEU F 113 -7.15 7.50 -18.43
CA LEU F 113 -7.97 7.75 -19.62
C LEU F 113 -8.36 9.21 -19.75
N GLU F 114 -8.46 9.94 -18.64
CA GLU F 114 -8.71 11.36 -18.68
C GLU F 114 -7.43 12.18 -18.74
N ALA F 115 -6.27 11.53 -18.70
CA ALA F 115 -4.99 12.18 -18.95
C ALA F 115 -4.60 12.14 -20.42
N LEU F 116 -5.40 11.48 -21.27
CA LEU F 116 -5.18 11.45 -22.70
C LEU F 116 -5.95 12.53 -23.43
N ALA F 117 -6.31 13.62 -22.74
CA ALA F 117 -6.96 14.76 -23.36
C ALA F 117 -6.35 16.10 -22.95
N ARG F 118 -5.41 16.10 -22.01
CA ARG F 118 -4.72 17.31 -21.57
C ARG F 118 -3.67 17.84 -22.55
N PRO F 119 -2.93 17.03 -23.32
CA PRO F 119 -2.18 17.60 -24.45
C PRO F 119 -3.09 18.26 -25.47
N ARG F 120 -2.56 19.29 -26.12
CA ARG F 120 -3.34 20.12 -27.04
C ARG F 120 -3.32 19.57 -28.46
N THR F 121 -2.13 19.42 -29.04
CA THR F 121 -2.02 18.85 -30.37
C THR F 121 -2.34 17.36 -30.35
N LYS F 122 -2.87 16.87 -31.47
CA LYS F 122 -3.35 15.49 -31.53
C LYS F 122 -2.21 14.47 -31.60
N ARG F 123 -1.00 14.92 -31.98
CA ARG F 123 0.15 14.02 -32.03
C ARG F 123 0.49 13.50 -30.63
N GLU F 124 0.56 14.42 -29.67
CA GLU F 124 0.88 14.03 -28.30
C GLU F 124 -0.24 13.22 -27.66
N ARG F 125 -1.50 13.51 -28.01
CA ARG F 125 -2.61 12.70 -27.50
C ARG F 125 -2.55 11.27 -28.02
N PHE F 126 -2.26 11.11 -29.32
CA PHE F 126 -2.10 9.77 -29.87
C PHE F 126 -0.88 9.06 -29.30
N GLU F 127 0.23 9.78 -29.09
CA GLU F 127 1.44 9.17 -28.56
C GLU F 127 1.25 8.75 -27.10
N GLN F 128 0.48 9.53 -26.32
CA GLN F 128 0.18 9.12 -24.96
C GLN F 128 -0.80 7.95 -24.93
N ALA F 129 -1.71 7.86 -25.91
CA ALA F 129 -2.58 6.69 -26.01
C ALA F 129 -1.80 5.42 -26.29
N VAL F 130 -0.85 5.49 -27.24
CA VAL F 130 0.00 4.33 -27.53
C VAL F 130 0.94 4.03 -26.37
N ALA F 131 1.41 5.07 -25.66
CA ALA F 131 2.27 4.86 -24.50
C ALA F 131 1.53 4.16 -23.37
N LEU F 132 0.26 4.52 -23.15
CA LEU F 132 -0.57 3.79 -22.20
C LEU F 132 -0.79 2.35 -22.63
N LEU F 133 -1.13 2.14 -23.90
CA LEU F 133 -1.49 0.80 -24.36
C LEU F 133 -0.30 -0.11 -24.57
N ASP F 134 0.95 0.39 -24.55
CA ASP F 134 2.08 -0.53 -24.49
C ASP F 134 2.79 -0.58 -23.15
N ASP F 135 2.60 0.42 -22.28
CA ASP F 135 2.99 0.25 -20.89
C ASP F 135 2.16 -0.83 -20.22
N LYS F 136 0.86 -0.87 -20.53
CA LYS F 136 0.03 -1.94 -20.00
C LYS F 136 0.29 -3.30 -20.65
N LEU F 137 0.88 -3.32 -21.85
CA LEU F 137 1.38 -4.58 -22.40
C LEU F 137 2.68 -5.00 -21.73
N ARG F 138 3.52 -4.03 -21.38
CA ARG F 138 4.75 -4.29 -20.64
C ARG F 138 4.45 -4.88 -19.27
N LEU F 139 3.39 -4.41 -18.62
CA LEU F 139 3.04 -4.94 -17.31
C LEU F 139 2.50 -6.37 -17.37
N LEU F 140 2.07 -6.84 -18.54
CA LEU F 140 1.71 -8.25 -18.69
C LEU F 140 2.87 -9.12 -19.18
N SER F 141 3.73 -8.59 -20.05
CA SER F 141 4.83 -9.40 -20.57
C SER F 141 5.98 -9.52 -19.58
N GLN F 142 5.97 -8.76 -18.50
CA GLN F 142 7.02 -8.82 -17.48
C GLN F 142 6.54 -9.53 -16.22
N LYS F 143 5.71 -10.55 -16.38
CA LYS F 143 5.27 -11.41 -15.29
C LYS F 143 6.05 -12.72 -15.34
N ASP F 144 5.91 -13.52 -14.27
CA ASP F 144 6.62 -14.80 -14.23
C ASP F 144 5.97 -15.82 -15.15
N ARG F 145 4.67 -15.73 -15.37
CA ARG F 145 3.98 -16.52 -16.38
C ARG F 145 3.10 -15.59 -17.20
N PRO F 146 3.58 -15.10 -18.34
CA PRO F 146 2.76 -14.21 -19.16
C PRO F 146 1.59 -14.96 -19.78
N PRO F 147 0.49 -14.28 -20.08
CA PRO F 147 -0.66 -14.95 -20.70
C PRO F 147 -0.34 -15.42 -22.11
N ASP F 148 -1.01 -16.50 -22.52
CA ASP F 148 -0.89 -17.01 -23.87
C ASP F 148 -1.67 -16.19 -24.89
N TYR F 149 -2.50 -15.26 -24.44
CA TYR F 149 -3.44 -14.57 -25.30
C TYR F 149 -3.92 -13.31 -24.57
N VAL F 150 -3.97 -12.19 -25.29
CA VAL F 150 -4.38 -10.92 -24.72
C VAL F 150 -5.57 -10.39 -25.49
N VAL F 151 -6.64 -10.05 -24.78
CA VAL F 151 -7.84 -9.47 -25.37
C VAL F 151 -7.91 -8.01 -24.95
N LEU F 152 -7.74 -7.11 -25.92
CA LEU F 152 -7.79 -5.67 -25.72
C LEU F 152 -9.23 -5.21 -25.84
N ALA F 153 -9.93 -5.15 -24.71
CA ALA F 153 -11.31 -4.69 -24.67
C ALA F 153 -11.33 -3.16 -24.54
N LEU F 154 -11.02 -2.50 -25.66
CA LEU F 154 -10.90 -1.05 -25.67
C LEU F 154 -12.27 -0.39 -25.50
N PRO F 155 -12.37 0.65 -24.67
CA PRO F 155 -13.63 1.38 -24.56
C PRO F 155 -13.95 2.15 -25.83
N THR F 156 -15.23 2.44 -26.02
CA THR F 156 -15.66 3.11 -27.25
C THR F 156 -15.25 4.57 -27.28
N GLU F 157 -15.00 5.20 -26.12
CA GLU F 157 -14.56 6.59 -26.12
C GLU F 157 -13.13 6.72 -26.63
N LEU F 158 -12.25 5.80 -26.21
CA LEU F 158 -10.87 5.80 -26.67
C LEU F 158 -10.77 5.53 -28.16
N VAL F 159 -11.56 4.58 -28.66
CA VAL F 159 -11.53 4.26 -30.09
C VAL F 159 -12.14 5.40 -30.91
N LYS F 160 -13.19 6.04 -30.39
CA LYS F 160 -13.80 7.15 -31.11
C LYS F 160 -12.88 8.38 -31.14
N ALA F 161 -12.17 8.64 -30.04
CA ALA F 161 -11.36 9.85 -29.96
C ALA F 161 -9.97 9.66 -30.57
N GLN F 162 -9.21 8.69 -30.07
CA GLN F 162 -7.79 8.55 -30.40
C GLN F 162 -7.52 7.25 -31.15
N GLY F 163 -8.35 6.92 -32.12
CA GLY F 163 -8.17 5.68 -32.85
C GLY F 163 -7.76 5.83 -34.30
N ARG F 164 -8.13 6.95 -34.92
CA ARG F 164 -7.95 7.15 -36.36
C ARG F 164 -7.41 8.57 -36.62
N VAL F 165 -6.32 8.91 -35.95
CA VAL F 165 -5.89 10.31 -35.82
C VAL F 165 -5.25 10.78 -37.11
N ASP F 166 -5.83 11.84 -37.70
CA ASP F 166 -5.25 12.54 -38.84
C ASP F 166 -4.65 13.86 -38.35
N TYR F 167 -3.44 14.18 -38.80
CA TYR F 167 -2.84 15.44 -38.42
C TYR F 167 -1.90 15.91 -39.52
N TYR F 168 -1.23 17.04 -39.24
CA TYR F 168 -0.20 17.60 -40.10
C TYR F 168 1.09 17.73 -39.32
N ASP F 169 2.21 17.43 -39.98
CA ASP F 169 3.54 17.60 -39.43
C ASP F 169 4.37 18.35 -40.46
N LYS F 170 5.23 19.26 -39.97
CA LYS F 170 5.95 20.17 -40.85
C LYS F 170 6.99 19.47 -41.72
N GLN F 171 7.45 18.28 -41.34
CA GLN F 171 8.45 17.53 -42.11
C GLN F 171 7.83 16.41 -42.92
N ASP F 172 7.02 15.56 -42.29
CA ASP F 172 6.42 14.44 -43.00
C ASP F 172 5.27 14.87 -43.91
N GLY F 173 4.46 15.83 -43.46
CA GLY F 173 3.30 16.24 -44.23
C GLY F 173 2.01 15.84 -43.55
N GLU F 174 0.97 15.53 -44.33
CA GLU F 174 -0.30 15.08 -43.75
C GLU F 174 -0.18 13.60 -43.39
N VAL F 175 -0.31 13.30 -42.10
CA VAL F 175 -0.03 11.97 -41.58
C VAL F 175 -1.31 11.39 -41.00
N HIS F 176 -1.63 10.14 -41.38
CA HIS F 176 -2.71 9.37 -40.80
C HIS F 176 -2.12 8.26 -39.95
N ARG F 177 -2.55 8.18 -38.69
CA ARG F 177 -2.08 7.16 -37.76
C ARG F 177 -3.27 6.41 -37.19
N ASP F 178 -3.09 5.10 -37.00
CA ASP F 178 -4.16 4.21 -36.56
C ASP F 178 -3.75 3.58 -35.24
N LEU F 179 -4.74 3.39 -34.36
CA LEU F 179 -4.45 2.78 -33.06
C LEU F 179 -4.28 1.28 -33.16
N ARG F 180 -4.99 0.63 -34.09
CA ARG F 180 -4.86 -0.81 -34.27
C ARG F 180 -3.50 -1.19 -34.82
N ARG F 181 -2.97 -0.39 -35.74
CA ARG F 181 -1.68 -0.67 -36.34
C ARG F 181 -0.51 -0.15 -35.52
N ALA F 182 -0.77 0.51 -34.39
CA ALA F 182 0.27 0.97 -33.50
C ALA F 182 0.39 0.12 -32.23
N ILE F 183 -0.65 -0.65 -31.90
CA ILE F 183 -0.59 -1.59 -30.78
C ILE F 183 -0.46 -3.03 -31.23
N LYS F 184 -0.58 -3.30 -32.53
CA LYS F 184 -0.12 -4.57 -33.08
C LYS F 184 1.36 -4.54 -33.41
N ALA F 185 1.96 -3.34 -33.48
CA ALA F 185 3.40 -3.19 -33.62
C ALA F 185 4.09 -3.03 -32.28
N SER F 186 3.35 -2.67 -31.23
CA SER F 186 3.88 -2.64 -29.88
C SER F 186 3.70 -3.96 -29.15
N ALA F 187 3.02 -4.92 -29.77
CA ALA F 187 2.90 -6.26 -29.20
C ALA F 187 3.93 -7.22 -29.75
N MET F 188 4.59 -6.88 -30.86
CA MET F 188 5.72 -7.68 -31.32
C MET F 188 6.97 -7.44 -30.47
N LYS F 189 7.07 -6.26 -29.86
CA LYS F 189 8.20 -5.98 -28.99
C LYS F 189 8.13 -6.79 -27.71
N TYR F 190 6.93 -7.16 -27.28
CA TYR F 190 6.72 -7.93 -26.07
C TYR F 190 6.28 -9.37 -26.32
N ARG F 191 6.13 -9.77 -27.59
CA ARG F 191 5.79 -11.14 -28.01
C ARG F 191 4.46 -11.63 -27.41
N LEU F 192 3.44 -10.79 -27.52
CA LEU F 192 2.11 -11.12 -27.00
C LEU F 192 1.09 -11.06 -28.12
N PRO F 193 0.48 -12.18 -28.51
CA PRO F 193 -0.60 -12.12 -29.51
C PRO F 193 -1.85 -11.47 -28.92
N THR F 194 -2.28 -10.39 -29.54
CA THR F 194 -3.39 -9.59 -29.02
C THR F 194 -4.60 -9.67 -29.95
N GLN F 195 -5.74 -9.22 -29.42
CA GLN F 195 -7.01 -9.23 -30.14
C GLN F 195 -7.84 -8.06 -29.65
N ILE F 196 -7.96 -7.03 -30.49
CA ILE F 196 -8.77 -5.86 -30.13
C ILE F 196 -10.24 -6.24 -30.26
N LEU F 197 -11.00 -6.04 -29.19
CA LEU F 197 -12.40 -6.45 -29.12
C LEU F 197 -13.22 -5.27 -28.62
N LEU F 198 -13.95 -4.63 -29.52
CA LEU F 198 -14.69 -3.42 -29.19
C LEU F 198 -16.02 -3.76 -28.52
N GLN F 199 -16.76 -2.71 -28.16
CA GLN F 199 -18.06 -2.89 -27.52
C GLN F 199 -19.19 -3.09 -28.51
N ARG F 200 -18.95 -2.87 -29.81
CA ARG F 200 -19.98 -3.18 -30.80
C ARG F 200 -20.14 -4.68 -31.00
N THR F 201 -19.14 -5.47 -30.66
CA THR F 201 -19.20 -6.92 -30.81
C THR F 201 -19.71 -7.60 -29.55
N THR F 202 -19.17 -7.23 -28.39
CA THR F 202 -19.57 -7.89 -27.15
C THR F 202 -20.96 -7.45 -26.71
N GLU F 203 -21.25 -6.16 -26.77
CA GLU F 203 -22.54 -5.63 -26.33
C GLU F 203 -23.51 -5.51 -27.50
N ALA F 204 -23.75 -6.63 -28.15
CA ALA F 204 -24.61 -6.70 -29.33
C ALA F 204 -25.85 -7.52 -29.00
N THR F 205 -27.02 -6.92 -29.23
CA THR F 205 -28.28 -7.61 -29.04
C THR F 205 -28.52 -8.60 -30.19
N PRO F 206 -29.36 -9.62 -29.97
CA PRO F 206 -29.71 -10.51 -31.09
C PRO F 206 -30.57 -9.80 -32.13
N GLY F 207 -29.95 -9.45 -33.25
CA GLY F 207 -30.57 -8.66 -34.28
C GLY F 207 -30.10 -7.22 -34.17
N SER F 208 -29.11 -6.84 -34.98
CA SER F 208 -28.52 -5.50 -34.87
C SER F 208 -28.25 -4.83 -36.20
N LYS F 209 -28.10 -5.59 -37.30
CA LYS F 209 -27.77 -5.08 -38.65
C LYS F 209 -26.46 -4.28 -38.68
N ASP F 210 -25.58 -4.54 -37.73
CA ASP F 210 -24.27 -3.89 -37.67
C ASP F 210 -23.19 -4.94 -37.49
N VAL F 211 -23.54 -6.05 -36.85
CA VAL F 211 -22.65 -7.19 -36.66
C VAL F 211 -23.25 -8.38 -37.40
N ASP F 212 -22.53 -9.50 -37.43
CA ASP F 212 -22.94 -10.61 -38.29
C ASP F 212 -24.15 -11.36 -37.71
N HIS F 213 -23.90 -12.11 -36.65
CA HIS F 213 -24.75 -13.00 -35.88
C HIS F 213 -23.77 -13.58 -34.87
N LEU F 214 -24.28 -14.10 -33.75
CA LEU F 214 -23.35 -14.62 -32.74
C LEU F 214 -22.67 -15.91 -33.19
N SER F 215 -23.29 -16.65 -34.11
CA SER F 215 -22.65 -17.83 -34.70
C SER F 215 -21.45 -17.45 -35.53
N LYS F 216 -21.61 -16.49 -36.45
CA LYS F 216 -20.51 -16.08 -37.31
C LYS F 216 -19.45 -15.31 -36.53
N CYS F 217 -19.87 -14.52 -35.54
CA CYS F 217 -18.92 -13.81 -34.68
C CYS F 217 -18.09 -14.79 -33.87
N ALA F 218 -18.74 -15.82 -33.33
CA ALA F 218 -18.02 -16.84 -32.56
C ALA F 218 -17.07 -17.64 -33.44
N TRP F 219 -17.51 -17.98 -34.66
CA TRP F 219 -16.66 -18.71 -35.59
C TRP F 219 -15.43 -17.91 -35.97
N ASN F 220 -15.63 -16.67 -36.42
CA ASN F 220 -14.52 -15.83 -36.88
C ASN F 220 -13.66 -15.32 -35.73
N PHE F 221 -14.14 -15.38 -34.49
CA PHE F 221 -13.30 -14.98 -33.37
C PHE F 221 -12.48 -16.16 -32.87
N PHE F 222 -13.11 -17.32 -32.65
CA PHE F 222 -12.38 -18.43 -32.06
C PHE F 222 -11.53 -19.18 -33.06
N THR F 223 -11.79 -19.04 -34.37
CA THR F 223 -10.84 -19.55 -35.36
C THR F 223 -9.53 -18.78 -35.31
N GLY F 224 -9.60 -17.46 -35.11
CA GLY F 224 -8.39 -16.69 -34.90
C GLY F 224 -7.76 -16.93 -33.54
N LEU F 225 -8.58 -17.19 -32.51
CA LEU F 225 -8.05 -17.46 -31.18
C LEU F 225 -7.30 -18.78 -31.14
N TYR F 226 -7.76 -19.77 -31.91
CA TYR F 226 -7.10 -21.07 -31.94
C TYR F 226 -5.75 -21.01 -32.65
N TYR F 227 -5.57 -20.07 -33.57
CA TYR F 227 -4.29 -19.92 -34.24
C TYR F 227 -3.33 -18.99 -33.51
N LYS F 228 -3.84 -17.91 -32.91
CA LYS F 228 -2.98 -16.97 -32.20
C LYS F 228 -2.35 -17.56 -30.95
N THR F 229 -2.94 -18.61 -30.38
CA THR F 229 -2.36 -19.30 -29.23
C THR F 229 -1.51 -20.50 -29.63
N GLY F 230 -1.23 -20.66 -30.92
CA GLY F 230 -0.53 -21.83 -31.40
C GLY F 230 -1.48 -22.95 -31.76
N GLY F 231 -1.18 -23.68 -32.83
CA GLY F 231 -2.08 -24.72 -33.29
C GLY F 231 -2.76 -24.35 -34.59
N VAL F 232 -2.71 -25.26 -35.55
CA VAL F 232 -3.23 -24.98 -36.89
C VAL F 232 -4.66 -25.50 -37.02
N PRO F 233 -5.60 -24.67 -37.50
CA PRO F 233 -6.97 -25.18 -37.69
C PRO F 233 -7.12 -26.11 -38.87
N TRP F 234 -6.52 -25.77 -40.02
CA TRP F 234 -6.62 -26.60 -41.22
C TRP F 234 -5.41 -26.37 -42.12
N ILE F 235 -5.04 -27.41 -42.86
CA ILE F 235 -3.98 -27.32 -43.87
C ILE F 235 -4.59 -27.79 -45.19
N PRO F 236 -4.10 -27.36 -46.34
CA PRO F 236 -4.71 -27.79 -47.61
C PRO F 236 -4.07 -29.07 -48.14
N ALA F 237 -4.70 -29.62 -49.18
CA ALA F 237 -4.25 -30.87 -49.78
C ALA F 237 -3.70 -30.72 -51.18
N GLY F 238 -4.26 -29.83 -51.99
CA GLY F 238 -3.82 -29.70 -53.37
C GLY F 238 -2.65 -28.76 -53.57
N LEU F 239 -1.49 -29.13 -53.01
CA LEU F 239 -0.28 -28.33 -53.15
C LEU F 239 0.92 -29.23 -53.39
N SER F 240 2.03 -28.60 -53.74
CA SER F 240 3.28 -29.30 -54.04
C SER F 240 4.08 -29.52 -52.76
N ASN F 241 5.34 -29.93 -52.92
CA ASN F 241 6.24 -30.23 -51.80
C ASN F 241 7.65 -29.67 -51.99
N GLY F 242 7.81 -28.41 -51.61
CA GLY F 242 9.10 -27.77 -51.75
C GLY F 242 9.03 -26.46 -52.51
N THR F 243 7.86 -25.84 -52.50
CA THR F 243 7.62 -24.57 -53.18
C THR F 243 7.45 -23.46 -52.16
N CYS F 244 8.08 -22.33 -52.42
CA CYS F 244 8.00 -21.15 -51.55
C CYS F 244 7.21 -20.09 -52.28
N TYR F 245 6.09 -19.67 -51.69
CA TYR F 245 5.17 -18.70 -52.29
C TYR F 245 5.48 -17.32 -51.76
N VAL F 246 6.21 -16.54 -52.54
CA VAL F 246 6.59 -15.17 -52.19
C VAL F 246 5.44 -14.26 -52.61
N GLY F 247 5.16 -13.24 -51.82
CA GLY F 247 3.95 -12.46 -52.05
C GLY F 247 4.07 -10.95 -52.08
N ILE F 248 5.13 -10.42 -52.72
CA ILE F 248 5.59 -9.04 -52.52
C ILE F 248 4.51 -8.01 -52.83
N SER F 249 4.30 -7.08 -51.89
CA SER F 249 3.38 -5.97 -52.08
C SER F 249 4.09 -4.65 -51.84
N PHE F 250 3.43 -3.56 -52.23
CA PHE F 250 4.01 -2.22 -52.20
C PHE F 250 3.14 -1.27 -51.38
N HIS F 251 3.78 -0.41 -50.62
CA HIS F 251 3.11 0.46 -49.66
C HIS F 251 3.76 1.84 -49.67
N GLN F 252 2.96 2.85 -49.32
CA GLN F 252 3.47 4.21 -49.22
C GLN F 252 4.28 4.39 -47.95
N LEU F 253 5.17 5.38 -47.97
CA LEU F 253 5.82 5.81 -46.75
C LEU F 253 4.85 6.67 -45.92
N LEU F 254 5.19 6.85 -44.66
CA LEU F 254 4.32 7.58 -43.74
C LEU F 254 4.48 9.08 -43.99
N GLY F 255 3.40 9.71 -44.44
CA GLY F 255 3.41 11.12 -44.75
C GLY F 255 3.16 11.38 -46.23
N SER F 256 2.92 12.65 -46.54
CA SER F 256 2.64 13.07 -47.91
C SER F 256 3.85 13.69 -48.60
N LYS F 257 4.78 14.29 -47.85
CA LYS F 257 6.00 14.79 -48.46
C LYS F 257 6.94 13.65 -48.81
N ASN F 258 6.95 12.59 -48.00
CA ASN F 258 7.75 11.41 -48.30
C ASN F 258 7.10 10.62 -49.43
N SER F 259 7.50 10.88 -50.67
CA SER F 259 6.95 10.22 -51.84
C SER F 259 7.86 9.05 -52.20
N GLY F 260 7.60 7.91 -51.59
CA GLY F 260 8.36 6.71 -51.87
C GLY F 260 7.55 5.48 -51.52
N TYR F 261 7.88 4.37 -52.18
CA TYR F 261 7.16 3.11 -52.02
C TYR F 261 8.13 2.06 -51.50
N PHE F 262 7.77 1.40 -50.41
CA PHE F 262 8.56 0.30 -49.88
C PHE F 262 7.77 -1.00 -50.00
N THR F 263 8.42 -2.11 -49.69
CA THR F 263 7.90 -3.43 -50.04
C THR F 263 7.44 -4.19 -48.81
N GLY F 264 6.83 -5.34 -49.08
CA GLY F 264 6.35 -6.24 -48.05
C GLY F 264 6.45 -7.70 -48.49
N LEU F 265 7.10 -8.52 -47.66
CA LEU F 265 7.37 -9.92 -47.94
C LEU F 265 6.40 -10.80 -47.16
N ALA F 266 5.85 -11.81 -47.82
CA ALA F 266 4.87 -12.69 -47.21
C ALA F 266 5.11 -14.14 -47.61
N GLN F 267 6.37 -14.59 -47.51
CA GLN F 267 6.75 -15.93 -47.90
C GLN F 267 6.02 -17.01 -47.11
N ALA F 268 5.40 -17.94 -47.83
CA ALA F 268 4.54 -18.96 -47.25
C ALA F 268 4.94 -20.31 -47.84
N PHE F 269 5.38 -21.23 -47.02
CA PHE F 269 5.94 -22.46 -47.56
C PHE F 269 5.46 -23.67 -46.77
N ASP F 270 5.96 -24.84 -47.15
CA ASP F 270 5.42 -26.11 -46.71
C ASP F 270 6.51 -26.88 -45.97
N GLU F 271 6.27 -27.15 -44.69
CA GLU F 271 7.19 -27.91 -43.86
C GLU F 271 6.53 -29.23 -43.46
N GLN F 272 7.31 -30.31 -43.53
CA GLN F 272 6.82 -31.63 -43.17
C GLN F 272 6.52 -31.71 -41.68
N GLY F 273 5.38 -32.30 -41.35
CA GLY F 273 4.93 -32.47 -39.99
C GLY F 273 3.92 -31.44 -39.54
N ASN F 274 3.83 -30.29 -40.21
CA ASN F 274 2.82 -29.30 -39.87
C ASN F 274 2.18 -28.61 -41.07
N GLY F 275 2.55 -28.97 -42.29
CA GLY F 275 1.89 -28.38 -43.44
C GLY F 275 2.35 -26.97 -43.77
N LEU F 276 1.40 -26.08 -44.03
CA LEU F 276 1.73 -24.71 -44.42
C LEU F 276 2.14 -23.88 -43.21
N VAL F 277 3.22 -23.12 -43.39
CA VAL F 277 3.64 -22.12 -42.43
C VAL F 277 3.75 -20.77 -43.15
N LEU F 278 3.23 -19.74 -42.49
CA LEU F 278 3.21 -18.37 -43.00
C LEU F 278 4.29 -17.60 -42.27
N ARG F 279 5.29 -17.12 -43.01
CA ARG F 279 6.40 -16.38 -42.45
C ARG F 279 6.38 -14.95 -42.94
N GLY F 280 6.55 -14.00 -42.03
CA GLY F 280 6.52 -12.59 -42.36
C GLY F 280 7.87 -12.05 -42.75
N GLN F 281 8.05 -10.76 -42.50
CA GLN F 281 9.29 -10.07 -42.81
C GLN F 281 10.09 -9.90 -41.53
N ASP F 282 11.36 -10.31 -41.57
CA ASP F 282 12.21 -10.33 -40.39
C ASP F 282 13.01 -9.05 -40.20
N PHE F 283 12.93 -8.11 -41.13
CA PHE F 283 13.81 -6.95 -41.12
C PHE F 283 13.08 -5.72 -41.64
N VAL F 284 13.36 -4.58 -41.02
CA VAL F 284 12.86 -3.30 -41.50
C VAL F 284 13.76 -2.84 -42.65
N TRP F 285 13.15 -2.39 -43.75
CA TRP F 285 13.91 -1.84 -44.86
C TRP F 285 14.61 -0.56 -44.43
N ASP F 286 15.82 -0.37 -44.98
CA ASP F 286 16.61 0.81 -44.69
C ASP F 286 15.94 2.04 -45.28
N VAL F 287 16.15 3.18 -44.62
CA VAL F 287 15.50 4.42 -45.02
C VAL F 287 16.06 4.97 -46.33
N GLY F 288 17.25 4.53 -46.74
CA GLY F 288 17.83 4.96 -47.99
C GLY F 288 17.43 4.15 -49.21
N LYS F 289 16.53 3.18 -49.06
CA LYS F 289 16.18 2.33 -50.20
C LYS F 289 15.14 3.01 -51.09
N HIS F 290 13.94 3.24 -50.54
CA HIS F 290 12.83 4.00 -51.14
C HIS F 290 12.44 3.41 -52.49
N GLY F 291 12.48 4.17 -53.58
CA GLY F 291 11.92 3.76 -54.84
C GLY F 291 10.77 4.67 -55.23
N ASN F 292 10.92 5.41 -56.33
CA ASN F 292 9.90 6.37 -56.73
C ASN F 292 8.65 5.68 -57.25
N SER F 293 8.82 4.59 -57.99
CA SER F 293 7.71 3.94 -58.68
C SER F 293 7.13 2.82 -57.83
N ALA F 294 6.09 2.18 -58.35
CA ALA F 294 5.44 1.06 -57.68
C ALA F 294 6.16 -0.26 -57.88
N HIS F 295 7.33 -0.24 -58.52
CA HIS F 295 8.05 -1.45 -58.88
C HIS F 295 9.48 -1.36 -58.36
N MET F 296 9.99 -2.48 -57.87
CA MET F 296 11.30 -2.50 -57.24
C MET F 296 12.41 -2.31 -58.29
N PRO F 297 13.47 -1.60 -57.95
CA PRO F 297 14.63 -1.53 -58.83
C PRO F 297 15.51 -2.77 -58.68
N ALA F 298 16.65 -2.75 -59.39
CA ALA F 298 17.56 -3.90 -59.37
C ALA F 298 18.20 -4.23 -58.01
N PRO F 299 18.72 -3.28 -57.20
CA PRO F 299 19.34 -3.72 -55.94
C PRO F 299 18.35 -4.21 -54.89
N ILE F 300 17.08 -3.79 -54.95
CA ILE F 300 16.11 -4.24 -53.95
C ILE F 300 15.73 -5.70 -54.17
N ALA F 301 15.54 -6.08 -55.44
CA ALA F 301 15.00 -7.40 -55.77
C ALA F 301 15.95 -8.52 -55.39
N GLU F 302 17.25 -8.35 -55.65
CA GLU F 302 18.23 -9.39 -55.33
C GLU F 302 18.39 -9.58 -53.84
N GLU F 303 18.44 -8.48 -53.08
CA GLU F 303 18.51 -8.56 -51.61
C GLU F 303 17.26 -9.19 -51.03
N LEU F 304 16.09 -8.83 -51.56
CA LEU F 304 14.81 -9.37 -51.11
C LEU F 304 14.73 -10.88 -51.34
N VAL F 305 15.07 -11.34 -52.55
CA VAL F 305 14.96 -12.76 -52.82
C VAL F 305 16.08 -13.54 -52.14
N SER F 306 17.23 -12.90 -51.86
CA SER F 306 18.26 -13.56 -51.08
C SER F 306 17.81 -13.78 -49.64
N ARG F 307 17.09 -12.81 -49.07
CA ARG F 307 16.52 -13.03 -47.73
C ARG F 307 15.39 -14.07 -47.76
N VAL F 308 14.67 -14.17 -48.88
CA VAL F 308 13.67 -15.22 -49.03
C VAL F 308 14.31 -16.61 -49.00
N LEU F 309 15.36 -16.82 -49.80
CA LEU F 309 16.04 -18.11 -49.78
C LEU F 309 16.80 -18.36 -48.49
N LYS F 310 17.24 -17.30 -47.79
CA LYS F 310 17.84 -17.50 -46.47
C LYS F 310 16.80 -17.98 -45.45
N ARG F 311 15.59 -17.42 -45.51
CA ARG F 311 14.50 -17.90 -44.67
C ARG F 311 14.12 -19.35 -44.99
N TYR F 312 14.09 -19.71 -46.28
CA TYR F 312 13.77 -21.09 -46.61
C TYR F 312 14.90 -22.05 -46.24
N ARG F 313 16.16 -21.61 -46.32
CA ARG F 313 17.27 -22.45 -45.93
C ARG F 313 17.43 -22.57 -44.42
N ASP F 314 16.92 -21.63 -43.65
CA ASP F 314 17.05 -21.68 -42.20
C ASP F 314 15.94 -22.45 -41.51
N GLU F 315 14.98 -22.96 -42.25
CA GLU F 315 13.94 -23.75 -41.60
C GLU F 315 13.73 -25.12 -42.24
N LEU F 316 13.83 -25.22 -43.56
CA LEU F 316 13.75 -26.51 -44.24
C LEU F 316 15.11 -27.11 -44.55
N LYS F 317 16.20 -26.39 -44.24
CA LYS F 317 17.59 -26.84 -44.36
C LYS F 317 17.99 -27.20 -45.79
N GLN F 318 17.29 -26.68 -46.80
CA GLN F 318 17.62 -26.96 -48.19
C GLN F 318 17.12 -25.83 -49.06
N SER F 319 17.70 -25.74 -50.26
CA SER F 319 17.25 -24.74 -51.22
C SER F 319 15.90 -25.14 -51.80
N PRO F 320 15.05 -24.16 -52.15
CA PRO F 320 13.71 -24.49 -52.65
C PRO F 320 13.73 -25.12 -54.02
N ARG F 321 12.77 -26.01 -54.25
CA ARG F 321 12.60 -26.63 -55.55
C ARG F 321 12.02 -25.66 -56.56
N ARG F 322 11.18 -24.74 -56.11
CA ARG F 322 10.44 -23.84 -56.98
C ARG F 322 10.03 -22.62 -56.17
N VAL F 323 10.12 -21.44 -56.77
CA VAL F 323 9.72 -20.20 -56.12
C VAL F 323 8.64 -19.54 -56.97
N VAL F 324 7.48 -19.31 -56.37
CA VAL F 324 6.38 -18.60 -57.01
C VAL F 324 6.26 -17.24 -56.34
N ILE F 325 6.43 -16.18 -57.10
CA ILE F 325 6.41 -14.82 -56.56
C ILE F 325 5.10 -14.18 -56.99
N HIS F 326 4.11 -14.20 -56.09
CA HIS F 326 2.90 -13.43 -56.31
C HIS F 326 3.18 -11.96 -56.06
N LYS F 327 2.47 -11.10 -56.78
CA LYS F 327 2.79 -9.68 -56.76
C LYS F 327 1.58 -8.88 -57.19
N THR F 328 1.36 -7.73 -56.56
CA THR F 328 0.18 -6.93 -56.82
C THR F 328 0.33 -6.00 -58.02
N THR F 329 1.54 -5.79 -58.52
CA THR F 329 1.80 -4.85 -59.60
C THR F 329 2.45 -5.56 -60.77
N GLU F 330 2.35 -4.93 -61.94
CA GLU F 330 2.88 -5.46 -63.19
C GLU F 330 4.41 -5.55 -63.14
N PHE F 331 4.95 -6.55 -63.84
CA PHE F 331 6.39 -6.81 -63.84
C PHE F 331 7.06 -5.98 -64.92
N TRP F 332 7.73 -4.91 -64.51
CA TRP F 332 8.60 -4.16 -65.42
C TRP F 332 9.84 -4.98 -65.74
N PRO F 333 10.53 -4.70 -66.86
CA PRO F 333 11.68 -5.55 -67.23
C PRO F 333 12.89 -5.44 -66.32
N GLU F 334 13.09 -4.32 -65.60
CA GLU F 334 14.29 -4.24 -64.75
C GLU F 334 14.15 -5.12 -63.50
N GLU F 335 12.98 -5.17 -62.88
CA GLU F 335 12.72 -6.10 -61.78
C GLU F 335 12.54 -7.53 -62.27
N ARG F 336 12.07 -7.69 -63.52
CA ARG F 336 12.00 -9.01 -64.15
C ARG F 336 13.39 -9.61 -64.30
N ALA F 337 14.36 -8.81 -64.74
CA ALA F 337 15.74 -9.25 -64.86
C ALA F 337 16.46 -9.32 -63.51
N GLY F 338 16.10 -8.46 -62.57
CA GLY F 338 16.71 -8.53 -61.25
C GLY F 338 16.31 -9.77 -60.47
N LEU F 339 15.03 -10.14 -60.55
CA LEU F 339 14.57 -11.37 -59.91
C LEU F 339 15.07 -12.62 -60.61
N GLN F 340 15.25 -12.58 -61.92
CA GLN F 340 15.71 -13.73 -62.67
C GLN F 340 17.21 -13.98 -62.54
N SER F 341 17.96 -13.01 -62.05
CA SER F 341 19.41 -13.15 -61.88
C SER F 341 19.74 -13.89 -60.59
N ALA F 342 19.10 -13.53 -59.48
CA ALA F 342 19.40 -14.11 -58.18
C ALA F 342 18.52 -15.32 -57.86
N LEU F 343 17.71 -15.77 -58.81
CA LEU F 343 16.96 -17.01 -58.68
C LEU F 343 17.60 -18.15 -59.46
N SER F 344 18.89 -18.04 -59.77
CA SER F 344 19.58 -19.11 -60.49
C SER F 344 19.86 -20.31 -59.60
N GLY F 345 19.80 -20.15 -58.28
CA GLY F 345 19.94 -21.29 -57.39
C GLY F 345 18.69 -22.10 -57.20
N VAL F 346 17.57 -21.67 -57.78
CA VAL F 346 16.30 -22.36 -57.73
C VAL F 346 15.98 -22.87 -59.13
N ASP F 347 15.38 -24.06 -59.21
CA ASP F 347 15.10 -24.71 -60.49
C ASP F 347 14.13 -23.88 -61.33
N GLN F 348 12.90 -23.70 -60.85
CA GLN F 348 11.85 -23.04 -61.60
C GLN F 348 11.37 -21.80 -60.86
N PHE F 349 11.45 -20.64 -61.52
CA PHE F 349 10.85 -19.41 -61.03
C PHE F 349 9.49 -19.24 -61.68
N ASP F 350 8.56 -18.59 -60.97
CA ASP F 350 7.16 -18.54 -61.37
C ASP F 350 6.54 -17.17 -61.15
N LEU F 351 7.16 -16.11 -61.69
CA LEU F 351 6.71 -14.74 -61.48
C LEU F 351 5.28 -14.49 -61.97
N VAL F 352 4.38 -14.23 -61.03
CA VAL F 352 2.95 -14.08 -61.30
C VAL F 352 2.50 -12.76 -60.70
N ALA F 353 1.83 -11.93 -61.50
CA ALA F 353 1.39 -10.60 -61.09
C ALA F 353 -0.11 -10.49 -61.33
N VAL F 354 -0.89 -10.56 -60.25
CA VAL F 354 -2.34 -10.45 -60.32
C VAL F 354 -2.76 -9.19 -59.58
N ARG F 355 -3.93 -8.68 -59.98
CA ARG F 355 -4.45 -7.41 -59.49
C ARG F 355 -5.94 -7.38 -59.82
N PRO F 356 -6.81 -7.07 -58.85
CA PRO F 356 -8.26 -7.09 -59.12
C PRO F 356 -8.67 -6.04 -60.13
N THR F 357 -9.66 -6.39 -60.95
CA THR F 357 -10.02 -5.61 -62.12
C THR F 357 -10.87 -4.40 -61.74
N GLU F 358 -11.20 -3.59 -62.74
CA GLU F 358 -12.00 -2.39 -62.55
C GLU F 358 -13.39 -2.50 -63.16
N ASP F 359 -13.49 -2.86 -64.45
CA ASP F 359 -14.77 -2.87 -65.14
C ASP F 359 -15.25 -4.24 -65.57
N ILE F 360 -14.36 -5.14 -65.99
CA ILE F 360 -14.77 -6.35 -66.67
C ILE F 360 -15.22 -7.38 -65.63
N ARG F 361 -16.48 -7.77 -65.69
CA ARG F 361 -17.01 -8.84 -64.86
C ARG F 361 -18.01 -9.62 -65.70
N LEU F 362 -18.25 -10.87 -65.32
CA LEU F 362 -19.17 -11.73 -66.06
C LEU F 362 -20.39 -12.07 -65.21
N PHE F 363 -21.50 -12.28 -65.89
CA PHE F 363 -22.80 -12.46 -65.25
C PHE F 363 -23.39 -13.82 -65.61
N ARG F 364 -23.93 -14.50 -64.60
CA ARG F 364 -24.80 -15.64 -64.81
C ARG F 364 -26.23 -15.13 -64.84
N ASP F 365 -26.99 -15.55 -65.86
CA ASP F 365 -28.31 -14.99 -66.09
C ASP F 365 -29.39 -15.92 -65.53
N ALA F 366 -29.34 -16.21 -64.23
CA ALA F 366 -30.52 -16.74 -63.56
C ALA F 366 -30.95 -15.92 -62.35
N ARG F 367 -30.27 -16.06 -61.20
CA ARG F 367 -30.48 -15.22 -60.02
C ARG F 367 -29.20 -14.93 -59.23
N TYR F 368 -28.18 -15.77 -59.33
CA TYR F 368 -27.04 -15.82 -58.44
C TYR F 368 -25.77 -15.65 -59.24
N PRO F 369 -24.67 -15.17 -58.63
CA PRO F 369 -23.45 -14.90 -59.39
C PRO F 369 -22.78 -16.15 -59.93
N ILE F 370 -21.75 -15.91 -60.74
CA ILE F 370 -21.02 -16.99 -61.40
C ILE F 370 -20.22 -17.77 -60.36
N LEU F 371 -19.97 -19.04 -60.67
CA LEU F 371 -19.40 -19.98 -59.73
C LEU F 371 -17.95 -19.63 -59.38
N ARG F 372 -17.54 -20.03 -58.18
CA ARG F 372 -16.14 -19.90 -57.78
C ARG F 372 -15.28 -20.83 -58.62
N GLY F 373 -14.13 -20.34 -59.03
CA GLY F 373 -13.23 -21.11 -59.86
C GLY F 373 -13.46 -20.98 -61.35
N SER F 374 -14.30 -20.05 -61.78
CA SER F 374 -14.56 -19.84 -63.20
C SER F 374 -13.39 -19.05 -63.78
N HIS F 375 -12.54 -19.72 -64.55
CA HIS F 375 -11.45 -19.08 -65.26
C HIS F 375 -11.91 -18.77 -66.68
N ILE F 376 -11.97 -17.49 -67.02
CA ILE F 376 -12.47 -17.02 -68.30
C ILE F 376 -11.35 -16.26 -69.00
N SER F 377 -11.02 -16.68 -70.22
CA SER F 377 -10.04 -15.98 -71.04
C SER F 377 -10.75 -15.32 -72.20
N LEU F 378 -10.72 -13.98 -72.23
CA LEU F 378 -11.31 -13.22 -73.33
C LEU F 378 -10.25 -12.92 -74.39
N GLY F 379 -9.60 -13.99 -74.85
CA GLY F 379 -8.44 -13.84 -75.71
C GLY F 379 -7.16 -13.84 -74.91
N ASP F 380 -6.63 -12.65 -74.62
CA ASP F 380 -5.44 -12.50 -73.80
C ASP F 380 -5.76 -11.80 -72.48
N MET F 381 -6.97 -12.02 -71.95
CA MET F 381 -7.41 -11.39 -70.70
C MET F 381 -7.91 -12.51 -69.78
N HIS F 382 -7.02 -13.03 -68.94
CA HIS F 382 -7.38 -14.09 -68.03
C HIS F 382 -8.06 -13.51 -66.79
N LEU F 383 -9.19 -14.11 -66.40
CA LEU F 383 -9.96 -13.69 -65.25
C LEU F 383 -10.24 -14.92 -64.40
N LEU F 384 -10.07 -14.80 -63.09
CA LEU F 384 -10.35 -15.88 -62.16
C LEU F 384 -11.31 -15.38 -61.08
N TYR F 385 -12.37 -16.15 -60.83
CA TYR F 385 -13.33 -15.85 -59.78
C TYR F 385 -12.96 -16.64 -58.53
N THR F 386 -12.15 -16.02 -57.67
CA THR F 386 -11.91 -16.57 -56.34
C THR F 386 -13.04 -16.23 -55.38
N THR F 387 -13.92 -15.30 -55.75
CA THR F 387 -15.17 -15.06 -55.06
C THR F 387 -16.32 -15.27 -56.01
N GLY F 388 -17.38 -15.90 -55.52
CA GLY F 388 -18.53 -16.17 -56.36
C GLY F 388 -19.46 -17.13 -55.65
N TYR F 389 -20.38 -17.68 -56.41
CA TYR F 389 -21.30 -18.68 -55.88
C TYR F 389 -20.52 -19.96 -55.62
N ILE F 390 -20.72 -20.56 -54.46
CA ILE F 390 -19.97 -21.74 -54.04
C ILE F 390 -20.91 -22.94 -53.94
N SER F 391 -20.52 -24.03 -54.59
CA SER F 391 -21.38 -25.20 -54.70
C SER F 391 -21.32 -26.10 -53.47
N ALA F 392 -20.37 -25.87 -52.57
CA ALA F 392 -20.31 -26.67 -51.35
C ALA F 392 -21.38 -26.24 -50.36
N LEU F 393 -21.65 -24.94 -50.26
CA LEU F 393 -22.66 -24.42 -49.34
C LEU F 393 -23.97 -24.07 -50.02
N GLN F 394 -23.99 -24.02 -51.36
CA GLN F 394 -25.15 -23.64 -52.17
C GLN F 394 -25.70 -22.26 -51.80
N ALA F 395 -24.80 -21.31 -51.58
CA ALA F 395 -25.19 -19.96 -51.22
C ALA F 395 -24.08 -18.99 -51.63
N PHE F 396 -24.43 -17.71 -51.65
CA PHE F 396 -23.45 -16.64 -51.91
C PHE F 396 -23.40 -15.72 -50.69
N PRO F 397 -22.43 -15.90 -49.78
CA PRO F 397 -22.37 -15.11 -48.54
C PRO F 397 -21.69 -13.75 -48.68
N HIS F 398 -22.03 -13.03 -49.75
CA HIS F 398 -21.54 -11.67 -49.95
C HIS F 398 -22.69 -10.84 -50.53
N GLY F 399 -22.36 -9.65 -51.04
CA GLY F 399 -23.35 -8.80 -51.67
C GLY F 399 -22.83 -8.27 -52.99
N HIS F 400 -23.76 -7.71 -53.77
CA HIS F 400 -23.55 -7.12 -55.11
C HIS F 400 -23.02 -8.23 -56.03
N VAL F 401 -22.13 -7.93 -56.97
CA VAL F 401 -21.60 -8.91 -57.91
C VAL F 401 -20.09 -8.98 -57.68
N PRO F 402 -19.51 -10.18 -57.53
CA PRO F 402 -18.08 -10.27 -57.24
C PRO F 402 -17.20 -9.90 -58.43
N LEU F 403 -16.08 -9.24 -58.12
CA LEU F 403 -15.09 -8.92 -59.15
C LEU F 403 -14.28 -10.15 -59.52
N PRO F 404 -13.88 -10.27 -60.78
CA PRO F 404 -12.84 -11.23 -61.14
C PRO F 404 -11.49 -10.81 -60.60
N LEU F 405 -10.57 -11.75 -60.56
CA LEU F 405 -9.17 -11.48 -60.25
C LEU F 405 -8.37 -11.71 -61.53
N LYS F 406 -7.69 -10.66 -61.99
CA LYS F 406 -6.99 -10.72 -63.27
C LYS F 406 -5.69 -11.50 -63.15
N LEU F 407 -4.90 -11.44 -64.21
CA LEU F 407 -3.53 -11.92 -64.22
C LEU F 407 -2.78 -10.93 -65.11
N THR F 408 -2.20 -9.91 -64.47
CA THR F 408 -1.61 -8.80 -65.21
C THR F 408 -0.29 -9.19 -65.87
N ASP F 409 0.50 -10.06 -65.24
CA ASP F 409 1.74 -10.49 -65.87
C ASP F 409 2.06 -11.92 -65.43
N HIS F 410 2.75 -12.65 -66.30
CA HIS F 410 3.17 -14.00 -65.97
C HIS F 410 4.43 -14.34 -66.75
N LEU F 411 5.46 -14.79 -66.04
CA LEU F 411 6.66 -15.31 -66.66
C LEU F 411 7.23 -16.41 -65.78
N GLY F 412 7.41 -17.59 -66.35
CA GLY F 412 7.95 -18.69 -65.57
C GLY F 412 7.91 -19.99 -66.34
N ASP F 413 8.24 -21.06 -65.62
CA ASP F 413 8.34 -22.39 -66.18
C ASP F 413 7.06 -23.20 -66.06
N SER F 414 6.01 -22.62 -65.49
CA SER F 414 4.73 -23.30 -65.32
C SER F 414 3.66 -22.67 -66.21
N SER F 415 2.54 -23.37 -66.30
CA SER F 415 1.42 -22.91 -67.13
C SER F 415 0.55 -21.92 -66.37
N ILE F 416 -0.34 -21.26 -67.10
CA ILE F 416 -1.22 -20.25 -66.52
C ILE F 416 -2.27 -20.91 -65.64
N SER F 417 -2.84 -22.03 -66.08
CA SER F 417 -3.87 -22.72 -65.32
C SER F 417 -3.32 -23.31 -64.01
N THR F 418 -2.05 -23.72 -64.02
CA THR F 418 -1.43 -24.27 -62.80
C THR F 418 -1.31 -23.19 -61.72
N VAL F 419 -0.77 -22.02 -62.08
CA VAL F 419 -0.64 -20.96 -61.09
C VAL F 419 -1.98 -20.36 -60.72
N LEU F 420 -2.99 -20.46 -61.58
CA LEU F 420 -4.34 -20.06 -61.15
C LEU F 420 -4.93 -21.06 -60.17
N ARG F 421 -4.62 -22.35 -60.32
CA ARG F 421 -5.01 -23.34 -59.31
C ARG F 421 -4.32 -23.07 -57.98
N GLU F 422 -3.03 -22.68 -58.02
CA GLU F 422 -2.34 -22.33 -56.78
C GLU F 422 -2.85 -21.02 -56.20
N LEU F 423 -3.41 -20.13 -57.01
CA LEU F 423 -4.12 -18.97 -56.46
C LEU F 423 -5.40 -19.39 -55.76
N MET F 424 -6.11 -20.38 -56.31
CA MET F 424 -7.35 -20.80 -55.67
C MET F 424 -7.10 -21.58 -54.38
N VAL F 425 -6.06 -22.40 -54.33
CA VAL F 425 -5.88 -23.21 -53.13
C VAL F 425 -5.22 -22.39 -52.01
N LEU F 426 -4.45 -21.35 -52.35
CA LEU F 426 -3.93 -20.43 -51.35
C LEU F 426 -4.94 -19.37 -50.94
N THR F 427 -6.09 -19.30 -51.62
CA THR F 427 -7.15 -18.40 -51.23
C THR F 427 -7.79 -18.85 -49.91
N LYS F 428 -7.91 -20.16 -49.71
CA LYS F 428 -8.61 -20.73 -48.56
C LYS F 428 -7.82 -20.61 -47.26
N MET F 429 -6.57 -20.18 -47.31
CA MET F 429 -5.70 -20.16 -46.13
C MET F 429 -5.79 -18.83 -45.38
N ASN F 430 -6.99 -18.40 -45.06
CA ASN F 430 -7.20 -17.20 -44.24
C ASN F 430 -7.64 -17.67 -42.86
N TRP F 431 -6.72 -17.69 -41.91
CA TRP F 431 -7.03 -18.10 -40.56
C TRP F 431 -7.59 -16.96 -39.71
N ASN F 432 -7.65 -15.74 -40.26
CA ASN F 432 -8.30 -14.64 -39.58
C ASN F 432 -9.82 -14.84 -39.49
N SER F 433 -10.39 -15.62 -40.40
CA SER F 433 -11.82 -15.82 -40.46
C SER F 433 -12.10 -17.30 -40.73
N ALA F 434 -13.39 -17.65 -40.72
CA ALA F 434 -13.84 -18.99 -41.09
C ALA F 434 -14.68 -18.95 -42.36
N ASN F 435 -14.50 -17.93 -43.19
CA ASN F 435 -15.20 -17.86 -44.46
C ASN F 435 -14.66 -18.90 -45.43
N PHE F 436 -15.45 -19.17 -46.47
CA PHE F 436 -15.09 -20.20 -47.43
C PHE F 436 -13.98 -19.74 -48.37
N GLY F 437 -13.99 -18.47 -48.77
CA GLY F 437 -12.96 -17.97 -49.67
C GLY F 437 -12.86 -16.46 -49.60
N GLY F 438 -11.91 -15.93 -50.36
CA GLY F 438 -11.66 -14.50 -50.43
C GLY F 438 -11.19 -14.06 -51.80
N LEU F 439 -10.82 -12.80 -51.96
CA LEU F 439 -10.39 -12.34 -53.28
C LEU F 439 -8.95 -12.72 -53.57
N LEU F 440 -8.04 -12.22 -52.80
CA LEU F 440 -6.61 -12.33 -52.97
C LEU F 440 -6.09 -13.58 -52.25
N PRO F 441 -4.99 -14.16 -52.71
CA PRO F 441 -4.35 -15.25 -51.95
C PRO F 441 -3.70 -14.71 -50.68
N ILE F 442 -3.33 -15.65 -49.81
CA ILE F 442 -2.75 -15.28 -48.51
C ILE F 442 -1.36 -14.65 -48.67
N THR F 443 -0.68 -14.89 -49.79
CA THR F 443 0.62 -14.26 -49.99
C THR F 443 0.49 -12.77 -50.32
N LEU F 444 -0.64 -12.36 -50.90
CA LEU F 444 -0.90 -10.94 -51.12
C LEU F 444 -1.85 -10.35 -50.10
N ARG F 445 -2.27 -11.11 -49.09
CA ARG F 445 -3.01 -10.56 -47.98
C ARG F 445 -2.18 -10.48 -46.70
N PHE F 446 -1.15 -11.31 -46.58
CA PHE F 446 -0.18 -11.15 -45.51
C PHE F 446 0.76 -9.99 -45.81
N SER F 447 1.11 -9.77 -47.08
CA SER F 447 2.00 -8.67 -47.42
C SER F 447 1.32 -7.32 -47.41
N LYS F 448 -0.01 -7.29 -47.37
CA LYS F 448 -0.71 -6.05 -47.11
C LYS F 448 -0.98 -5.84 -45.62
N LEU F 449 -0.60 -6.81 -44.78
CA LEU F 449 -0.66 -6.67 -43.33
C LEU F 449 0.69 -6.95 -42.68
N VAL F 450 1.79 -6.84 -43.44
CA VAL F 450 3.12 -6.82 -42.84
C VAL F 450 3.87 -5.55 -43.24
N GLY F 451 3.25 -4.67 -44.01
CA GLY F 451 3.85 -3.39 -44.28
C GLY F 451 3.07 -2.25 -43.66
N GLU F 452 1.77 -2.46 -43.42
CA GLU F 452 0.98 -1.46 -42.71
C GLU F 452 1.36 -1.41 -41.24
N ILE F 453 1.52 -2.57 -40.61
CA ILE F 453 2.02 -2.62 -39.23
C ILE F 453 3.48 -2.21 -39.16
N MET F 454 4.28 -2.59 -40.17
CA MET F 454 5.67 -2.14 -40.22
C MET F 454 5.83 -0.73 -40.78
N LYS F 455 4.75 0.00 -41.01
CA LYS F 455 4.83 1.43 -41.28
C LYS F 455 4.97 2.25 -40.00
N GLU F 456 4.82 1.62 -38.83
CA GLU F 456 4.80 2.29 -37.54
C GLU F 456 5.71 1.56 -36.55
N ILE F 457 6.92 1.23 -36.99
CA ILE F 457 7.96 0.66 -36.14
C ILE F 457 9.16 1.59 -36.19
N PRO F 458 9.72 2.00 -35.04
CA PRO F 458 10.77 3.04 -35.07
C PRO F 458 12.16 2.56 -35.45
N ASN F 459 12.25 1.73 -36.51
CA ASN F 459 13.48 1.34 -37.21
C ASN F 459 14.53 0.65 -36.34
N SER F 460 14.16 0.23 -35.13
CA SER F 460 15.06 -0.44 -34.20
C SER F 460 14.56 -1.79 -33.74
N VAL F 461 13.26 -1.90 -33.49
CA VAL F 461 12.66 -3.18 -33.11
C VAL F 461 12.52 -4.03 -34.37
N ASP F 462 13.17 -5.19 -34.37
CA ASP F 462 13.00 -6.11 -35.48
C ASP F 462 11.62 -6.76 -35.44
N PRO F 463 10.90 -6.75 -36.55
CA PRO F 463 9.58 -7.41 -36.59
C PRO F 463 9.72 -8.92 -36.51
N LEU F 464 8.66 -9.56 -36.03
CA LEU F 464 8.66 -10.99 -35.82
C LEU F 464 7.90 -11.67 -36.95
N PRO F 465 8.48 -12.65 -37.63
CA PRO F 465 7.90 -13.18 -38.87
C PRO F 465 6.89 -14.30 -38.64
N GLN F 466 5.87 -14.01 -37.84
CA GLN F 466 4.81 -14.98 -37.58
C GLN F 466 3.47 -14.34 -37.85
N PHE F 467 2.52 -15.14 -38.35
CA PHE F 467 1.21 -14.64 -38.75
C PHE F 467 0.33 -14.32 -37.54
N LYS F 468 0.73 -14.75 -36.35
CA LYS F 468 -0.05 -14.48 -35.14
C LYS F 468 -0.06 -12.98 -34.81
N TYR F 469 1.06 -12.30 -35.03
CA TYR F 469 1.23 -10.93 -34.59
C TYR F 469 0.66 -9.91 -35.58
N TYR F 470 0.40 -10.32 -36.81
CA TYR F 470 -0.14 -9.43 -37.82
C TYR F 470 -1.62 -9.67 -38.08
N MET F 471 -2.15 -10.80 -37.63
CA MET F 471 -3.57 -11.10 -37.70
C MET F 471 -4.40 -10.11 -36.90
N PRO I 122 -29.56 -24.70 -1.85
CA PRO I 122 -28.55 -24.91 -2.89
C PRO I 122 -28.52 -26.35 -3.41
N GLU I 123 -29.56 -27.12 -3.10
CA GLU I 123 -29.60 -28.51 -3.56
C GLU I 123 -29.97 -28.63 -5.03
N ALA I 124 -30.76 -27.69 -5.57
CA ALA I 124 -31.17 -27.73 -6.96
C ALA I 124 -31.55 -26.31 -7.40
N MET I 125 -31.36 -26.04 -8.67
CA MET I 125 -31.68 -24.74 -9.27
C MET I 125 -33.03 -24.83 -9.95
N VAL I 126 -33.95 -23.95 -9.56
CA VAL I 126 -35.28 -23.86 -10.13
C VAL I 126 -35.42 -22.51 -10.80
N THR I 127 -35.97 -22.51 -12.02
CA THR I 127 -36.23 -21.29 -12.77
C THR I 127 -37.61 -20.76 -12.41
N GLU I 128 -37.68 -19.52 -11.95
CA GLU I 128 -38.94 -18.86 -11.68
C GLU I 128 -39.09 -17.62 -12.54
N THR I 129 -40.33 -17.16 -12.66
CA THR I 129 -40.65 -15.92 -13.35
C THR I 129 -41.10 -14.89 -12.32
N VAL I 130 -40.42 -13.76 -12.30
CA VAL I 130 -40.74 -12.68 -11.37
C VAL I 130 -41.51 -11.61 -12.12
N TYR I 131 -42.33 -10.87 -11.38
CA TYR I 131 -43.20 -9.85 -11.95
C TYR I 131 -42.96 -8.52 -11.29
N SER I 132 -42.49 -7.55 -12.06
CA SER I 132 -42.37 -6.18 -11.56
C SER I 132 -43.74 -5.50 -11.58
N ASN I 133 -43.78 -4.28 -11.04
CA ASN I 133 -45.02 -3.53 -10.97
C ASN I 133 -45.07 -2.40 -11.99
N VAL I 134 -44.26 -2.46 -13.03
CA VAL I 134 -44.24 -1.43 -14.06
C VAL I 134 -44.88 -1.98 -15.33
N LEU I 135 -45.47 -1.07 -16.10
CA LEU I 135 -46.09 -1.36 -17.37
C LEU I 135 -45.30 -0.67 -18.47
N PRO I 136 -44.93 -1.37 -19.54
CA PRO I 136 -44.22 -0.72 -20.63
C PRO I 136 -45.11 0.23 -21.42
N ILE I 137 -44.49 1.25 -21.97
CA ILE I 137 -45.17 2.22 -22.83
C ILE I 137 -44.74 1.90 -24.25
N THR I 138 -45.64 1.27 -25.02
CA THR I 138 -45.31 0.81 -26.34
C THR I 138 -45.46 1.88 -27.41
N GLN I 139 -46.06 3.03 -27.08
CA GLN I 139 -46.23 4.10 -28.04
C GLN I 139 -46.37 5.41 -27.28
N LEU I 140 -45.68 6.45 -27.74
CA LEU I 140 -45.63 7.73 -27.08
C LEU I 140 -46.08 8.84 -28.03
N PRO I 141 -46.62 9.93 -27.49
CA PRO I 141 -46.82 11.14 -28.32
C PRO I 141 -45.49 11.71 -28.75
N HIS I 142 -45.34 11.92 -30.06
CA HIS I 142 -44.07 12.35 -30.63
C HIS I 142 -44.11 13.73 -31.26
N TYR I 143 -45.18 14.50 -31.01
CA TYR I 143 -45.26 15.89 -31.47
C TYR I 143 -45.89 16.72 -30.38
N VAL I 144 -45.13 17.67 -29.83
CA VAL I 144 -45.63 18.61 -28.83
C VAL I 144 -45.85 19.93 -29.57
N TYR I 145 -47.11 20.25 -29.85
CA TYR I 145 -47.45 21.44 -30.61
C TYR I 145 -47.48 22.63 -29.67
N SER I 146 -46.53 23.55 -29.83
CA SER I 146 -46.45 24.71 -28.96
C SER I 146 -47.53 25.73 -29.29
N GLY I 147 -47.91 26.52 -28.29
CA GLY I 147 -48.98 27.48 -28.44
C GLY I 147 -48.66 28.94 -28.17
N PRO I 148 -47.57 29.53 -28.77
CA PRO I 148 -46.99 30.77 -28.21
C PRO I 148 -47.83 32.05 -28.34
N CYS I 149 -49.10 31.98 -27.94
CA CYS I 149 -49.93 33.14 -27.63
C CYS I 149 -51.08 32.61 -26.77
N THR I 150 -51.14 33.02 -25.52
CA THR I 150 -52.01 32.34 -24.57
C THR I 150 -52.52 33.31 -23.51
N VAL I 151 -53.84 33.36 -23.35
CA VAL I 151 -54.45 34.05 -22.20
C VAL I 151 -54.19 33.22 -20.95
N PRO I 152 -53.81 33.84 -19.82
CA PRO I 152 -53.34 33.08 -18.65
C PRO I 152 -54.37 32.15 -18.01
N GLU I 153 -53.89 31.46 -16.97
CA GLU I 153 -54.49 30.20 -16.51
C GLU I 153 -55.90 30.38 -15.96
N ALA I 154 -56.19 31.50 -15.33
CA ALA I 154 -57.53 31.70 -14.78
C ALA I 154 -58.47 32.37 -15.78
N GLU I 155 -58.44 31.88 -17.03
CA GLU I 155 -59.45 32.20 -18.02
C GLU I 155 -59.82 31.00 -18.88
N VAL I 156 -59.01 29.94 -18.90
CA VAL I 156 -59.08 28.93 -19.95
C VAL I 156 -60.27 28.02 -19.66
N LYS I 157 -61.42 28.39 -20.22
CA LYS I 157 -62.62 27.57 -20.22
C LYS I 157 -63.30 27.53 -21.58
N THR I 158 -62.99 28.45 -22.48
CA THR I 158 -63.57 28.47 -23.82
C THR I 158 -62.71 27.70 -24.80
N LEU I 159 -62.35 26.48 -24.42
CA LEU I 159 -61.79 25.54 -25.39
C LEU I 159 -62.88 24.99 -26.29
N ILE I 160 -64.10 24.90 -25.76
CA ILE I 160 -65.35 24.52 -26.41
C ILE I 160 -65.11 23.15 -27.07
N LYS I 161 -65.36 23.04 -28.38
CA LYS I 161 -64.81 22.08 -29.35
C LYS I 161 -64.60 20.66 -28.84
N TRP I 162 -65.53 20.15 -28.05
CA TRP I 162 -65.42 18.80 -27.54
C TRP I 162 -65.72 17.84 -28.69
N PRO I 163 -64.80 16.94 -29.04
CA PRO I 163 -64.90 16.25 -30.34
C PRO I 163 -66.05 15.25 -30.38
N SER I 164 -66.46 14.92 -31.61
CA SER I 164 -67.43 13.86 -31.82
C SER I 164 -66.88 12.52 -31.33
N ASP I 165 -65.59 12.31 -31.51
CA ASP I 165 -64.89 11.20 -30.86
C ASP I 165 -64.50 11.66 -29.46
N LYS I 166 -65.23 11.17 -28.44
CA LYS I 166 -64.92 11.49 -27.06
C LYS I 166 -63.66 10.80 -26.56
N ARG I 167 -63.08 9.89 -27.35
CA ARG I 167 -61.81 9.25 -27.06
C ARG I 167 -60.62 10.19 -27.15
N ILE I 168 -60.80 11.39 -27.70
CA ILE I 168 -59.73 12.38 -27.78
C ILE I 168 -59.65 13.13 -26.45
N LEU I 169 -58.47 13.16 -25.86
CA LEU I 169 -58.22 13.88 -24.61
C LEU I 169 -57.39 15.11 -24.89
N THR I 170 -57.59 16.15 -24.06
CA THR I 170 -56.99 17.46 -24.27
C THR I 170 -56.19 17.90 -23.05
N PRO I 171 -54.94 17.47 -22.93
CA PRO I 171 -54.06 18.06 -21.91
C PRO I 171 -53.50 19.39 -22.39
N TYR I 172 -53.12 20.24 -21.43
CA TYR I 172 -52.56 21.54 -21.76
C TYR I 172 -51.79 22.07 -20.55
N ILE I 173 -50.72 22.82 -20.84
CA ILE I 173 -50.04 23.63 -19.84
C ILE I 173 -49.72 24.98 -20.44
N ILE I 174 -49.51 25.96 -19.56
CA ILE I 174 -49.17 27.32 -19.94
C ILE I 174 -47.84 27.64 -19.26
N ARG I 175 -46.75 27.57 -20.02
CA ARG I 175 -45.41 27.84 -19.50
C ARG I 175 -44.71 28.83 -20.41
N GLY I 176 -44.35 29.98 -19.86
CA GLY I 176 -43.64 31.01 -20.61
C GLY I 176 -44.44 31.66 -21.71
N GLY I 177 -45.74 31.84 -21.52
CA GLY I 177 -46.59 32.37 -22.56
C GLY I 177 -46.78 31.45 -23.74
N ARG I 178 -46.93 30.14 -23.50
CA ARG I 178 -47.22 29.17 -24.54
C ARG I 178 -48.40 28.32 -24.10
N LEU I 179 -48.79 27.39 -24.97
CA LEU I 179 -49.93 26.50 -24.74
C LEU I 179 -49.53 25.08 -25.16
N TYR I 180 -48.41 24.60 -24.60
CA TYR I 180 -47.85 23.27 -24.89
C TYR I 180 -48.89 22.17 -24.71
N ALA I 181 -49.22 21.49 -25.80
CA ALA I 181 -50.27 20.49 -25.79
C ALA I 181 -50.01 19.46 -26.89
N PHE I 182 -50.88 18.48 -26.97
CA PHE I 182 -50.78 17.40 -27.96
C PHE I 182 -51.88 17.44 -29.00
N ASN I 183 -52.76 18.44 -28.95
CA ASN I 183 -54.04 18.40 -29.64
C ASN I 183 -53.98 18.90 -31.08
N ASP I 184 -52.78 18.98 -31.67
CA ASP I 184 -52.55 19.45 -33.05
C ASP I 184 -53.10 20.87 -33.24
N LEU I 185 -52.48 21.80 -32.52
CA LEU I 185 -52.89 23.20 -32.53
C LEU I 185 -52.36 23.97 -33.74
N LYS I 186 -51.66 23.30 -34.65
CA LYS I 186 -51.03 23.99 -35.77
C LYS I 186 -52.03 24.36 -36.85
N ASP I 187 -53.00 23.50 -37.14
CA ASP I 187 -53.97 23.76 -38.20
C ASP I 187 -55.13 24.59 -37.65
N TYR I 188 -56.16 24.80 -38.48
CA TYR I 188 -57.27 25.65 -38.09
C TYR I 188 -58.24 24.92 -37.16
N GLU I 189 -58.83 23.82 -37.63
CA GLU I 189 -59.80 23.08 -36.83
C GLU I 189 -59.03 22.25 -35.80
N SER I 190 -58.85 22.83 -34.62
CA SER I 190 -58.19 22.13 -33.52
C SER I 190 -59.20 21.81 -32.43
N PRO I 191 -59.07 20.65 -31.78
CA PRO I 191 -59.93 20.34 -30.63
C PRO I 191 -59.70 21.26 -29.44
N PHE I 192 -58.52 21.85 -29.32
CA PHE I 192 -58.18 22.71 -28.20
C PHE I 192 -57.90 24.14 -28.67
N ALA I 193 -58.64 25.09 -28.10
CA ALA I 193 -58.33 26.52 -28.10
C ALA I 193 -58.28 27.10 -29.52
N THR I 194 -59.46 27.11 -30.15
CA THR I 194 -59.60 27.81 -31.42
C THR I 194 -59.54 29.32 -31.25
N ILE I 195 -59.81 29.83 -30.05
CA ILE I 195 -59.77 31.26 -29.77
C ILE I 195 -58.43 31.68 -29.16
N VAL I 196 -57.93 30.88 -28.21
CA VAL I 196 -56.72 31.25 -27.48
C VAL I 196 -55.49 31.17 -28.38
N ASP I 197 -55.35 30.08 -29.13
CA ASP I 197 -54.23 29.89 -30.04
C ASP I 197 -54.79 29.59 -31.42
N PRO I 198 -54.97 30.63 -32.26
CA PRO I 198 -55.60 30.43 -33.59
C PRO I 198 -54.85 29.52 -34.55
N TYR I 199 -53.62 29.87 -34.91
CA TYR I 199 -52.82 29.00 -35.76
C TYR I 199 -51.33 29.00 -35.44
N SER I 200 -50.88 29.72 -34.41
CA SER I 200 -49.45 29.89 -34.16
C SER I 200 -48.90 28.66 -33.45
N ALA I 201 -48.03 27.93 -34.12
CA ALA I 201 -47.43 26.73 -33.55
C ALA I 201 -46.09 26.48 -34.20
N GLN I 202 -45.30 25.62 -33.56
CA GLN I 202 -43.94 25.31 -34.00
C GLN I 202 -43.65 23.83 -34.15
N ARG I 203 -44.47 22.94 -33.56
CA ARG I 203 -44.38 21.48 -33.67
C ARG I 203 -43.02 20.96 -33.19
N HIS I 204 -42.79 21.15 -31.89
CA HIS I 204 -41.58 20.63 -31.28
C HIS I 204 -41.68 19.12 -31.13
N THR I 205 -40.59 18.42 -31.43
CA THR I 205 -40.56 16.97 -31.42
C THR I 205 -39.95 16.46 -30.11
N LEU I 206 -40.22 15.18 -29.82
CA LEU I 206 -39.60 14.52 -28.69
C LEU I 206 -38.12 14.27 -28.93
N ASN I 207 -37.73 14.06 -30.18
CA ASN I 207 -36.37 13.67 -30.49
C ASN I 207 -35.38 14.81 -30.26
N GLU I 208 -35.79 16.05 -30.53
CA GLU I 208 -34.93 17.19 -30.22
C GLU I 208 -35.00 17.58 -28.75
N TRP I 209 -36.02 17.13 -28.03
CA TRP I 209 -36.17 17.47 -26.62
C TRP I 209 -35.56 16.46 -25.68
N LEU I 210 -35.09 15.31 -26.18
CA LEU I 210 -34.67 14.22 -25.32
C LEU I 210 -33.34 14.52 -24.63
N ASP I 211 -32.51 15.38 -25.22
CA ASP I 211 -31.23 15.75 -24.63
C ASP I 211 -31.33 16.95 -23.69
N LYS I 212 -32.50 17.56 -23.57
CA LYS I 212 -32.70 18.72 -22.72
C LYS I 212 -33.41 18.28 -21.44
N PRO I 213 -32.77 18.39 -20.28
CA PRO I 213 -33.44 17.98 -19.02
C PRO I 213 -34.66 18.83 -18.67
N ASP I 214 -34.69 20.10 -19.08
CA ASP I 214 -35.82 20.96 -18.74
C ASP I 214 -37.06 20.61 -19.55
N GLU I 215 -36.88 20.23 -20.82
CA GLU I 215 -38.00 19.94 -21.70
C GLU I 215 -38.44 18.49 -21.67
N MET I 216 -37.69 17.61 -21.00
CA MET I 216 -38.21 16.29 -20.65
C MET I 216 -38.94 16.30 -19.33
N ARG I 217 -39.10 17.47 -18.72
CA ARG I 217 -39.94 17.63 -17.54
C ARG I 217 -41.32 18.10 -17.90
N TRP I 218 -41.40 19.01 -18.88
CA TRP I 218 -42.68 19.47 -19.42
C TRP I 218 -43.45 18.31 -20.06
N TYR I 219 -42.73 17.42 -20.73
CA TYR I 219 -43.34 16.27 -21.39
C TYR I 219 -43.94 15.29 -20.38
N VAL I 220 -43.17 14.94 -19.34
CA VAL I 220 -43.71 14.01 -18.35
C VAL I 220 -44.77 14.67 -17.47
N GLU I 221 -44.77 16.00 -17.37
CA GLU I 221 -45.85 16.66 -16.66
C GLU I 221 -47.13 16.72 -17.50
N LEU I 222 -46.99 16.84 -18.83
CA LEU I 222 -48.14 16.66 -19.72
C LEU I 222 -48.66 15.23 -19.67
N LEU I 223 -47.77 14.24 -19.55
CA LEU I 223 -48.21 12.86 -19.40
C LEU I 223 -48.89 12.61 -18.06
N ASN I 224 -48.44 13.30 -17.00
CA ASN I 224 -49.10 13.20 -15.71
C ASN I 224 -50.51 13.79 -15.76
N ARG I 225 -50.68 14.93 -16.43
CA ARG I 225 -52.03 15.45 -16.65
C ARG I 225 -52.84 14.55 -17.58
N THR I 226 -52.16 13.84 -18.50
CA THR I 226 -52.85 12.91 -19.39
C THR I 226 -53.44 11.73 -18.61
N VAL I 227 -52.66 11.14 -17.70
CA VAL I 227 -53.21 10.03 -16.93
C VAL I 227 -54.19 10.52 -15.87
N ASN I 228 -54.04 11.78 -15.41
CA ASN I 228 -55.06 12.38 -14.57
C ASN I 228 -56.38 12.53 -15.30
N LYS I 229 -56.34 12.90 -16.58
CA LYS I 229 -57.55 13.01 -17.37
C LYS I 229 -58.10 11.64 -17.78
N ILE I 230 -57.23 10.64 -17.92
CA ILE I 230 -57.67 9.27 -18.15
C ILE I 230 -58.45 8.75 -16.95
N THR I 231 -57.93 8.99 -15.74
CA THR I 231 -58.66 8.60 -14.52
C THR I 231 -59.68 9.65 -14.12
N GLY I 232 -60.54 10.06 -15.07
CA GLY I 232 -61.66 10.93 -14.78
C GLY I 232 -62.98 10.25 -15.08
N HIS I 233 -62.97 9.37 -16.08
CA HIS I 233 -64.14 8.51 -16.30
C HIS I 233 -64.21 7.42 -15.24
N LEU I 234 -63.07 7.01 -14.70
CA LEU I 234 -63.01 6.00 -13.66
C LEU I 234 -63.41 6.53 -12.30
N ARG I 235 -63.51 7.86 -12.16
CA ARG I 235 -63.87 8.57 -10.92
C ARG I 235 -62.91 8.22 -9.77
N LEU I 236 -61.62 8.27 -10.04
CA LEU I 236 -60.60 8.26 -8.99
C LEU I 236 -60.20 9.71 -8.70
N LYS I 237 -60.49 10.15 -7.47
CA LYS I 237 -60.18 11.52 -7.07
C LYS I 237 -58.71 11.62 -6.70
N LEU I 238 -58.10 12.74 -7.10
CA LEU I 238 -56.68 12.97 -6.84
C LEU I 238 -56.52 13.79 -5.56
N ASP I 239 -55.58 13.36 -4.70
CA ASP I 239 -55.30 14.10 -3.48
C ASP I 239 -54.51 15.36 -3.75
N LYS I 240 -53.80 15.44 -4.89
CA LYS I 240 -53.03 16.57 -5.40
C LYS I 240 -51.88 16.99 -4.49
N GLU I 241 -51.54 16.20 -3.49
CA GLU I 241 -50.47 16.52 -2.55
C GLU I 241 -49.45 15.40 -2.41
N HIS I 242 -49.90 14.15 -2.43
CA HIS I 242 -49.02 12.99 -2.35
C HIS I 242 -48.99 12.20 -3.65
N HIS I 243 -49.62 12.71 -4.71
CA HIS I 243 -49.81 12.04 -6.00
C HIS I 243 -50.50 10.69 -5.80
N ARG I 244 -51.73 10.75 -5.29
CA ARG I 244 -52.45 9.59 -4.79
C ARG I 244 -53.85 9.61 -5.38
N TYR I 245 -54.18 8.61 -6.22
CA TYR I 245 -55.51 8.48 -6.79
C TYR I 245 -56.29 7.48 -5.95
N PHE I 246 -57.23 7.99 -5.15
CA PHE I 246 -57.98 7.18 -4.20
C PHE I 246 -59.45 7.10 -4.61
N PHE I 247 -60.06 5.97 -4.33
CA PHE I 247 -61.49 5.82 -4.52
C PHE I 247 -62.26 6.63 -3.47
N GLU I 248 -63.49 7.00 -3.82
CA GLU I 248 -64.45 7.49 -2.85
C GLU I 248 -65.81 6.92 -3.23
N PRO I 249 -66.71 6.73 -2.25
CA PRO I 249 -68.04 6.22 -2.58
C PRO I 249 -68.87 7.25 -3.32
N ASP I 250 -69.80 6.75 -4.13
CA ASP I 250 -70.70 7.64 -4.86
C ASP I 250 -71.73 8.28 -3.94
N GLU I 251 -72.34 7.48 -3.05
CA GLU I 251 -73.33 7.97 -2.12
C GLU I 251 -72.79 7.88 -0.69
N PRO I 252 -73.00 8.93 0.12
CA PRO I 252 -72.42 8.94 1.46
C PRO I 252 -73.09 7.95 2.39
N GLY I 253 -72.26 7.30 3.22
CA GLY I 253 -72.73 6.29 4.14
C GLY I 253 -72.84 4.89 3.56
N LYS I 254 -72.59 4.73 2.27
CA LYS I 254 -72.68 3.43 1.61
C LYS I 254 -71.33 3.02 1.06
N ASP I 255 -71.14 1.71 0.93
CA ASP I 255 -69.88 1.16 0.47
C ASP I 255 -69.83 1.14 -1.05
N LYS I 256 -68.62 1.27 -1.58
CA LYS I 256 -68.35 1.17 -3.00
C LYS I 256 -67.53 -0.08 -3.28
N SER I 257 -68.04 -0.96 -4.13
CA SER I 257 -67.34 -2.17 -4.54
C SER I 257 -67.40 -2.24 -6.06
N VAL I 258 -66.24 -2.28 -6.69
CA VAL I 258 -66.16 -2.14 -8.15
C VAL I 258 -65.98 -3.51 -8.78
N THR I 259 -66.63 -3.70 -9.93
CA THR I 259 -66.54 -4.92 -10.72
C THR I 259 -65.63 -4.68 -11.91
N TYR I 260 -64.64 -5.55 -12.07
CA TYR I 260 -63.60 -5.37 -13.08
C TYR I 260 -63.44 -6.65 -13.90
N GLN I 261 -62.90 -6.47 -15.10
CA GLN I 261 -62.63 -7.56 -16.03
C GLN I 261 -61.12 -7.73 -16.15
N SER I 262 -60.65 -8.97 -15.95
CA SER I 262 -59.22 -9.26 -16.01
C SER I 262 -58.76 -9.38 -17.45
N VAL I 263 -57.44 -9.58 -17.61
CA VAL I 263 -56.86 -9.76 -18.94
C VAL I 263 -57.31 -11.09 -19.55
N GLY I 264 -57.37 -12.14 -18.74
CA GLY I 264 -57.78 -13.45 -19.18
C GLY I 264 -59.27 -13.64 -19.39
N GLY I 265 -60.09 -12.63 -19.10
CA GLY I 265 -61.51 -12.68 -19.34
C GLY I 265 -62.35 -12.94 -18.11
N VAL I 266 -61.76 -13.38 -17.01
CA VAL I 266 -62.52 -13.63 -15.80
C VAL I 266 -62.91 -12.30 -15.14
N ARG I 267 -64.16 -12.21 -14.71
CA ARG I 267 -64.70 -11.00 -14.11
C ARG I 267 -64.77 -11.17 -12.60
N SER I 268 -64.28 -10.17 -11.86
CA SER I 268 -64.27 -10.22 -10.40
C SER I 268 -64.75 -8.88 -9.86
N GLU I 269 -64.74 -8.76 -8.54
CA GLU I 269 -65.24 -7.56 -7.88
C GLU I 269 -64.55 -7.40 -6.54
N ARG I 270 -64.02 -6.20 -6.30
CA ARG I 270 -63.31 -5.88 -5.06
C ARG I 270 -63.96 -4.68 -4.38
N LYS I 271 -64.07 -4.74 -3.05
CA LYS I 271 -64.42 -3.55 -2.29
C LYS I 271 -63.26 -2.56 -2.33
N VAL I 272 -63.58 -1.29 -2.55
CA VAL I 272 -62.56 -0.26 -2.65
C VAL I 272 -62.79 0.93 -1.71
N ALA I 273 -63.97 1.08 -1.14
CA ALA I 273 -64.25 2.18 -0.21
C ALA I 273 -64.99 1.65 1.00
N TRP I 274 -64.49 0.59 1.60
CA TRP I 274 -65.27 -0.13 2.60
C TRP I 274 -65.08 0.47 3.98
N ASN I 275 -66.15 0.41 4.77
CA ASN I 275 -66.09 0.73 6.20
C ASN I 275 -66.15 -0.59 6.95
N PRO I 276 -65.05 -1.04 7.56
CA PRO I 276 -65.01 -2.39 8.15
C PRO I 276 -65.88 -2.49 9.40
N HIS I 277 -66.82 -3.43 9.37
CA HIS I 277 -67.52 -3.82 10.58
C HIS I 277 -66.55 -4.54 11.51
N PHE I 278 -66.72 -4.34 12.81
CA PHE I 278 -65.81 -4.93 13.78
C PHE I 278 -66.05 -6.43 13.84
N LYS I 279 -64.98 -7.19 14.10
CA LYS I 279 -65.00 -8.64 13.93
C LYS I 279 -65.89 -9.33 14.97
N HIS I 280 -66.07 -8.73 16.14
CA HIS I 280 -66.86 -9.37 17.19
C HIS I 280 -68.32 -8.96 17.15
N ASN I 281 -68.91 -9.00 15.95
CA ASN I 281 -70.34 -8.78 15.68
C ASN I 281 -70.85 -7.46 16.28
N ASP I 282 -70.22 -6.37 15.87
CA ASP I 282 -70.41 -5.10 16.55
C ASP I 282 -70.58 -3.98 15.51
N MET I 283 -70.53 -2.75 16.01
CA MET I 283 -70.61 -1.55 15.19
C MET I 283 -69.37 -1.43 14.30
N PRO I 284 -69.44 -0.69 13.18
CA PRO I 284 -68.27 -0.54 12.33
C PRO I 284 -67.14 0.24 13.00
N LYS I 285 -65.93 0.00 12.50
CA LYS I 285 -64.68 0.43 13.13
C LYS I 285 -64.38 1.92 12.95
N ARG I 286 -65.31 2.70 12.38
CA ARG I 286 -65.30 4.17 12.23
C ARG I 286 -64.01 4.71 11.61
N TYR I 287 -63.43 3.94 10.67
CA TYR I 287 -62.50 4.51 9.70
C TYR I 287 -62.73 3.79 8.38
N TRP I 288 -62.88 4.56 7.30
CA TRP I 288 -63.12 4.01 5.98
C TRP I 288 -61.78 3.79 5.28
N GLU I 289 -61.58 2.59 4.73
CA GLU I 289 -60.30 2.22 4.12
C GLU I 289 -60.41 2.33 2.61
N HIS I 290 -60.21 3.54 2.09
CA HIS I 290 -60.19 3.75 0.65
C HIS I 290 -58.91 3.19 0.06
N LEU I 291 -59.02 2.61 -1.13
CA LEU I 291 -57.92 1.90 -1.76
C LEU I 291 -57.35 2.76 -2.89
N ALA I 292 -56.05 3.02 -2.85
CA ALA I 292 -55.45 4.07 -3.66
C ALA I 292 -54.26 3.54 -4.44
N VAL I 293 -53.78 4.36 -5.39
CA VAL I 293 -52.72 3.98 -6.30
C VAL I 293 -51.69 5.10 -6.39
N GLY I 294 -50.46 4.72 -6.72
CA GLY I 294 -49.31 5.60 -6.74
C GLY I 294 -48.60 5.75 -8.08
N LEU I 295 -49.38 5.98 -9.14
CA LEU I 295 -48.89 5.96 -10.52
C LEU I 295 -47.78 6.98 -10.77
N ARG I 296 -46.71 6.55 -11.46
CA ARG I 296 -45.64 7.49 -11.80
C ARG I 296 -45.00 7.04 -13.11
N PHE I 297 -44.37 7.98 -13.83
CA PHE I 297 -43.70 7.71 -15.10
C PHE I 297 -42.20 7.60 -14.90
N HIS I 298 -41.58 6.67 -15.63
CA HIS I 298 -40.15 6.41 -15.54
C HIS I 298 -39.52 6.33 -16.92
N ARG I 299 -38.26 6.74 -17.01
CA ARG I 299 -37.43 6.49 -18.18
C ARG I 299 -36.55 5.28 -17.90
N LEU I 300 -36.71 4.24 -18.70
CA LEU I 300 -35.98 3.00 -18.52
C LEU I 300 -34.91 2.79 -19.58
N GLY I 301 -34.58 3.83 -20.34
CA GLY I 301 -33.60 3.69 -21.39
C GLY I 301 -33.40 4.98 -22.13
N ASP I 302 -32.80 4.87 -23.32
CA ASP I 302 -32.74 6.01 -24.21
C ASP I 302 -34.13 6.38 -24.72
N MET I 303 -34.97 5.38 -25.00
CA MET I 303 -36.35 5.62 -25.39
C MET I 303 -37.30 4.64 -24.72
N ALA I 304 -36.84 3.83 -23.78
CA ALA I 304 -37.69 2.89 -23.07
C ALA I 304 -38.36 3.60 -21.89
N TRP I 305 -39.64 3.34 -21.68
CA TRP I 305 -40.39 4.02 -20.64
C TRP I 305 -41.12 3.00 -19.78
N GLY I 306 -41.57 3.45 -18.62
CA GLY I 306 -42.27 2.60 -17.69
C GLY I 306 -43.34 3.36 -16.95
N PHE I 307 -44.38 2.65 -16.54
CA PHE I 307 -45.52 3.22 -15.84
C PHE I 307 -45.67 2.43 -14.55
N ALA I 308 -45.26 3.03 -13.43
CA ALA I 308 -45.16 2.31 -12.16
C ALA I 308 -46.44 2.47 -11.36
N ILE I 309 -46.91 1.34 -10.83
CA ILE I 309 -48.12 1.24 -10.02
C ILE I 309 -47.70 0.93 -8.58
N ARG I 310 -48.12 1.76 -7.65
CA ARG I 310 -47.87 1.55 -6.23
C ARG I 310 -49.19 1.48 -5.49
N PRO I 311 -49.61 0.31 -4.99
CA PRO I 311 -50.82 0.24 -4.17
C PRO I 311 -50.64 0.94 -2.84
N GLU I 312 -51.72 1.51 -2.34
CA GLU I 312 -51.70 2.31 -1.12
C GLU I 312 -53.07 2.29 -0.49
N ARG I 313 -53.16 2.82 0.73
CA ARG I 313 -54.42 3.00 1.42
C ARG I 313 -54.55 4.46 1.87
N ARG I 314 -55.78 4.96 1.83
CA ARG I 314 -56.11 6.26 2.38
C ARG I 314 -57.27 6.10 3.34
N PHE I 315 -57.12 6.60 4.57
CA PHE I 315 -58.06 6.31 5.64
C PHE I 315 -58.83 7.58 5.98
N THR I 316 -60.15 7.49 5.96
CA THR I 316 -61.00 8.63 6.27
C THR I 316 -61.86 8.34 7.49
N LYS I 317 -62.42 9.41 8.06
CA LYS I 317 -63.25 9.31 9.26
C LYS I 317 -64.53 8.52 9.03
N ASP I 318 -65.43 9.08 8.22
CA ASP I 318 -66.68 8.43 7.82
C ASP I 318 -66.87 8.53 6.31
N GLY I 319 -65.77 8.69 5.59
CA GLY I 319 -65.83 9.00 4.18
C GLY I 319 -65.77 10.50 3.95
N PHE I 320 -65.08 10.91 2.87
CA PHE I 320 -64.98 12.28 2.37
C PHE I 320 -64.32 13.25 3.36
N GLU I 321 -63.59 12.74 4.36
CA GLU I 321 -62.90 13.60 5.33
C GLU I 321 -61.72 12.83 5.89
N SER I 322 -60.51 13.27 5.55
CA SER I 322 -59.30 12.50 5.82
C SER I 322 -58.97 12.48 7.32
N LEU I 323 -58.20 11.46 7.71
CA LEU I 323 -57.69 11.35 9.07
C LEU I 323 -56.47 12.26 9.24
N GLU I 324 -55.97 12.33 10.47
CA GLU I 324 -54.85 13.22 10.77
C GLU I 324 -53.53 12.57 10.34
N GLY I 325 -52.44 13.28 10.60
CA GLY I 325 -51.13 12.81 10.17
C GLY I 325 -50.56 11.68 11.01
N LYS I 326 -51.00 11.53 12.25
CA LYS I 326 -50.45 10.51 13.13
C LYS I 326 -51.26 9.22 13.11
N ALA I 327 -52.59 9.33 13.06
CA ALA I 327 -53.44 8.14 13.07
C ALA I 327 -53.36 7.39 11.74
N THR I 328 -53.13 8.11 10.64
CA THR I 328 -52.94 7.46 9.35
C THR I 328 -51.65 6.65 9.33
N GLY I 329 -50.61 7.15 10.00
CA GLY I 329 -49.36 6.42 10.08
C GLY I 329 -49.47 5.12 10.85
N LYS I 330 -50.29 5.10 11.89
CA LYS I 330 -50.55 3.84 12.59
C LYS I 330 -51.44 2.92 11.77
N LYS I 331 -52.51 3.45 11.17
CA LYS I 331 -53.47 2.59 10.49
C LYS I 331 -52.98 2.08 9.15
N SER I 332 -51.98 2.72 8.55
CA SER I 332 -51.37 2.17 7.34
C SER I 332 -50.27 1.17 7.66
N THR I 333 -49.59 1.34 8.79
CA THR I 333 -48.58 0.38 9.20
C THR I 333 -49.20 -0.91 9.74
N LYS I 334 -50.34 -0.79 10.43
CA LYS I 334 -51.04 -1.99 10.90
C LYS I 334 -51.60 -2.82 9.76
N LYS I 335 -51.91 -2.19 8.63
CA LYS I 335 -52.46 -2.90 7.49
C LYS I 335 -51.37 -3.39 6.55
N LYS I 336 -50.42 -2.52 6.22
CA LYS I 336 -49.32 -2.88 5.32
C LYS I 336 -48.09 -3.37 6.07
N SER I 337 -48.28 -4.35 6.95
CA SER I 337 -47.16 -5.08 7.55
C SER I 337 -47.41 -6.57 7.36
N ARG I 338 -48.68 -6.96 7.34
CA ARG I 338 -49.08 -8.33 7.05
C ARG I 338 -49.51 -8.50 5.61
N MET I 339 -49.17 -7.54 4.74
CA MET I 339 -49.47 -7.62 3.31
C MET I 339 -48.20 -8.04 2.60
N TYR I 340 -47.96 -9.35 2.58
CA TYR I 340 -46.70 -9.92 2.09
C TYR I 340 -46.73 -10.02 0.57
N ASN I 341 -45.76 -10.74 0.01
CA ASN I 341 -45.60 -10.79 -1.45
C ASN I 341 -46.54 -11.81 -2.08
N PHE I 342 -47.82 -11.75 -1.73
CA PHE I 342 -48.87 -12.29 -2.59
C PHE I 342 -50.10 -11.41 -2.60
N ASP I 343 -50.33 -10.60 -1.56
CA ASP I 343 -51.45 -9.69 -1.49
C ASP I 343 -51.04 -8.26 -1.87
N VAL I 344 -49.86 -8.08 -2.45
CA VAL I 344 -49.48 -6.82 -3.07
C VAL I 344 -49.48 -7.02 -4.57
N LEU I 345 -49.13 -8.24 -5.00
CA LEU I 345 -49.21 -8.58 -6.42
C LEU I 345 -50.65 -8.62 -6.91
N LYS I 346 -51.58 -9.08 -6.06
CA LYS I 346 -52.99 -9.06 -6.45
C LYS I 346 -53.52 -7.64 -6.55
N GLU I 347 -53.02 -6.72 -5.73
CA GLU I 347 -53.44 -5.33 -5.85
C GLU I 347 -52.86 -4.67 -7.10
N VAL I 348 -51.63 -5.03 -7.48
CA VAL I 348 -51.05 -4.51 -8.71
C VAL I 348 -51.80 -5.05 -9.93
N GLN I 349 -52.16 -6.33 -9.90
CA GLN I 349 -52.96 -6.92 -10.98
C GLN I 349 -54.35 -6.30 -11.03
N PHE I 350 -54.95 -6.03 -9.86
CA PHE I 350 -56.26 -5.37 -9.82
C PHE I 350 -56.17 -3.95 -10.35
N TRP I 351 -55.05 -3.26 -10.11
CA TRP I 351 -54.94 -1.90 -10.59
C TRP I 351 -54.70 -1.85 -12.09
N ARG I 352 -53.95 -2.82 -12.65
CA ARG I 352 -53.83 -2.84 -14.10
C ARG I 352 -55.14 -3.27 -14.76
N ASP I 353 -55.95 -4.08 -14.08
CA ASP I 353 -57.25 -4.44 -14.63
C ASP I 353 -58.26 -3.31 -14.50
N PHE I 354 -58.15 -2.47 -13.46
CA PHE I 354 -59.03 -1.33 -13.34
C PHE I 354 -58.67 -0.25 -14.34
N LEU I 355 -57.37 0.00 -14.55
CA LEU I 355 -56.95 0.94 -15.57
C LEU I 355 -57.17 0.39 -16.98
N SER I 356 -57.29 -0.93 -17.12
CA SER I 356 -57.57 -1.53 -18.42
C SER I 356 -59.04 -1.36 -18.81
N GLN I 357 -59.94 -1.85 -17.96
CA GLN I 357 -61.38 -2.01 -18.26
C GLN I 357 -61.59 -2.82 -19.54
N GLY I 358 -60.84 -3.92 -19.65
CA GLY I 358 -60.84 -4.71 -20.86
C GLY I 358 -60.00 -4.05 -21.93
N ASN I 359 -59.95 -4.71 -23.11
CA ASN I 359 -59.17 -4.32 -24.28
C ASN I 359 -57.71 -4.11 -23.91
N PRO I 360 -56.92 -5.19 -23.75
CA PRO I 360 -55.68 -5.11 -22.94
C PRO I 360 -54.56 -4.25 -23.51
N ARG I 361 -54.86 -2.95 -23.63
CA ARG I 361 -53.91 -1.88 -23.91
C ARG I 361 -54.51 -0.63 -23.28
N ILE I 362 -53.80 -0.04 -22.32
CA ILE I 362 -54.26 1.22 -21.73
C ILE I 362 -53.96 2.30 -22.77
N THR I 363 -54.98 2.71 -23.52
CA THR I 363 -54.80 3.57 -24.67
C THR I 363 -55.30 4.99 -24.37
N CYS I 364 -54.80 5.93 -25.15
CA CYS I 364 -55.20 7.33 -25.05
C CYS I 364 -54.96 7.99 -26.40
N LEU I 365 -55.97 8.65 -26.94
CA LEU I 365 -55.89 9.27 -28.25
C LEU I 365 -55.92 10.78 -28.12
N PHE I 366 -55.20 11.45 -29.03
CA PHE I 366 -55.16 12.90 -29.08
C PHE I 366 -55.54 13.47 -30.43
N GLY I 367 -55.59 12.65 -31.48
CA GLY I 367 -55.70 13.13 -32.84
C GLY I 367 -54.36 13.01 -33.54
N LYS I 368 -54.21 11.94 -34.33
CA LYS I 368 -52.99 11.51 -35.02
C LYS I 368 -51.82 11.20 -34.08
N GLN I 369 -52.08 11.08 -32.78
CA GLN I 369 -51.08 10.70 -31.79
C GLN I 369 -51.73 9.75 -30.78
N ALA I 370 -50.92 8.88 -30.21
CA ALA I 370 -51.44 7.87 -29.29
C ALA I 370 -50.46 7.60 -28.17
N LEU I 371 -50.97 7.51 -26.95
CA LEU I 371 -50.21 7.03 -25.79
C LEU I 371 -50.85 5.71 -25.39
N VAL I 372 -50.20 4.61 -25.77
CA VAL I 372 -50.72 3.27 -25.53
C VAL I 372 -49.80 2.58 -24.53
N ILE I 373 -50.36 2.15 -23.41
CA ILE I 373 -49.63 1.45 -22.37
C ILE I 373 -49.98 -0.02 -22.45
N ASP I 374 -49.02 -0.86 -22.81
CA ASP I 374 -49.24 -2.29 -22.92
C ASP I 374 -49.28 -2.90 -21.53
N ASN I 375 -50.45 -3.39 -21.11
CA ASN I 375 -50.67 -3.72 -19.71
C ASN I 375 -50.23 -5.14 -19.34
N SER I 376 -48.96 -5.44 -19.60
CA SER I 376 -48.34 -6.68 -19.13
C SER I 376 -47.17 -6.31 -18.25
N LEU I 377 -47.16 -6.82 -17.02
CA LEU I 377 -46.07 -6.53 -16.08
C LEU I 377 -44.76 -7.12 -16.59
N MET I 378 -43.68 -6.36 -16.48
CA MET I 378 -42.39 -6.74 -17.06
C MET I 378 -41.83 -7.96 -16.34
N SER I 379 -41.92 -9.11 -16.99
CA SER I 379 -41.49 -10.36 -16.41
C SER I 379 -40.06 -10.69 -16.82
N ALA I 380 -39.49 -11.66 -16.12
CA ALA I 380 -38.14 -12.13 -16.38
C ALA I 380 -38.09 -13.61 -16.01
N ALA I 381 -36.87 -14.15 -15.90
CA ALA I 381 -36.69 -15.53 -15.47
C ALA I 381 -35.37 -15.64 -14.73
N ILE I 382 -35.43 -16.02 -13.45
CA ILE I 382 -34.25 -16.10 -12.60
C ILE I 382 -34.12 -17.53 -12.09
N THR I 383 -32.91 -18.06 -12.10
CA THR I 383 -32.61 -19.39 -11.57
C THR I 383 -32.08 -19.24 -10.15
N TRP I 384 -32.78 -19.79 -9.18
CA TRP I 384 -32.30 -19.78 -7.80
C TRP I 384 -32.55 -21.12 -7.12
N PRO I 385 -31.83 -21.41 -6.03
CA PRO I 385 -32.22 -22.53 -5.17
C PRO I 385 -33.62 -22.37 -4.59
N GLU I 386 -34.37 -23.47 -4.58
CA GLU I 386 -35.81 -23.44 -4.39
C GLU I 386 -36.18 -23.14 -2.95
N ILE I 387 -37.45 -22.77 -2.77
CA ILE I 387 -38.03 -22.47 -1.46
C ILE I 387 -39.00 -23.59 -1.12
N SER I 388 -38.79 -24.23 0.02
CA SER I 388 -39.67 -25.30 0.46
C SER I 388 -41.02 -24.74 0.89
N GLY I 389 -42.09 -25.38 0.45
CA GLY I 389 -43.43 -25.04 0.89
C GLY I 389 -44.17 -24.04 0.02
N ASP I 390 -43.50 -23.38 -0.92
CA ASP I 390 -44.19 -22.42 -1.78
C ASP I 390 -44.68 -23.08 -3.07
N GLN I 391 -43.74 -23.52 -3.90
CA GLN I 391 -43.99 -24.23 -5.16
C GLN I 391 -44.97 -23.47 -6.07
N ALA I 392 -44.48 -22.32 -6.54
CA ALA I 392 -45.31 -21.37 -7.27
C ALA I 392 -45.86 -21.98 -8.55
N ASN I 393 -47.18 -21.84 -8.74
CA ASN I 393 -47.92 -22.51 -9.80
C ASN I 393 -48.00 -21.70 -11.08
N ARG I 394 -47.05 -20.79 -11.29
CA ARG I 394 -46.88 -19.98 -12.50
C ARG I 394 -48.11 -19.13 -12.84
N MET J 1 -45.10 6.63 -32.59
CA MET J 1 -43.71 6.35 -32.24
C MET J 1 -43.60 5.07 -31.41
N LYS J 2 -43.21 3.98 -32.06
CA LYS J 2 -43.02 2.70 -31.38
C LYS J 2 -41.76 2.78 -30.53
N THR J 3 -41.93 2.99 -29.23
CA THR J 3 -40.80 3.04 -28.31
C THR J 3 -40.21 1.65 -28.13
N ASN J 4 -38.88 1.58 -28.06
CA ASN J 4 -38.20 0.32 -27.84
C ASN J 4 -38.44 -0.14 -26.41
N THR J 5 -38.93 -1.37 -26.25
CA THR J 5 -39.24 -1.88 -24.92
C THR J 5 -37.95 -2.21 -24.17
N ALA J 6 -37.98 -1.97 -22.86
CA ALA J 6 -36.84 -2.25 -22.02
C ALA J 6 -36.66 -3.75 -21.82
N THR J 7 -35.41 -4.19 -21.80
CA THR J 7 -35.08 -5.58 -21.58
C THR J 7 -34.79 -5.79 -20.10
N VAL J 8 -35.53 -6.72 -19.48
CA VAL J 8 -35.36 -7.00 -18.06
C VAL J 8 -34.45 -8.22 -17.97
N ARG J 9 -33.17 -7.97 -17.65
CA ARG J 9 -32.17 -9.02 -17.50
C ARG J 9 -31.81 -9.14 -16.03
N CYS J 10 -31.59 -10.39 -15.59
CA CYS J 10 -31.50 -10.65 -14.16
C CYS J 10 -30.40 -11.67 -13.87
N GLU J 11 -29.82 -11.55 -12.68
CA GLU J 11 -28.89 -12.53 -12.15
C GLU J 11 -28.94 -12.44 -10.63
N LEU J 12 -28.48 -13.51 -9.98
CA LEU J 12 -28.50 -13.59 -8.53
C LEU J 12 -27.07 -13.74 -8.02
N PHE J 13 -26.80 -13.14 -6.87
CA PHE J 13 -25.45 -13.08 -6.31
C PHE J 13 -25.33 -14.09 -5.16
N GLU J 14 -24.21 -14.80 -5.14
CA GLU J 14 -23.98 -15.81 -4.12
C GLU J 14 -23.74 -15.16 -2.76
N GLU J 15 -24.30 -15.77 -1.72
CA GLU J 15 -24.27 -15.17 -0.40
C GLU J 15 -22.87 -15.28 0.22
N PRO J 16 -22.31 -14.20 0.74
CA PRO J 16 -20.95 -14.24 1.29
C PRO J 16 -20.90 -14.96 2.63
N SER J 17 -19.69 -15.39 2.98
CA SER J 17 -19.42 -16.06 4.25
C SER J 17 -18.61 -15.14 5.14
N LEU J 18 -18.80 -15.30 6.45
CA LEU J 18 -18.11 -14.50 7.45
C LEU J 18 -17.15 -15.38 8.24
N GLU J 19 -15.97 -14.85 8.52
CA GLU J 19 -14.93 -15.60 9.22
C GLU J 19 -15.19 -15.54 10.72
N PHE J 20 -15.59 -16.66 11.29
CA PHE J 20 -15.79 -16.83 12.72
C PHE J 20 -14.51 -17.35 13.35
N ALA J 21 -14.60 -17.91 14.56
CA ALA J 21 -13.44 -18.42 15.29
C ALA J 21 -12.71 -19.51 14.52
N SER J 22 -11.37 -19.49 14.65
CA SER J 22 -10.43 -20.36 13.93
C SER J 22 -10.56 -20.22 12.41
N SER J 23 -10.96 -19.03 11.95
CA SER J 23 -11.16 -18.69 10.54
C SER J 23 -12.13 -19.65 9.85
N ARG J 24 -13.18 -20.05 10.56
CA ARG J 24 -14.18 -20.95 10.02
C ARG J 24 -15.32 -20.15 9.43
N LEU J 25 -15.64 -20.42 8.16
CA LEU J 25 -16.65 -19.68 7.43
C LEU J 25 -18.05 -20.20 7.78
N HIS J 26 -18.96 -19.26 7.99
CA HIS J 26 -20.38 -19.60 8.11
C HIS J 26 -21.18 -18.40 7.62
N LEU J 27 -22.42 -18.69 7.20
CA LEU J 27 -23.25 -17.66 6.58
C LEU J 27 -23.94 -16.78 7.62
N CYS J 28 -24.75 -17.38 8.48
CA CYS J 28 -25.55 -16.61 9.42
C CYS J 28 -24.69 -16.13 10.60
N PRO J 29 -24.85 -14.87 11.02
CA PRO J 29 -24.12 -14.41 12.21
C PRO J 29 -24.59 -15.06 13.50
N LYS J 30 -25.86 -15.49 13.57
CA LYS J 30 -26.36 -16.13 14.78
C LYS J 30 -25.77 -17.52 14.96
N ARG J 31 -25.71 -18.31 13.89
CA ARG J 31 -25.31 -19.70 13.98
C ARG J 31 -23.80 -19.89 14.00
N GLY J 32 -23.04 -18.89 13.57
CA GLY J 32 -21.59 -19.00 13.56
C GLY J 32 -20.91 -18.70 14.87
N ILE J 33 -21.66 -18.26 15.88
CA ILE J 33 -21.11 -17.95 17.19
C ILE J 33 -21.46 -19.09 18.12
N THR J 34 -22.59 -19.76 17.85
CA THR J 34 -22.98 -20.92 18.64
C THR J 34 -22.05 -22.10 18.39
N ILE J 35 -21.74 -22.39 17.12
CA ILE J 35 -20.87 -23.51 16.81
C ILE J 35 -19.41 -23.17 17.07
N PHE J 36 -18.89 -22.15 16.38
CA PHE J 36 -17.47 -21.83 16.43
C PHE J 36 -17.15 -20.83 17.54
N GLY J 37 -17.85 -19.70 17.55
CA GLY J 37 -17.58 -18.65 18.50
C GLY J 37 -17.31 -17.33 17.79
N PRO J 38 -17.08 -16.27 18.57
CA PRO J 38 -16.70 -14.99 17.97
C PRO J 38 -15.32 -15.07 17.35
N ARG J 39 -15.06 -14.15 16.42
CA ARG J 39 -13.83 -14.20 15.62
C ARG J 39 -12.59 -13.97 16.48
N SER J 40 -12.66 -13.04 17.43
CA SER J 40 -11.51 -12.69 18.24
C SER J 40 -11.25 -13.67 19.39
N LEU J 41 -11.86 -14.85 19.37
CA LEU J 41 -11.73 -15.79 20.48
C LEU J 41 -10.33 -16.39 20.56
N ASP J 42 -9.70 -16.63 19.42
CA ASP J 42 -8.32 -17.12 19.38
C ASP J 42 -7.36 -16.14 18.73
N MET J 43 -7.81 -14.94 18.39
CA MET J 43 -6.97 -13.99 17.69
C MET J 43 -5.91 -13.39 18.62
N GLY J 44 -6.15 -13.42 19.92
CA GLY J 44 -5.12 -13.02 20.87
C GLY J 44 -5.73 -12.68 22.22
N LYS J 45 -5.15 -11.67 22.86
CA LYS J 45 -5.67 -11.12 24.10
C LYS J 45 -6.65 -9.98 23.87
N ARG J 46 -7.07 -9.77 22.62
CA ARG J 46 -8.08 -8.77 22.32
C ARG J 46 -9.47 -9.22 22.79
N HIS J 47 -9.66 -10.53 22.99
CA HIS J 47 -10.93 -11.06 23.48
C HIS J 47 -11.18 -10.60 24.92
N PRO J 48 -12.31 -9.95 25.20
CA PRO J 48 -12.58 -9.51 26.58
C PRO J 48 -12.90 -10.66 27.51
N ASP J 49 -11.95 -11.03 28.36
CA ASP J 49 -12.18 -12.14 29.27
C ASP J 49 -13.11 -11.72 30.42
N ILE J 50 -12.94 -10.52 30.94
CA ILE J 50 -13.75 -9.99 32.03
C ILE J 50 -14.26 -8.62 31.59
N VAL J 51 -15.57 -8.43 31.64
CA VAL J 51 -16.21 -7.17 31.27
C VAL J 51 -16.79 -6.54 32.53
N ARG J 52 -16.36 -5.32 32.83
CA ARG J 52 -16.82 -4.61 34.00
C ARG J 52 -17.92 -3.64 33.58
N VAL J 53 -19.08 -3.74 34.21
CA VAL J 53 -20.29 -3.06 33.77
C VAL J 53 -20.74 -2.09 34.84
N GLY J 54 -20.96 -0.83 34.46
CA GLY J 54 -21.51 0.18 35.35
C GLY J 54 -22.93 0.55 34.94
N PHE J 55 -23.60 1.26 35.86
CA PHE J 55 -24.99 1.66 35.65
C PHE J 55 -25.18 3.11 36.06
N ILE J 56 -26.01 3.84 35.32
CA ILE J 56 -26.42 5.18 35.69
C ILE J 56 -27.95 5.19 35.80
N GLY J 57 -28.51 4.07 36.22
CA GLY J 57 -29.94 3.99 36.42
C GLY J 57 -30.37 4.51 37.78
N THR J 58 -31.67 4.45 38.02
CA THR J 58 -32.22 4.73 39.34
C THR J 58 -32.22 3.44 40.14
N GLY J 59 -32.90 3.43 41.30
CA GLY J 59 -32.88 2.26 42.15
C GLY J 59 -33.57 1.05 41.57
N GLU J 60 -34.74 1.24 40.96
CA GLU J 60 -35.51 0.11 40.44
C GLU J 60 -34.94 -0.40 39.12
N THR J 61 -34.52 0.52 38.24
CA THR J 61 -34.08 0.13 36.90
C THR J 61 -32.76 -0.62 36.93
N ILE J 62 -31.88 -0.30 37.88
CA ILE J 62 -30.61 -1.00 38.02
C ILE J 62 -30.84 -2.44 38.43
N ASP J 63 -31.77 -2.67 39.38
CA ASP J 63 -32.08 -4.04 39.80
C ASP J 63 -32.78 -4.81 38.69
N SER J 64 -33.68 -4.17 37.95
CA SER J 64 -34.36 -4.82 36.83
C SER J 64 -33.38 -5.19 35.72
N ALA J 65 -32.46 -4.28 35.37
CA ALA J 65 -31.46 -4.57 34.36
C ALA J 65 -30.45 -5.61 34.82
N THR J 66 -30.13 -5.63 36.11
CA THR J 66 -29.20 -6.64 36.64
C THR J 66 -29.82 -8.03 36.62
N ARG J 67 -31.08 -8.16 37.04
CA ARG J 67 -31.72 -9.47 36.95
C ARG J 67 -32.01 -9.87 35.52
N TRP J 68 -32.21 -8.91 34.61
CA TRP J 68 -32.33 -9.23 33.19
C TRP J 68 -31.00 -9.74 32.63
N LEU J 69 -29.89 -9.12 33.02
CA LEU J 69 -28.59 -9.56 32.54
C LEU J 69 -28.10 -10.82 33.22
N GLU J 70 -28.71 -11.22 34.35
CA GLU J 70 -28.40 -12.52 34.91
C GLU J 70 -29.33 -13.63 34.44
N SER J 71 -30.57 -13.30 34.07
CA SER J 71 -31.48 -14.29 33.48
C SER J 71 -31.42 -14.29 31.96
N CYS J 72 -30.52 -13.50 31.38
CA CYS J 72 -30.39 -13.38 29.93
C CYS J 72 -29.04 -13.82 29.41
N ALA J 73 -27.99 -13.82 30.23
CA ALA J 73 -26.65 -14.19 29.82
C ALA J 73 -26.33 -15.65 30.10
N ASP J 74 -27.29 -16.43 30.62
CA ASP J 74 -27.06 -17.84 30.91
C ASP J 74 -27.84 -18.75 29.98
N GLY J 75 -28.16 -18.27 28.77
CA GLY J 75 -28.88 -19.08 27.83
C GLY J 75 -30.38 -18.81 27.81
N VAL J 76 -30.89 -18.43 26.64
CA VAL J 76 -32.32 -18.18 26.45
C VAL J 76 -32.81 -19.13 25.37
N GLU J 77 -33.84 -19.91 25.69
CA GLU J 77 -34.41 -20.84 24.73
C GLU J 77 -35.19 -20.09 23.65
N GLY J 78 -35.22 -20.67 22.45
CA GLY J 78 -35.93 -20.08 21.35
C GLY J 78 -36.78 -21.12 20.63
N ASP J 79 -37.77 -20.61 19.90
CA ASP J 79 -38.68 -21.44 19.12
C ASP J 79 -38.06 -21.74 17.76
N VAL J 80 -38.87 -22.26 16.82
CA VAL J 80 -38.36 -22.61 15.50
C VAL J 80 -38.00 -21.36 14.69
N ALA J 81 -38.67 -20.23 14.95
CA ALA J 81 -38.42 -19.00 14.19
C ALA J 81 -37.37 -18.11 14.82
N ASN J 82 -36.88 -18.43 16.01
CA ASN J 82 -35.86 -17.64 16.70
C ASN J 82 -34.78 -18.58 17.20
N TYR J 83 -33.57 -18.45 16.66
CA TYR J 83 -32.46 -19.30 17.09
C TYR J 83 -32.03 -18.89 18.49
N ARG J 84 -31.69 -19.87 19.31
CA ARG J 84 -31.53 -19.63 20.74
C ARG J 84 -30.24 -18.87 21.03
N PHE J 85 -30.22 -18.24 22.19
CA PHE J 85 -29.02 -17.59 22.71
C PHE J 85 -28.22 -18.57 23.55
N PRO J 86 -26.95 -18.81 23.24
CA PRO J 86 -26.18 -19.76 24.05
C PRO J 86 -25.86 -19.26 25.44
N GLY J 87 -25.41 -18.01 25.56
CA GLY J 87 -25.06 -17.46 26.85
C GLY J 87 -23.87 -16.53 26.81
N PHE J 88 -23.68 -15.76 27.87
CA PHE J 88 -22.56 -14.84 28.02
C PHE J 88 -21.83 -15.11 29.33
N ARG J 89 -21.49 -16.37 29.57
CA ARG J 89 -20.63 -16.75 30.67
C ARG J 89 -19.29 -17.23 30.12
N ALA J 90 -18.43 -17.71 31.01
CA ALA J 90 -17.08 -18.13 30.63
C ALA J 90 -17.05 -19.51 29.99
N ASP J 91 -18.16 -20.22 29.96
CA ASP J 91 -18.21 -21.56 29.38
C ASP J 91 -19.30 -21.72 28.32
N ARG J 92 -20.06 -20.68 28.00
CA ARG J 92 -21.13 -20.76 27.01
C ARG J 92 -21.08 -19.55 26.09
N GLY J 93 -21.31 -19.79 24.80
CA GLY J 93 -21.53 -18.73 23.84
C GLY J 93 -20.32 -17.90 23.47
N PHE J 94 -20.31 -16.64 23.90
CA PHE J 94 -19.24 -15.71 23.57
C PHE J 94 -17.98 -15.93 24.39
N PHE J 95 -18.05 -16.79 25.42
CA PHE J 95 -16.93 -17.13 26.31
C PHE J 95 -16.34 -15.89 26.99
N SER J 96 -17.21 -15.00 27.43
CA SER J 96 -16.83 -13.81 28.17
C SER J 96 -17.71 -13.71 29.41
N ASP J 97 -17.19 -13.08 30.46
CA ASP J 97 -17.87 -13.05 31.74
C ASP J 97 -18.28 -11.63 32.09
N LEU J 98 -19.54 -11.47 32.51
CA LEU J 98 -20.02 -10.18 33.00
C LEU J 98 -19.77 -10.08 34.50
N SER J 99 -19.33 -8.91 34.94
CA SER J 99 -19.01 -8.67 36.34
C SER J 99 -19.57 -7.32 36.76
N PHE J 100 -20.46 -7.33 37.75
CA PHE J 100 -21.13 -6.13 38.22
C PHE J 100 -20.45 -5.65 39.50
N ASP J 101 -19.49 -4.75 39.34
CA ASP J 101 -18.88 -4.09 40.49
C ASP J 101 -19.87 -3.11 41.10
N ALA J 102 -19.89 -3.06 42.43
CA ALA J 102 -20.77 -2.14 43.15
C ALA J 102 -20.15 -0.77 43.38
N GLU J 103 -18.87 -0.60 43.05
CA GLU J 103 -18.20 0.68 43.18
C GLU J 103 -18.41 1.58 41.97
N THR J 104 -18.66 1.01 40.80
CA THR J 104 -18.82 1.76 39.55
C THR J 104 -20.29 1.97 39.20
N VAL J 105 -21.15 2.16 40.20
CA VAL J 105 -22.59 2.32 39.98
C VAL J 105 -22.97 3.72 40.44
N GLU J 106 -23.25 4.59 39.48
CA GLU J 106 -23.89 5.86 39.79
C GLU J 106 -25.40 5.65 39.93
N ARG J 107 -26.09 6.66 40.43
CA ARG J 107 -27.51 6.51 40.71
C ARG J 107 -28.21 7.85 40.60
N LEU J 108 -29.25 7.91 39.79
CA LEU J 108 -30.06 9.11 39.61
C LEU J 108 -30.99 9.23 40.82
N THR J 109 -30.60 10.05 41.79
CA THR J 109 -31.40 10.23 42.99
C THR J 109 -32.65 11.05 42.69
N LEU J 110 -33.63 10.95 43.58
CA LEU J 110 -34.90 11.63 43.39
C LEU J 110 -34.85 13.13 43.68
N ARG J 111 -33.78 13.61 44.32
CA ARG J 111 -33.64 15.05 44.49
C ARG J 111 -33.19 15.74 43.21
N GLU J 112 -32.65 14.99 42.25
CA GLU J 112 -32.14 15.54 41.00
C GLU J 112 -33.10 15.37 39.84
N LEU J 113 -33.92 14.32 39.85
CA LEU J 113 -34.91 14.12 38.80
C LEU J 113 -36.02 15.15 38.88
N GLU J 114 -36.30 15.66 40.08
CA GLU J 114 -37.26 16.73 40.26
C GLU J 114 -36.60 18.11 40.23
N ALA J 115 -35.28 18.17 40.13
CA ALA J 115 -34.61 19.44 39.92
C ALA J 115 -34.75 19.92 38.48
N LEU J 116 -35.03 19.00 37.55
CA LEU J 116 -35.34 19.35 36.17
C LEU J 116 -36.85 19.53 35.94
N ALA J 117 -37.47 20.30 36.82
CA ALA J 117 -38.85 20.74 36.64
C ALA J 117 -38.92 22.22 36.99
N ARG J 118 -37.93 22.66 37.78
CA ARG J 118 -37.81 24.07 38.13
C ARG J 118 -37.58 25.03 36.95
N PRO J 119 -36.76 24.72 35.91
CA PRO J 119 -36.68 25.66 34.77
C PRO J 119 -37.99 25.78 34.01
N ARG J 120 -38.18 26.95 33.39
CA ARG J 120 -39.48 27.35 32.89
C ARG J 120 -39.79 26.70 31.55
N THR J 121 -38.96 26.95 30.54
CA THR J 121 -39.22 26.49 29.19
C THR J 121 -38.79 25.02 29.03
N LYS J 122 -38.87 24.53 27.80
CA LYS J 122 -38.42 23.19 27.46
C LYS J 122 -36.96 23.13 27.06
N ARG J 123 -36.30 24.29 26.88
CA ARG J 123 -34.89 24.30 26.53
C ARG J 123 -34.01 23.99 27.73
N GLU J 124 -34.17 24.77 28.81
CA GLU J 124 -33.31 24.60 29.98
C GLU J 124 -33.60 23.30 30.71
N ARG J 125 -34.82 22.78 30.62
CA ARG J 125 -35.17 21.51 31.25
C ARG J 125 -34.41 20.35 30.60
N PHE J 126 -34.44 20.29 29.26
CA PHE J 126 -33.65 19.30 28.53
C PHE J 126 -32.16 19.53 28.72
N GLU J 127 -31.72 20.78 28.82
CA GLU J 127 -30.30 21.06 29.03
C GLU J 127 -29.83 20.59 30.40
N GLN J 128 -30.66 20.73 31.43
CA GLN J 128 -30.29 20.20 32.74
C GLN J 128 -30.34 18.67 32.76
N ALA J 129 -31.24 18.07 31.97
CA ALA J 129 -31.27 16.61 31.86
C ALA J 129 -29.96 16.07 31.26
N VAL J 130 -29.52 16.68 30.15
CA VAL J 130 -28.23 16.34 29.54
C VAL J 130 -27.09 16.71 30.49
N ALA J 131 -27.28 17.73 31.33
CA ALA J 131 -26.24 18.14 32.27
C ALA J 131 -25.97 17.08 33.34
N LEU J 132 -27.03 16.54 33.98
CA LEU J 132 -26.70 15.53 34.99
C LEU J 132 -26.35 14.19 34.34
N LEU J 133 -26.87 13.90 33.14
CA LEU J 133 -26.45 12.67 32.47
C LEU J 133 -25.00 12.76 31.99
N ASP J 134 -24.50 13.97 31.73
CA ASP J 134 -23.08 14.17 31.46
C ASP J 134 -22.25 14.11 32.73
N ASP J 135 -22.78 14.67 33.82
CA ASP J 135 -22.05 14.70 35.09
C ASP J 135 -21.85 13.30 35.66
N LYS J 136 -22.84 12.42 35.52
CA LYS J 136 -22.66 11.08 36.06
C LYS J 136 -21.99 10.13 35.08
N LEU J 137 -21.73 10.56 33.84
CA LEU J 137 -20.72 9.90 33.02
C LEU J 137 -19.32 10.37 33.41
N ARG J 138 -19.21 11.64 33.79
CA ARG J 138 -17.93 12.17 34.28
C ARG J 138 -17.50 11.49 35.56
N LEU J 139 -18.43 11.28 36.50
CA LEU J 139 -18.09 10.63 37.77
C LEU J 139 -17.69 9.16 37.60
N LEU J 140 -18.11 8.52 36.51
CA LEU J 140 -17.59 7.18 36.21
C LEU J 140 -16.26 7.24 35.47
N SER J 141 -16.04 8.27 34.65
CA SER J 141 -14.79 8.35 33.89
C SER J 141 -13.60 8.76 34.74
N GLN J 142 -13.82 9.38 35.89
CA GLN J 142 -12.73 9.88 36.73
C GLN J 142 -12.38 8.94 37.87
N LYS J 143 -12.92 7.73 37.91
CA LYS J 143 -12.48 6.74 38.87
C LYS J 143 -11.13 6.17 38.46
N ASP J 144 -10.43 5.56 39.42
CA ASP J 144 -9.10 5.03 39.14
C ASP J 144 -9.17 3.76 38.29
N ARG J 145 -10.28 3.05 38.32
CA ARG J 145 -10.52 1.91 37.43
C ARG J 145 -11.90 2.13 36.81
N PRO J 146 -11.98 2.86 35.70
CA PRO J 146 -13.27 3.10 35.06
C PRO J 146 -13.84 1.81 34.48
N PRO J 147 -15.16 1.69 34.40
CA PRO J 147 -15.76 0.46 33.86
C PRO J 147 -15.53 0.32 32.37
N ASP J 148 -15.51 -0.93 31.92
CA ASP J 148 -15.37 -1.23 30.50
C ASP J 148 -16.63 -0.91 29.71
N TYR J 149 -17.77 -0.76 30.38
CA TYR J 149 -19.06 -0.67 29.71
C TYR J 149 -20.04 -0.02 30.68
N VAL J 150 -20.88 0.86 30.17
CA VAL J 150 -21.83 1.60 31.00
C VAL J 150 -23.23 1.40 30.42
N VAL J 151 -24.13 0.86 31.22
CA VAL J 151 -25.52 0.62 30.83
C VAL J 151 -26.40 1.64 31.53
N LEU J 152 -26.89 2.62 30.77
CA LEU J 152 -27.79 3.64 31.31
C LEU J 152 -29.21 3.07 31.29
N ALA J 153 -29.64 2.52 32.42
CA ALA J 153 -31.01 2.05 32.56
C ALA J 153 -31.88 3.24 32.96
N LEU J 154 -32.26 4.02 31.95
CA LEU J 154 -32.97 5.26 32.19
C LEU J 154 -34.40 5.01 32.63
N PRO J 155 -34.92 5.77 33.59
CA PRO J 155 -36.31 5.61 34.01
C PRO J 155 -37.29 6.07 32.93
N THR J 156 -38.51 5.56 33.02
CA THR J 156 -39.53 5.82 32.00
C THR J 156 -39.98 7.29 32.03
N GLU J 157 -40.10 7.87 33.23
CA GLU J 157 -40.62 9.24 33.35
C GLU J 157 -39.62 10.27 32.84
N LEU J 158 -38.32 9.96 32.87
CA LEU J 158 -37.34 10.87 32.31
C LEU J 158 -37.34 10.83 30.80
N VAL J 159 -37.42 9.62 30.22
CA VAL J 159 -37.38 9.45 28.78
C VAL J 159 -38.67 9.98 28.13
N LYS J 160 -39.80 9.81 28.82
CA LYS J 160 -41.09 10.24 28.26
C LYS J 160 -41.16 11.76 28.16
N ALA J 161 -40.54 12.48 29.09
CA ALA J 161 -40.63 13.94 29.11
C ALA J 161 -39.44 14.63 28.45
N GLN J 162 -38.23 14.08 28.53
CA GLN J 162 -37.04 14.74 28.00
C GLN J 162 -36.30 13.89 26.97
N GLY J 163 -36.97 12.93 26.35
CA GLY J 163 -36.31 12.12 25.35
C GLY J 163 -36.30 12.76 23.98
N ARG J 164 -37.31 13.57 23.70
CA ARG J 164 -37.46 14.20 22.38
C ARG J 164 -38.09 15.57 22.62
N VAL J 165 -37.28 16.62 22.60
CA VAL J 165 -37.73 17.96 22.93
C VAL J 165 -37.62 18.85 21.70
N ASP J 166 -38.74 19.40 21.27
CA ASP J 166 -38.77 20.34 20.16
C ASP J 166 -39.26 21.71 20.65
N TYR J 167 -38.59 22.76 20.21
CA TYR J 167 -38.88 24.09 20.70
C TYR J 167 -38.57 25.11 19.60
N TYR J 168 -38.68 26.39 19.96
CA TYR J 168 -38.35 27.51 19.07
C TYR J 168 -37.25 28.33 19.74
N ASP J 169 -36.23 28.69 18.97
CA ASP J 169 -35.04 29.33 19.52
C ASP J 169 -34.65 30.56 18.70
N LYS J 170 -35.66 31.41 18.45
CA LYS J 170 -35.52 32.76 17.88
C LYS J 170 -34.86 32.78 16.50
N GLN J 171 -33.52 32.74 16.49
CA GLN J 171 -32.74 32.85 15.27
C GLN J 171 -32.53 31.50 14.57
N ASP J 172 -32.82 30.39 15.25
CA ASP J 172 -32.64 29.08 14.66
C ASP J 172 -33.94 28.46 14.16
N GLY J 173 -35.07 28.88 14.69
CA GLY J 173 -36.35 28.32 14.29
C GLY J 173 -36.75 27.12 15.11
N GLU J 174 -37.44 26.17 14.48
CA GLU J 174 -37.90 24.96 15.16
C GLU J 174 -36.71 24.02 15.31
N VAL J 175 -36.29 23.78 16.57
CA VAL J 175 -35.16 22.94 16.88
C VAL J 175 -35.66 21.68 17.57
N HIS J 176 -35.25 20.52 17.04
CA HIS J 176 -35.59 19.22 17.61
C HIS J 176 -34.33 18.59 18.15
N ARG J 177 -34.32 18.30 19.46
CA ARG J 177 -33.17 17.70 20.12
C ARG J 177 -33.59 16.37 20.74
N ASP J 178 -32.66 15.42 20.73
CA ASP J 178 -32.90 14.06 21.20
C ASP J 178 -31.96 13.79 22.36
N LEU J 179 -32.45 13.03 23.34
CA LEU J 179 -31.62 12.70 24.50
C LEU J 179 -30.53 11.70 24.15
N ARG J 180 -30.85 10.73 23.29
CA ARG J 180 -29.90 9.68 22.94
C ARG J 180 -28.71 10.24 22.18
N ARG J 181 -28.94 11.16 21.26
CA ARG J 181 -27.85 11.79 20.54
C ARG J 181 -27.10 12.82 21.38
N ALA J 182 -27.65 13.22 22.53
CA ALA J 182 -26.98 14.15 23.42
C ALA J 182 -26.26 13.46 24.58
N ILE J 183 -26.40 12.15 24.73
CA ILE J 183 -25.65 11.42 25.74
C ILE J 183 -24.71 10.38 25.15
N LYS J 184 -24.83 10.06 23.86
CA LYS J 184 -23.76 9.35 23.17
C LYS J 184 -22.66 10.30 22.71
N ALA J 185 -22.92 11.61 22.76
CA ALA J 185 -21.89 12.61 22.47
C ALA J 185 -21.21 13.10 23.74
N SER J 186 -21.90 13.06 24.88
CA SER J 186 -21.27 13.38 26.15
C SER J 186 -20.49 12.21 26.73
N ALA J 187 -20.82 10.97 26.33
CA ALA J 187 -20.04 9.80 26.69
C ALA J 187 -18.83 9.61 25.80
N MET J 188 -18.70 10.40 24.75
CA MET J 188 -17.60 10.27 23.81
C MET J 188 -16.41 11.13 24.21
N LYS J 189 -16.65 12.28 24.84
CA LYS J 189 -15.58 13.10 25.38
C LYS J 189 -15.01 12.54 26.67
N TYR J 190 -15.67 11.56 27.29
CA TYR J 190 -15.15 10.88 28.46
C TYR J 190 -14.67 9.47 28.18
N ARG J 191 -14.79 9.01 26.93
CA ARG J 191 -14.34 7.69 26.45
C ARG J 191 -14.98 6.55 27.24
N LEU J 192 -16.31 6.51 27.21
CA LEU J 192 -17.10 5.47 27.87
C LEU J 192 -18.14 4.97 26.88
N PRO J 193 -17.98 3.78 26.31
CA PRO J 193 -19.04 3.21 25.45
C PRO J 193 -20.25 2.82 26.27
N THR J 194 -21.41 3.37 25.91
CA THR J 194 -22.60 3.25 26.72
C THR J 194 -23.71 2.51 25.97
N GLN J 195 -24.78 2.22 26.70
CA GLN J 195 -25.90 1.45 26.19
C GLN J 195 -27.15 1.85 26.94
N ILE J 196 -28.10 2.50 26.26
CA ILE J 196 -29.34 2.90 26.90
C ILE J 196 -30.29 1.72 26.91
N LEU J 197 -30.82 1.39 28.08
CA LEU J 197 -31.66 0.20 28.28
C LEU J 197 -32.92 0.61 29.03
N LEU J 198 -33.99 0.88 28.29
CA LEU J 198 -35.24 1.36 28.88
C LEU J 198 -35.98 0.23 29.60
N GLN J 199 -37.07 0.59 30.28
CA GLN J 199 -37.86 -0.38 31.01
C GLN J 199 -38.74 -1.25 30.12
N ARG J 200 -38.91 -0.91 28.83
CA ARG J 200 -39.74 -1.73 27.98
C ARG J 200 -39.08 -3.05 27.60
N THR J 201 -37.76 -3.14 27.76
CA THR J 201 -36.99 -4.34 27.43
C THR J 201 -36.69 -5.19 28.65
N THR J 202 -36.23 -4.56 29.74
CA THR J 202 -35.84 -5.31 30.93
C THR J 202 -37.05 -5.86 31.69
N GLU J 203 -38.20 -5.19 31.61
CA GLU J 203 -39.41 -5.61 32.30
C GLU J 203 -40.40 -6.29 31.37
N ALA J 204 -39.96 -6.68 30.17
CA ALA J 204 -40.88 -7.25 29.19
C ALA J 204 -41.24 -8.68 29.57
N THR J 205 -42.53 -8.94 29.66
CA THR J 205 -43.11 -10.25 29.94
C THR J 205 -43.08 -11.12 28.69
N PRO J 206 -42.96 -12.44 28.85
CA PRO J 206 -43.06 -13.34 27.69
C PRO J 206 -44.46 -13.32 27.10
N GLY J 207 -44.53 -13.54 25.79
CA GLY J 207 -45.79 -13.46 25.07
C GLY J 207 -46.39 -12.08 25.03
N SER J 208 -45.55 -11.05 24.93
CA SER J 208 -46.01 -9.66 24.86
C SER J 208 -45.43 -9.01 23.61
N LYS J 209 -46.21 -8.08 23.04
CA LYS J 209 -45.85 -7.45 21.78
C LYS J 209 -44.94 -6.25 22.04
N ASP J 210 -44.57 -5.55 20.94
CA ASP J 210 -43.75 -4.34 20.87
C ASP J 210 -42.28 -4.55 21.24
N VAL J 211 -41.92 -5.76 21.65
CA VAL J 211 -40.53 -6.18 21.82
C VAL J 211 -40.38 -7.52 21.13
N ASP J 212 -39.12 -7.92 20.92
CA ASP J 212 -38.84 -9.21 20.30
C ASP J 212 -39.10 -10.34 21.28
N HIS J 213 -38.94 -11.56 20.79
CA HIS J 213 -38.76 -12.68 21.69
C HIS J 213 -37.39 -12.53 22.35
N LEU J 214 -37.26 -13.09 23.56
CA LEU J 214 -36.09 -12.84 24.40
C LEU J 214 -34.79 -13.39 23.80
N SER J 215 -34.88 -14.31 22.84
CA SER J 215 -33.70 -14.75 22.10
C SER J 215 -33.09 -13.62 21.27
N LYS J 216 -33.93 -12.88 20.54
CA LYS J 216 -33.40 -11.78 19.74
C LYS J 216 -33.01 -10.58 20.61
N CYS J 217 -33.73 -10.37 21.72
CA CYS J 217 -33.33 -9.34 22.67
C CYS J 217 -32.01 -9.69 23.34
N ALA J 218 -31.70 -10.98 23.47
CA ALA J 218 -30.38 -11.39 23.95
C ALA J 218 -29.33 -11.17 22.89
N TRP J 219 -29.62 -11.57 21.64
CA TRP J 219 -28.63 -11.55 20.57
C TRP J 219 -28.21 -10.14 20.21
N ASN J 220 -29.19 -9.26 19.95
CA ASN J 220 -28.88 -7.91 19.52
C ASN J 220 -28.26 -7.06 20.63
N PHE J 221 -28.51 -7.42 21.89
CA PHE J 221 -27.87 -6.71 22.99
C PHE J 221 -26.43 -7.19 23.17
N PHE J 222 -26.23 -8.52 23.22
CA PHE J 222 -24.93 -9.02 23.60
C PHE J 222 -23.91 -9.02 22.46
N THR J 223 -24.35 -8.99 21.20
CA THR J 223 -23.39 -8.77 20.12
C THR J 223 -22.81 -7.35 20.18
N GLY J 224 -23.68 -6.37 20.45
CA GLY J 224 -23.21 -5.00 20.65
C GLY J 224 -22.37 -4.86 21.91
N LEU J 225 -22.72 -5.59 22.97
CA LEU J 225 -21.91 -5.56 24.19
C LEU J 225 -20.55 -6.20 23.96
N TYR J 226 -20.49 -7.23 23.12
CA TYR J 226 -19.21 -7.87 22.85
C TYR J 226 -18.33 -7.00 21.95
N TYR J 227 -18.94 -6.26 21.02
CA TYR J 227 -18.12 -5.39 20.20
C TYR J 227 -17.69 -4.11 20.93
N LYS J 228 -18.56 -3.55 21.78
CA LYS J 228 -18.27 -2.28 22.42
C LYS J 228 -17.20 -2.39 23.51
N THR J 229 -16.95 -3.59 24.03
CA THR J 229 -15.93 -3.79 25.05
C THR J 229 -14.62 -4.29 24.46
N GLY J 230 -14.40 -4.05 23.17
CA GLY J 230 -13.24 -4.56 22.48
C GLY J 230 -13.46 -5.96 21.94
N GLY J 231 -12.72 -6.29 20.89
CA GLY J 231 -12.89 -7.55 20.20
C GLY J 231 -13.91 -7.48 19.09
N VAL J 232 -13.82 -8.44 18.18
CA VAL J 232 -14.66 -8.43 16.98
C VAL J 232 -15.48 -9.71 16.90
N PRO J 233 -16.80 -9.62 16.70
CA PRO J 233 -17.61 -10.83 16.57
C PRO J 233 -17.35 -11.61 15.29
N TRP J 234 -17.39 -10.95 14.14
CA TRP J 234 -17.16 -11.62 12.86
C TRP J 234 -16.58 -10.63 11.86
N ILE J 235 -15.79 -11.15 10.93
CA ILE J 235 -15.22 -10.37 9.83
C ILE J 235 -15.61 -11.09 8.53
N PRO J 236 -15.74 -10.42 7.39
CA PRO J 236 -16.13 -11.11 6.16
C PRO J 236 -14.92 -11.81 5.54
N ALA J 237 -15.20 -12.61 4.51
CA ALA J 237 -14.17 -13.35 3.81
C ALA J 237 -13.89 -12.79 2.41
N GLY J 238 -14.92 -12.55 1.62
CA GLY J 238 -14.74 -12.11 0.25
C GLY J 238 -14.63 -10.61 0.10
N LEU J 239 -13.50 -10.05 0.52
CA LEU J 239 -13.23 -8.63 0.35
C LEU J 239 -11.78 -8.44 -0.03
N SER J 240 -11.47 -7.24 -0.53
CA SER J 240 -10.18 -6.97 -1.14
C SER J 240 -9.13 -6.66 -0.07
N ASN J 241 -7.95 -6.24 -0.50
CA ASN J 241 -6.75 -6.11 0.32
C ASN J 241 -6.09 -4.76 0.11
N GLY J 242 -6.86 -3.69 0.30
CA GLY J 242 -6.38 -2.37 -0.06
C GLY J 242 -7.47 -1.40 -0.46
N THR J 243 -8.71 -1.89 -0.51
CA THR J 243 -9.85 -0.99 -0.67
C THR J 243 -10.02 -0.10 0.56
N CYS J 244 -10.61 1.07 0.32
CA CYS J 244 -10.74 2.14 1.31
C CYS J 244 -12.17 2.68 1.27
N TYR J 245 -13.15 1.79 1.48
CA TYR J 245 -14.57 2.11 1.41
C TYR J 245 -14.96 3.33 2.25
N VAL J 246 -15.43 4.36 1.55
CA VAL J 246 -15.85 5.63 2.14
C VAL J 246 -17.37 5.69 2.00
N GLY J 247 -18.04 6.20 3.03
CA GLY J 247 -19.49 6.16 3.05
C GLY J 247 -20.27 7.46 3.12
N ILE J 248 -19.92 8.46 2.31
CA ILE J 248 -20.36 9.85 2.49
C ILE J 248 -21.87 10.04 2.51
N SER J 249 -22.40 10.63 3.58
CA SER J 249 -23.83 10.89 3.67
C SER J 249 -24.07 12.32 4.15
N PHE J 250 -25.12 12.93 3.62
CA PHE J 250 -25.42 14.33 3.86
C PHE J 250 -26.47 14.49 4.95
N HIS J 251 -26.39 15.60 5.68
CA HIS J 251 -27.20 15.82 6.86
C HIS J 251 -27.50 17.31 7.00
N GLN J 252 -28.73 17.62 7.41
CA GLN J 252 -29.13 19.00 7.58
C GLN J 252 -28.48 19.63 8.81
N LEU J 253 -28.36 20.95 8.78
CA LEU J 253 -27.90 21.69 9.95
C LEU J 253 -28.99 21.70 11.02
N LEU J 254 -28.56 21.94 12.25
CA LEU J 254 -29.48 21.94 13.40
C LEU J 254 -30.30 23.22 13.39
N GLY J 255 -31.58 23.11 13.08
CA GLY J 255 -32.46 24.27 13.05
C GLY J 255 -33.33 24.33 11.82
N SER J 256 -34.45 25.05 11.91
CA SER J 256 -35.35 25.22 10.79
C SER J 256 -35.13 26.52 10.03
N LYS J 257 -34.14 27.33 10.44
CA LYS J 257 -33.77 28.53 9.73
C LYS J 257 -32.39 28.47 9.10
N ASN J 258 -31.51 27.60 9.59
CA ASN J 258 -30.21 27.40 8.98
C ASN J 258 -30.37 26.45 7.79
N SER J 259 -30.16 26.96 6.58
CA SER J 259 -30.25 26.17 5.36
C SER J 259 -28.84 25.70 4.99
N GLY J 260 -28.66 24.39 4.94
CA GLY J 260 -27.35 23.84 4.61
C GLY J 260 -27.29 22.33 4.80
N TYR J 261 -26.29 21.70 4.21
CA TYR J 261 -26.14 20.25 4.26
C TYR J 261 -24.66 19.95 4.45
N PHE J 262 -24.29 19.44 5.62
CA PHE J 262 -22.91 19.02 5.83
C PHE J 262 -22.80 17.52 5.63
N THR J 263 -21.57 17.01 5.73
CA THR J 263 -21.28 15.64 5.35
C THR J 263 -20.95 14.78 6.55
N GLY J 264 -20.91 13.47 6.30
CA GLY J 264 -20.50 12.49 7.27
C GLY J 264 -19.70 11.40 6.59
N LEU J 265 -18.53 11.10 7.15
CA LEU J 265 -17.56 10.16 6.59
C LEU J 265 -17.65 8.83 7.32
N ALA J 266 -17.22 7.77 6.63
CA ALA J 266 -17.11 6.45 7.24
C ALA J 266 -16.08 5.64 6.45
N GLN J 267 -14.86 5.57 6.98
CA GLN J 267 -13.86 4.69 6.41
C GLN J 267 -14.09 3.27 6.91
N ALA J 268 -14.02 2.30 5.99
CA ALA J 268 -14.20 0.89 6.32
C ALA J 268 -13.09 0.13 5.60
N PHE J 269 -12.00 -0.16 6.28
CA PHE J 269 -10.86 -0.74 5.58
C PHE J 269 -10.32 -1.94 6.33
N ASP J 270 -9.23 -2.50 5.82
CA ASP J 270 -8.71 -3.77 6.30
C ASP J 270 -7.32 -3.54 6.90
N GLU J 271 -7.12 -4.00 8.12
CA GLU J 271 -5.86 -3.86 8.84
C GLU J 271 -5.33 -5.26 9.13
N GLN J 272 -4.33 -5.68 8.33
CA GLN J 272 -3.62 -6.95 8.47
C GLN J 272 -4.56 -8.16 8.47
N GLY J 273 -4.48 -8.97 9.52
CA GLY J 273 -5.37 -10.09 9.71
C GLY J 273 -6.49 -9.84 10.70
N ASN J 274 -6.69 -8.60 11.15
CA ASN J 274 -7.77 -8.27 12.06
C ASN J 274 -9.12 -8.15 11.38
N GLY J 275 -9.15 -8.10 10.05
CA GLY J 275 -10.41 -7.94 9.34
C GLY J 275 -10.79 -6.49 9.16
N LEU J 276 -12.09 -6.24 9.01
CA LEU J 276 -12.58 -4.89 8.79
C LEU J 276 -12.49 -4.05 10.07
N VAL J 277 -11.98 -2.84 9.92
CA VAL J 277 -12.03 -1.83 10.96
C VAL J 277 -12.81 -0.62 10.41
N LEU J 278 -13.62 -0.03 11.28
CA LEU J 278 -14.54 1.04 10.94
C LEU J 278 -14.07 2.30 11.64
N ARG J 279 -13.53 3.24 10.87
CA ARG J 279 -13.14 4.55 11.37
C ARG J 279 -14.08 5.60 10.79
N GLY J 280 -14.06 6.79 11.37
CA GLY J 280 -14.79 7.87 10.75
C GLY J 280 -14.84 9.16 11.54
N GLN J 281 -14.60 10.27 10.85
CA GLN J 281 -14.90 11.64 11.29
C GLN J 281 -14.16 11.99 12.59
N ASP J 282 -12.84 12.10 12.45
CA ASP J 282 -12.00 12.56 13.56
C ASP J 282 -12.19 14.05 13.84
N PHE J 283 -12.82 14.79 12.94
CA PHE J 283 -12.92 16.24 12.96
C PHE J 283 -14.38 16.69 12.94
N VAL J 284 -14.58 17.99 13.08
CA VAL J 284 -15.89 18.63 12.92
C VAL J 284 -15.75 19.66 11.81
N TRP J 285 -16.71 19.68 10.89
CA TRP J 285 -16.71 20.65 9.80
C TRP J 285 -16.87 22.07 10.34
N ASP J 286 -16.13 23.00 9.74
CA ASP J 286 -16.23 24.40 10.13
C ASP J 286 -17.59 24.97 9.74
N VAL J 287 -18.07 25.92 10.54
CA VAL J 287 -19.41 26.47 10.36
C VAL J 287 -19.55 27.33 9.11
N GLY J 288 -18.45 27.74 8.49
CA GLY J 288 -18.51 28.49 7.26
C GLY J 288 -18.47 27.66 6.00
N LYS J 289 -18.49 26.34 6.10
CA LYS J 289 -18.37 25.49 4.91
C LYS J 289 -19.74 25.19 4.30
N HIS J 290 -20.59 24.49 5.07
CA HIS J 290 -21.99 24.18 4.75
C HIS J 290 -22.21 23.54 3.37
N GLY J 291 -22.68 24.33 2.42
CA GLY J 291 -23.20 23.84 1.17
C GLY J 291 -24.69 24.07 1.09
N ASN J 292 -25.12 24.96 0.19
CA ASN J 292 -26.53 25.34 0.12
C ASN J 292 -27.40 24.19 -0.38
N SER J 293 -26.90 23.42 -1.36
CA SER J 293 -27.66 22.32 -1.90
C SER J 293 -27.47 21.07 -1.04
N ALA J 294 -28.12 19.98 -1.45
CA ALA J 294 -27.97 18.71 -0.72
C ALA J 294 -26.61 18.10 -0.93
N HIS J 295 -25.98 18.35 -2.08
CA HIS J 295 -24.67 17.81 -2.39
C HIS J 295 -23.57 18.68 -1.79
N MET J 296 -22.34 18.42 -2.21
CA MET J 296 -21.16 19.08 -1.66
C MET J 296 -20.34 19.76 -2.75
N PRO J 297 -19.69 20.89 -2.44
CA PRO J 297 -18.88 21.57 -3.45
C PRO J 297 -17.48 20.99 -3.59
N ALA J 298 -16.64 21.63 -4.41
CA ALA J 298 -15.32 21.14 -4.78
C ALA J 298 -14.21 21.32 -3.74
N PRO J 299 -14.08 22.46 -3.01
CA PRO J 299 -13.07 22.48 -1.92
C PRO J 299 -13.38 21.50 -0.79
N ILE J 300 -14.65 21.27 -0.49
CA ILE J 300 -15.02 20.25 0.48
C ILE J 300 -14.67 18.86 -0.07
N ALA J 301 -14.86 18.65 -1.37
CA ALA J 301 -14.49 17.39 -2.00
C ALA J 301 -12.98 17.17 -1.98
N GLU J 302 -12.20 18.23 -2.09
CA GLU J 302 -10.75 18.07 -2.03
C GLU J 302 -10.23 17.92 -0.60
N GLU J 303 -10.90 18.53 0.39
CA GLU J 303 -10.48 18.37 1.78
C GLU J 303 -10.88 17.02 2.34
N LEU J 304 -12.09 16.55 2.01
CA LEU J 304 -12.66 15.35 2.59
C LEU J 304 -11.86 14.10 2.22
N VAL J 305 -11.60 13.91 0.92
CA VAL J 305 -10.87 12.71 0.51
C VAL J 305 -9.39 12.82 0.87
N SER J 306 -8.87 14.04 1.03
CA SER J 306 -7.53 14.22 1.59
C SER J 306 -7.45 13.73 3.02
N ARG J 307 -8.48 14.02 3.82
CA ARG J 307 -8.49 13.49 5.19
C ARG J 307 -8.76 11.98 5.21
N VAL J 308 -9.46 11.47 4.19
CA VAL J 308 -9.62 10.02 4.05
C VAL J 308 -8.28 9.34 3.81
N LEU J 309 -7.49 9.86 2.87
CA LEU J 309 -6.17 9.28 2.62
C LEU J 309 -5.22 9.53 3.78
N LYS J 310 -5.43 10.62 4.54
CA LYS J 310 -4.63 10.83 5.74
C LYS J 310 -4.94 9.80 6.81
N ARG J 311 -6.21 9.42 6.95
CA ARG J 311 -6.56 8.34 7.88
C ARG J 311 -6.07 6.99 7.40
N TYR J 312 -6.01 6.77 6.08
CA TYR J 312 -5.51 5.49 5.59
C TYR J 312 -4.00 5.38 5.72
N ARG J 313 -3.27 6.46 5.45
CA ARG J 313 -1.82 6.44 5.67
C ARG J 313 -1.46 6.88 7.09
N ASP J 314 -2.17 6.33 8.07
CA ASP J 314 -1.81 6.47 9.47
C ASP J 314 -2.06 5.20 10.27
N GLU J 315 -2.66 4.17 9.68
CA GLU J 315 -3.02 2.96 10.41
C GLU J 315 -2.59 1.75 9.59
N LEU J 316 -2.48 1.92 8.27
CA LEU J 316 -1.96 0.90 7.37
C LEU J 316 -0.62 1.28 6.77
N LYS J 317 -0.22 2.56 6.86
CA LYS J 317 1.08 3.10 6.45
C LYS J 317 1.34 2.94 4.95
N GLN J 318 0.28 2.81 4.16
CA GLN J 318 0.38 2.67 2.71
C GLN J 318 -0.66 3.58 2.06
N SER J 319 -0.41 3.93 0.81
CA SER J 319 -1.47 4.54 0.02
C SER J 319 -2.48 3.47 -0.37
N PRO J 320 -3.78 3.78 -0.36
CA PRO J 320 -4.79 2.75 -0.65
C PRO J 320 -4.77 2.37 -2.12
N ARG J 321 -5.07 1.09 -2.38
CA ARG J 321 -5.13 0.62 -3.75
C ARG J 321 -6.41 1.07 -4.44
N ARG J 322 -7.53 1.04 -3.72
CA ARG J 322 -8.82 1.44 -4.26
C ARG J 322 -9.56 2.29 -3.24
N VAL J 323 -10.31 3.27 -3.73
CA VAL J 323 -11.16 4.11 -2.89
C VAL J 323 -12.56 4.06 -3.48
N VAL J 324 -13.51 3.48 -2.73
CA VAL J 324 -14.87 3.28 -3.20
C VAL J 324 -15.77 4.20 -2.39
N ILE J 325 -16.25 5.27 -3.00
CA ILE J 325 -17.02 6.27 -2.28
C ILE J 325 -18.51 6.01 -2.49
N HIS J 326 -19.12 5.27 -1.57
CA HIS J 326 -20.57 5.16 -1.52
C HIS J 326 -21.16 6.48 -1.07
N LYS J 327 -22.33 6.82 -1.62
CA LYS J 327 -22.97 8.08 -1.27
C LYS J 327 -24.47 7.94 -1.50
N THR J 328 -25.25 8.64 -0.67
CA THR J 328 -26.70 8.57 -0.79
C THR J 328 -27.21 9.32 -2.02
N THR J 329 -26.67 10.50 -2.29
CA THR J 329 -27.16 11.34 -3.37
C THR J 329 -26.38 11.08 -4.65
N GLU J 330 -26.90 11.60 -5.76
CA GLU J 330 -26.25 11.48 -7.06
C GLU J 330 -25.00 12.35 -7.11
N PHE J 331 -24.17 12.10 -8.12
CA PHE J 331 -22.92 12.83 -8.32
C PHE J 331 -23.14 13.95 -9.33
N TRP J 332 -23.14 15.18 -8.84
CA TRP J 332 -23.15 16.36 -9.70
C TRP J 332 -21.78 16.55 -10.34
N PRO J 333 -21.72 17.27 -11.47
CA PRO J 333 -20.40 17.53 -12.09
C PRO J 333 -19.51 18.47 -11.30
N GLU J 334 -20.05 19.23 -10.35
CA GLU J 334 -19.20 20.07 -9.51
C GLU J 334 -18.38 19.22 -8.54
N GLU J 335 -19.01 18.21 -7.94
CA GLU J 335 -18.36 17.32 -6.99
C GLU J 335 -17.71 16.10 -7.65
N ARG J 336 -18.01 15.85 -8.93
CA ARG J 336 -17.32 14.78 -9.65
C ARG J 336 -15.90 15.19 -10.01
N ALA J 337 -15.66 16.48 -10.19
CA ALA J 337 -14.32 17.04 -10.37
C ALA J 337 -13.89 17.59 -9.01
N GLY J 338 -13.06 16.84 -8.31
CA GLY J 338 -12.70 17.14 -6.94
C GLY J 338 -12.65 15.86 -6.13
N LEU J 339 -13.49 14.90 -6.49
CA LEU J 339 -13.31 13.52 -6.07
C LEU J 339 -12.51 12.71 -7.10
N GLN J 340 -12.03 13.37 -8.14
CA GLN J 340 -11.21 12.77 -9.19
C GLN J 340 -9.86 13.46 -9.35
N SER J 341 -9.81 14.78 -9.18
CA SER J 341 -8.54 15.48 -9.20
C SER J 341 -7.77 15.27 -7.90
N ALA J 342 -8.47 15.06 -6.79
CA ALA J 342 -7.84 14.82 -5.51
C ALA J 342 -7.69 13.34 -5.19
N LEU J 343 -8.07 12.46 -6.11
CA LEU J 343 -7.80 11.03 -6.02
C LEU J 343 -6.75 10.60 -7.04
N SER J 344 -5.84 11.50 -7.40
CA SER J 344 -4.78 11.18 -8.35
C SER J 344 -3.66 10.36 -7.73
N GLY J 345 -3.58 10.31 -6.40
CA GLY J 345 -2.63 9.46 -5.72
C GLY J 345 -3.06 8.04 -5.51
N VAL J 346 -4.28 7.70 -5.92
CA VAL J 346 -4.85 6.36 -5.78
C VAL J 346 -5.06 5.80 -7.18
N ASP J 347 -4.72 4.51 -7.35
CA ASP J 347 -4.79 3.85 -8.66
C ASP J 347 -6.20 3.81 -9.21
N GLN J 348 -7.11 3.12 -8.53
CA GLN J 348 -8.49 2.99 -8.99
C GLN J 348 -9.43 3.62 -7.98
N PHE J 349 -10.53 4.18 -8.49
CA PHE J 349 -11.57 4.73 -7.64
C PHE J 349 -12.92 4.31 -8.19
N ASP J 350 -13.95 4.43 -7.36
CA ASP J 350 -15.29 4.00 -7.74
C ASP J 350 -16.31 4.90 -7.06
N LEU J 351 -16.76 5.93 -7.76
CA LEU J 351 -17.76 6.86 -7.26
C LEU J 351 -19.13 6.20 -7.45
N VAL J 352 -19.74 5.76 -6.35
CA VAL J 352 -20.96 4.96 -6.38
C VAL J 352 -22.03 5.69 -5.60
N ALA J 353 -23.25 5.72 -6.15
CA ALA J 353 -24.36 6.44 -5.54
C ALA J 353 -25.58 5.53 -5.57
N VAL J 354 -25.97 5.02 -4.40
CA VAL J 354 -27.14 4.17 -4.24
C VAL J 354 -28.13 4.86 -3.32
N ARG J 355 -29.41 4.49 -3.48
CA ARG J 355 -30.51 5.00 -2.68
C ARG J 355 -31.68 4.04 -2.86
N PRO J 356 -32.41 3.69 -1.80
CA PRO J 356 -33.61 2.87 -1.96
C PRO J 356 -34.68 3.61 -2.75
N THR J 357 -35.39 2.86 -3.59
CA THR J 357 -36.34 3.45 -4.51
C THR J 357 -37.72 3.55 -3.88
N GLU J 358 -38.65 4.14 -4.63
CA GLU J 358 -39.94 4.53 -4.08
C GLU J 358 -41.09 3.66 -4.57
N ASP J 359 -41.29 3.54 -5.88
CA ASP J 359 -42.43 2.81 -6.43
C ASP J 359 -42.08 1.49 -7.11
N ILE J 360 -40.94 1.40 -7.77
CA ILE J 360 -40.59 0.20 -8.52
C ILE J 360 -40.20 -0.90 -7.54
N ARG J 361 -40.85 -2.05 -7.63
CA ARG J 361 -40.61 -3.13 -6.67
C ARG J 361 -41.03 -4.44 -7.31
N LEU J 362 -40.07 -5.35 -7.52
CA LEU J 362 -40.42 -6.62 -8.14
C LEU J 362 -41.11 -7.54 -7.14
N PHE J 363 -42.06 -8.31 -7.66
CA PHE J 363 -42.89 -9.19 -6.86
C PHE J 363 -42.74 -10.61 -7.38
N ARG J 364 -43.39 -11.56 -6.73
CA ARG J 364 -43.36 -12.94 -7.16
C ARG J 364 -44.71 -13.59 -6.91
N ASP J 365 -45.07 -14.55 -7.75
CA ASP J 365 -46.36 -15.23 -7.69
C ASP J 365 -46.49 -16.21 -6.52
N ALA J 366 -45.41 -16.49 -5.79
CA ALA J 366 -45.47 -17.37 -4.63
C ALA J 366 -45.95 -16.56 -3.41
N ARG J 367 -45.85 -17.15 -2.21
CA ARG J 367 -46.26 -16.46 -1.01
C ARG J 367 -45.12 -15.74 -0.30
N TYR J 368 -43.88 -15.96 -0.71
CA TYR J 368 -42.71 -15.41 -0.06
C TYR J 368 -41.99 -14.45 -1.00
N PRO J 369 -41.29 -13.45 -0.47
CA PRO J 369 -40.71 -12.41 -1.34
C PRO J 369 -39.54 -12.92 -2.17
N ILE J 370 -39.26 -12.13 -3.22
CA ILE J 370 -38.10 -12.32 -4.06
C ILE J 370 -36.81 -12.17 -3.24
N LEU J 371 -35.81 -12.97 -3.58
CA LEU J 371 -34.72 -13.32 -2.68
C LEU J 371 -33.78 -12.14 -2.45
N ARG J 372 -32.87 -12.34 -1.48
CA ARG J 372 -31.81 -11.39 -1.19
C ARG J 372 -30.61 -11.69 -2.07
N GLY J 373 -30.21 -10.69 -2.86
CA GLY J 373 -29.07 -10.82 -3.75
C GLY J 373 -29.39 -10.72 -5.22
N SER J 374 -30.64 -10.46 -5.58
CA SER J 374 -31.01 -10.32 -6.98
C SER J 374 -30.49 -9.00 -7.55
N HIS J 375 -30.34 -8.97 -8.87
CA HIS J 375 -29.67 -7.89 -9.57
C HIS J 375 -30.50 -7.49 -10.80
N ILE J 376 -31.76 -7.11 -10.57
CA ILE J 376 -32.67 -6.89 -11.69
C ILE J 376 -32.32 -5.60 -12.41
N SER J 377 -32.12 -5.68 -13.71
CA SER J 377 -31.77 -4.53 -14.54
C SER J 377 -32.93 -4.23 -15.48
N LEU J 378 -33.59 -3.10 -15.27
CA LEU J 378 -34.69 -2.67 -16.14
C LEU J 378 -34.16 -1.72 -17.22
N GLY J 379 -33.26 -2.23 -18.04
CA GLY J 379 -32.60 -1.40 -19.03
C GLY J 379 -31.37 -0.74 -18.47
N ASP J 380 -31.49 0.52 -18.05
CA ASP J 380 -30.40 1.22 -17.38
C ASP J 380 -30.53 1.21 -15.87
N MET J 381 -31.73 1.04 -15.33
CA MET J 381 -31.90 1.01 -13.88
C MET J 381 -31.41 -0.31 -13.32
N HIS J 382 -30.62 -0.25 -12.25
CA HIS J 382 -30.09 -1.43 -11.60
C HIS J 382 -30.66 -1.51 -10.18
N LEU J 383 -31.22 -2.67 -9.84
CA LEU J 383 -31.93 -2.86 -8.58
C LEU J 383 -31.30 -4.05 -7.86
N LEU J 384 -30.73 -3.78 -6.68
CA LEU J 384 -30.10 -4.81 -5.87
C LEU J 384 -30.93 -5.09 -4.63
N TYR J 385 -31.15 -6.36 -4.35
CA TYR J 385 -31.88 -6.82 -3.17
C TYR J 385 -30.90 -7.20 -2.07
N THR J 386 -30.62 -6.24 -1.19
CA THR J 386 -29.92 -6.53 0.04
C THR J 386 -30.86 -7.01 1.14
N THR J 387 -32.17 -6.88 0.94
CA THR J 387 -33.18 -7.43 1.83
C THR J 387 -34.15 -8.28 1.03
N GLY J 388 -34.58 -9.39 1.64
CA GLY J 388 -35.52 -10.28 0.99
C GLY J 388 -35.52 -11.62 1.70
N TYR J 389 -36.12 -12.59 1.03
CA TYR J 389 -36.05 -13.97 1.49
C TYR J 389 -34.62 -14.45 1.38
N ILE J 390 -34.16 -15.19 2.38
CA ILE J 390 -32.79 -15.67 2.43
C ILE J 390 -32.78 -17.18 2.34
N SER J 391 -32.02 -17.72 1.40
CA SER J 391 -32.01 -19.15 1.13
C SER J 391 -31.26 -19.95 2.17
N ALA J 392 -30.41 -19.30 2.98
CA ALA J 392 -29.67 -20.02 4.02
C ALA J 392 -30.58 -20.40 5.17
N LEU J 393 -31.45 -19.49 5.59
CA LEU J 393 -32.33 -19.73 6.74
C LEU J 393 -33.72 -20.18 6.33
N GLN J 394 -34.08 -20.01 5.06
CA GLN J 394 -35.42 -20.32 4.51
C GLN J 394 -36.53 -19.61 5.28
N ALA J 395 -36.33 -18.31 5.50
CA ALA J 395 -37.34 -17.50 6.16
C ALA J 395 -37.19 -16.06 5.69
N PHE J 396 -38.26 -15.29 5.87
CA PHE J 396 -38.25 -13.84 5.63
C PHE J 396 -38.48 -13.16 6.98
N PRO J 397 -37.41 -12.81 7.70
CA PRO J 397 -37.54 -12.27 9.07
C PRO J 397 -37.82 -10.78 9.12
N HIS J 398 -38.76 -10.32 8.28
CA HIS J 398 -39.17 -8.93 8.25
C HIS J 398 -40.68 -8.91 7.97
N GLY J 399 -41.20 -7.73 7.64
CA GLY J 399 -42.59 -7.60 7.25
C GLY J 399 -42.70 -6.90 5.91
N HIS J 400 -43.89 -7.03 5.31
CA HIS J 400 -44.30 -6.45 4.03
C HIS J 400 -43.35 -6.97 2.94
N VAL J 401 -43.03 -6.13 1.96
CA VAL J 401 -42.19 -6.49 0.83
C VAL J 401 -40.92 -5.65 0.90
N PRO J 402 -39.74 -6.21 0.65
CA PRO J 402 -38.51 -5.40 0.69
C PRO J 402 -38.42 -4.38 -0.43
N LEU J 403 -37.83 -3.23 -0.10
CA LEU J 403 -37.53 -2.21 -1.10
C LEU J 403 -36.28 -2.58 -1.89
N PRO J 404 -36.26 -2.33 -3.19
CA PRO J 404 -35.01 -2.43 -3.94
C PRO J 404 -34.04 -1.35 -3.55
N LEU J 405 -32.76 -1.65 -3.72
CA LEU J 405 -31.70 -0.65 -3.60
C LEU J 405 -31.34 -0.25 -5.02
N LYS J 406 -31.79 0.92 -5.43
CA LYS J 406 -31.50 1.43 -6.76
C LYS J 406 -30.10 1.99 -6.82
N LEU J 407 -29.34 1.60 -7.84
CA LEU J 407 -28.04 2.21 -8.10
C LEU J 407 -28.31 3.47 -8.94
N THR J 408 -28.28 4.63 -8.29
CA THR J 408 -28.59 5.86 -8.99
C THR J 408 -27.46 6.35 -9.88
N ASP J 409 -26.21 6.13 -9.49
CA ASP J 409 -25.09 6.63 -10.28
C ASP J 409 -23.85 5.78 -10.05
N HIS J 410 -23.01 5.68 -11.08
CA HIS J 410 -21.76 4.95 -10.98
C HIS J 410 -20.74 5.52 -11.96
N LEU J 411 -19.53 5.73 -11.48
CA LEU J 411 -18.41 6.10 -12.35
C LEU J 411 -17.12 5.58 -11.74
N GLY J 412 -16.38 4.76 -12.46
CA GLY J 412 -15.12 4.29 -11.94
C GLY J 412 -14.54 3.16 -12.79
N ASP J 413 -13.48 2.57 -12.26
CA ASP J 413 -12.74 1.52 -12.94
C ASP J 413 -13.34 0.14 -12.75
N SER J 414 -14.25 -0.03 -11.81
CA SER J 414 -14.89 -1.32 -11.58
C SER J 414 -16.17 -1.40 -12.40
N SER J 415 -16.71 -2.61 -12.47
CA SER J 415 -17.96 -2.85 -13.18
C SER J 415 -19.13 -2.48 -12.29
N ILE J 416 -20.34 -2.84 -12.72
CA ILE J 416 -21.51 -2.67 -11.86
C ILE J 416 -21.72 -3.89 -10.98
N SER J 417 -21.50 -5.07 -11.56
CA SER J 417 -21.64 -6.33 -10.82
C SER J 417 -20.57 -6.48 -9.74
N THR J 418 -19.36 -5.98 -9.99
CA THR J 418 -18.29 -6.10 -9.01
C THR J 418 -18.56 -5.23 -7.79
N VAL J 419 -18.97 -3.98 -8.00
CA VAL J 419 -19.22 -3.11 -6.86
C VAL J 419 -20.54 -3.48 -6.18
N LEU J 420 -21.49 -4.06 -6.90
CA LEU J 420 -22.68 -4.55 -6.23
C LEU J 420 -22.46 -5.92 -5.60
N ARG J 421 -21.35 -6.59 -5.91
CA ARG J 421 -20.92 -7.73 -5.11
C ARG J 421 -20.26 -7.28 -3.82
N GLU J 422 -19.46 -6.21 -3.88
CA GLU J 422 -18.83 -5.68 -2.66
C GLU J 422 -19.85 -5.02 -1.75
N LEU J 423 -20.91 -4.41 -2.31
CA LEU J 423 -21.92 -3.77 -1.49
C LEU J 423 -22.71 -4.77 -0.66
N MET J 424 -22.94 -5.98 -1.20
CA MET J 424 -23.76 -6.94 -0.49
C MET J 424 -22.99 -7.58 0.67
N VAL J 425 -21.66 -7.67 0.57
CA VAL J 425 -20.88 -8.14 1.70
C VAL J 425 -20.57 -7.00 2.68
N LEU J 426 -20.56 -5.75 2.22
CA LEU J 426 -20.51 -4.64 3.16
C LEU J 426 -21.84 -4.42 3.88
N THR J 427 -22.92 -4.98 3.34
CA THR J 427 -24.23 -4.92 4.01
C THR J 427 -24.21 -5.70 5.32
N LYS J 428 -23.58 -6.86 5.34
CA LYS J 428 -23.66 -7.81 6.45
C LYS J 428 -22.82 -7.42 7.66
N MET J 429 -22.18 -6.26 7.66
CA MET J 429 -21.26 -5.87 8.74
C MET J 429 -21.87 -4.88 9.71
N ASN J 430 -23.15 -5.01 10.02
CA ASN J 430 -23.77 -4.21 11.07
C ASN J 430 -23.58 -4.96 12.39
N TRP J 431 -22.58 -4.54 13.17
CA TRP J 431 -22.32 -5.17 14.46
C TRP J 431 -23.28 -4.70 15.56
N ASN J 432 -24.17 -3.75 15.26
CA ASN J 432 -25.19 -3.33 16.20
C ASN J 432 -26.17 -4.46 16.50
N SER J 433 -26.44 -5.31 15.51
CA SER J 433 -27.45 -6.36 15.66
C SER J 433 -26.91 -7.66 15.09
N ALA J 434 -27.43 -8.76 15.62
CA ALA J 434 -27.13 -10.07 15.06
C ALA J 434 -28.17 -10.50 14.03
N ASN J 435 -28.45 -9.61 13.09
CA ASN J 435 -29.34 -9.91 11.97
C ASN J 435 -28.54 -10.44 10.80
N PHE J 436 -29.25 -11.06 9.86
CA PHE J 436 -28.56 -11.65 8.71
C PHE J 436 -28.13 -10.61 7.70
N GLY J 437 -28.94 -9.57 7.48
CA GLY J 437 -28.57 -8.52 6.56
C GLY J 437 -29.51 -7.33 6.69
N GLY J 438 -29.06 -6.21 6.14
CA GLY J 438 -29.85 -4.99 6.16
C GLY J 438 -30.04 -4.39 4.78
N LEU J 439 -30.40 -3.11 4.70
CA LEU J 439 -30.60 -2.48 3.40
C LEU J 439 -29.35 -1.76 2.92
N LEU J 440 -28.88 -0.78 3.68
CA LEU J 440 -27.72 0.00 3.29
C LEU J 440 -26.44 -0.70 3.72
N PRO J 441 -25.33 -0.45 3.02
CA PRO J 441 -24.03 -0.93 3.51
C PRO J 441 -23.63 -0.19 4.79
N ILE J 442 -22.69 -0.80 5.51
CA ILE J 442 -22.23 -0.24 6.78
C ILE J 442 -21.47 1.07 6.59
N THR J 443 -20.95 1.32 5.39
CA THR J 443 -20.34 2.61 5.09
C THR J 443 -21.39 3.72 5.07
N LEU J 444 -22.57 3.43 4.54
CA LEU J 444 -23.66 4.40 4.53
C LEU J 444 -24.55 4.32 5.75
N ARG J 445 -24.31 3.39 6.65
CA ARG J 445 -25.07 3.31 7.89
C ARG J 445 -24.31 3.88 9.08
N PHE J 446 -22.99 3.73 9.09
CA PHE J 446 -22.17 4.39 10.10
C PHE J 446 -22.14 5.89 9.88
N SER J 447 -22.21 6.34 8.63
CA SER J 447 -22.14 7.76 8.36
C SER J 447 -23.51 8.44 8.29
N LYS J 448 -24.59 7.69 8.47
CA LYS J 448 -25.84 8.28 8.92
C LYS J 448 -25.93 8.33 10.43
N LEU J 449 -24.98 7.69 11.11
CA LEU J 449 -24.92 7.69 12.57
C LEU J 449 -23.93 8.70 13.11
N VAL J 450 -22.90 9.05 12.34
CA VAL J 450 -21.92 10.01 12.85
C VAL J 450 -22.37 11.45 12.62
N GLY J 451 -23.10 11.71 11.54
CA GLY J 451 -23.53 13.07 11.27
C GLY J 451 -24.75 13.47 12.08
N GLU J 452 -25.51 12.48 12.54
CA GLU J 452 -26.61 12.76 13.45
C GLU J 452 -26.11 13.10 14.85
N ILE J 453 -24.91 12.64 15.21
CA ILE J 453 -24.33 12.97 16.51
C ILE J 453 -23.41 14.19 16.42
N MET J 454 -22.89 14.51 15.22
CA MET J 454 -22.20 15.78 15.00
C MET J 454 -23.13 16.98 15.15
N LYS J 455 -24.45 16.79 15.07
CA LYS J 455 -25.40 17.86 15.34
C LYS J 455 -25.54 18.15 16.83
N GLU J 456 -24.94 17.34 17.70
CA GLU J 456 -25.03 17.50 19.15
C GLU J 456 -23.64 17.49 19.78
N ILE J 457 -22.65 18.08 19.12
CA ILE J 457 -21.29 18.17 19.64
C ILE J 457 -20.94 19.65 19.80
N PRO J 458 -20.47 20.08 20.97
CA PRO J 458 -20.18 21.51 21.21
C PRO J 458 -18.81 21.94 20.67
N ASN J 459 -18.62 21.77 19.35
CA ASN J 459 -17.55 22.38 18.55
C ASN J 459 -16.14 21.96 18.97
N SER J 460 -15.70 22.41 20.15
CA SER J 460 -14.32 22.19 20.58
C SER J 460 -14.03 20.74 20.93
N VAL J 461 -15.07 19.94 21.19
CA VAL J 461 -14.87 18.52 21.46
C VAL J 461 -14.54 17.81 20.16
N ASP J 462 -13.35 17.20 20.10
CA ASP J 462 -12.97 16.43 18.93
C ASP J 462 -13.62 15.05 18.99
N PRO J 463 -14.38 14.66 17.97
CA PRO J 463 -15.05 13.36 18.00
C PRO J 463 -14.05 12.22 17.82
N LEU J 464 -14.48 11.03 18.24
CA LEU J 464 -13.57 9.89 18.23
C LEU J 464 -13.91 8.94 17.09
N PRO J 465 -12.92 8.45 16.36
CA PRO J 465 -13.17 7.47 15.28
C PRO J 465 -13.23 6.01 15.73
N GLN J 466 -14.36 5.64 16.32
CA GLN J 466 -14.68 4.24 16.56
C GLN J 466 -16.13 4.00 16.24
N PHE J 467 -16.46 2.74 15.95
CA PHE J 467 -17.84 2.33 15.81
C PHE J 467 -18.51 2.10 17.15
N LYS J 468 -17.73 2.09 18.24
CA LYS J 468 -18.26 1.86 19.57
C LYS J 468 -19.11 3.05 20.04
N TYR J 469 -18.61 4.26 19.83
CA TYR J 469 -19.22 5.46 20.41
C TYR J 469 -20.44 5.94 19.65
N TYR J 470 -20.67 5.45 18.43
CA TYR J 470 -21.77 5.91 17.61
C TYR J 470 -22.86 4.86 17.45
N MET J 471 -22.65 3.66 17.98
CA MET J 471 -23.55 2.53 17.77
C MET J 471 -24.91 2.75 18.43
N PRO M 122 12.20 -5.63 65.86
CA PRO M 122 12.43 -4.86 67.08
C PRO M 122 12.93 -5.71 68.23
N GLU M 123 13.60 -5.07 69.19
CA GLU M 123 14.23 -5.75 70.32
C GLU M 123 13.95 -4.93 71.57
N ALA M 124 14.70 -5.20 72.63
CA ALA M 124 14.55 -4.47 73.89
C ALA M 124 14.99 -3.02 73.73
N MET M 125 14.33 -2.14 74.47
CA MET M 125 14.57 -0.70 74.35
C MET M 125 15.92 -0.33 74.95
N VAL M 126 16.63 0.58 74.29
CA VAL M 126 17.90 1.10 74.77
C VAL M 126 17.83 2.62 74.76
N THR M 127 18.03 3.24 75.92
CA THR M 127 17.97 4.69 76.05
C THR M 127 19.32 5.29 75.64
N GLU M 128 19.34 5.96 74.49
CA GLU M 128 20.57 6.60 74.05
C GLU M 128 20.38 8.10 74.00
N THR M 129 21.50 8.81 73.83
CA THR M 129 21.52 10.26 73.78
C THR M 129 21.89 10.71 72.36
N VAL M 130 21.16 11.69 71.86
CA VAL M 130 21.42 12.27 70.55
C VAL M 130 21.99 13.66 70.74
N TYR M 131 22.80 14.08 69.77
CA TYR M 131 23.44 15.39 69.81
C TYR M 131 23.06 16.16 68.56
N SER M 132 22.49 17.35 68.76
CA SER M 132 22.12 18.21 67.65
C SER M 132 23.34 19.02 67.22
N ASN M 133 23.13 19.94 66.28
CA ASN M 133 24.20 20.84 65.83
C ASN M 133 23.91 22.29 66.19
N VAL M 134 23.05 22.53 67.17
CA VAL M 134 22.65 23.87 67.59
C VAL M 134 23.31 24.15 68.93
N LEU M 135 24.14 25.19 68.97
CA LEU M 135 24.72 25.67 70.22
C LEU M 135 23.74 26.62 70.93
N PRO M 136 23.56 26.48 72.24
CA PRO M 136 22.69 27.40 72.96
C PRO M 136 23.40 28.68 73.36
N ILE M 137 22.65 29.77 73.28
CA ILE M 137 23.15 31.10 73.63
C ILE M 137 22.66 31.42 75.04
N THR M 138 23.59 31.79 75.92
CA THR M 138 23.25 31.99 77.32
C THR M 138 22.91 33.44 77.63
N GLN M 139 23.72 34.39 77.15
CA GLN M 139 23.54 35.81 77.44
C GLN M 139 23.60 36.60 76.14
N LEU M 140 22.47 37.19 75.76
CA LEU M 140 22.43 38.10 74.61
C LEU M 140 22.74 39.52 75.05
N PRO M 141 23.11 40.39 74.11
CA PRO M 141 23.08 41.83 74.39
C PRO M 141 21.66 42.29 74.67
N HIS M 142 21.52 43.14 75.69
CA HIS M 142 20.20 43.58 76.15
C HIS M 142 19.89 45.03 75.82
N TYR M 143 20.90 45.85 75.53
CA TYR M 143 20.70 47.24 75.17
C TYR M 143 21.29 47.49 73.79
N VAL M 144 20.56 48.24 72.96
CA VAL M 144 21.04 48.69 71.66
C VAL M 144 21.04 50.22 71.68
N TYR M 145 22.17 50.79 71.31
CA TYR M 145 22.35 52.24 71.32
C TYR M 145 22.38 52.76 69.89
N SER M 146 21.81 53.94 69.69
CA SER M 146 21.69 54.51 68.35
C SER M 146 21.92 56.02 68.45
N GLY M 147 21.57 56.74 67.39
CA GLY M 147 21.68 58.17 67.38
C GLY M 147 21.07 58.77 66.13
N PRO M 148 20.27 59.84 66.28
CA PRO M 148 19.58 60.42 65.13
C PRO M 148 20.45 61.33 64.26
N CYS M 149 21.67 60.88 63.96
CA CYS M 149 22.57 61.54 63.02
C CYS M 149 23.59 60.51 62.59
N THR M 150 23.80 60.40 61.27
CA THR M 150 24.67 59.35 60.76
C THR M 150 25.20 59.75 59.39
N VAL M 151 26.20 59.00 58.94
CA VAL M 151 26.80 59.11 57.62
C VAL M 151 26.87 57.68 57.11
N PRO M 152 26.63 57.40 55.80
CA PRO M 152 26.67 56.01 55.31
C PRO M 152 28.05 55.34 55.37
N GLU M 153 28.10 54.07 54.94
CA GLU M 153 29.28 53.23 55.07
C GLU M 153 30.44 53.64 54.17
N ALA M 154 30.22 54.57 53.23
CA ALA M 154 31.30 55.05 52.38
C ALA M 154 32.33 55.88 53.15
N GLU M 155 31.95 56.41 54.31
CA GLU M 155 32.87 57.17 55.15
C GLU M 155 33.07 56.57 56.54
N VAL M 156 32.03 55.99 57.13
CA VAL M 156 32.12 55.55 58.54
C VAL M 156 32.76 54.17 58.51
N LYS M 157 34.08 54.17 58.44
CA LYS M 157 34.91 53.01 58.77
C LYS M 157 36.16 53.45 59.50
N THR M 158 36.32 54.75 59.77
CA THR M 158 37.49 55.32 60.42
C THR M 158 37.12 55.86 61.80
N LEU M 159 36.34 55.08 62.56
CA LEU M 159 36.01 55.44 63.93
C LEU M 159 37.23 55.36 64.84
N ILE M 160 38.11 54.38 64.59
CA ILE M 160 39.43 54.19 65.22
C ILE M 160 39.24 54.04 66.73
N LYS M 161 40.00 54.81 67.52
CA LYS M 161 39.96 54.98 68.98
C LYS M 161 40.41 53.77 69.80
N TRP M 162 40.55 52.57 69.16
CA TRP M 162 41.24 51.34 69.55
C TRP M 162 41.34 51.08 71.06
N PRO M 163 40.22 50.73 71.72
CA PRO M 163 40.18 50.72 73.19
C PRO M 163 41.16 49.74 73.82
N SER M 164 41.63 50.09 75.03
CA SER M 164 42.76 49.42 75.66
C SER M 164 42.45 47.97 76.01
N ASP M 165 41.19 47.64 76.25
CA ASP M 165 40.80 46.25 76.40
C ASP M 165 40.83 45.58 75.04
N LYS M 166 41.70 44.58 74.88
CA LYS M 166 41.86 43.90 73.59
C LYS M 166 40.91 42.71 73.47
N ARG M 167 39.64 42.94 73.79
CA ARG M 167 38.57 41.99 73.60
C ARG M 167 37.28 42.63 73.09
N ILE M 168 37.21 43.95 73.04
CA ILE M 168 35.98 44.66 72.68
C ILE M 168 35.82 44.60 71.16
N LEU M 169 34.69 44.08 70.71
CA LEU M 169 34.32 44.08 69.29
C LEU M 169 33.22 45.11 69.06
N THR M 170 33.28 45.79 67.91
CA THR M 170 32.44 46.94 67.63
C THR M 170 31.63 46.74 66.35
N PRO M 171 30.47 46.11 66.43
CA PRO M 171 29.59 46.03 65.26
C PRO M 171 28.78 47.31 65.10
N TYR M 172 28.33 47.54 63.87
CA TYR M 172 27.50 48.71 63.59
C TYR M 172 26.69 48.46 62.32
N ILE M 173 25.45 48.94 62.31
CA ILE M 173 24.63 48.99 61.11
C ILE M 173 24.08 50.40 60.96
N ILE M 174 23.91 50.82 59.71
CA ILE M 174 23.49 52.18 59.38
C ILE M 174 22.25 52.06 58.48
N ARG M 175 21.07 52.25 59.08
CA ARG M 175 19.82 52.24 58.33
C ARG M 175 18.90 53.33 58.84
N GLY M 176 18.39 54.16 57.93
CA GLY M 176 17.34 55.11 58.23
C GLY M 176 17.67 56.23 59.19
N GLY M 177 18.83 56.87 59.02
CA GLY M 177 19.19 57.96 59.89
C GLY M 177 19.68 57.56 61.26
N ARG M 178 19.96 56.28 61.48
CA ARG M 178 20.43 55.79 62.77
C ARG M 178 21.65 54.92 62.56
N LEU M 179 22.39 54.71 63.65
CA LEU M 179 23.69 54.02 63.63
C LEU M 179 23.72 53.03 64.79
N TYR M 180 22.76 52.10 64.78
CA TYR M 180 22.60 51.11 65.85
C TYR M 180 23.87 50.29 66.07
N ALA M 181 24.23 50.12 67.34
CA ALA M 181 25.43 49.39 67.73
C ALA M 181 25.26 48.90 69.15
N PHE M 182 25.92 47.78 69.47
CA PHE M 182 25.87 47.25 70.82
C PHE M 182 26.76 48.04 71.78
N ASN M 183 27.82 48.67 71.28
CA ASN M 183 28.65 49.53 72.10
C ASN M 183 27.88 50.81 72.43
N ASP M 184 28.29 51.48 73.50
CA ASP M 184 27.56 52.66 73.97
C ASP M 184 27.79 53.85 73.03
N LEU M 185 26.73 54.65 72.84
CA LEU M 185 26.76 55.82 71.97
C LEU M 185 26.32 57.10 72.67
N LYS M 186 26.27 57.11 74.01
CA LYS M 186 25.80 58.28 74.73
C LYS M 186 26.78 58.76 75.80
N ASP M 187 28.02 58.26 75.80
CA ASP M 187 29.02 58.65 76.78
C ASP M 187 30.22 59.26 76.06
N TYR M 188 30.79 60.31 76.65
CA TYR M 188 31.97 60.95 76.07
C TYR M 188 33.19 60.03 76.13
N GLU M 189 33.41 59.37 77.25
CA GLU M 189 34.56 58.47 77.41
C GLU M 189 34.15 57.12 76.83
N SER M 190 34.19 57.03 75.50
CA SER M 190 33.77 55.85 74.78
C SER M 190 34.56 55.78 73.48
N PRO M 191 34.97 54.60 73.05
CA PRO M 191 35.76 54.48 71.81
C PRO M 191 34.94 54.34 70.53
N PHE M 192 33.64 54.63 70.56
CA PHE M 192 32.77 54.43 69.41
C PHE M 192 32.07 55.74 69.07
N ALA M 193 32.37 56.25 67.87
CA ALA M 193 31.63 57.36 67.23
C ALA M 193 31.66 58.65 68.06
N THR M 194 32.84 59.02 68.55
CA THR M 194 33.00 60.35 69.12
C THR M 194 32.96 61.42 68.05
N ILE M 195 33.32 61.07 66.82
CA ILE M 195 33.31 62.02 65.71
C ILE M 195 31.91 62.23 65.13
N VAL M 196 30.92 61.43 65.52
CA VAL M 196 29.56 61.52 65.00
C VAL M 196 28.55 61.70 66.13
N ASP M 197 28.57 60.82 67.12
CA ASP M 197 27.49 60.69 68.08
C ASP M 197 27.89 61.20 69.45
N PRO M 198 27.30 62.29 69.95
CA PRO M 198 27.60 62.74 71.30
C PRO M 198 26.52 62.37 72.30
N TYR M 199 25.73 63.35 72.75
CA TYR M 199 24.63 63.12 73.68
C TYR M 199 23.28 63.00 72.98
N SER M 200 23.28 62.84 71.66
CA SER M 200 22.05 62.64 70.89
C SER M 200 21.95 61.13 70.64
N ALA M 201 21.37 60.41 71.59
CA ALA M 201 21.36 58.96 71.56
C ALA M 201 20.16 58.43 72.34
N GLN M 202 19.82 57.17 72.07
CA GLN M 202 18.72 56.49 72.73
C GLN M 202 19.16 55.10 73.16
N ARG M 203 18.46 54.55 74.15
CA ARG M 203 18.68 53.19 74.64
C ARG M 203 17.44 52.36 74.32
N HIS M 204 17.54 51.46 73.35
CA HIS M 204 16.46 50.57 72.98
C HIS M 204 16.67 49.23 73.66
N THR M 205 15.70 48.80 74.46
CA THR M 205 15.80 47.52 75.14
C THR M 205 15.32 46.40 74.24
N LEU M 206 15.86 45.20 74.48
CA LEU M 206 15.42 44.02 73.75
C LEU M 206 14.01 43.59 74.16
N ASN M 207 13.54 44.01 75.34
CA ASN M 207 12.21 43.66 75.80
C ASN M 207 11.14 44.32 74.93
N GLU M 208 11.31 45.60 74.61
CA GLU M 208 10.34 46.30 73.78
C GLU M 208 10.55 46.06 72.29
N TRP M 209 11.71 45.52 71.89
CA TRP M 209 11.98 45.26 70.48
C TRP M 209 11.52 43.87 70.04
N LEU M 210 11.25 42.97 70.99
CA LEU M 210 11.09 41.55 70.66
C LEU M 210 9.77 41.29 69.92
N ASP M 211 8.72 42.02 70.27
CA ASP M 211 7.41 41.78 69.67
C ASP M 211 7.21 42.49 68.33
N LYS M 212 8.19 43.26 67.88
CA LYS M 212 8.10 43.95 66.60
C LYS M 212 8.92 43.22 65.56
N PRO M 213 8.32 42.74 64.46
CA PRO M 213 9.09 41.99 63.44
C PRO M 213 10.22 42.78 62.79
N ASP M 214 10.07 44.10 62.63
CA ASP M 214 11.05 44.86 61.85
C ASP M 214 12.37 45.03 62.59
N GLU M 215 12.31 45.34 63.90
CA GLU M 215 13.56 45.51 64.64
C GLU M 215 14.23 44.19 64.99
N MET M 216 13.52 43.06 64.93
CA MET M 216 14.20 41.78 65.11
C MET M 216 14.61 41.16 63.78
N ARG M 217 15.19 41.99 62.93
CA ARG M 217 16.06 41.57 61.85
C ARG M 217 17.18 42.58 61.66
N TRP M 218 17.19 43.66 62.45
CA TRP M 218 18.37 44.49 62.62
C TRP M 218 19.25 43.94 63.73
N TYR M 219 18.62 43.36 64.75
CA TYR M 219 19.35 42.73 65.85
C TYR M 219 20.06 41.47 65.37
N VAL M 220 19.38 40.67 64.54
CA VAL M 220 19.99 39.49 63.95
C VAL M 220 21.10 39.89 62.98
N GLU M 221 20.94 41.03 62.30
CA GLU M 221 22.01 41.56 61.46
C GLU M 221 23.23 41.95 62.29
N LEU M 222 23.01 42.55 63.46
CA LEU M 222 24.12 42.85 64.36
C LEU M 222 24.76 41.58 64.91
N LEU M 223 23.99 40.51 65.08
CA LEU M 223 24.58 39.25 65.55
C LEU M 223 25.38 38.58 64.44
N ASN M 224 24.88 38.63 63.21
CA ASN M 224 25.62 38.09 62.07
C ASN M 224 26.83 38.95 61.71
N ARG M 225 26.87 40.20 62.19
CA ARG M 225 28.07 41.00 62.03
C ARG M 225 29.05 40.82 63.18
N THR M 226 28.58 40.55 64.40
CA THR M 226 29.54 40.28 65.47
C THR M 226 30.13 38.88 65.33
N VAL M 227 29.45 37.95 64.67
CA VAL M 227 30.12 36.68 64.39
C VAL M 227 31.15 36.86 63.27
N ASN M 228 30.94 37.84 62.39
CA ASN M 228 31.94 38.18 61.39
C ASN M 228 33.16 38.82 62.03
N LYS M 229 32.95 39.67 63.04
CA LYS M 229 34.09 40.21 63.80
C LYS M 229 34.76 39.15 64.66
N ILE M 230 34.02 38.13 65.11
CA ILE M 230 34.63 37.03 65.86
C ILE M 230 35.54 36.21 64.95
N THR M 231 35.03 35.84 63.76
CA THR M 231 35.81 35.02 62.85
C THR M 231 36.77 35.83 61.98
N GLY M 232 36.75 37.16 62.06
CA GLY M 232 37.64 37.97 61.26
C GLY M 232 39.09 37.86 61.67
N HIS M 233 39.35 37.88 62.98
CA HIS M 233 40.70 37.70 63.49
C HIS M 233 41.02 36.25 63.82
N LEU M 234 40.14 35.33 63.46
CA LEU M 234 40.39 33.89 63.57
C LEU M 234 40.77 33.29 62.22
N ARG M 235 41.01 34.14 61.22
CA ARG M 235 41.41 33.79 59.85
C ARG M 235 40.35 32.88 59.20
N LEU M 236 39.18 33.47 59.01
CA LEU M 236 38.06 32.85 58.31
C LEU M 236 37.51 33.86 57.31
N LYS M 237 37.43 33.47 56.04
CA LYS M 237 37.03 34.36 54.96
C LYS M 237 35.56 34.15 54.63
N LEU M 238 34.84 35.24 54.40
CA LEU M 238 33.40 35.21 54.18
C LEU M 238 33.08 35.28 52.69
N ASP M 239 32.46 34.23 52.17
CA ASP M 239 31.76 34.27 50.90
C ASP M 239 30.37 34.85 51.17
N LYS M 240 30.15 36.08 50.72
CA LYS M 240 28.97 36.85 51.10
C LYS M 240 27.72 36.40 50.35
N GLU M 241 27.85 35.91 49.13
CA GLU M 241 26.71 35.50 48.33
C GLU M 241 26.22 34.11 48.67
N HIS M 242 26.86 33.42 49.61
CA HIS M 242 26.39 32.14 50.11
C HIS M 242 26.24 32.11 51.63
N HIS M 243 26.61 33.20 52.31
CA HIS M 243 26.71 33.29 53.77
C HIS M 243 27.60 32.18 54.33
N ARG M 244 28.82 32.10 53.81
CA ARG M 244 29.69 30.95 54.05
C ARG M 244 31.04 31.41 54.59
N TYR M 245 31.39 30.93 55.78
CA TYR M 245 32.72 31.19 56.34
C TYR M 245 33.61 30.00 56.03
N PHE M 246 34.77 30.25 55.42
CA PHE M 246 35.64 29.18 54.96
C PHE M 246 37.10 29.51 55.23
N PHE M 247 37.88 28.45 55.41
CA PHE M 247 39.33 28.56 55.52
C PHE M 247 39.96 28.88 54.17
N GLU M 248 41.08 29.59 54.21
CA GLU M 248 41.85 29.92 53.02
C GLU M 248 43.33 29.65 53.27
N PRO M 249 44.07 29.25 52.25
CA PRO M 249 45.50 28.94 52.45
C PRO M 249 46.31 30.20 52.68
N ASP M 250 47.25 30.11 53.62
CA ASP M 250 48.10 31.25 53.93
C ASP M 250 49.25 31.35 52.94
N GLU M 251 49.98 30.25 52.72
CA GLU M 251 51.02 30.19 51.71
C GLU M 251 50.49 29.42 50.51
N PRO M 252 50.55 29.98 49.30
CA PRO M 252 50.10 29.25 48.10
C PRO M 252 50.95 28.02 47.84
N GLY M 253 50.29 26.94 47.43
CA GLY M 253 50.95 25.68 47.22
C GLY M 253 50.94 24.79 48.45
N LYS M 254 51.32 25.36 49.60
CA LYS M 254 51.33 24.61 50.84
C LYS M 254 49.91 24.47 51.39
N ASP M 255 49.71 23.43 52.20
CA ASP M 255 48.42 23.13 52.78
C ASP M 255 48.23 23.94 54.06
N LYS M 256 47.16 23.63 54.80
CA LYS M 256 46.90 24.25 56.10
C LYS M 256 46.60 23.13 57.09
N SER M 257 47.24 23.21 58.26
CA SER M 257 47.24 22.14 59.26
C SER M 257 46.97 22.70 60.64
N VAL M 258 45.88 23.46 60.77
CA VAL M 258 45.58 24.17 62.01
C VAL M 258 45.27 23.18 63.14
N THR M 259 45.75 23.50 64.34
CA THR M 259 45.63 22.65 65.52
C THR M 259 44.54 23.22 66.42
N TYR M 260 43.56 22.39 66.78
CA TYR M 260 42.44 22.83 67.61
C TYR M 260 42.54 22.21 69.00
N GLN M 261 42.26 23.03 70.00
CA GLN M 261 42.21 22.57 71.39
C GLN M 261 40.80 22.08 71.69
N SER M 262 40.62 20.76 71.72
CA SER M 262 39.31 20.19 71.98
C SER M 262 38.95 20.28 73.45
N VAL M 263 37.70 19.91 73.76
CA VAL M 263 37.22 20.00 75.13
C VAL M 263 37.81 18.91 76.02
N GLY M 264 38.38 17.86 75.42
CA GLY M 264 39.07 16.83 76.16
C GLY M 264 40.52 17.11 76.45
N GLY M 265 41.01 18.30 76.10
CA GLY M 265 42.40 18.64 76.33
C GLY M 265 43.38 17.99 75.38
N VAL M 266 42.91 17.52 74.22
CA VAL M 266 43.72 16.79 73.27
C VAL M 266 44.25 17.75 72.22
N ARG M 267 45.56 17.84 72.10
CA ARG M 267 46.20 18.62 71.05
C ARG M 267 46.12 17.83 69.75
N SER M 268 45.09 18.12 68.95
CA SER M 268 44.88 17.44 67.68
C SER M 268 44.80 18.46 66.56
N GLU M 269 45.01 17.96 65.33
CA GLU M 269 44.98 18.81 64.16
C GLU M 269 44.42 18.01 62.98
N ARG M 270 44.01 18.74 61.95
CA ARG M 270 43.56 18.13 60.71
C ARG M 270 43.99 19.02 59.55
N LYS M 271 44.10 18.42 58.37
CA LYS M 271 44.23 19.22 57.16
C LYS M 271 42.88 19.89 56.89
N VAL M 272 42.92 21.17 56.54
CA VAL M 272 41.69 21.94 56.37
C VAL M 272 41.61 22.66 55.04
N ALA M 273 42.72 22.90 54.35
CA ALA M 273 42.74 23.58 53.05
C ALA M 273 43.69 22.87 52.10
N TRP M 274 43.58 21.55 52.06
CA TRP M 274 44.61 20.71 51.49
C TRP M 274 44.32 20.41 50.02
N ASN M 275 45.26 19.71 49.39
CA ASN M 275 45.10 19.21 48.02
C ASN M 275 45.25 17.70 48.06
N PRO M 276 44.18 16.93 47.86
CA PRO M 276 44.28 15.48 47.96
C PRO M 276 45.02 14.87 46.78
N HIS M 277 45.70 13.77 47.05
CA HIS M 277 46.49 13.05 46.06
C HIS M 277 45.74 11.81 45.61
N PHE M 278 46.28 11.14 44.59
CA PHE M 278 45.76 9.86 44.17
C PHE M 278 46.25 8.75 45.10
N LYS M 279 45.93 7.51 44.74
CA LYS M 279 46.48 6.37 45.48
C LYS M 279 47.95 6.11 45.11
N HIS M 280 48.44 6.75 44.05
CA HIS M 280 49.82 6.62 43.60
C HIS M 280 50.51 7.97 43.44
N ASN M 281 50.02 9.00 44.16
CA ASN M 281 50.49 10.39 44.13
C ASN M 281 50.43 10.93 42.70
N ASP M 282 51.60 11.16 42.10
CA ASP M 282 51.79 11.44 40.67
C ASP M 282 51.03 12.71 40.24
N MET M 283 51.53 13.86 40.75
CA MET M 283 51.07 15.21 40.39
C MET M 283 49.59 15.41 40.70
N PRO M 284 49.23 15.63 41.97
CA PRO M 284 47.81 15.69 42.37
C PRO M 284 47.02 16.82 41.70
N LYS M 285 45.71 16.76 41.90
CA LYS M 285 44.71 17.41 41.07
C LYS M 285 44.63 18.90 41.34
N ARG M 286 43.71 19.56 40.62
CA ARG M 286 43.24 20.90 40.93
C ARG M 286 42.01 20.86 41.82
N TYR M 287 41.85 19.78 42.58
CA TYR M 287 40.66 19.48 43.39
C TYR M 287 40.87 19.98 44.82
N TRP M 288 41.13 21.29 44.94
CA TRP M 288 41.45 21.90 46.21
C TRP M 288 40.19 22.06 47.06
N GLU M 289 40.13 21.31 48.16
CA GLU M 289 39.00 21.35 49.08
C GLU M 289 39.28 22.31 50.23
N HIS M 290 38.27 23.09 50.59
CA HIS M 290 38.35 24.02 51.71
C HIS M 290 37.17 23.72 52.63
N LEU M 291 37.44 23.61 53.92
CA LEU M 291 36.35 23.42 54.88
C LEU M 291 35.55 24.71 55.01
N ALA M 292 34.24 24.57 55.18
CA ALA M 292 33.38 25.74 55.20
C ALA M 292 32.21 25.49 56.13
N VAL M 293 31.65 26.56 56.67
CA VAL M 293 30.64 26.46 57.71
C VAL M 293 29.47 27.37 57.36
N GLY M 294 28.29 26.99 57.83
CA GLY M 294 27.05 27.66 57.50
C GLY M 294 26.34 28.27 58.69
N LEU M 295 27.12 28.99 59.52
CA LEU M 295 26.65 29.51 60.81
C LEU M 295 25.45 30.45 60.65
N ARG M 296 24.40 30.21 61.44
CA ARG M 296 23.27 31.15 61.42
C ARG M 296 22.57 31.16 62.76
N PHE M 297 22.11 32.34 63.18
CA PHE M 297 21.35 32.48 64.42
C PHE M 297 19.90 32.09 64.20
N HIS M 298 19.34 31.37 65.17
CA HIS M 298 17.95 30.91 65.13
C HIS M 298 17.25 31.28 66.43
N ARG M 299 15.95 31.51 66.34
CA ARG M 299 15.12 31.76 67.52
C ARG M 299 14.39 30.48 67.89
N LEU M 300 14.78 29.89 69.01
CA LEU M 300 14.19 28.63 69.48
C LEU M 300 13.15 28.91 70.56
N GLY M 301 12.10 29.62 70.16
CA GLY M 301 11.04 29.95 71.10
C GLY M 301 10.79 31.43 71.24
N ASP M 302 10.71 31.92 72.47
CA ASP M 302 10.44 33.32 72.76
C ASP M 302 11.66 34.05 73.30
N MET M 303 12.28 33.53 74.36
CA MET M 303 13.50 34.10 74.92
C MET M 303 14.55 32.99 75.02
N ALA M 304 14.72 32.27 73.91
CA ALA M 304 15.70 31.20 73.82
C ALA M 304 16.21 31.15 72.39
N TRP M 305 17.52 31.23 72.22
CA TRP M 305 18.13 31.33 70.91
C TRP M 305 19.03 30.12 70.66
N GLY M 306 19.55 30.06 69.43
CA GLY M 306 20.43 28.97 69.04
C GLY M 306 21.36 29.44 67.94
N PHE M 307 22.44 28.68 67.78
CA PHE M 307 23.52 29.02 66.85
C PHE M 307 23.81 27.77 66.04
N ALA M 308 23.42 27.78 64.76
CA ALA M 308 23.43 26.59 63.92
C ALA M 308 24.73 26.51 63.14
N ILE M 309 25.41 25.37 63.29
CA ILE M 309 26.64 25.03 62.59
C ILE M 309 26.30 24.04 61.49
N ARG M 310 26.64 24.38 60.25
CA ARG M 310 26.41 23.47 59.13
C ARG M 310 27.70 23.22 58.38
N PRO M 311 28.22 21.99 58.40
CA PRO M 311 29.41 21.68 57.59
C PRO M 311 29.12 21.71 56.10
N GLU M 312 30.11 22.19 55.33
CA GLU M 312 30.08 22.15 53.88
C GLU M 312 31.50 22.34 53.35
N ARG M 313 31.64 22.28 52.03
CA ARG M 313 32.94 22.39 51.37
C ARG M 313 32.91 23.51 50.35
N ARG M 314 34.09 24.04 50.05
CA ARG M 314 34.26 24.99 48.95
C ARG M 314 35.44 24.53 48.11
N PHE M 315 35.24 24.46 46.80
CA PHE M 315 36.21 23.89 45.88
C PHE M 315 36.85 25.01 45.07
N THR M 316 38.18 25.02 45.02
CA THR M 316 38.89 26.06 44.26
C THR M 316 39.76 25.43 43.19
N LYS M 317 40.24 26.29 42.28
CA LYS M 317 41.11 25.87 41.18
C LYS M 317 42.48 25.46 41.71
N ASP M 318 43.22 26.43 42.23
CA ASP M 318 44.55 26.22 42.80
C ASP M 318 44.67 26.97 44.12
N GLY M 319 43.56 27.15 44.80
CA GLY M 319 43.45 28.11 45.89
C GLY M 319 42.78 29.39 45.44
N PHE M 320 42.32 30.16 46.43
CA PHE M 320 41.82 31.53 46.29
C PHE M 320 40.56 31.62 45.44
N GLU M 321 40.69 31.41 44.13
CA GLU M 321 39.55 31.52 43.20
C GLU M 321 38.84 30.17 43.09
N SER M 322 37.54 30.18 43.34
CA SER M 322 36.73 28.96 43.40
C SER M 322 36.43 28.42 42.01
N LEU M 323 35.97 27.17 41.97
CA LEU M 323 35.33 26.65 40.77
C LEU M 323 34.02 27.40 40.52
N GLU M 324 33.67 27.54 39.25
CA GLU M 324 32.63 28.50 38.89
C GLU M 324 31.22 27.94 39.11
N GLY M 325 30.87 26.89 38.37
CA GLY M 325 29.48 26.47 38.35
C GLY M 325 29.20 25.04 38.78
N LYS M 326 28.86 24.20 37.79
CA LYS M 326 28.40 22.85 38.01
C LYS M 326 29.47 21.92 38.55
N ALA M 327 30.75 22.28 38.44
CA ALA M 327 31.81 21.45 38.99
C ALA M 327 31.75 21.40 40.51
N THR M 328 31.40 22.54 41.14
CA THR M 328 31.31 22.57 42.60
C THR M 328 30.19 21.67 43.11
N GLY M 329 29.04 21.68 42.42
CA GLY M 329 27.96 20.79 42.81
C GLY M 329 28.20 19.34 42.43
N LYS M 330 28.98 19.10 41.39
CA LYS M 330 29.30 17.73 41.00
C LYS M 330 30.35 17.12 41.91
N LYS M 331 31.18 17.95 42.54
CA LYS M 331 32.25 17.49 43.40
C LYS M 331 31.89 17.56 44.89
N SER M 332 30.89 18.34 45.27
CA SER M 332 30.34 18.26 46.62
C SER M 332 29.56 16.97 46.83
N THR M 333 28.88 16.50 45.79
CA THR M 333 28.00 15.33 45.92
C THR M 333 28.81 14.05 46.12
N LYS M 334 29.96 13.94 45.45
CA LYS M 334 30.83 12.79 45.65
C LYS M 334 31.44 12.77 47.04
N LYS M 335 31.70 13.95 47.62
CA LYS M 335 32.21 13.99 48.99
C LYS M 335 31.09 13.80 49.99
N LYS M 336 29.97 14.51 49.82
CA LYS M 336 28.84 14.42 50.74
C LYS M 336 27.83 13.35 50.32
N SER M 337 28.34 12.16 50.02
CA SER M 337 27.53 10.95 49.94
C SER M 337 28.17 9.77 50.65
N ARG M 338 29.49 9.80 50.88
CA ARG M 338 30.18 8.91 51.78
C ARG M 338 30.63 9.69 53.00
N MET M 339 29.75 10.58 53.45
CA MET M 339 29.94 11.52 54.54
C MET M 339 28.82 11.31 55.54
N TYR M 340 28.75 10.12 56.11
CA TYR M 340 27.62 9.66 56.92
C TYR M 340 27.61 10.35 58.28
N ASN M 341 26.80 9.79 59.20
CA ASN M 341 26.47 10.43 60.48
C ASN M 341 27.70 10.77 61.31
N PHE M 342 28.61 9.81 61.44
CA PHE M 342 29.70 9.97 62.40
C PHE M 342 30.74 10.98 61.87
N ASP M 343 30.97 10.99 60.55
CA ASP M 343 31.90 11.95 59.97
C ASP M 343 31.40 13.38 60.09
N VAL M 344 30.10 13.59 59.84
CA VAL M 344 29.51 14.93 59.98
C VAL M 344 29.49 15.35 61.45
N LEU M 345 29.29 14.40 62.36
CA LEU M 345 29.33 14.72 63.79
C LEU M 345 30.72 15.13 64.24
N LYS M 346 31.77 14.44 63.76
CA LYS M 346 33.13 14.90 64.06
C LYS M 346 33.45 16.24 63.40
N GLU M 347 32.86 16.53 62.23
CA GLU M 347 33.10 17.84 61.62
C GLU M 347 32.42 18.97 62.41
N VAL M 348 31.21 18.71 62.93
CA VAL M 348 30.53 19.68 63.79
C VAL M 348 31.31 19.88 65.08
N GLN M 349 31.85 18.80 65.66
CA GLN M 349 32.71 18.92 66.84
C GLN M 349 34.00 19.67 66.53
N PHE M 350 34.53 19.51 65.31
CA PHE M 350 35.70 20.28 64.89
C PHE M 350 35.41 21.76 64.86
N TRP M 351 34.28 22.16 64.27
CA TRP M 351 33.95 23.58 64.22
C TRP M 351 33.64 24.14 65.60
N ARG M 352 33.03 23.33 66.47
CA ARG M 352 32.78 23.74 67.85
C ARG M 352 34.08 23.98 68.61
N ASP M 353 35.03 23.04 68.50
CA ASP M 353 36.31 23.19 69.19
C ASP M 353 37.18 24.27 68.57
N PHE M 354 37.04 24.53 67.26
CA PHE M 354 37.83 25.59 66.65
C PHE M 354 37.32 26.96 67.06
N LEU M 355 36.00 27.17 67.03
CA LEU M 355 35.48 28.47 67.46
C LEU M 355 35.49 28.63 68.97
N SER M 356 35.63 27.53 69.73
CA SER M 356 35.74 27.64 71.18
C SER M 356 37.11 28.17 71.61
N GLN M 357 38.17 27.79 70.88
CA GLN M 357 39.57 28.15 71.16
C GLN M 357 39.99 27.74 72.57
N GLY M 358 39.62 26.54 72.97
CA GLY M 358 40.02 26.03 74.29
C GLY M 358 39.20 26.48 75.46
N ASN M 359 38.87 27.77 75.52
CA ASN M 359 37.98 28.27 76.57
C ASN M 359 36.58 27.72 76.34
N PRO M 360 35.93 27.16 77.37
CA PRO M 360 34.59 26.58 77.21
C PRO M 360 33.45 27.60 77.27
N ARG M 361 33.67 28.77 76.65
CA ARG M 361 32.65 29.82 76.56
C ARG M 361 33.02 30.70 75.38
N ILE M 362 32.27 30.59 74.29
CA ILE M 362 32.53 31.42 73.10
C ILE M 362 32.01 32.82 73.39
N THR M 363 32.90 33.76 73.68
CA THR M 363 32.49 35.06 74.19
C THR M 363 32.74 36.16 73.18
N CYS M 364 32.08 37.29 73.43
CA CYS M 364 32.19 38.48 72.59
C CYS M 364 31.79 39.67 73.44
N LEU M 365 32.76 40.53 73.75
CA LEU M 365 32.53 41.64 74.66
C LEU M 365 32.20 42.92 73.90
N PHE M 366 31.33 43.73 74.50
CA PHE M 366 30.91 45.00 73.92
C PHE M 366 31.17 46.20 74.82
N GLY M 367 31.38 45.99 76.11
CA GLY M 367 31.69 47.07 77.04
C GLY M 367 30.78 47.07 78.25
N LYS M 368 29.50 46.82 78.02
CA LYS M 368 28.55 46.61 79.10
C LYS M 368 27.77 45.33 78.82
N GLN M 369 27.56 45.02 77.55
CA GLN M 369 26.97 43.77 77.12
C GLN M 369 28.07 42.74 76.87
N ALA M 370 27.67 41.47 76.90
CA ALA M 370 28.62 40.38 76.74
C ALA M 370 27.88 39.18 76.15
N LEU M 371 28.04 38.94 74.86
CA LEU M 371 27.47 37.76 74.25
C LEU M 371 28.31 36.54 74.63
N VAL M 372 27.65 35.48 75.10
CA VAL M 372 28.32 34.20 75.31
C VAL M 372 27.51 33.11 74.64
N ILE M 373 28.21 32.12 74.10
CA ILE M 373 27.61 30.93 73.52
C ILE M 373 28.32 29.73 74.16
N ASP M 374 27.56 28.91 74.88
CA ASP M 374 28.13 27.71 75.48
C ASP M 374 28.33 26.65 74.40
N ASN M 375 29.54 26.11 74.32
CA ASN M 375 29.88 25.15 73.27
C ASN M 375 29.63 23.71 73.75
N SER M 376 28.37 23.45 74.04
CA SER M 376 27.89 22.10 74.30
C SER M 376 26.66 21.88 73.42
N LEU M 377 26.70 20.82 72.62
CA LEU M 377 25.57 20.51 71.74
C LEU M 377 24.37 20.09 72.57
N MET M 378 23.18 20.41 72.07
CA MET M 378 21.93 20.16 72.81
C MET M 378 21.65 18.67 72.85
N SER M 379 21.95 18.04 73.99
CA SER M 379 21.75 16.62 74.17
C SER M 379 20.29 16.32 74.51
N ALA M 380 19.96 15.04 74.50
CA ALA M 380 18.61 14.56 74.77
C ALA M 380 18.72 13.11 75.23
N ALA M 381 17.57 12.42 75.28
CA ALA M 381 17.54 11.02 75.69
C ALA M 381 16.29 10.37 75.11
N ILE M 382 16.48 9.41 74.19
CA ILE M 382 15.37 8.79 73.47
C ILE M 382 15.50 7.28 73.64
N THR M 383 14.35 6.61 73.82
CA THR M 383 14.29 5.16 73.92
C THR M 383 13.76 4.58 72.61
N TRP M 384 14.63 3.94 71.86
CA TRP M 384 14.33 3.18 70.66
C TRP M 384 14.81 1.73 70.78
N PRO M 385 14.26 0.80 69.96
CA PRO M 385 14.79 -0.57 69.93
C PRO M 385 16.25 -0.62 69.49
N GLU M 386 16.96 -1.59 70.06
CA GLU M 386 18.41 -1.69 69.93
C GLU M 386 18.82 -2.04 68.50
N ILE M 387 19.89 -1.39 68.03
CA ILE M 387 20.47 -1.63 66.71
C ILE M 387 21.66 -2.54 66.87
N SER M 388 21.62 -3.71 66.24
CA SER M 388 22.75 -4.62 66.29
C SER M 388 23.92 -4.09 65.47
N GLY M 389 25.10 -4.06 66.09
CA GLY M 389 26.31 -3.68 65.39
C GLY M 389 26.82 -2.27 65.64
N ASP M 390 26.08 -1.42 66.36
CA ASP M 390 26.55 -0.07 66.60
C ASP M 390 26.85 0.22 68.06
N GLN M 391 25.85 0.13 68.95
CA GLN M 391 25.89 0.47 70.37
C GLN M 391 26.27 1.92 70.69
N ALA M 392 25.78 2.44 71.82
CA ALA M 392 26.06 3.82 72.22
C ALA M 392 27.48 3.88 72.75
N ASN M 393 28.42 4.30 71.90
CA ASN M 393 29.81 4.45 72.33
C ASN M 393 29.97 5.66 73.24
N ARG M 394 29.37 6.80 72.86
CA ARG M 394 29.40 8.08 73.58
C ARG M 394 30.81 8.56 73.90
N MET N 1 20.70 40.21 78.89
CA MET N 1 19.72 39.33 79.51
C MET N 1 20.19 37.88 79.51
N LYS N 2 19.96 37.18 80.62
CA LYS N 2 20.14 35.73 80.64
C LYS N 2 18.99 35.08 79.89
N THR N 3 19.32 34.17 78.98
CA THR N 3 18.32 33.44 78.20
C THR N 3 18.33 31.97 78.63
N ASN N 4 17.17 31.47 79.02
CA ASN N 4 17.06 30.08 79.43
C ASN N 4 17.20 29.15 78.22
N THR N 5 17.84 28.01 78.43
CA THR N 5 18.05 27.05 77.36
C THR N 5 16.74 26.33 77.04
N ALA N 6 16.57 26.01 75.76
CA ALA N 6 15.35 25.33 75.32
C ALA N 6 15.36 23.88 75.77
N THR N 7 14.23 23.43 76.31
CA THR N 7 14.10 22.05 76.76
C THR N 7 13.86 21.17 75.54
N VAL N 8 14.84 20.31 75.23
CA VAL N 8 14.74 19.42 74.08
C VAL N 8 13.96 18.19 74.50
N ARG N 9 12.72 18.07 74.03
CA ARG N 9 11.85 16.96 74.37
C ARG N 9 11.63 16.10 73.13
N CYS N 10 11.89 14.80 73.24
CA CYS N 10 11.85 13.94 72.08
C CYS N 10 10.97 12.73 72.33
N GLU N 11 10.40 12.22 71.25
CA GLU N 11 9.50 11.07 71.30
C GLU N 11 9.62 10.31 69.98
N LEU N 12 9.67 9.00 70.03
CA LEU N 12 9.75 8.19 68.83
C LEU N 12 8.38 7.58 68.55
N PHE N 13 7.83 7.91 67.38
CA PHE N 13 6.49 7.45 67.02
C PHE N 13 6.54 5.99 66.58
N GLU N 14 5.42 5.30 66.79
CA GLU N 14 5.30 3.92 66.36
C GLU N 14 5.24 3.84 64.84
N GLU N 15 5.82 2.77 64.30
CA GLU N 15 5.91 2.61 62.86
C GLU N 15 4.53 2.23 62.30
N PRO N 16 4.02 2.97 61.31
CA PRO N 16 2.76 2.59 60.69
C PRO N 16 2.89 1.31 59.87
N SER N 17 1.78 0.59 59.77
CA SER N 17 1.73 -0.68 59.07
C SER N 17 0.69 -0.64 57.97
N LEU N 18 0.96 -1.36 56.88
CA LEU N 18 0.13 -1.34 55.68
C LEU N 18 -0.73 -2.60 55.62
N GLU N 19 -1.81 -2.50 54.84
CA GLU N 19 -2.74 -3.61 54.66
C GLU N 19 -2.55 -4.18 53.25
N PHE N 20 -1.99 -5.38 53.18
CA PHE N 20 -1.87 -6.15 51.96
C PHE N 20 -3.06 -7.11 51.86
N ALA N 21 -2.94 -8.10 50.95
CA ALA N 21 -4.05 -8.95 50.53
C ALA N 21 -4.66 -9.74 51.67
N SER N 22 -5.97 -9.99 51.56
CA SER N 22 -6.84 -10.51 52.63
C SER N 22 -6.77 -9.64 53.89
N SER N 23 -6.59 -8.32 53.69
CA SER N 23 -6.52 -7.31 54.74
C SER N 23 -5.47 -7.64 55.80
N ARG N 24 -4.30 -8.07 55.34
CA ARG N 24 -3.28 -8.61 56.23
C ARG N 24 -2.17 -7.59 56.43
N LEU N 25 -1.83 -7.31 57.68
CA LEU N 25 -0.93 -6.21 58.00
C LEU N 25 0.53 -6.60 57.83
N HIS N 26 1.32 -5.68 57.27
CA HIS N 26 2.77 -5.84 57.18
C HIS N 26 3.40 -4.46 57.03
N LEU N 27 4.61 -4.31 57.57
CA LEU N 27 5.30 -3.03 57.59
C LEU N 27 5.91 -2.69 56.24
N CYS N 28 6.82 -3.53 55.76
CA CYS N 28 7.61 -3.21 54.58
C CYS N 28 6.80 -3.45 53.31
N PRO N 29 6.75 -2.49 52.37
CA PRO N 29 6.03 -2.73 51.11
C PRO N 29 6.68 -3.76 50.20
N LYS N 30 7.98 -4.03 50.37
CA LYS N 30 8.63 -5.03 49.53
C LYS N 30 8.28 -6.45 49.98
N ARG N 31 8.10 -6.65 51.29
CA ARG N 31 7.86 -7.99 51.81
C ARG N 31 6.39 -8.35 51.85
N GLY N 32 5.50 -7.36 52.02
CA GLY N 32 4.07 -7.64 52.01
C GLY N 32 3.54 -8.07 50.66
N ILE N 33 4.13 -7.57 49.59
CA ILE N 33 3.76 -8.01 48.24
C ILE N 33 4.26 -9.43 47.99
N THR N 34 5.47 -9.75 48.47
CA THR N 34 6.03 -11.08 48.27
C THR N 34 5.30 -12.14 49.10
N ILE N 35 5.01 -11.85 50.36
CA ILE N 35 4.41 -12.85 51.24
C ILE N 35 2.90 -12.90 51.05
N PHE N 36 2.22 -11.78 51.29
CA PHE N 36 0.77 -11.74 51.27
C PHE N 36 0.21 -11.46 49.89
N GLY N 37 0.80 -10.53 49.15
CA GLY N 37 0.31 -10.15 47.85
C GLY N 37 -0.16 -8.71 47.82
N PRO N 38 -0.40 -8.18 46.62
CA PRO N 38 -0.93 -6.82 46.51
C PRO N 38 -2.36 -6.74 47.03
N ARG N 39 -2.75 -5.52 47.43
CA ARG N 39 -4.02 -5.31 48.13
C ARG N 39 -5.23 -5.64 47.27
N SER N 40 -5.16 -5.40 45.96
CA SER N 40 -6.29 -5.64 45.09
C SER N 40 -6.43 -7.11 44.66
N LEU N 41 -5.72 -8.03 45.31
CA LEU N 41 -5.85 -9.45 44.97
C LEU N 41 -7.20 -10.00 45.39
N ASP N 42 -7.63 -9.73 46.62
CA ASP N 42 -8.89 -10.26 47.12
C ASP N 42 -10.11 -9.49 46.63
N MET N 43 -9.92 -8.35 45.96
CA MET N 43 -11.04 -7.56 45.49
C MET N 43 -11.73 -8.19 44.28
N GLY N 44 -11.09 -9.16 43.63
CA GLY N 44 -11.74 -9.96 42.62
C GLY N 44 -11.65 -9.40 41.22
N LYS N 45 -12.31 -8.26 40.97
CA LYS N 45 -12.44 -7.74 39.62
C LYS N 45 -11.63 -6.48 39.35
N ARG N 46 -11.16 -5.79 40.39
CA ARG N 46 -10.28 -4.65 40.15
C ARG N 46 -8.85 -5.10 39.84
N HIS N 47 -8.51 -6.34 40.17
CA HIS N 47 -7.18 -6.87 39.87
C HIS N 47 -6.97 -7.02 38.37
N PRO N 48 -5.93 -6.40 37.80
CA PRO N 48 -5.67 -6.59 36.37
C PRO N 48 -5.12 -7.98 36.07
N ASP N 49 -5.95 -8.84 35.49
CA ASP N 49 -5.51 -10.20 35.19
C ASP N 49 -4.53 -10.20 34.02
N ILE N 50 -4.85 -9.48 32.95
CA ILE N 50 -3.99 -9.36 31.78
C ILE N 50 -3.74 -7.89 31.52
N VAL N 51 -2.48 -7.51 31.40
CA VAL N 51 -2.07 -6.14 31.09
C VAL N 51 -1.62 -6.10 29.64
N ARG N 52 -2.25 -5.25 28.84
CA ARG N 52 -1.88 -5.07 27.45
C ARG N 52 -0.98 -3.83 27.36
N VAL N 53 0.21 -4.01 26.80
CA VAL N 53 1.27 -3.02 26.88
C VAL N 53 1.58 -2.52 25.47
N GLY N 54 1.56 -1.19 25.29
CA GLY N 54 1.94 -0.57 24.05
C GLY N 54 3.32 0.05 24.10
N PHE N 55 3.93 0.20 22.93
CA PHE N 55 5.28 0.73 22.82
C PHE N 55 5.31 1.83 21.77
N ILE N 56 5.96 2.96 22.09
CA ILE N 56 6.16 4.03 21.12
C ILE N 56 7.67 4.27 21.03
N GLY N 57 8.44 3.21 21.12
CA GLY N 57 9.86 3.34 20.89
C GLY N 57 10.25 3.11 19.45
N THR N 58 11.52 3.36 19.15
CA THR N 58 12.09 2.86 17.92
C THR N 58 12.44 1.38 18.09
N GLY N 59 12.82 0.73 16.99
CA GLY N 59 12.91 -0.72 16.98
C GLY N 59 13.98 -1.28 17.91
N GLU N 60 15.13 -0.62 17.98
CA GLU N 60 16.18 -1.02 18.92
C GLU N 60 15.73 -0.85 20.37
N THR N 61 15.12 0.30 20.67
CA THR N 61 14.66 0.55 22.03
C THR N 61 13.45 -0.32 22.39
N ILE N 62 12.59 -0.63 21.42
CA ILE N 62 11.49 -1.54 21.67
C ILE N 62 12.01 -2.95 21.97
N ASP N 63 13.01 -3.40 21.22
CA ASP N 63 13.63 -4.70 21.47
C ASP N 63 14.31 -4.75 22.84
N SER N 64 15.03 -3.69 23.21
CA SER N 64 15.69 -3.63 24.50
C SER N 64 14.69 -3.57 25.65
N ALA N 65 13.61 -2.80 25.49
CA ALA N 65 12.60 -2.70 26.53
C ALA N 65 11.82 -4.00 26.70
N THR N 66 11.51 -4.67 25.58
CA THR N 66 10.82 -5.96 25.66
C THR N 66 11.70 -7.02 26.30
N ARG N 67 13.01 -7.01 25.98
CA ARG N 67 13.94 -7.94 26.60
C ARG N 67 14.09 -7.68 28.10
N TRP N 68 14.13 -6.40 28.49
CA TRP N 68 14.26 -6.07 29.91
C TRP N 68 12.99 -6.39 30.68
N LEU N 69 11.82 -6.19 30.06
CA LEU N 69 10.56 -6.55 30.71
C LEU N 69 10.41 -8.06 30.86
N GLU N 70 10.81 -8.83 29.84
CA GLU N 70 10.74 -10.28 29.97
C GLU N 70 11.83 -10.84 30.88
N SER N 71 12.92 -10.10 31.07
CA SER N 71 13.90 -10.50 32.07
C SER N 71 13.41 -10.23 33.49
N CYS N 72 12.80 -9.07 33.72
CA CYS N 72 12.38 -8.70 35.07
C CYS N 72 11.11 -9.44 35.52
N ALA N 73 10.22 -9.79 34.58
CA ALA N 73 8.95 -10.40 34.96
C ALA N 73 9.11 -11.84 35.41
N ASP N 74 10.24 -12.49 35.08
CA ASP N 74 10.46 -13.85 35.55
C ASP N 74 10.81 -13.88 37.04
N GLY N 75 11.47 -12.83 37.53
CA GLY N 75 11.93 -12.79 38.92
C GLY N 75 13.42 -12.52 38.91
N VAL N 76 13.83 -11.54 39.72
CA VAL N 76 15.22 -11.09 39.77
C VAL N 76 15.77 -11.38 41.16
N GLU N 77 16.83 -12.18 41.22
CA GLU N 77 17.49 -12.44 42.48
C GLU N 77 18.27 -11.22 42.94
N GLY N 78 18.48 -11.13 44.25
CA GLY N 78 19.18 -10.00 44.84
C GLY N 78 20.32 -10.44 45.72
N ASP N 79 21.18 -9.48 46.05
CA ASP N 79 22.26 -9.69 47.01
C ASP N 79 21.76 -9.51 48.44
N VAL N 80 22.68 -9.35 49.39
CA VAL N 80 22.34 -9.36 50.82
C VAL N 80 21.44 -8.18 51.17
N ALA N 81 21.82 -6.96 50.80
CA ALA N 81 21.04 -5.79 51.15
C ALA N 81 20.07 -5.38 50.04
N ASN N 82 19.30 -6.34 49.52
CA ASN N 82 18.27 -6.10 48.52
C ASN N 82 17.31 -7.28 48.53
N TYR N 83 16.02 -7.01 48.65
CA TYR N 83 15.02 -8.05 48.58
C TYR N 83 14.78 -8.45 47.13
N ARG N 84 14.56 -9.74 46.90
CA ARG N 84 14.41 -10.25 45.55
C ARG N 84 13.07 -9.85 44.94
N PHE N 85 13.08 -9.63 43.64
CA PHE N 85 11.82 -9.41 42.92
C PHE N 85 11.15 -10.74 42.63
N PRO N 86 9.90 -10.94 43.04
CA PRO N 86 9.23 -12.22 42.79
C PRO N 86 8.93 -12.45 41.31
N GLY N 87 8.32 -11.47 40.67
CA GLY N 87 8.00 -11.58 39.26
C GLY N 87 6.66 -10.96 38.90
N PHE N 88 6.34 -10.96 37.62
CA PHE N 88 5.10 -10.38 37.11
C PHE N 88 4.45 -11.34 36.13
N ARG N 89 4.32 -12.60 36.54
CA ARG N 89 3.59 -13.60 35.77
C ARG N 89 2.34 -14.01 36.56
N ALA N 90 1.64 -15.02 36.03
CA ALA N 90 0.38 -15.46 36.63
C ALA N 90 0.59 -16.30 37.88
N ASP N 91 1.82 -16.67 38.21
CA ASP N 91 2.10 -17.52 39.36
C ASP N 91 2.92 -16.85 40.45
N ARG N 92 3.60 -15.73 40.16
CA ARG N 92 4.59 -15.17 41.06
C ARG N 92 4.31 -13.70 41.32
N GLY N 93 4.31 -13.32 42.59
CA GLY N 93 4.35 -11.92 42.95
C GLY N 93 3.05 -11.14 42.84
N PHE N 94 2.97 -10.29 41.82
CA PHE N 94 1.80 -9.44 41.64
C PHE N 94 0.62 -10.17 41.02
N PHE N 95 0.82 -11.39 40.53
CA PHE N 95 -0.21 -12.25 39.94
C PHE N 95 -0.94 -11.57 38.78
N SER N 96 -0.17 -10.87 37.95
CA SER N 96 -0.67 -10.24 36.74
C SER N 96 0.23 -10.64 35.58
N ASP N 97 -0.22 -10.38 34.35
CA ASP N 97 0.51 -10.84 33.19
C ASP N 97 0.66 -9.71 32.19
N LEU N 98 1.82 -9.68 31.52
CA LEU N 98 2.09 -8.71 30.46
C LEU N 98 1.87 -9.38 29.11
N SER N 99 0.94 -8.86 28.33
CA SER N 99 0.63 -9.38 27.01
C SER N 99 1.11 -8.37 25.97
N PHE N 100 2.17 -8.73 25.25
CA PHE N 100 2.77 -7.85 24.25
C PHE N 100 2.04 -8.09 22.92
N ASP N 101 0.96 -7.36 22.71
CA ASP N 101 0.22 -7.45 21.46
C ASP N 101 0.98 -6.74 20.35
N ALA N 102 1.06 -7.38 19.19
CA ALA N 102 1.86 -6.85 18.09
C ALA N 102 1.15 -5.75 17.31
N GLU N 103 -0.16 -5.58 17.49
CA GLU N 103 -0.88 -4.53 16.77
C GLU N 103 -0.86 -3.20 17.49
N THR N 104 -0.69 -3.20 18.82
CA THR N 104 -0.65 -1.97 19.60
C THR N 104 0.78 -1.49 19.80
N VAL N 105 1.52 -1.40 18.70
CA VAL N 105 2.91 -0.95 18.72
C VAL N 105 3.06 0.15 17.69
N GLU N 106 3.37 1.36 18.14
CA GLU N 106 3.77 2.44 17.26
C GLU N 106 5.29 2.53 17.23
N ARG N 107 5.81 3.37 16.34
CA ARG N 107 7.25 3.39 16.12
C ARG N 107 7.65 4.77 15.61
N LEU N 108 8.57 5.41 16.32
CA LEU N 108 9.17 6.66 15.87
C LEU N 108 10.10 6.34 14.72
N THR N 109 9.60 6.49 13.49
CA THR N 109 10.38 6.19 12.30
C THR N 109 11.52 7.18 12.15
N LEU N 110 12.59 6.74 11.48
CA LEU N 110 13.78 7.57 11.38
C LEU N 110 13.61 8.66 10.33
N ARG N 111 12.56 8.55 9.51
CA ARG N 111 12.14 9.69 8.68
C ARG N 111 11.69 10.86 9.55
N GLU N 112 10.94 10.58 10.61
CA GLU N 112 10.44 11.63 11.49
C GLU N 112 11.51 12.14 12.44
N LEU N 113 12.42 11.26 12.90
CA LEU N 113 13.40 11.65 13.90
C LEU N 113 14.46 12.58 13.33
N GLU N 114 14.74 12.49 12.03
CA GLU N 114 15.65 13.41 11.37
C GLU N 114 14.94 14.63 10.83
N ALA N 115 13.61 14.71 10.98
CA ALA N 115 12.85 15.92 10.67
C ALA N 115 12.71 16.81 11.89
N LEU N 116 13.20 16.39 13.05
CA LEU N 116 13.21 17.19 14.27
C LEU N 116 14.50 17.96 14.45
N ALA N 117 15.23 18.22 13.36
CA ALA N 117 16.43 19.04 13.40
C ALA N 117 16.49 20.08 12.30
N ARG N 118 15.54 20.07 11.36
CA ARG N 118 15.46 21.04 10.27
C ARG N 118 14.95 22.43 10.69
N PRO N 119 14.03 22.58 11.66
CA PRO N 119 13.81 23.93 12.22
C PRO N 119 15.06 24.48 12.89
N ARG N 120 15.19 25.81 12.83
CA ARG N 120 16.39 26.50 13.31
C ARG N 120 16.31 26.83 14.79
N THR N 121 15.29 27.58 15.20
CA THR N 121 15.12 27.90 16.61
C THR N 121 14.67 26.67 17.38
N LYS N 122 15.05 26.61 18.66
CA LYS N 122 14.81 25.43 19.47
C LYS N 122 13.35 25.28 19.89
N ARG N 123 12.57 26.38 19.83
CA ARG N 123 11.15 26.31 20.14
C ARG N 123 10.41 25.40 19.17
N GLU N 124 10.64 25.60 17.88
CA GLU N 124 9.99 24.78 16.86
C GLU N 124 10.48 23.34 16.88
N ARG N 125 11.75 23.12 17.21
CA ARG N 125 12.25 21.76 17.35
C ARG N 125 11.60 21.02 18.51
N PHE N 126 11.45 21.70 19.66
CA PHE N 126 10.74 21.09 20.78
C PHE N 126 9.26 20.88 20.47
N GLU N 127 8.63 21.83 19.78
CA GLU N 127 7.21 21.70 19.46
C GLU N 127 6.97 20.57 18.46
N GLN N 128 7.89 20.38 17.51
CA GLN N 128 7.77 19.24 16.60
C GLN N 128 8.04 17.92 17.31
N ALA N 129 8.92 17.91 18.32
CA ALA N 129 9.14 16.70 19.11
C ALA N 129 7.88 16.31 19.89
N VAL N 130 7.24 17.30 20.53
CA VAL N 130 5.98 17.03 21.24
C VAL N 130 4.86 16.67 20.26
N ALA N 131 4.85 17.29 19.08
CA ALA N 131 3.84 16.96 18.07
C ALA N 131 3.99 15.53 17.56
N LEU N 132 5.22 15.07 17.38
CA LEU N 132 5.46 13.66 17.05
C LEU N 132 5.01 12.75 18.19
N LEU N 133 5.41 13.08 19.42
CA LEU N 133 5.13 12.18 20.54
C LEU N 133 3.68 12.20 21.01
N ASP N 134 2.84 13.15 20.56
CA ASP N 134 1.42 13.00 20.82
C ASP N 134 0.59 12.63 19.60
N ASP N 135 1.10 12.82 18.38
CA ASP N 135 0.48 12.18 17.21
C ASP N 135 0.60 10.66 17.32
N LYS N 136 1.74 10.17 17.79
CA LYS N 136 1.87 8.73 17.98
C LYS N 136 1.08 8.22 19.19
N LEU N 137 0.74 9.09 20.14
CA LEU N 137 -0.23 8.71 21.19
C LEU N 137 -1.65 8.70 20.64
N ARG N 138 -1.95 9.62 19.72
CA ARG N 138 -3.25 9.64 19.06
C ARG N 138 -3.47 8.39 18.24
N LEU N 139 -2.41 7.90 17.59
CA LEU N 139 -2.55 6.67 16.79
C LEU N 139 -2.76 5.43 17.65
N LEU N 140 -2.46 5.47 18.94
CA LEU N 140 -2.80 4.37 19.84
C LEU N 140 -4.14 4.55 20.52
N SER N 141 -4.52 5.77 20.88
CA SER N 141 -5.78 5.98 21.57
C SER N 141 -6.98 5.96 20.63
N GLN N 142 -6.76 5.96 19.32
CA GLN N 142 -7.84 5.89 18.34
C GLN N 142 -7.94 4.52 17.69
N LYS N 143 -7.69 3.47 18.47
CA LYS N 143 -7.88 2.09 18.03
C LYS N 143 -9.18 1.55 18.63
N ASP N 144 -9.59 0.37 18.14
CA ASP N 144 -10.82 -0.22 18.65
C ASP N 144 -10.63 -0.80 20.05
N ARG N 145 -9.42 -1.24 20.37
CA ARG N 145 -9.06 -1.64 21.73
C ARG N 145 -7.73 -0.97 22.07
N PRO N 146 -7.75 0.19 22.73
CA PRO N 146 -6.50 0.84 23.09
C PRO N 146 -5.77 0.04 24.17
N PRO N 147 -4.44 0.16 24.24
CA PRO N 147 -3.69 -0.56 25.27
C PRO N 147 -3.99 -0.03 26.66
N ASP N 148 -3.86 -0.92 27.65
CA ASP N 148 -4.03 -0.54 29.04
C ASP N 148 -2.81 0.18 29.60
N TYR N 149 -1.71 0.23 28.87
CA TYR N 149 -0.44 0.70 29.38
C TYR N 149 0.47 1.00 28.20
N VAL N 150 1.16 2.14 28.25
CA VAL N 150 2.04 2.57 27.17
C VAL N 150 3.43 2.77 27.73
N VAL N 151 4.42 2.14 27.10
CA VAL N 151 5.82 2.28 27.48
C VAL N 151 6.53 3.08 26.40
N LEU N 152 6.95 4.29 26.75
CA LEU N 152 7.66 5.20 25.86
C LEU N 152 9.14 4.89 25.93
N ALA N 153 9.61 4.03 25.04
CA ALA N 153 11.03 3.68 24.97
C ALA N 153 11.76 4.70 24.09
N LEU N 154 11.97 5.89 24.66
CA LEU N 154 12.56 6.99 23.91
C LEU N 154 14.04 6.72 23.63
N PRO N 155 14.51 7.00 22.42
CA PRO N 155 15.94 6.86 22.13
C PRO N 155 16.76 7.90 22.87
N THR N 156 18.04 7.58 23.06
CA THR N 156 18.91 8.48 23.83
C THR N 156 19.26 9.74 23.06
N GLU N 157 19.18 9.73 21.72
CA GLU N 157 19.47 10.93 20.95
C GLU N 157 18.36 11.97 21.12
N LEU N 158 17.10 11.52 21.11
CA LEU N 158 15.97 12.42 21.30
C LEU N 158 15.97 13.03 22.69
N VAL N 159 16.27 12.23 23.71
CA VAL N 159 16.29 12.72 25.08
C VAL N 159 17.47 13.66 25.29
N LYS N 160 18.62 13.36 24.68
CA LYS N 160 19.79 14.22 24.81
C LYS N 160 19.58 15.56 24.09
N ALA N 161 18.94 15.53 22.92
CA ALA N 161 18.81 16.75 22.12
C ALA N 161 17.60 17.59 22.55
N GLN N 162 16.40 17.00 22.50
CA GLN N 162 15.16 17.75 22.65
C GLN N 162 14.40 17.33 23.91
N GLY N 163 15.11 17.18 25.03
CA GLY N 163 14.46 16.75 26.24
C GLY N 163 14.38 17.80 27.34
N ARG N 164 15.32 18.73 27.35
CA ARG N 164 15.47 19.70 28.45
C ARG N 164 15.72 21.09 27.88
N VAL N 165 14.84 21.52 26.98
CA VAL N 165 15.12 22.67 26.11
C VAL N 165 14.99 23.98 26.87
N ASP N 166 16.07 24.75 26.92
CA ASP N 166 16.07 26.10 27.45
C ASP N 166 16.12 27.08 26.29
N TYR N 167 15.29 28.13 26.33
CA TYR N 167 15.32 29.14 25.29
C TYR N 167 14.89 30.48 25.85
N TYR N 168 14.81 31.47 24.96
CA TYR N 168 14.32 32.79 25.27
C TYR N 168 13.15 33.12 24.34
N ASP N 169 12.13 33.76 24.90
CA ASP N 169 10.98 34.26 24.15
C ASP N 169 10.77 35.72 24.53
N LYS N 170 10.40 36.53 23.54
CA LYS N 170 10.32 37.98 23.72
C LYS N 170 9.21 38.41 24.68
N GLN N 171 8.20 37.58 24.89
CA GLN N 171 7.09 37.92 25.77
C GLN N 171 7.18 37.23 27.13
N ASP N 172 7.40 35.92 27.13
CA ASP N 172 7.47 35.18 28.40
C ASP N 172 8.80 35.39 29.10
N GLY N 173 9.90 35.47 28.35
CA GLY N 173 11.22 35.58 28.96
C GLY N 173 12.05 34.33 28.78
N GLU N 174 12.91 34.01 29.74
CA GLU N 174 13.71 32.79 29.65
C GLU N 174 12.85 31.61 30.08
N VAL N 175 12.62 30.67 29.15
CA VAL N 175 11.67 29.58 29.33
C VAL N 175 12.42 28.26 29.32
N HIS N 176 12.15 27.42 30.31
CA HIS N 176 12.63 26.04 30.36
C HIS N 176 11.46 25.10 30.11
N ARG N 177 11.61 24.20 29.15
CA ARG N 177 10.59 23.22 28.81
C ARG N 177 11.17 21.82 28.87
N ASP N 178 10.36 20.87 29.34
CA ASP N 178 10.79 19.51 29.58
C ASP N 178 9.96 18.58 28.72
N LEU N 179 10.59 17.53 28.20
CA LEU N 179 9.88 16.57 27.36
C LEU N 179 9.02 15.63 28.19
N ARG N 180 9.45 15.29 29.40
CA ARG N 180 8.67 14.41 30.26
C ARG N 180 7.39 15.08 30.73
N ARG N 181 7.44 16.37 31.03
CA ARG N 181 6.28 17.09 31.50
C ARG N 181 5.40 17.60 30.37
N ALA N 182 5.79 17.38 29.12
CA ALA N 182 4.97 17.76 27.98
C ALA N 182 4.29 16.57 27.32
N ILE N 183 4.76 15.35 27.58
CA ILE N 183 4.11 14.14 27.08
C ILE N 183 3.36 13.40 28.18
N LYS N 184 3.52 13.80 29.44
CA LYS N 184 2.58 13.39 30.48
C LYS N 184 1.37 14.30 30.53
N ALA N 185 1.44 15.48 29.91
CA ALA N 185 0.29 16.34 29.74
C ALA N 185 -0.43 16.11 28.43
N SER N 186 0.24 15.50 27.45
CA SER N 186 -0.39 15.08 26.22
C SER N 186 -0.98 13.68 26.29
N ALA N 187 -0.77 12.98 27.40
CA ALA N 187 -1.37 11.67 27.60
C ALA N 187 -2.66 11.76 28.41
N MET N 188 -2.91 12.88 29.09
CA MET N 188 -4.20 13.08 29.73
C MET N 188 -5.29 13.43 28.71
N LYS N 189 -4.90 14.02 27.57
CA LYS N 189 -5.87 14.32 26.53
C LYS N 189 -6.38 13.05 25.86
N TYR N 190 -5.57 11.99 25.86
CA TYR N 190 -5.94 10.73 25.24
C TYR N 190 -6.21 9.61 26.24
N ARG N 191 -6.09 9.90 27.55
CA ARG N 191 -6.40 8.97 28.65
C ARG N 191 -5.57 7.68 28.57
N LEU N 192 -4.27 7.84 28.39
CA LEU N 192 -3.34 6.70 28.30
C LEU N 192 -2.28 6.83 29.37
N PRO N 193 -2.23 5.93 30.35
CA PRO N 193 -1.13 5.95 31.33
C PRO N 193 0.18 5.52 30.67
N THR N 194 1.17 6.39 30.71
CA THR N 194 2.43 6.19 30.03
C THR N 194 3.57 6.00 31.03
N GLN N 195 4.70 5.51 30.51
CA GLN N 195 5.89 5.26 31.30
C GLN N 195 7.11 5.47 30.42
N ILE N 196 7.83 6.56 30.63
CA ILE N 196 9.04 6.83 29.85
C ILE N 196 10.15 5.91 30.36
N LEU N 197 10.75 5.14 29.45
CA LEU N 197 11.76 4.14 29.79
C LEU N 197 12.96 4.34 28.89
N LEU N 198 14.03 4.91 29.44
CA LEU N 198 15.20 5.26 28.65
C LEU N 198 16.10 4.04 28.43
N GLN N 199 17.19 4.24 27.71
CA GLN N 199 18.14 3.17 27.43
C GLN N 199 19.16 2.97 28.54
N ARG N 200 19.24 3.90 29.50
CA ARG N 200 20.12 3.69 30.64
C ARG N 200 19.57 2.65 31.60
N THR N 201 18.27 2.39 31.57
CA THR N 201 17.65 1.39 32.44
C THR N 201 17.59 0.02 31.79
N THR N 202 17.13 -0.04 30.53
CA THR N 202 16.99 -1.33 29.86
C THR N 202 18.34 -1.91 29.46
N GLU N 203 19.23 -1.09 28.90
CA GLU N 203 20.53 -1.55 28.44
C GLU N 203 21.59 -1.33 29.51
N ALA N 204 21.35 -1.93 30.67
CA ALA N 204 22.23 -1.79 31.83
C ALA N 204 22.86 -3.14 32.14
N THR N 205 24.20 -3.17 32.20
CA THR N 205 24.93 -4.35 32.56
C THR N 205 24.82 -4.60 34.07
N PRO N 206 25.04 -5.85 34.53
CA PRO N 206 25.07 -6.08 35.98
C PRO N 206 26.30 -5.46 36.62
N GLY N 207 26.07 -4.35 37.32
CA GLY N 207 27.15 -3.55 37.88
C GLY N 207 27.42 -2.35 36.99
N SER N 208 26.86 -1.21 37.35
CA SER N 208 26.97 -0.02 36.50
C SER N 208 27.26 1.28 37.25
N LYS N 209 26.92 1.36 38.54
CA LYS N 209 27.07 2.56 39.39
C LYS N 209 26.32 3.77 38.83
N ASP N 210 25.29 3.54 38.03
CA ASP N 210 24.47 4.60 37.46
C ASP N 210 23.00 4.28 37.69
N VAL N 211 22.68 2.99 37.75
CA VAL N 211 21.34 2.50 38.04
C VAL N 211 21.40 1.75 39.36
N ASP N 212 20.24 1.29 39.85
CA ASP N 212 20.18 0.73 41.19
C ASP N 212 20.78 -0.67 41.25
N HIS N 213 20.05 -1.63 40.69
CA HIS N 213 20.25 -3.07 40.61
C HIS N 213 18.98 -3.52 39.91
N LEU N 214 19.01 -4.71 39.29
CA LEU N 214 17.82 -5.15 38.56
C LEU N 214 16.67 -5.51 39.50
N SER N 215 16.98 -5.88 40.75
CA SER N 215 15.95 -6.12 41.75
C SER N 215 15.20 -4.84 42.10
N LYS N 216 15.94 -3.77 42.42
CA LYS N 216 15.31 -2.51 42.79
C LYS N 216 14.64 -1.85 41.58
N CYS N 217 15.25 -1.98 40.40
CA CYS N 217 14.65 -1.45 39.17
C CYS N 217 13.34 -2.17 38.87
N ALA N 218 13.33 -3.49 39.01
CA ALA N 218 12.12 -4.27 38.77
C ALA N 218 11.03 -3.93 39.80
N TRP N 219 11.42 -3.77 41.06
CA TRP N 219 10.46 -3.42 42.11
C TRP N 219 9.84 -2.05 41.85
N ASN N 220 10.67 -1.03 41.64
CA ASN N 220 10.18 0.33 41.44
C ASN N 220 9.52 0.53 40.09
N PHE N 221 9.73 -0.38 39.13
CA PHE N 221 9.04 -0.25 37.86
C PHE N 221 7.69 -0.95 37.91
N PHE N 222 7.65 -2.20 38.39
CA PHE N 222 6.40 -2.94 38.35
C PHE N 222 5.44 -2.56 39.46
N THR N 223 5.92 -1.93 40.56
CA THR N 223 5.00 -1.33 41.52
C THR N 223 4.22 -0.18 40.89
N GLY N 224 4.89 0.63 40.07
CA GLY N 224 4.18 1.66 39.32
C GLY N 224 3.33 1.10 38.20
N LEU N 225 3.77 0.01 37.57
CA LEU N 225 2.99 -0.61 36.50
C LEU N 225 1.70 -1.22 37.03
N TYR N 226 1.73 -1.76 38.26
CA TYR N 226 0.54 -2.36 38.83
C TYR N 226 -0.49 -1.31 39.22
N TYR N 227 -0.07 -0.08 39.51
CA TYR N 227 -1.02 0.98 39.82
C TYR N 227 -1.50 1.74 38.59
N LYS N 228 -0.62 1.97 37.60
CA LYS N 228 -1.02 2.70 36.40
C LYS N 228 -2.03 1.94 35.55
N THR N 229 -2.10 0.62 35.68
CA THR N 229 -3.09 -0.18 34.97
C THR N 229 -4.35 -0.43 35.79
N GLY N 230 -4.48 0.24 36.94
CA GLY N 230 -5.59 -0.02 37.83
C GLY N 230 -5.25 -1.09 38.84
N GLY N 231 -5.71 -0.93 40.08
CA GLY N 231 -5.37 -1.88 41.12
C GLY N 231 -4.42 -1.28 42.14
N VAL N 232 -4.76 -1.42 43.41
CA VAL N 232 -3.99 -0.80 44.49
C VAL N 232 -2.98 -1.79 45.06
N PRO N 233 -1.70 -1.41 45.19
CA PRO N 233 -0.74 -2.34 45.78
C PRO N 233 -0.89 -2.47 47.30
N TRP N 234 -1.07 -1.36 48.02
CA TRP N 234 -1.22 -1.40 49.46
C TRP N 234 -2.03 -0.20 49.93
N ILE N 235 -2.75 -0.39 51.04
CA ILE N 235 -3.47 0.69 51.71
C ILE N 235 -2.98 0.73 53.16
N PRO N 236 -3.04 1.86 53.85
CA PRO N 236 -2.54 1.90 55.24
C PRO N 236 -3.63 1.57 56.25
N ALA N 237 -3.20 1.40 57.49
CA ALA N 237 -4.10 1.02 58.57
C ALA N 237 -4.30 2.10 59.61
N GLY N 238 -3.28 2.88 59.94
CA GLY N 238 -3.41 3.88 60.99
C GLY N 238 -3.95 5.21 60.51
N LEU N 239 -5.20 5.23 60.06
CA LEU N 239 -5.85 6.45 59.60
C LEU N 239 -7.28 6.50 60.10
N SER N 240 -7.90 7.66 59.89
CA SER N 240 -9.27 7.91 60.33
C SER N 240 -10.25 7.49 59.24
N ASN N 241 -11.52 7.88 59.40
CA ASN N 241 -12.60 7.53 58.48
C ASN N 241 -13.53 8.71 58.16
N GLY N 242 -13.12 9.50 57.17
CA GLY N 242 -13.90 10.66 56.79
C GLY N 242 -13.10 11.93 56.79
N THR N 243 -11.78 11.81 56.63
CA THR N 243 -10.88 12.95 56.60
C THR N 243 -10.34 13.15 55.19
N CYS N 244 -10.31 14.39 54.75
CA CYS N 244 -9.79 14.76 53.43
C CYS N 244 -8.49 15.51 53.63
N TYR N 245 -7.40 14.97 53.07
CA TYR N 245 -6.06 15.53 53.23
C TYR N 245 -5.74 16.40 52.03
N VAL N 246 -5.88 17.70 52.20
CA VAL N 246 -5.60 18.69 51.15
C VAL N 246 -4.11 19.00 51.21
N GLY N 247 -3.49 19.20 50.06
CA GLY N 247 -2.04 19.29 50.03
C GLY N 247 -1.41 20.45 49.28
N ILE N 248 -1.98 21.66 49.41
CA ILE N 248 -1.75 22.77 48.48
C ILE N 248 -0.27 23.15 48.36
N SER N 249 0.23 23.23 47.13
CA SER N 249 1.58 23.68 46.86
C SER N 249 1.57 24.84 45.89
N PHE N 250 2.72 25.51 45.76
CA PHE N 250 2.85 26.73 44.97
C PHE N 250 3.95 26.57 43.93
N HIS N 251 3.69 27.12 42.74
CA HIS N 251 4.57 26.94 41.59
C HIS N 251 4.67 28.24 40.81
N GLN N 252 5.79 28.40 40.11
CA GLN N 252 5.99 29.58 39.26
C GLN N 252 5.20 29.45 37.98
N LEU N 253 4.91 30.59 37.37
CA LEU N 253 4.39 30.60 36.01
C LEU N 253 5.51 30.33 35.02
N LEU N 254 5.12 29.98 33.81
CA LEU N 254 6.09 29.62 32.78
C LEU N 254 6.73 30.90 32.21
N GLY N 255 8.01 31.07 32.44
CA GLY N 255 8.74 32.23 31.99
C GLY N 255 9.28 33.05 33.16
N SER N 256 10.15 34.00 32.80
CA SER N 256 10.78 34.87 33.79
C SER N 256 10.14 36.23 33.89
N LYS N 257 9.52 36.73 32.82
CA LYS N 257 8.78 37.99 32.91
C LYS N 257 7.47 37.80 33.65
N ASN N 258 6.84 36.64 33.51
CA ASN N 258 5.62 36.33 34.25
C ASN N 258 5.97 36.01 35.70
N SER N 259 5.92 37.02 36.56
CA SER N 259 6.24 36.88 37.97
C SER N 259 4.94 36.67 38.73
N GLY N 260 4.53 35.41 38.82
CA GLY N 260 3.32 35.05 39.57
C GLY N 260 3.39 33.61 40.00
N TYR N 261 2.67 33.31 41.08
CA TYR N 261 2.67 31.97 41.68
C TYR N 261 1.25 31.43 41.63
N PHE N 262 1.09 30.22 41.09
CA PHE N 262 -0.20 29.55 41.08
C PHE N 262 -0.12 28.30 41.95
N THR N 263 -1.26 27.66 42.17
CA THR N 263 -1.39 26.65 43.20
C THR N 263 -1.54 25.25 42.60
N GLY N 264 -1.53 24.27 43.50
CA GLY N 264 -1.69 22.88 43.15
C GLY N 264 -2.41 22.11 44.24
N LEU N 265 -3.48 21.41 43.86
CA LEU N 265 -4.36 20.68 44.77
C LEU N 265 -4.05 19.19 44.69
N ALA N 266 -3.97 18.53 45.84
CA ALA N 266 -3.64 17.12 45.91
C ALA N 266 -4.49 16.40 46.95
N GLN N 267 -5.79 16.64 46.91
CA GLN N 267 -6.72 16.06 47.87
C GLN N 267 -6.71 14.52 47.84
N ALA N 268 -6.54 13.93 49.01
CA ALA N 268 -6.35 12.49 49.15
C ALA N 268 -7.23 12.01 50.28
N PHE N 269 -8.21 11.16 49.97
CA PHE N 269 -9.20 10.82 50.99
C PHE N 269 -9.47 9.33 50.99
N ASP N 270 -10.42 8.92 51.83
CA ASP N 270 -10.63 7.52 52.18
C ASP N 270 -12.04 7.12 51.79
N GLU N 271 -12.15 6.17 50.87
CA GLU N 271 -13.42 5.65 50.42
C GLU N 271 -13.54 4.18 50.84
N GLN N 272 -14.72 3.82 51.34
CA GLN N 272 -14.98 2.45 51.77
C GLN N 272 -14.98 1.50 50.58
N GLY N 273 -14.32 0.35 50.76
CA GLY N 273 -14.22 -0.66 49.75
C GLY N 273 -12.90 -0.65 48.99
N ASN N 274 -12.19 0.47 48.99
CA ASN N 274 -10.88 0.52 48.34
C ASN N 274 -9.83 1.31 49.10
N GLY N 275 -10.14 1.86 50.28
CA GLY N 275 -9.13 2.55 51.05
C GLY N 275 -8.81 3.94 50.54
N LEU N 276 -7.51 4.25 50.46
CA LEU N 276 -7.08 5.59 50.06
C LEU N 276 -7.21 5.77 48.55
N VAL N 277 -7.75 6.92 48.16
CA VAL N 277 -7.78 7.36 46.77
C VAL N 277 -7.12 8.74 46.69
N LEU N 278 -6.26 8.90 45.68
CA LEU N 278 -5.52 10.12 45.43
C LEU N 278 -6.19 10.83 44.26
N ARG N 279 -6.72 12.02 44.51
CA ARG N 279 -7.41 12.81 43.49
C ARG N 279 -6.62 14.08 43.20
N GLY N 280 -6.45 14.37 41.92
CA GLY N 280 -5.69 15.53 41.48
C GLY N 280 -6.54 16.77 41.37
N GLN N 281 -6.13 17.65 40.46
CA GLN N 281 -6.82 18.90 40.21
C GLN N 281 -7.62 18.76 38.92
N ASP N 282 -8.90 19.09 38.97
CA ASP N 282 -9.81 18.89 37.86
C ASP N 282 -9.91 20.10 36.94
N PHE N 283 -9.26 21.20 37.27
CA PHE N 283 -9.47 22.45 36.55
C PHE N 283 -8.17 23.24 36.47
N VAL N 284 -7.95 23.88 35.33
CA VAL N 284 -6.84 24.81 35.17
C VAL N 284 -7.24 26.14 35.78
N TRP N 285 -6.34 26.73 36.58
CA TRP N 285 -6.57 28.05 37.13
C TRP N 285 -6.63 29.10 36.03
N ASP N 286 -7.50 30.08 36.23
CA ASP N 286 -7.66 31.16 35.27
C ASP N 286 -6.41 32.04 35.24
N VAL N 287 -6.12 32.62 34.07
CA VAL N 287 -4.91 33.39 33.88
C VAL N 287 -4.96 34.72 34.64
N GLY N 288 -6.13 35.17 35.05
CA GLY N 288 -6.25 36.39 35.82
C GLY N 288 -6.12 36.25 37.31
N LYS N 289 -5.84 35.04 37.81
CA LYS N 289 -5.77 34.83 39.26
C LYS N 289 -4.42 35.27 39.81
N HIS N 290 -3.35 34.58 39.40
CA HIS N 290 -1.94 34.90 39.68
C HIS N 290 -1.69 34.97 41.18
N GLY N 291 -1.21 36.08 41.72
CA GLY N 291 -0.74 36.16 43.08
C GLY N 291 0.74 36.45 43.11
N ASN N 292 1.12 37.61 43.66
CA ASN N 292 2.52 38.01 43.66
C ASN N 292 3.35 37.18 44.63
N SER N 293 2.78 36.85 45.79
CA SER N 293 3.54 36.20 46.85
C SER N 293 3.37 34.69 46.77
N ALA N 294 4.04 34.00 47.69
CA ALA N 294 3.97 32.54 47.78
C ALA N 294 2.73 32.04 48.50
N HIS N 295 1.83 32.94 48.88
CA HIS N 295 0.67 32.61 49.70
C HIS N 295 -0.59 33.09 49.01
N MET N 296 -1.65 32.29 49.09
CA MET N 296 -2.88 32.59 48.38
C MET N 296 -3.59 33.78 49.01
N PRO N 297 -4.22 34.63 48.22
CA PRO N 297 -5.07 35.69 48.77
C PRO N 297 -6.44 35.14 49.14
N ALA N 298 -7.31 36.06 49.57
CA ALA N 298 -8.66 35.67 50.01
C ALA N 298 -9.56 35.05 48.94
N PRO N 299 -9.67 35.57 47.69
CA PRO N 299 -10.60 34.92 46.75
C PRO N 299 -10.13 33.55 46.24
N ILE N 300 -8.82 33.28 46.26
CA ILE N 300 -8.34 31.99 45.77
C ILE N 300 -8.68 30.87 46.75
N ALA N 301 -8.52 31.15 48.05
CA ALA N 301 -8.64 30.11 49.08
C ALA N 301 -10.06 29.57 49.19
N GLU N 302 -11.06 30.45 49.14
CA GLU N 302 -12.45 30.02 49.26
C GLU N 302 -12.89 29.20 48.06
N GLU N 303 -12.51 29.63 46.84
CA GLU N 303 -12.82 28.87 45.64
C GLU N 303 -12.13 27.51 45.63
N LEU N 304 -10.87 27.48 46.07
CA LEU N 304 -10.09 26.25 46.13
C LEU N 304 -10.70 25.25 47.11
N VAL N 305 -11.05 25.69 48.32
CA VAL N 305 -11.59 24.76 49.29
C VAL N 305 -13.04 24.39 48.94
N SER N 306 -13.77 25.26 48.22
CA SER N 306 -15.09 24.89 47.74
C SER N 306 -15.00 23.79 46.69
N ARG N 307 -13.99 23.84 45.81
CA ARG N 307 -13.80 22.75 44.87
C ARG N 307 -13.32 21.47 45.58
N VAL N 308 -12.59 21.62 46.69
CA VAL N 308 -12.20 20.46 47.49
C VAL N 308 -13.43 19.76 48.07
N LEU N 309 -14.32 20.52 48.72
CA LEU N 309 -15.54 19.91 49.25
C LEU N 309 -16.51 19.45 48.17
N LYS N 310 -16.47 20.06 46.97
CA LYS N 310 -17.27 19.53 45.87
C LYS N 310 -16.74 18.19 45.39
N ARG N 311 -15.42 18.03 45.33
CA ARG N 311 -14.83 16.73 45.02
C ARG N 311 -15.15 15.68 46.07
N TYR N 312 -15.12 16.05 47.35
CA TYR N 312 -15.46 15.08 48.38
C TYR N 312 -16.94 14.75 48.40
N ARG N 313 -17.80 15.71 48.07
CA ARG N 313 -19.24 15.44 47.99
C ARG N 313 -19.65 14.68 46.75
N ASP N 314 -18.86 14.71 45.68
CA ASP N 314 -19.21 14.01 44.47
C ASP N 314 -18.71 12.57 44.42
N GLU N 315 -18.02 12.12 45.45
CA GLU N 315 -17.59 10.72 45.44
C GLU N 315 -17.98 9.96 46.70
N LEU N 316 -17.93 10.61 47.87
CA LEU N 316 -18.37 9.99 49.11
C LEU N 316 -19.80 10.37 49.48
N LYS N 317 -20.44 11.25 48.70
CA LYS N 317 -21.84 11.67 48.83
C LYS N 317 -22.16 12.33 50.18
N GLN N 318 -21.16 12.86 50.87
CA GLN N 318 -21.39 13.53 52.15
C GLN N 318 -20.28 14.54 52.38
N SER N 319 -20.57 15.49 53.28
CA SER N 319 -19.57 16.47 53.66
C SER N 319 -18.51 15.83 54.54
N PRO N 320 -17.25 16.30 54.46
CA PRO N 320 -16.19 15.66 55.23
C PRO N 320 -16.31 15.92 56.73
N ARG N 321 -15.87 14.94 57.51
CA ARG N 321 -15.84 15.07 58.96
C ARG N 321 -14.72 16.00 59.41
N ARG N 322 -13.62 16.02 58.67
CA ARG N 322 -12.42 16.75 59.06
C ARG N 322 -11.60 17.02 57.81
N VAL N 323 -11.03 18.21 57.72
CA VAL N 323 -10.17 18.58 56.59
C VAL N 323 -8.80 18.96 57.14
N VAL N 324 -7.77 18.27 56.68
CA VAL N 324 -6.39 18.57 57.02
C VAL N 324 -5.72 19.14 55.78
N ILE N 325 -5.25 20.38 55.86
CA ILE N 325 -4.66 21.06 54.72
C ILE N 325 -3.16 21.11 54.95
N HIS N 326 -2.44 20.17 54.34
CA HIS N 326 -0.99 20.24 54.30
C HIS N 326 -0.57 21.31 53.30
N LYS N 327 0.57 21.95 53.58
CA LYS N 327 0.97 23.11 52.80
C LYS N 327 2.46 23.31 52.94
N THR N 328 3.12 23.72 51.85
CA THR N 328 4.56 23.87 51.83
C THR N 328 5.05 25.20 52.36
N THR N 329 4.17 26.18 52.51
CA THR N 329 4.55 27.52 52.92
C THR N 329 3.81 27.92 54.18
N GLU N 330 4.37 28.92 54.87
CA GLU N 330 3.83 29.43 56.13
C GLU N 330 2.46 30.07 55.91
N PHE N 331 1.60 29.97 56.94
CA PHE N 331 0.24 30.47 56.87
C PHE N 331 0.21 31.93 57.28
N TRP N 332 0.08 32.84 56.29
CA TRP N 332 -0.17 34.24 56.56
C TRP N 332 -1.60 34.42 57.07
N PRO N 333 -1.90 35.52 57.79
CA PRO N 333 -3.25 35.64 58.37
C PRO N 333 -4.38 35.84 57.37
N GLU N 334 -4.13 36.37 56.16
CA GLU N 334 -5.23 36.57 55.23
C GLU N 334 -5.72 35.25 54.63
N GLU N 335 -4.81 34.33 54.29
CA GLU N 335 -5.20 33.00 53.87
C GLU N 335 -5.65 32.12 55.02
N ARG N 336 -5.15 32.41 56.23
CA ARG N 336 -5.63 31.75 57.45
C ARG N 336 -7.10 32.06 57.69
N ALA N 337 -7.49 33.33 57.51
CA ALA N 337 -8.88 33.73 57.64
C ALA N 337 -9.72 33.35 56.44
N GLY N 338 -9.14 33.32 55.24
CA GLY N 338 -9.89 32.89 54.07
C GLY N 338 -10.24 31.42 54.09
N LEU N 339 -9.31 30.58 54.53
CA LEU N 339 -9.59 29.15 54.67
C LEU N 339 -10.52 28.85 55.84
N GLN N 340 -10.48 29.64 56.90
CA GLN N 340 -11.32 29.41 58.06
C GLN N 340 -12.75 29.88 57.86
N SER N 341 -13.01 30.71 56.84
CA SER N 341 -14.35 31.19 56.56
C SER N 341 -15.18 30.17 55.80
N ALA N 342 -14.61 29.58 54.75
CA ALA N 342 -15.33 28.64 53.90
C ALA N 342 -15.19 27.20 54.36
N LEU N 343 -14.58 26.96 55.52
CA LEU N 343 -14.54 25.64 56.14
C LEU N 343 -15.53 25.52 57.29
N SER N 344 -16.55 26.39 57.32
CA SER N 344 -17.56 26.32 58.37
C SER N 344 -18.51 25.14 58.18
N GLY N 345 -18.57 24.55 56.98
CA GLY N 345 -19.36 23.36 56.77
C GLY N 345 -18.69 22.07 57.20
N VAL N 346 -17.44 22.16 57.65
CA VAL N 346 -16.68 21.01 58.13
C VAL N 346 -16.45 21.20 59.62
N ASP N 347 -16.49 20.09 60.37
CA ASP N 347 -16.38 20.15 61.83
C ASP N 347 -15.02 20.69 62.27
N GLN N 348 -13.94 19.99 61.94
CA GLN N 348 -12.61 20.34 62.39
C GLN N 348 -11.70 20.62 61.20
N PHE N 349 -11.12 21.82 61.17
CA PHE N 349 -10.08 22.17 60.21
C PHE N 349 -8.72 21.96 60.87
N ASP N 350 -7.71 21.63 60.07
CA ASP N 350 -6.43 21.19 60.59
C ASP N 350 -5.25 21.76 59.79
N LEU N 351 -5.21 23.09 59.63
CA LEU N 351 -4.19 23.76 58.83
C LEU N 351 -2.76 23.49 59.32
N VAL N 352 -1.98 22.77 58.52
CA VAL N 352 -0.64 22.32 58.87
C VAL N 352 0.30 22.77 57.75
N ALA N 353 1.39 23.43 58.11
CA ALA N 353 2.35 23.97 57.15
C ALA N 353 3.74 23.45 57.51
N VAL N 354 4.22 22.47 56.74
CA VAL N 354 5.54 21.89 56.95
C VAL N 354 6.41 22.21 55.74
N ARG N 355 7.72 22.22 55.99
CA ARG N 355 8.72 22.63 55.01
C ARG N 355 10.07 22.11 55.48
N PRO N 356 10.83 21.42 54.62
CA PRO N 356 12.11 20.85 55.06
C PRO N 356 13.12 21.91 55.46
N THR N 357 13.92 21.60 56.47
CA THR N 357 14.76 22.58 57.12
C THR N 357 16.03 22.85 56.31
N GLU N 358 16.85 23.77 56.80
CA GLU N 358 18.10 24.15 56.14
C GLU N 358 19.33 23.71 56.91
N ASP N 359 19.43 24.05 58.20
CA ASP N 359 20.62 23.79 58.98
C ASP N 359 20.44 22.79 60.11
N ILE N 360 19.30 22.79 60.79
CA ILE N 360 19.17 22.05 62.04
C ILE N 360 18.92 20.58 61.74
N ARG N 361 19.84 19.73 62.17
CA ARG N 361 19.65 18.29 62.08
C ARG N 361 20.27 17.67 63.32
N LEU N 362 19.82 16.46 63.67
CA LEU N 362 20.30 15.79 64.86
C LEU N 362 21.07 14.53 64.48
N PHE N 363 22.04 14.19 65.33
CA PHE N 363 22.98 13.11 65.05
C PHE N 363 22.90 12.04 66.13
N ARG N 364 22.89 10.78 65.70
CA ARG N 364 23.13 9.65 66.57
C ARG N 364 24.61 9.35 66.55
N ASP N 365 25.21 9.19 67.73
CA ASP N 365 26.65 9.07 67.83
C ASP N 365 27.07 7.61 67.97
N ALA N 366 26.69 6.76 67.01
CA ALA N 366 27.37 5.47 66.88
C ALA N 366 27.96 5.25 65.49
N ARG N 367 27.15 4.90 64.49
CA ARG N 367 27.56 4.80 63.09
C ARG N 367 26.49 5.23 62.10
N TYR N 368 25.21 5.15 62.46
CA TYR N 368 24.08 5.22 61.56
C TYR N 368 23.16 6.37 61.97
N PRO N 369 22.36 6.92 61.06
CA PRO N 369 21.54 8.09 61.40
C PRO N 369 20.44 7.79 62.39
N ILE N 370 19.78 8.86 62.82
CA ILE N 370 18.72 8.77 63.82
C ILE N 370 17.50 8.09 63.22
N LEU N 371 16.72 7.44 64.10
CA LEU N 371 15.64 6.56 63.68
C LEU N 371 14.51 7.34 63.00
N ARG N 372 13.79 6.64 62.12
CA ARG N 372 12.59 7.20 61.52
C ARG N 372 11.50 7.38 62.58
N GLY N 373 10.80 8.50 62.53
CA GLY N 373 9.78 8.79 63.50
C GLY N 373 10.25 9.52 64.73
N SER N 374 11.49 10.00 64.74
CA SER N 374 12.01 10.75 65.87
C SER N 374 11.47 12.17 65.82
N HIS N 375 10.51 12.48 66.67
CA HIS N 375 9.98 13.83 66.81
C HIS N 375 10.73 14.54 67.92
N ILE N 376 11.44 15.61 67.57
CA ILE N 376 12.28 16.35 68.50
C ILE N 376 11.78 17.78 68.55
N SER N 377 11.47 18.26 69.75
CA SER N 377 11.05 19.64 69.96
C SER N 377 12.16 20.36 70.71
N LEU N 378 12.78 21.34 70.06
CA LEU N 378 13.82 22.18 70.69
C LEU N 378 13.18 23.43 71.29
N GLY N 379 12.18 23.21 72.12
CA GLY N 379 11.38 24.32 72.62
C GLY N 379 10.15 24.52 71.76
N ASP N 380 10.22 25.48 70.84
CA ASP N 380 9.15 25.74 69.89
C ASP N 380 9.58 25.43 68.46
N MET N 381 10.44 24.43 68.29
CA MET N 381 10.95 24.02 66.98
C MET N 381 10.72 22.52 66.83
N HIS N 382 9.58 22.16 66.25
CA HIS N 382 9.25 20.76 66.06
C HIS N 382 9.94 20.22 64.81
N LEU N 383 10.58 19.06 64.94
CA LEU N 383 11.28 18.39 63.85
C LEU N 383 10.81 16.95 63.80
N LEU N 384 10.54 16.46 62.60
CA LEU N 384 10.12 15.08 62.39
C LEU N 384 11.05 14.43 61.36
N TYR N 385 11.55 13.25 61.68
CA TYR N 385 12.39 12.47 60.78
C TYR N 385 11.51 11.45 60.05
N THR N 386 10.97 11.85 58.90
CA THR N 386 10.33 10.89 58.02
C THR N 386 11.32 10.11 57.18
N THR N 387 12.58 10.54 57.15
CA THR N 387 13.68 9.76 56.62
C THR N 387 14.72 9.54 57.70
N GLY N 388 15.27 8.33 57.76
CA GLY N 388 16.25 8.01 58.76
C GLY N 388 16.48 6.51 58.78
N TYR N 389 17.13 6.06 59.84
CA TYR N 389 17.36 4.63 60.02
C TYR N 389 16.04 3.96 60.33
N ILE N 390 15.76 2.84 59.67
CA ILE N 390 14.49 2.15 59.81
C ILE N 390 14.71 0.79 60.46
N SER N 391 13.95 0.52 61.51
CA SER N 391 14.14 -0.67 62.31
C SER N 391 13.48 -1.91 61.72
N ALA N 392 12.64 -1.74 60.70
CA ALA N 392 12.03 -2.91 60.06
C ALA N 392 13.02 -3.62 59.14
N LEU N 393 13.88 -2.86 58.45
CA LEU N 393 14.86 -3.43 57.55
C LEU N 393 16.27 -3.47 58.14
N GLN N 394 16.49 -2.75 59.25
CA GLN N 394 17.81 -2.64 59.92
C GLN N 394 18.89 -2.11 58.97
N ALA N 395 18.53 -1.10 58.18
CA ALA N 395 19.47 -0.49 57.25
C ALA N 395 19.03 0.92 56.95
N PHE N 396 19.94 1.69 56.37
CA PHE N 396 19.66 3.05 55.91
C PHE N 396 19.87 3.12 54.40
N PRO N 397 18.81 3.00 53.58
CA PRO N 397 18.97 2.97 52.12
C PRO N 397 19.06 4.34 51.45
N HIS N 398 19.85 5.24 52.04
CA HIS N 398 20.11 6.55 51.46
C HIS N 398 21.58 6.87 51.70
N GLY N 399 21.94 8.14 51.48
CA GLY N 399 23.29 8.59 51.73
C GLY N 399 23.29 9.89 52.51
N HIS N 400 24.47 10.25 53.02
CA HIS N 400 24.77 11.45 53.83
C HIS N 400 23.90 11.37 55.10
N VAL N 401 23.40 12.49 55.62
CA VAL N 401 22.61 12.52 56.85
C VAL N 401 21.24 13.07 56.47
N PRO N 402 20.14 12.42 56.87
CA PRO N 402 18.81 12.90 56.46
C PRO N 402 18.40 14.19 57.16
N LEU N 403 17.70 15.04 56.41
CA LEU N 403 17.15 16.27 56.98
C LEU N 403 15.91 15.96 57.80
N PRO N 404 15.68 16.71 58.88
CA PRO N 404 14.37 16.69 59.53
C PRO N 404 13.34 17.38 58.66
N LEU N 405 12.08 17.12 58.99
CA LEU N 405 10.95 17.83 58.38
C LEU N 405 10.34 18.70 59.47
N LYS N 406 10.31 20.01 59.23
CA LYS N 406 9.86 20.96 60.25
C LYS N 406 8.34 20.96 60.36
N LEU N 407 7.83 21.92 61.12
CA LEU N 407 6.42 22.24 61.18
C LEU N 407 6.36 23.76 61.33
N THR N 408 6.27 24.45 60.18
CA THR N 408 6.39 25.90 60.18
C THR N 408 5.16 26.58 60.75
N ASP N 409 3.97 26.02 60.53
CA ASP N 409 2.78 26.63 61.12
C ASP N 409 1.76 25.54 61.42
N HIS N 410 0.93 25.78 62.43
CA HIS N 410 -0.13 24.85 62.77
C HIS N 410 -1.28 25.60 63.43
N LEU N 411 -2.48 25.42 62.90
CA LEU N 411 -3.68 25.95 63.52
C LEU N 411 -4.82 24.98 63.25
N GLY N 412 -5.47 24.51 64.30
CA GLY N 412 -6.58 23.59 64.12
C GLY N 412 -7.06 23.03 65.44
N ASP N 413 -7.96 22.05 65.32
CA ASP N 413 -8.61 21.44 66.46
C ASP N 413 -7.90 20.18 66.95
N SER N 414 -6.80 19.80 66.32
CA SER N 414 -6.04 18.61 66.70
C SER N 414 -4.69 19.00 67.29
N SER N 415 -4.04 18.01 67.88
CA SER N 415 -2.74 18.22 68.51
C SER N 415 -1.61 18.12 67.49
N ILE N 416 -0.42 18.53 67.90
CA ILE N 416 0.74 18.54 67.03
C ILE N 416 1.21 17.12 66.75
N SER N 417 1.23 16.26 67.78
CA SER N 417 1.68 14.89 67.62
C SER N 417 0.73 14.08 66.73
N THR N 418 -0.56 14.39 66.76
CA THR N 418 -1.53 13.68 65.92
C THR N 418 -1.28 13.96 64.43
N VAL N 419 -1.12 15.25 64.07
CA VAL N 419 -0.87 15.56 62.67
C VAL N 419 0.53 15.16 62.25
N LEU N 420 1.48 15.04 63.18
CA LEU N 420 2.78 14.47 62.80
C LEU N 420 2.67 12.96 62.55
N ARG N 421 1.80 12.27 63.29
CA ARG N 421 1.52 10.86 62.98
C ARG N 421 0.86 10.72 61.62
N GLU N 422 -0.06 11.63 61.28
CA GLU N 422 -0.66 11.59 59.95
C GLU N 422 0.32 11.98 58.86
N LEU N 423 1.35 12.78 59.18
CA LEU N 423 2.43 12.98 58.23
C LEU N 423 3.24 11.71 58.02
N MET N 424 3.47 10.94 59.09
CA MET N 424 4.25 9.71 58.93
C MET N 424 3.48 8.62 58.20
N VAL N 425 2.18 8.51 58.41
CA VAL N 425 1.46 7.41 57.78
C VAL N 425 1.12 7.75 56.32
N LEU N 426 1.00 9.04 55.98
CA LEU N 426 0.85 9.44 54.59
C LEU N 426 2.18 9.51 53.85
N THR N 427 3.30 9.35 54.55
CA THR N 427 4.60 9.28 53.91
C THR N 427 4.75 7.99 53.10
N LYS N 428 4.20 6.89 53.62
CA LYS N 428 4.37 5.56 53.02
C LYS N 428 3.55 5.37 51.75
N MET N 429 2.68 6.31 51.39
CA MET N 429 1.78 6.14 50.25
C MET N 429 2.38 6.67 48.96
N ASN N 430 3.60 6.25 48.63
CA ASN N 430 4.23 6.59 47.36
C ASN N 430 4.19 5.34 46.49
N TRP N 431 3.25 5.29 45.56
CA TRP N 431 3.13 4.16 44.66
C TRP N 431 4.04 4.28 43.45
N ASN N 432 4.75 5.40 43.30
CA ASN N 432 5.75 5.54 42.26
C ASN N 432 6.96 4.62 42.50
N SER N 433 7.20 4.24 43.75
CA SER N 433 8.36 3.44 44.11
C SER N 433 7.93 2.38 45.12
N ALA N 434 8.87 1.51 45.47
CA ALA N 434 8.67 0.53 46.53
C ALA N 434 9.60 0.79 47.71
N ASN N 435 10.05 2.03 47.87
CA ASN N 435 10.87 2.38 49.02
C ASN N 435 10.03 2.39 50.30
N PHE N 436 10.74 2.35 51.43
CA PHE N 436 10.06 2.26 52.71
C PHE N 436 9.46 3.60 53.13
N GLY N 437 10.12 4.71 52.83
CA GLY N 437 9.61 6.01 53.19
C GLY N 437 10.25 7.11 52.35
N GLY N 438 9.78 8.33 52.60
CA GLY N 438 10.27 9.51 51.90
C GLY N 438 10.26 10.74 52.78
N LEU N 439 10.57 11.90 52.22
CA LEU N 439 10.61 13.12 53.05
C LEU N 439 9.22 13.68 53.29
N LEU N 440 8.56 14.08 52.25
CA LEU N 440 7.29 14.77 52.25
C LEU N 440 6.14 13.76 52.19
N PRO N 441 4.98 14.11 52.72
CA PRO N 441 3.79 13.26 52.54
C PRO N 441 3.31 13.31 51.09
N ILE N 442 2.41 12.38 50.77
CA ILE N 442 1.91 12.27 49.40
C ILE N 442 1.02 13.46 49.02
N THR N 443 0.48 14.18 49.99
CA THR N 443 -0.31 15.36 49.67
C THR N 443 0.57 16.53 49.21
N LEU N 444 1.82 16.58 49.66
CA LEU N 444 2.76 17.58 49.16
C LEU N 444 3.73 17.03 48.13
N ARG N 445 3.58 15.77 47.72
CA ARG N 445 4.32 15.25 46.60
C ARG N 445 3.47 15.06 45.35
N PHE N 446 2.15 14.90 45.52
CA PHE N 446 1.25 14.94 44.39
C PHE N 446 1.03 16.37 43.92
N SER N 447 1.01 17.34 44.85
CA SER N 447 0.81 18.73 44.45
C SER N 447 2.05 19.36 43.86
N LYS N 448 3.21 18.73 44.00
CA LYS N 448 4.38 19.14 43.25
C LYS N 448 4.50 18.41 41.92
N LEU N 449 3.59 17.48 41.64
CA LEU N 449 3.50 16.81 40.33
C LEU N 449 2.11 16.94 39.74
N VAL N 450 1.32 17.93 40.17
CA VAL N 450 0.09 18.28 39.46
C VAL N 450 0.11 19.75 39.05
N GLY N 451 1.18 20.47 39.36
CA GLY N 451 1.31 21.82 38.85
C GLY N 451 2.45 21.94 37.86
N GLU N 452 3.42 21.04 37.94
CA GLU N 452 4.49 21.02 36.95
C GLU N 452 3.99 20.50 35.61
N ILE N 453 3.19 19.42 35.63
CA ILE N 453 2.55 18.93 34.42
C ILE N 453 1.48 19.90 33.95
N MET N 454 0.74 20.52 34.88
CA MET N 454 -0.24 21.53 34.51
C MET N 454 0.38 22.90 34.24
N LYS N 455 1.70 23.02 34.22
CA LYS N 455 2.36 24.22 33.72
C LYS N 455 2.44 24.22 32.20
N GLU N 456 2.11 23.11 31.55
CA GLU N 456 2.26 22.94 30.10
C GLU N 456 0.99 22.36 29.50
N ILE N 457 -0.16 22.91 29.88
CA ILE N 457 -1.46 22.57 29.30
C ILE N 457 -2.03 23.84 28.70
N PRO N 458 -2.49 23.83 27.43
CA PRO N 458 -2.89 25.08 26.78
C PRO N 458 -4.27 25.61 27.17
N ASN N 459 -4.61 25.59 28.46
CA ASN N 459 -5.75 26.27 29.08
C ASN N 459 -7.12 25.82 28.54
N SER N 460 -7.16 24.74 27.77
CA SER N 460 -8.41 24.23 27.20
C SER N 460 -8.67 22.79 27.56
N VAL N 461 -7.65 21.94 27.58
CA VAL N 461 -7.80 20.55 27.99
C VAL N 461 -7.90 20.51 29.51
N ASP N 462 -9.02 19.99 30.00
CA ASP N 462 -9.17 19.82 31.44
C ASP N 462 -8.28 18.66 31.93
N PRO N 463 -7.50 18.88 32.98
CA PRO N 463 -6.68 17.80 33.51
C PRO N 463 -7.53 16.75 34.21
N LEU N 464 -6.99 15.54 34.27
CA LEU N 464 -7.70 14.40 34.82
C LEU N 464 -7.21 14.11 36.23
N PRO N 465 -8.09 14.04 37.22
CA PRO N 465 -7.67 14.01 38.63
C PRO N 465 -7.36 12.60 39.13
N GLN N 466 -6.46 11.91 38.46
CA GLN N 466 -6.04 10.58 38.88
C GLN N 466 -4.53 10.53 38.97
N PHE N 467 -4.02 9.77 39.93
CA PHE N 467 -2.60 9.69 40.21
C PHE N 467 -1.85 8.88 39.14
N LYS N 468 -2.57 8.16 38.28
CA LYS N 468 -1.94 7.37 37.23
C LYS N 468 -1.26 8.27 36.20
N TYR N 469 -1.87 9.41 35.89
CA TYR N 469 -1.42 10.25 34.78
C TYR N 469 -0.30 11.20 35.19
N TYR N 470 -0.09 11.41 36.49
CA TYR N 470 0.94 12.30 36.98
C TYR N 470 2.15 11.55 37.53
N MET N 471 2.00 10.26 37.79
CA MET N 471 3.09 9.40 38.20
C MET N 471 4.17 9.30 37.12
MN MN Q . 20.26 -23.22 -12.86
MN MN R . -8.10 -10.72 -36.56
MN MN S . -26.87 -0.39 19.81
MN MN T . 7.04 6.91 37.68
#